data_5SWI
#
_entry.id   5SWI
#
_cell.length_a   130.003
_cell.length_b   161.711
_cell.length_c   208.404
_cell.angle_alpha   90.000
_cell.angle_beta   90.000
_cell.angle_gamma   90.000
#
_symmetry.space_group_name_H-M   'P 21 21 21'
#
loop_
_entity.id
_entity.type
_entity.pdbx_description
1 polymer 'Sugar hydrolase'
2 non-polymer 'CALCIUM ION'
3 non-polymer GLYCEROL
4 non-polymer beta-D-mannopyranose
5 water water
#
_entity_poly.entity_id   1
_entity_poly.type   'polypeptide(L)'
_entity_poly.pdbx_seq_one_letter_code
;MGSSHHHHHHSSGLVPRGSHMASMKPLLETIDTRFGTTNKHAFSRGNTLPYTGVPFGMNYFVPQTSDQDGSWFFDPHLPI
FQGIRLTHQPSPWIGDYSWLLLTPVTSQLGGDSLFHRQSSYDIDKACFQPHYLKLFSLRYQIETQLTPTCYGASIRLNQK
QGKALSLYLHAADELTVEQVDKRTLALRQEGKTETNKNSLTMFTALQMNTDILAISQEAGDWRIDLASSQTEMQLATSFI
SPSQALINLPQEDFDSCKSSAQVDWENLLHRFDIIETGEADRTFFDHCLYRLFLFPQTFYEINESGQAIHMDLATGTVKP
GVLFSNNGFWDTFRTTFPLFALIIPEHYQRFLEGFLNSYRDTGFLPKWLAPDERGMMPGTLLDGIIADSACKDMTPDLEG
ELFQAMLETASKADPLGINGRHGLAQYQELGYLSTDHHESVSHTLDYAYSDFCIASCAKKLENIEIAETYKAASQNYRQL
FDAETGYMRARDNQGNFHPDFSPYSWGRDYAECSAIQATLGVLHDIPGLIQLMGGKETFSNYLLKACQDAPLFETTGYGY
EIHEMSEMATAPFGQIAISNQPSFHIPYLFRYSDYPDYTALLIKTLRQKAFHPSWEAYPGDEDNGSLSAWYIWSALGFYP
TCPGKPSYDLGIPLFDHLRVYLAKEDKWLDIHTKQNHNHFNFVKECRLDKTLVSTIQHQDLLKAEQLTFTLSWLPSH
;
_entity_poly.pdbx_strand_id   B,A,C,D
#
# COMPACT_ATOMS: atom_id res chain seq x y z
N LYS A 25 21.46 7.78 1.54
CA LYS A 25 21.47 7.83 0.03
C LYS A 25 21.32 9.27 -0.47
N PRO A 26 22.30 9.77 -1.24
CA PRO A 26 22.19 11.17 -1.67
C PRO A 26 21.02 11.40 -2.63
N LEU A 27 20.49 12.62 -2.61
CA LEU A 27 19.36 13.00 -3.45
C LEU A 27 19.51 12.56 -4.91
N LEU A 28 20.69 12.81 -5.48
CA LEU A 28 20.90 12.55 -6.88
C LEU A 28 20.63 11.09 -7.26
N GLU A 29 20.97 10.18 -6.35
CA GLU A 29 20.74 8.77 -6.60
C GLU A 29 19.31 8.34 -6.45
N THR A 30 18.46 9.17 -5.82
CA THR A 30 17.04 8.85 -5.72
C THR A 30 16.23 9.35 -6.91
N ILE A 31 16.83 10.14 -7.80
CA ILE A 31 16.09 10.68 -8.92
C ILE A 31 16.08 9.65 -10.04
N ASP A 32 14.90 9.34 -10.54
CA ASP A 32 14.73 8.36 -11.62
C ASP A 32 14.44 9.15 -12.88
N THR A 33 15.32 9.04 -13.86
CA THR A 33 15.17 9.81 -15.11
C THR A 33 14.03 9.33 -16.00
N ARG A 34 13.41 8.20 -15.63
CA ARG A 34 12.28 7.68 -16.41
C ARG A 34 10.94 8.35 -16.12
N PHE A 35 10.85 9.21 -15.12
CA PHE A 35 9.59 9.94 -14.90
C PHE A 35 9.26 10.71 -16.18
N GLY A 36 8.05 10.51 -16.70
CA GLY A 36 7.56 11.24 -17.86
C GLY A 36 7.82 10.54 -19.18
N THR A 37 8.49 9.40 -19.14
CA THR A 37 8.97 8.76 -20.36
C THR A 37 8.05 7.75 -21.01
N THR A 38 6.86 7.53 -20.45
CA THR A 38 5.85 6.62 -21.05
C THR A 38 4.90 7.46 -21.89
N ASN A 39 5.01 7.35 -23.21
CA ASN A 39 4.25 8.22 -24.08
C ASN A 39 3.95 7.54 -25.38
N LYS A 40 2.94 8.04 -26.06
CA LYS A 40 2.75 7.77 -27.47
C LYS A 40 2.33 9.05 -28.14
N HIS A 41 2.40 9.04 -29.47
CA HIS A 41 2.01 10.21 -30.27
C HIS A 41 0.65 10.77 -29.83
N ALA A 42 -0.29 9.87 -29.51
CA ALA A 42 -1.65 10.26 -29.15
C ALA A 42 -1.84 10.67 -27.70
N PHE A 43 -0.87 10.43 -26.82
CA PHE A 43 -1.08 10.73 -25.38
C PHE A 43 0.25 10.88 -24.64
N SER A 44 0.40 12.02 -23.98
CA SER A 44 1.64 12.39 -23.33
C SER A 44 1.51 12.30 -21.83
N ARG A 45 2.51 11.70 -21.18
CA ARG A 45 2.70 11.79 -19.75
C ARG A 45 3.97 12.57 -19.44
N GLY A 46 4.35 13.49 -20.35
CA GLY A 46 5.56 14.32 -20.18
C GLY A 46 6.33 14.47 -21.47
N ASN A 47 6.28 13.42 -22.29
CA ASN A 47 7.10 13.33 -23.49
C ASN A 47 8.55 13.71 -23.18
N THR A 48 9.06 13.16 -22.08
CA THR A 48 10.45 13.33 -21.69
C THR A 48 11.22 12.11 -22.12
N LEU A 49 12.53 12.19 -22.01
CA LEU A 49 13.42 11.03 -22.22
C LEU A 49 14.22 10.87 -20.93
N PRO A 50 14.80 9.70 -20.71
CA PRO A 50 15.59 9.47 -19.49
C PRO A 50 17.02 9.96 -19.69
N TYR A 51 17.17 11.28 -19.75
CA TYR A 51 18.40 11.87 -20.12
C TYR A 51 19.44 11.69 -19.03
N THR A 52 20.55 11.05 -19.39
CA THR A 52 21.74 11.04 -18.56
C THR A 52 22.69 12.08 -19.15
N GLY A 53 23.17 12.99 -18.30
CA GLY A 53 23.95 14.11 -18.74
C GLY A 53 24.35 14.97 -17.55
N VAL A 54 25.28 15.90 -17.79
CA VAL A 54 25.52 16.98 -16.83
C VAL A 54 24.51 18.09 -17.11
N PRO A 55 24.27 18.96 -16.13
CA PRO A 55 23.32 20.04 -16.41
C PRO A 55 23.70 20.85 -17.67
N PHE A 56 22.72 21.13 -18.51
CA PHE A 56 22.91 21.87 -19.75
C PHE A 56 24.01 21.26 -20.65
N GLY A 57 24.27 19.96 -20.53
CA GLY A 57 25.30 19.30 -21.33
C GLY A 57 25.06 19.42 -22.82
N MET A 58 26.11 19.20 -23.61
CA MET A 58 25.99 19.32 -25.06
C MET A 58 25.38 18.06 -25.67
N ASN A 59 25.68 16.90 -25.10
CA ASN A 59 25.06 15.64 -25.48
C ASN A 59 24.40 15.02 -24.26
N TYR A 60 23.31 14.31 -24.50
CA TYR A 60 22.68 13.48 -23.46
C TYR A 60 22.67 12.05 -23.94
N PHE A 61 22.45 11.14 -22.98
CA PHE A 61 22.56 9.71 -23.24
C PHE A 61 21.34 8.99 -22.71
N VAL A 62 20.74 8.16 -23.57
CA VAL A 62 19.53 7.44 -23.26
C VAL A 62 19.55 6.08 -23.96
N PRO A 63 19.02 5.04 -23.31
CA PRO A 63 18.86 3.76 -24.02
C PRO A 63 17.86 3.89 -25.14
N GLN A 64 18.07 3.11 -26.19
CA GLN A 64 17.11 3.03 -27.28
C GLN A 64 16.37 1.71 -27.20
N THR A 65 15.05 1.81 -27.14
CA THR A 65 14.20 0.63 -27.08
C THR A 65 13.86 0.13 -28.49
N SER A 66 13.62 1.06 -29.42
CA SER A 66 13.14 0.71 -30.75
C SER A 66 13.53 1.79 -31.77
N ASP A 67 13.75 1.41 -33.03
CA ASP A 67 13.85 2.43 -34.09
C ASP A 67 12.71 2.40 -35.09
N GLN A 68 11.61 1.77 -34.72
CA GLN A 68 10.45 1.67 -35.61
C GLN A 68 9.33 2.60 -35.18
N ASP A 69 9.53 3.39 -34.13
CA ASP A 69 8.46 4.22 -33.59
C ASP A 69 8.73 5.70 -33.74
N GLY A 70 9.51 6.07 -34.75
CA GLY A 70 9.90 7.47 -34.96
C GLY A 70 10.60 8.04 -33.71
N SER A 71 10.15 9.23 -33.29
CA SER A 71 10.73 9.91 -32.13
C SER A 71 10.45 9.26 -30.79
N TRP A 72 9.48 8.35 -30.73
CA TRP A 72 9.14 7.68 -29.48
C TRP A 72 9.96 6.40 -29.35
N PHE A 73 11.28 6.57 -29.20
CA PHE A 73 12.20 5.45 -29.32
C PHE A 73 12.54 4.78 -27.99
N PHE A 74 12.00 5.31 -26.88
CA PHE A 74 12.26 4.74 -25.57
C PHE A 74 10.98 4.43 -24.84
N ASP A 75 10.91 3.24 -24.25
CA ASP A 75 9.77 2.77 -23.44
C ASP A 75 10.31 2.16 -22.16
N PRO A 76 10.07 2.81 -21.03
CA PRO A 76 10.64 2.30 -19.77
C PRO A 76 10.08 0.94 -19.29
N HIS A 77 8.91 0.56 -19.77
CA HIS A 77 8.27 -0.71 -19.39
C HIS A 77 8.80 -1.91 -20.17
N LEU A 78 9.44 -1.70 -21.31
CA LEU A 78 9.85 -2.84 -22.14
C LEU A 78 11.28 -3.20 -21.86
N PRO A 79 11.54 -4.44 -21.40
CA PRO A 79 12.90 -4.79 -21.01
C PRO A 79 13.78 -5.18 -22.20
N ILE A 80 13.82 -4.31 -23.20
CA ILE A 80 14.56 -4.55 -24.42
C ILE A 80 15.38 -3.31 -24.68
N PHE A 81 16.62 -3.48 -25.09
CA PHE A 81 17.31 -2.33 -25.64
C PHE A 81 18.26 -2.65 -26.78
N GLN A 82 18.46 -1.62 -27.58
CA GLN A 82 19.20 -1.73 -28.83
C GLN A 82 20.58 -1.08 -28.78
N GLY A 83 20.90 -0.50 -27.62
CA GLY A 83 22.15 0.21 -27.42
C GLY A 83 21.89 1.52 -26.72
N ILE A 84 22.96 2.25 -26.46
CA ILE A 84 22.85 3.57 -25.85
C ILE A 84 22.93 4.63 -26.94
N ARG A 85 21.96 5.53 -26.92
CA ARG A 85 21.93 6.57 -27.90
C ARG A 85 22.44 7.89 -27.32
N LEU A 86 23.49 8.40 -27.95
CA LEU A 86 23.92 9.76 -27.73
C LEU A 86 22.91 10.60 -28.51
N THR A 87 22.15 11.42 -27.82
CA THR A 87 21.01 12.10 -28.41
C THR A 87 21.06 13.63 -28.25
N HIS A 88 20.34 14.35 -29.11
CA HIS A 88 20.10 15.76 -28.94
C HIS A 88 18.60 16.09 -29.03
N GLN A 89 17.78 15.08 -28.84
CA GLN A 89 16.35 15.21 -29.00
C GLN A 89 15.78 15.92 -27.81
N PRO A 90 15.14 17.08 -28.02
CA PRO A 90 14.54 17.86 -26.94
C PRO A 90 13.05 17.63 -26.75
N SER A 91 12.44 16.95 -27.72
CA SER A 91 11.03 16.63 -27.71
C SER A 91 10.78 15.74 -28.93
N PRO A 92 9.72 14.95 -28.89
CA PRO A 92 9.48 14.04 -30.01
C PRO A 92 8.93 14.78 -31.24
N TRP A 93 8.41 16.00 -31.03
CA TRP A 93 7.90 16.83 -32.11
C TRP A 93 9.07 17.42 -32.92
N ILE A 94 10.15 17.74 -32.23
CA ILE A 94 11.34 18.26 -32.87
C ILE A 94 12.17 17.10 -33.43
N GLY A 95 12.22 15.98 -32.70
CA GLY A 95 13.02 14.84 -33.14
C GLY A 95 14.47 15.01 -32.75
N ASP A 96 15.30 14.15 -33.31
CA ASP A 96 16.68 14.06 -32.92
C ASP A 96 17.58 14.56 -34.06
N TYR A 97 18.85 14.81 -33.74
CA TYR A 97 19.87 15.16 -34.74
C TYR A 97 21.25 14.87 -34.19
N SER A 98 22.19 14.59 -35.09
CA SER A 98 23.57 14.35 -34.73
C SER A 98 23.64 13.30 -33.63
N TRP A 99 22.87 12.22 -33.82
CA TRP A 99 22.77 11.20 -32.82
C TRP A 99 23.50 9.96 -33.24
N LEU A 100 23.91 9.19 -32.27
CA LEU A 100 24.77 8.04 -32.48
C LEU A 100 24.39 6.94 -31.51
N LEU A 101 24.15 5.74 -32.03
CA LEU A 101 23.79 4.60 -31.23
C LEU A 101 25.01 3.69 -31.06
N LEU A 102 25.36 3.39 -29.80
CA LEU A 102 26.48 2.52 -29.48
C LEU A 102 25.95 1.24 -28.85
N THR A 103 26.31 0.09 -29.41
CA THR A 103 25.73 -1.18 -29.01
C THR A 103 26.82 -2.20 -28.68
N PRO A 104 27.02 -2.48 -27.39
CA PRO A 104 27.98 -3.51 -27.01
C PRO A 104 27.40 -4.91 -27.23
N VAL A 105 28.21 -5.78 -27.82
CA VAL A 105 27.81 -7.16 -28.07
C VAL A 105 29.02 -8.05 -27.82
N THR A 106 28.78 -9.35 -27.71
CA THR A 106 29.88 -10.31 -27.73
C THR A 106 30.37 -10.42 -29.16
N SER A 107 31.67 -10.55 -29.33
CA SER A 107 32.22 -10.76 -30.66
C SER A 107 31.64 -12.03 -31.31
N GLN A 108 31.50 -13.11 -30.54
CA GLN A 108 30.83 -14.32 -31.04
C GLN A 108 29.32 -14.07 -31.15
N LEU A 109 28.64 -14.92 -31.92
CA LEU A 109 27.19 -14.82 -32.13
C LEU A 109 26.77 -13.42 -32.57
N GLY A 110 25.72 -12.85 -31.96
CA GLY A 110 25.18 -11.56 -32.39
C GLY A 110 24.11 -11.75 -33.42
N GLY A 111 24.00 -10.78 -34.33
CA GLY A 111 22.97 -10.81 -35.37
C GLY A 111 23.24 -9.82 -36.46
N ASP A 112 22.37 -9.82 -37.47
CA ASP A 112 22.69 -9.23 -38.78
C ASP A 112 22.10 -7.86 -39.02
N SER A 113 21.47 -7.30 -38.00
CA SER A 113 21.00 -5.94 -38.06
C SER A 113 20.91 -5.42 -36.63
N LEU A 114 20.73 -4.11 -36.53
CA LEU A 114 20.51 -3.41 -35.28
C LEU A 114 19.33 -4.06 -34.52
N PHE A 115 18.24 -4.27 -35.24
CA PHE A 115 17.05 -4.91 -34.69
C PHE A 115 17.36 -6.34 -34.22
N HIS A 116 18.07 -7.10 -35.03
CA HIS A 116 18.41 -8.48 -34.68
C HIS A 116 19.53 -8.58 -33.67
N ARG A 117 20.12 -7.45 -33.28
CA ARG A 117 21.08 -7.43 -32.19
C ARG A 117 20.45 -6.96 -30.85
N GLN A 118 19.18 -6.58 -30.86
CA GLN A 118 18.55 -6.09 -29.65
C GLN A 118 18.55 -7.18 -28.57
N SER A 119 18.67 -6.74 -27.31
CA SER A 119 18.84 -7.63 -26.16
C SER A 119 17.85 -7.29 -25.06
N SER A 120 17.41 -8.31 -24.32
CA SER A 120 16.66 -8.05 -23.11
C SER A 120 17.64 -7.48 -22.10
N TYR A 121 17.10 -6.76 -21.13
CA TYR A 121 17.88 -6.29 -20.00
C TYR A 121 17.06 -6.35 -18.75
N ASP A 122 17.76 -6.27 -17.63
CA ASP A 122 17.18 -6.41 -16.31
C ASP A 122 16.74 -5.05 -15.78
N ILE A 123 15.46 -4.75 -15.94
CA ILE A 123 14.94 -3.45 -15.58
C ILE A 123 15.12 -3.13 -14.10
N ASP A 124 14.93 -4.13 -13.24
CA ASP A 124 15.01 -3.87 -11.80
C ASP A 124 16.41 -3.54 -11.35
N LYS A 125 17.42 -4.11 -12.00
CA LYS A 125 18.78 -3.82 -11.63
C LYS A 125 19.40 -2.65 -12.41
N ALA A 126 18.70 -2.13 -13.41
CA ALA A 126 19.20 -0.99 -14.19
C ALA A 126 19.26 0.24 -13.31
N CYS A 127 20.20 1.15 -13.57
CA CYS A 127 20.19 2.45 -12.92
C CYS A 127 19.93 3.53 -13.95
N PHE A 128 18.95 4.38 -13.65
CA PHE A 128 18.56 5.49 -14.49
C PHE A 128 18.67 6.77 -13.66
N GLN A 129 19.89 7.22 -13.47
CA GLN A 129 20.16 8.44 -12.69
C GLN A 129 20.70 9.53 -13.60
N PRO A 130 20.56 10.79 -13.18
CA PRO A 130 20.99 11.87 -14.05
C PRO A 130 22.45 11.77 -14.44
N HIS A 131 23.27 11.26 -13.54
CA HIS A 131 24.72 11.23 -13.71
C HIS A 131 25.25 9.83 -13.91
N TYR A 132 24.36 8.86 -14.06
CA TYR A 132 24.78 7.45 -14.08
C TYR A 132 23.72 6.58 -14.67
N LEU A 133 24.12 5.85 -15.71
CA LEU A 133 23.26 4.94 -16.43
C LEU A 133 23.92 3.57 -16.40
N LYS A 134 23.20 2.57 -15.88
CA LYS A 134 23.69 1.20 -15.89
C LYS A 134 22.62 0.24 -16.40
N LEU A 135 23.02 -0.63 -17.34
CA LEU A 135 22.14 -1.63 -17.93
C LEU A 135 22.92 -2.93 -18.09
N PHE A 136 22.24 -4.04 -17.86
CA PHE A 136 22.84 -5.34 -18.06
C PHE A 136 22.13 -6.06 -19.22
N SER A 137 22.87 -6.26 -20.30
CA SER A 137 22.34 -6.97 -21.45
C SER A 137 22.38 -8.49 -21.18
N LEU A 138 21.20 -9.10 -21.10
CA LEU A 138 21.09 -10.51 -20.75
C LEU A 138 21.52 -11.44 -21.88
N ARG A 139 21.27 -11.02 -23.12
CA ARG A 139 21.71 -11.77 -24.28
C ARG A 139 23.21 -11.89 -24.37
N TYR A 140 23.93 -10.79 -24.13
CA TYR A 140 25.35 -10.76 -24.31
C TYR A 140 26.10 -10.89 -23.00
N GLN A 141 25.37 -10.86 -21.90
CA GLN A 141 25.95 -10.85 -20.55
C GLN A 141 26.99 -9.73 -20.42
N ILE A 142 26.61 -8.55 -20.89
CA ILE A 142 27.45 -7.37 -20.82
C ILE A 142 26.82 -6.33 -19.91
N GLU A 143 27.59 -5.91 -18.91
CA GLU A 143 27.24 -4.76 -18.09
C GLU A 143 27.82 -3.49 -18.70
N THR A 144 26.93 -2.57 -19.04
CA THR A 144 27.29 -1.24 -19.55
C THR A 144 27.03 -0.17 -18.49
N GLN A 145 28.06 0.62 -18.20
CA GLN A 145 27.93 1.79 -17.31
C GLN A 145 28.38 3.04 -18.06
N LEU A 146 27.62 4.12 -17.91
CA LEU A 146 27.96 5.39 -18.52
C LEU A 146 27.82 6.51 -17.50
N THR A 147 28.78 7.43 -17.50
CA THR A 147 28.66 8.67 -16.75
C THR A 147 29.07 9.81 -17.68
N PRO A 148 28.32 10.92 -17.65
CA PRO A 148 28.53 11.98 -18.63
C PRO A 148 29.51 13.07 -18.23
N THR A 149 30.06 13.76 -19.22
CA THR A 149 30.66 15.07 -19.05
C THR A 149 29.89 15.99 -19.99
N CYS A 150 30.23 17.26 -19.99
CA CYS A 150 29.52 18.21 -20.85
C CYS A 150 29.61 17.81 -22.32
N TYR A 151 30.83 17.47 -22.77
CA TYR A 151 31.13 17.23 -24.17
C TYR A 151 31.29 15.76 -24.50
N GLY A 152 31.33 14.89 -23.49
CA GLY A 152 31.51 13.47 -23.74
C GLY A 152 30.94 12.58 -22.65
N ALA A 153 31.61 11.47 -22.42
CA ALA A 153 31.21 10.50 -21.44
C ALA A 153 32.34 9.52 -21.17
N SER A 154 32.28 8.89 -20.00
CA SER A 154 33.12 7.73 -19.66
C SER A 154 32.22 6.52 -19.59
N ILE A 155 32.66 5.42 -20.22
CA ILE A 155 31.83 4.22 -20.38
C ILE A 155 32.63 2.99 -19.97
N ARG A 156 32.05 2.13 -19.15
CA ARG A 156 32.67 0.86 -18.81
C ARG A 156 31.84 -0.29 -19.32
N LEU A 157 32.48 -1.20 -20.03
CA LEU A 157 31.81 -2.36 -20.60
C LEU A 157 32.46 -3.60 -20.02
N ASN A 158 31.64 -4.57 -19.66
CA ASN A 158 32.16 -5.78 -19.03
C ASN A 158 31.35 -6.99 -19.41
N GLN A 159 31.95 -7.85 -20.21
CA GLN A 159 31.36 -9.14 -20.56
C GLN A 159 31.70 -10.08 -19.40
N LYS A 160 30.68 -10.48 -18.65
CA LYS A 160 30.90 -11.17 -17.37
C LYS A 160 31.41 -12.60 -17.46
N GLN A 161 31.42 -13.18 -18.64
CA GLN A 161 31.96 -14.53 -18.83
C GLN A 161 33.35 -14.50 -19.43
N GLY A 162 33.91 -13.31 -19.63
CA GLY A 162 35.25 -13.20 -20.16
C GLY A 162 35.32 -13.38 -21.67
N LYS A 163 34.20 -13.25 -22.37
CA LYS A 163 34.22 -13.32 -23.82
C LYS A 163 34.55 -11.96 -24.42
N ALA A 164 35.18 -11.97 -25.59
CA ALA A 164 35.65 -10.72 -26.19
C ALA A 164 34.48 -9.83 -26.58
N LEU A 165 34.70 -8.53 -26.43
CA LEU A 165 33.70 -7.52 -26.80
C LEU A 165 33.85 -7.05 -28.22
N SER A 166 32.72 -6.74 -28.84
CA SER A 166 32.70 -5.89 -30.01
C SER A 166 31.70 -4.77 -29.75
N LEU A 167 31.76 -3.73 -30.59
CA LEU A 167 30.92 -2.55 -30.42
C LEU A 167 30.37 -2.15 -31.76
N TYR A 168 29.05 -2.01 -31.86
CA TYR A 168 28.45 -1.53 -33.06
C TYR A 168 28.13 -0.04 -32.98
N LEU A 169 28.23 0.64 -34.13
CA LEU A 169 27.94 2.06 -34.21
C LEU A 169 26.95 2.31 -35.34
N HIS A 170 25.91 3.07 -35.05
CA HIS A 170 24.87 3.34 -36.03
C HIS A 170 24.37 4.77 -35.89
N ALA A 171 23.99 5.38 -37.00
CA ALA A 171 23.43 6.73 -37.02
C ALA A 171 22.49 6.86 -38.21
N ALA A 172 21.53 7.78 -38.14
CA ALA A 172 20.74 8.14 -39.30
C ALA A 172 21.58 8.99 -40.24
N ASP A 173 22.45 9.83 -39.68
CA ASP A 173 23.43 10.57 -40.46
C ASP A 173 24.32 9.59 -41.19
N GLU A 174 24.97 10.05 -42.26
CA GLU A 174 26.03 9.29 -42.93
C GLU A 174 27.25 9.26 -42.01
N LEU A 175 27.65 8.06 -41.62
CA LEU A 175 28.66 7.87 -40.60
C LEU A 175 29.92 7.23 -41.13
N THR A 176 31.05 7.86 -40.84
CA THR A 176 32.36 7.42 -41.30
C THR A 176 33.25 7.17 -40.10
N VAL A 177 34.09 6.15 -40.17
CA VAL A 177 34.97 5.79 -39.07
C VAL A 177 36.38 5.56 -39.54
N GLU A 178 37.34 6.20 -38.88
CA GLU A 178 38.76 5.96 -39.15
C GLU A 178 39.43 5.52 -37.88
N GLN A 179 40.31 4.53 -38.00
CA GLN A 179 41.13 4.11 -36.87
C GLN A 179 42.39 4.93 -36.87
N VAL A 180 42.61 5.68 -35.80
CA VAL A 180 43.74 6.56 -35.70
C VAL A 180 44.97 5.82 -35.14
N ASP A 181 44.77 4.94 -34.15
CA ASP A 181 45.87 4.12 -33.64
C ASP A 181 45.30 2.84 -33.03
N LYS A 182 46.10 2.09 -32.27
CA LYS A 182 45.65 0.80 -31.72
C LYS A 182 44.36 0.97 -30.88
N ARG A 183 44.14 2.15 -30.30
CA ARG A 183 43.07 2.32 -29.32
C ARG A 183 42.21 3.56 -29.54
N THR A 184 42.20 4.10 -30.76
CA THR A 184 41.53 5.38 -30.99
C THR A 184 40.81 5.37 -32.30
N LEU A 185 39.55 5.79 -32.26
CA LEU A 185 38.76 6.01 -33.46
C LEU A 185 38.36 7.47 -33.59
N ALA A 186 38.23 7.91 -34.83
CA ALA A 186 37.72 9.23 -35.18
C ALA A 186 36.54 9.03 -36.07
N LEU A 187 35.41 9.59 -35.66
CA LEU A 187 34.16 9.41 -36.36
C LEU A 187 33.74 10.73 -36.93
N ARG A 188 33.07 10.66 -38.08
CA ARG A 188 32.48 11.81 -38.69
C ARG A 188 31.09 11.42 -39.11
N GLN A 189 30.11 12.27 -38.85
CA GLN A 189 28.78 12.02 -39.33
C GLN A 189 28.10 13.30 -39.79
N GLU A 190 27.31 13.17 -40.85
CA GLU A 190 26.77 14.34 -41.55
C GLU A 190 25.28 14.21 -41.81
N GLY A 191 24.55 15.29 -41.56
CA GLY A 191 23.17 15.39 -41.96
C GLY A 191 22.88 16.84 -42.25
N LYS A 192 21.62 17.22 -42.25
CA LYS A 192 21.21 18.59 -42.54
C LYS A 192 20.20 19.02 -41.51
N THR A 193 20.15 20.31 -41.20
CA THR A 193 19.16 20.79 -40.25
C THR A 193 17.81 20.75 -40.91
N GLU A 194 16.79 20.60 -40.06
CA GLU A 194 15.49 20.21 -40.51
C GLU A 194 14.80 21.30 -41.35
N THR A 195 14.93 22.56 -40.93
CA THR A 195 14.18 23.66 -41.56
C THR A 195 15.09 24.46 -42.51
N ASN A 196 16.23 24.92 -42.02
CA ASN A 196 17.19 25.63 -42.86
C ASN A 196 17.96 24.75 -43.84
N LYS A 197 17.99 23.45 -43.60
CA LYS A 197 18.77 22.52 -44.42
C LYS A 197 20.25 22.89 -44.45
N ASN A 198 20.76 23.49 -43.38
CA ASN A 198 22.19 23.73 -43.29
C ASN A 198 22.88 22.42 -43.01
N SER A 199 24.07 22.28 -43.56
CA SER A 199 24.85 21.09 -43.35
C SER A 199 25.27 21.01 -41.87
N LEU A 200 25.16 19.82 -41.29
CA LEU A 200 25.37 19.64 -39.86
C LEU A 200 26.25 18.43 -39.64
N THR A 201 27.46 18.68 -39.19
CA THR A 201 28.45 17.64 -39.04
C THR A 201 28.88 17.54 -37.58
N MET A 202 28.88 16.33 -37.04
CA MET A 202 29.40 16.09 -35.72
C MET A 202 30.55 15.11 -35.79
N PHE A 203 31.63 15.44 -35.08
CA PHE A 203 32.80 14.60 -35.00
C PHE A 203 32.80 13.94 -33.63
N THR A 204 33.26 12.70 -33.56
CA THR A 204 33.31 11.98 -32.32
C THR A 204 34.64 11.28 -32.19
N ALA A 205 35.23 11.37 -31.00
CA ALA A 205 36.46 10.66 -30.71
C ALA A 205 36.15 9.58 -29.71
N LEU A 206 36.67 8.37 -29.94
CA LEU A 206 36.55 7.28 -28.98
C LEU A 206 37.91 6.73 -28.70
N GLN A 207 38.21 6.54 -27.43
CA GLN A 207 39.49 6.00 -27.00
C GLN A 207 39.23 4.91 -25.96
N MET A 208 39.85 3.76 -26.13
CA MET A 208 39.63 2.59 -25.25
C MET A 208 40.92 2.21 -24.57
N ASN A 209 40.80 1.48 -23.45
CA ASN A 209 41.98 0.91 -22.81
C ASN A 209 42.20 -0.54 -23.17
N THR A 210 41.75 -0.94 -24.36
CA THR A 210 42.06 -2.26 -24.93
C THR A 210 42.21 -2.07 -26.44
N ASP A 211 42.99 -2.93 -27.09
CA ASP A 211 43.28 -2.75 -28.51
C ASP A 211 42.05 -3.01 -29.37
N ILE A 212 41.94 -2.24 -30.45
CA ILE A 212 40.93 -2.42 -31.45
C ILE A 212 41.52 -3.39 -32.48
N LEU A 213 40.98 -4.61 -32.54
CA LEU A 213 41.47 -5.64 -33.45
C LEU A 213 41.03 -5.43 -34.89
N ALA A 214 39.83 -4.87 -35.10
CA ALA A 214 39.34 -4.62 -36.44
C ALA A 214 38.16 -3.64 -36.45
N ILE A 215 37.99 -2.93 -37.57
CA ILE A 215 36.75 -2.19 -37.84
C ILE A 215 36.25 -2.64 -39.20
N SER A 216 34.93 -2.62 -39.39
CA SER A 216 34.34 -2.93 -40.68
C SER A 216 32.92 -2.40 -40.74
N GLN A 217 32.37 -2.34 -41.96
CA GLN A 217 30.97 -1.97 -42.16
C GLN A 217 30.10 -3.18 -42.43
N GLU A 218 28.92 -3.20 -41.84
CA GLU A 218 27.94 -4.26 -42.07
C GLU A 218 26.60 -3.60 -42.28
N ALA A 219 26.11 -3.70 -43.51
CA ALA A 219 24.79 -3.19 -43.85
C ALA A 219 24.60 -1.78 -43.33
N GLY A 220 25.58 -0.92 -43.58
CA GLY A 220 25.49 0.49 -43.22
C GLY A 220 26.03 0.88 -41.84
N ASP A 221 26.23 -0.09 -40.96
CA ASP A 221 26.72 0.21 -39.61
C ASP A 221 28.16 -0.19 -39.50
N TRP A 222 28.79 0.19 -38.39
CA TRP A 222 30.18 -0.15 -38.14
C TRP A 222 30.30 -1.11 -36.98
N ARG A 223 31.20 -2.07 -37.11
CA ARG A 223 31.49 -3.05 -36.09
C ARG A 223 32.93 -2.90 -35.69
N ILE A 224 33.18 -2.63 -34.41
CA ILE A 224 34.50 -2.51 -33.88
C ILE A 224 34.81 -3.73 -33.01
N ASP A 225 35.85 -4.49 -33.33
CA ASP A 225 36.20 -5.66 -32.53
C ASP A 225 37.29 -5.30 -31.56
N LEU A 226 37.14 -5.70 -30.30
CA LEU A 226 38.07 -5.35 -29.24
C LEU A 226 38.80 -6.57 -28.71
N ALA A 227 39.96 -6.33 -28.12
CA ALA A 227 40.84 -7.41 -27.68
C ALA A 227 40.39 -8.04 -26.38
N SER A 228 39.67 -7.29 -25.55
CA SER A 228 39.38 -7.72 -24.21
C SER A 228 37.89 -7.95 -23.98
N SER A 229 37.58 -8.62 -22.87
CA SER A 229 36.20 -8.77 -22.42
C SER A 229 35.73 -7.60 -21.55
N GLN A 230 36.62 -6.66 -21.25
CA GLN A 230 36.33 -5.52 -20.37
C GLN A 230 37.08 -4.32 -20.93
N THR A 231 36.44 -3.14 -20.92
CA THR A 231 37.16 -1.93 -21.29
C THR A 231 36.51 -0.71 -20.67
N GLU A 232 37.33 0.29 -20.41
CA GLU A 232 36.86 1.61 -20.08
C GLU A 232 37.15 2.49 -21.30
N MET A 233 36.16 3.26 -21.74
CA MET A 233 36.25 4.06 -22.98
C MET A 233 35.95 5.50 -22.67
N GLN A 234 36.65 6.39 -23.34
CA GLN A 234 36.33 7.81 -23.27
C GLN A 234 35.73 8.17 -24.60
N LEU A 235 34.68 9.01 -24.55
CA LEU A 235 33.98 9.45 -25.74
C LEU A 235 33.81 10.94 -25.64
N ALA A 236 33.87 11.65 -26.76
CA ALA A 236 33.52 13.07 -26.79
C ALA A 236 33.14 13.47 -28.18
N THR A 237 32.28 14.49 -28.29
CA THR A 237 31.87 15.00 -29.59
C THR A 237 32.30 16.44 -29.77
N SER A 238 32.23 16.90 -31.03
CA SER A 238 32.46 18.29 -31.36
C SER A 238 31.67 18.65 -32.59
N PHE A 239 31.15 19.87 -32.61
CA PHE A 239 30.63 20.47 -33.83
C PHE A 239 31.67 21.42 -34.48
N ILE A 240 32.89 21.38 -33.97
CA ILE A 240 33.95 22.23 -34.49
C ILE A 240 34.82 21.40 -35.42
N SER A 241 35.51 20.39 -34.89
CA SER A 241 36.52 19.69 -35.68
C SER A 241 36.90 18.39 -35.02
N PRO A 242 37.56 17.49 -35.78
CA PRO A 242 38.08 16.26 -35.21
C PRO A 242 39.06 16.48 -34.07
N SER A 243 39.93 17.49 -34.19
CA SER A 243 40.93 17.71 -33.16
C SER A 243 40.27 18.32 -31.93
N GLN A 244 39.25 19.14 -32.12
CA GLN A 244 38.49 19.64 -30.98
C GLN A 244 37.75 18.50 -30.23
N ALA A 245 37.24 17.51 -30.97
CA ALA A 245 36.64 16.34 -30.36
C ALA A 245 37.63 15.61 -29.44
N LEU A 246 38.86 15.42 -29.91
CA LEU A 246 39.92 14.81 -29.09
C LEU A 246 40.22 15.64 -27.86
N ILE A 247 40.29 16.95 -28.04
CA ILE A 247 40.50 17.84 -26.92
C ILE A 247 39.37 17.71 -25.91
N ASN A 248 38.14 17.50 -26.41
CA ASN A 248 36.97 17.41 -25.52
C ASN A 248 36.91 16.11 -24.71
N LEU A 249 37.80 15.15 -24.98
CA LEU A 249 37.76 13.89 -24.27
C LEU A 249 37.88 14.06 -22.77
N PRO A 250 37.11 13.26 -22.00
CA PRO A 250 37.39 13.16 -20.58
C PRO A 250 38.86 12.78 -20.31
N GLN A 251 39.45 13.41 -19.32
CA GLN A 251 40.84 13.22 -19.02
C GLN A 251 41.01 12.30 -17.80
N GLU A 252 39.91 11.86 -17.20
CA GLU A 252 39.95 11.19 -15.91
C GLU A 252 39.22 9.87 -16.00
N ASP A 253 39.38 9.05 -14.97
CA ASP A 253 38.76 7.74 -14.97
C ASP A 253 37.27 7.85 -14.66
N PHE A 254 36.59 6.71 -14.77
CA PHE A 254 35.14 6.66 -14.64
C PHE A 254 34.64 7.25 -13.32
N ASP A 255 35.19 6.78 -12.22
CA ASP A 255 34.79 7.27 -10.88
C ASP A 255 34.98 8.77 -10.74
N SER A 256 36.08 9.27 -11.26
CA SER A 256 36.36 10.70 -11.18
C SER A 256 35.35 11.52 -12.00
N CYS A 257 35.00 11.02 -13.19
CA CYS A 257 34.02 11.66 -14.04
C CYS A 257 32.64 11.63 -13.38
N LYS A 258 32.32 10.50 -12.77
CA LYS A 258 31.05 10.34 -12.07
C LYS A 258 30.93 11.31 -10.88
N SER A 259 32.00 11.45 -10.11
CA SER A 259 32.00 12.41 -8.99
C SER A 259 31.86 13.83 -9.46
N SER A 260 32.51 14.18 -10.58
CA SER A 260 32.39 15.53 -11.12
C SER A 260 30.99 15.82 -11.58
N ALA A 261 30.37 14.84 -12.22
CA ALA A 261 28.98 14.99 -12.67
C ALA A 261 28.04 15.15 -11.48
N GLN A 262 28.29 14.37 -10.44
CA GLN A 262 27.50 14.47 -9.23
C GLN A 262 27.63 15.87 -8.64
N VAL A 263 28.85 16.38 -8.57
CA VAL A 263 29.08 17.71 -8.03
C VAL A 263 28.39 18.78 -8.90
N ASP A 264 28.46 18.62 -10.22
CA ASP A 264 27.82 19.58 -11.13
C ASP A 264 26.32 19.63 -10.86
N TRP A 265 25.72 18.45 -10.66
CA TRP A 265 24.28 18.38 -10.36
C TRP A 265 23.99 18.97 -8.99
N GLU A 266 24.75 18.55 -8.00
CA GLU A 266 24.49 18.96 -6.61
C GLU A 266 24.61 20.46 -6.43
N ASN A 267 25.54 21.07 -7.15
CA ASN A 267 25.70 22.52 -7.07
C ASN A 267 24.39 23.25 -7.42
N LEU A 268 23.61 22.70 -8.34
CA LEU A 268 22.39 23.34 -8.78
C LEU A 268 21.19 22.87 -7.97
N LEU A 269 21.12 21.57 -7.67
CA LEU A 269 20.01 21.04 -6.89
C LEU A 269 19.95 21.65 -5.49
N HIS A 270 21.12 21.88 -4.91
CA HIS A 270 21.20 22.41 -3.55
C HIS A 270 20.82 23.89 -3.48
N ARG A 271 20.34 24.50 -4.55
CA ARG A 271 19.77 25.84 -4.45
C ARG A 271 18.38 25.78 -3.82
N PHE A 272 17.86 24.55 -3.68
CA PHE A 272 16.65 24.31 -2.92
C PHE A 272 17.02 23.38 -1.79
N ASP A 273 16.45 23.63 -0.61
CA ASP A 273 16.73 22.81 0.57
C ASP A 273 15.45 22.63 1.36
N ILE A 274 14.89 21.43 1.26
CA ILE A 274 13.71 21.04 2.01
C ILE A 274 14.10 20.72 3.45
N ILE A 275 13.68 21.57 4.40
CA ILE A 275 13.98 21.36 5.80
C ILE A 275 12.95 20.41 6.42
N GLU A 276 11.67 20.64 6.14
CA GLU A 276 10.61 19.75 6.62
C GLU A 276 9.57 19.61 5.54
N THR A 277 9.30 18.37 5.12
CA THR A 277 8.30 18.12 4.09
C THR A 277 6.89 18.31 4.65
N GLY A 278 6.69 17.93 5.91
CA GLY A 278 5.33 17.75 6.44
C GLY A 278 4.67 16.58 5.74
N GLU A 279 3.35 16.66 5.56
CA GLU A 279 2.56 15.60 4.91
C GLU A 279 3.00 15.32 3.46
N ALA A 280 3.50 16.33 2.76
CA ALA A 280 3.87 16.22 1.36
C ALA A 280 4.94 15.16 1.02
N ASP A 281 4.77 14.54 -0.13
CA ASP A 281 5.75 13.67 -0.72
C ASP A 281 6.68 14.55 -1.59
N ARG A 282 7.98 14.49 -1.34
CA ARG A 282 8.96 15.33 -2.04
C ARG A 282 9.41 14.79 -3.40
N THR A 283 9.01 13.57 -3.73
CA THR A 283 9.59 12.84 -4.86
C THR A 283 9.42 13.58 -6.17
N PHE A 284 8.23 14.11 -6.40
CA PHE A 284 7.99 14.77 -7.67
C PHE A 284 8.78 16.06 -7.81
N PHE A 285 8.77 16.84 -6.73
CA PHE A 285 9.54 18.07 -6.66
C PHE A 285 11.00 17.80 -6.99
N ASP A 286 11.58 16.79 -6.35
CA ASP A 286 12.97 16.44 -6.63
C ASP A 286 13.18 16.14 -8.10
N HIS A 287 12.26 15.39 -8.71
CA HIS A 287 12.41 15.08 -10.12
C HIS A 287 12.37 16.33 -10.98
N CYS A 288 11.46 17.24 -10.66
CA CYS A 288 11.37 18.51 -11.35
C CYS A 288 12.68 19.31 -11.29
N LEU A 289 13.43 19.22 -10.20
CA LEU A 289 14.69 19.93 -10.08
C LEU A 289 15.66 19.42 -11.13
N TYR A 290 15.70 18.11 -11.30
CA TYR A 290 16.50 17.50 -12.37
C TYR A 290 16.07 18.05 -13.75
N ARG A 291 14.78 18.08 -14.02
CA ARG A 291 14.29 18.58 -15.29
C ARG A 291 14.60 20.05 -15.53
N LEU A 292 14.69 20.81 -14.44
CA LEU A 292 14.92 22.25 -14.52
C LEU A 292 16.26 22.62 -15.16
N PHE A 293 17.28 21.77 -14.97
CA PHE A 293 18.64 22.09 -15.36
C PHE A 293 19.15 21.33 -16.57
N LEU A 294 18.23 20.91 -17.44
CA LEU A 294 18.61 20.16 -18.64
C LEU A 294 18.67 21.02 -19.88
N PHE A 295 17.81 22.04 -19.93
CA PHE A 295 17.70 22.88 -21.12
C PHE A 295 17.80 24.35 -20.74
N PRO A 296 18.40 25.15 -21.62
CA PRO A 296 18.91 24.80 -22.94
C PRO A 296 20.20 24.03 -22.88
N GLN A 297 20.53 23.34 -23.95
CA GLN A 297 21.76 22.59 -24.01
C GLN A 297 22.92 23.45 -24.53
N THR A 298 24.10 23.19 -23.99
CA THR A 298 25.34 23.82 -24.44
C THR A 298 25.57 23.52 -25.90
N PHE A 299 25.84 24.56 -26.68
CA PHE A 299 26.17 24.37 -28.10
C PHE A 299 27.36 25.26 -28.47
N TYR A 300 28.34 25.27 -27.59
CA TYR A 300 29.60 25.94 -27.82
C TYR A 300 30.67 25.13 -27.12
N GLU A 301 31.90 25.29 -27.58
CA GLU A 301 33.03 24.57 -27.04
C GLU A 301 34.15 25.55 -26.65
N ILE A 302 35.19 25.02 -26.02
CA ILE A 302 36.28 25.81 -25.47
C ILE A 302 37.57 25.44 -26.20
N ASN A 303 38.21 26.40 -26.87
CA ASN A 303 39.46 26.10 -27.59
C ASN A 303 40.68 25.96 -26.67
N GLU A 304 41.83 25.61 -27.25
CA GLU A 304 43.08 25.39 -26.48
C GLU A 304 43.42 26.59 -25.61
N SER A 305 43.11 27.80 -26.08
CA SER A 305 43.42 29.00 -25.32
C SER A 305 42.33 29.37 -24.32
N GLY A 306 41.31 28.53 -24.14
CA GLY A 306 40.29 28.77 -23.13
C GLY A 306 39.16 29.67 -23.58
N GLN A 307 39.03 29.90 -24.88
CA GLN A 307 37.94 30.76 -25.35
C GLN A 307 36.75 29.95 -25.88
N ALA A 308 35.56 30.52 -25.67
CA ALA A 308 34.33 29.96 -26.14
C ALA A 308 34.22 30.18 -27.65
N ILE A 309 33.96 29.10 -28.37
CA ILE A 309 33.71 29.15 -29.80
C ILE A 309 32.48 28.34 -30.18
N HIS A 310 31.83 28.72 -31.28
CA HIS A 310 30.70 27.94 -31.78
C HIS A 310 30.67 27.87 -33.27
N MET A 311 30.06 26.80 -33.79
CA MET A 311 29.81 26.65 -35.21
C MET A 311 28.64 27.55 -35.60
N ASP A 312 28.87 28.38 -36.62
CA ASP A 312 27.81 29.13 -37.27
C ASP A 312 27.34 28.25 -38.46
N LEU A 313 26.17 27.66 -38.32
CA LEU A 313 25.71 26.67 -39.28
C LEU A 313 25.27 27.29 -40.60
N ALA A 314 24.99 28.59 -40.59
CA ALA A 314 24.65 29.30 -41.81
C ALA A 314 25.88 29.46 -42.74
N THR A 315 27.07 29.58 -42.17
CA THR A 315 28.31 29.74 -42.97
C THR A 315 29.19 28.53 -42.95
N GLY A 316 29.02 27.65 -41.96
CA GLY A 316 29.92 26.53 -41.77
C GLY A 316 31.24 26.94 -41.15
N THR A 317 31.33 28.15 -40.61
CA THR A 317 32.55 28.62 -40.02
C THR A 317 32.42 28.89 -38.52
N VAL A 318 33.57 28.86 -37.85
CA VAL A 318 33.62 29.03 -36.42
C VAL A 318 33.57 30.51 -36.06
N LYS A 319 32.77 30.83 -35.05
CA LYS A 319 32.63 32.19 -34.55
C LYS A 319 32.90 32.19 -33.05
N PRO A 320 33.31 33.34 -32.51
CA PRO A 320 33.57 33.34 -31.07
C PRO A 320 32.28 33.45 -30.28
N GLY A 321 32.31 32.98 -29.03
CA GLY A 321 31.23 33.20 -28.11
C GLY A 321 30.35 32.00 -27.81
N VAL A 322 29.73 32.05 -26.63
CA VAL A 322 28.77 31.04 -26.20
C VAL A 322 27.55 30.97 -27.12
N LEU A 323 26.94 29.80 -27.13
CA LEU A 323 25.81 29.51 -27.97
C LEU A 323 25.08 28.29 -27.37
N PHE A 324 23.76 28.28 -27.48
CA PHE A 324 22.94 27.25 -26.89
C PHE A 324 21.94 26.71 -27.89
N SER A 325 21.48 25.47 -27.66
CA SER A 325 20.45 24.84 -28.48
C SER A 325 19.34 24.27 -27.61
N ASN A 326 18.32 23.75 -28.28
CA ASN A 326 17.23 23.00 -27.68
C ASN A 326 16.40 23.82 -26.68
N ASN A 327 15.67 24.79 -27.22
CA ASN A 327 14.75 25.59 -26.41
C ASN A 327 13.74 26.27 -27.31
N GLY A 328 12.49 26.16 -26.94
CA GLY A 328 11.40 26.92 -27.54
C GLY A 328 10.95 27.94 -26.53
N PHE A 329 11.24 29.21 -26.79
CA PHE A 329 11.07 30.26 -25.78
C PHE A 329 9.61 30.52 -25.42
N TRP A 330 8.71 30.19 -26.32
CA TRP A 330 7.28 30.23 -26.03
C TRP A 330 6.92 29.32 -24.82
N ASP A 331 7.67 28.23 -24.64
CA ASP A 331 7.49 27.35 -23.48
C ASP A 331 8.20 27.91 -22.24
N THR A 332 9.45 28.32 -22.42
CA THR A 332 10.33 28.56 -21.29
C THR A 332 10.32 29.97 -20.71
N PHE A 333 9.84 30.95 -21.47
CA PHE A 333 9.83 32.33 -20.94
C PHE A 333 8.90 32.49 -19.76
N ARG A 334 7.84 31.70 -19.75
CA ARG A 334 6.73 31.95 -18.80
C ARG A 334 6.95 31.39 -17.39
N THR A 335 7.87 30.42 -17.25
CA THR A 335 8.11 29.76 -15.96
C THR A 335 9.60 29.51 -15.74
N THR A 336 10.25 28.84 -16.69
CA THR A 336 11.61 28.38 -16.49
C THR A 336 12.64 29.51 -16.30
N PHE A 337 12.65 30.47 -17.23
CA PHE A 337 13.66 31.51 -17.17
C PHE A 337 13.51 32.43 -15.94
N PRO A 338 12.27 32.85 -15.62
CA PRO A 338 12.09 33.59 -14.38
C PRO A 338 12.66 32.85 -13.15
N LEU A 339 12.54 31.53 -13.13
CA LEU A 339 13.07 30.75 -12.02
C LEU A 339 14.59 30.72 -12.07
N PHE A 340 15.16 30.55 -13.25
CA PHE A 340 16.61 30.70 -13.44
C PHE A 340 17.11 32.06 -12.89
N ALA A 341 16.34 33.11 -13.14
CA ALA A 341 16.73 34.47 -12.69
C ALA A 341 16.93 34.58 -11.19
N LEU A 342 16.15 33.83 -10.42
CA LEU A 342 16.31 33.78 -8.96
C LEU A 342 17.51 32.97 -8.49
N ILE A 343 17.75 31.81 -9.10
CA ILE A 343 18.68 30.87 -8.51
C ILE A 343 20.00 30.67 -9.24
N ILE A 344 20.04 30.94 -10.55
CA ILE A 344 21.29 30.78 -11.32
C ILE A 344 21.55 31.95 -12.26
N PRO A 345 21.82 33.13 -11.67
CA PRO A 345 21.99 34.36 -12.44
C PRO A 345 23.17 34.34 -13.42
N GLU A 346 24.28 33.73 -13.08
CA GLU A 346 25.40 33.64 -14.03
C GLU A 346 25.03 32.81 -15.25
N HIS A 347 24.40 31.66 -15.01
CA HIS A 347 23.90 30.84 -16.10
C HIS A 347 22.92 31.67 -16.92
N TYR A 348 22.05 32.42 -16.24
CA TYR A 348 20.99 33.19 -16.90
C TYR A 348 21.61 34.18 -17.89
N GLN A 349 22.65 34.86 -17.45
CA GLN A 349 23.32 35.84 -18.30
C GLN A 349 24.02 35.14 -19.47
N ARG A 350 24.68 34.03 -19.19
CA ARG A 350 25.35 33.26 -20.23
C ARG A 350 24.35 32.82 -21.32
N PHE A 351 23.17 32.35 -20.92
CA PHE A 351 22.16 31.94 -21.89
C PHE A 351 21.77 33.11 -22.78
N LEU A 352 21.54 34.27 -22.17
CA LEU A 352 21.13 35.45 -22.93
C LEU A 352 22.24 35.89 -23.88
N GLU A 353 23.49 35.77 -23.44
CA GLU A 353 24.65 36.05 -24.30
C GLU A 353 24.63 35.11 -25.52
N GLY A 354 24.32 33.85 -25.29
CA GLY A 354 24.23 32.86 -26.37
C GLY A 354 23.14 33.23 -27.36
N PHE A 355 21.99 33.66 -26.84
CA PHE A 355 20.89 33.99 -27.71
C PHE A 355 21.21 35.25 -28.52
N LEU A 356 21.98 36.15 -27.92
CA LEU A 356 22.44 37.34 -28.60
C LEU A 356 23.43 36.94 -29.68
N ASN A 357 24.30 35.97 -29.39
CA ASN A 357 25.18 35.41 -30.41
C ASN A 357 24.44 34.76 -31.59
N SER A 358 23.27 34.16 -31.33
CA SER A 358 22.45 33.65 -32.43
C SER A 358 22.02 34.81 -33.33
N TYR A 359 21.63 35.91 -32.69
CA TYR A 359 21.22 37.12 -33.39
C TYR A 359 22.36 37.68 -34.24
N ARG A 360 23.56 37.70 -33.66
CA ARG A 360 24.74 38.19 -34.38
C ARG A 360 25.06 37.32 -35.58
N ASP A 361 24.80 36.02 -35.49
CA ASP A 361 25.04 35.13 -36.65
C ASP A 361 23.98 35.26 -37.73
N THR A 362 22.72 35.45 -37.35
CA THR A 362 21.62 35.38 -38.31
C THR A 362 20.94 36.71 -38.63
N GLY A 363 21.08 37.71 -37.78
CA GLY A 363 20.30 38.94 -37.90
C GLY A 363 18.93 38.91 -37.20
N PHE A 364 18.56 37.78 -36.58
CA PHE A 364 17.27 37.65 -35.91
C PHE A 364 17.41 36.95 -34.56
N LEU A 365 16.65 37.40 -33.57
CA LEU A 365 16.53 36.67 -32.32
C LEU A 365 15.80 35.36 -32.59
N PRO A 366 16.33 34.24 -32.07
CA PRO A 366 15.72 32.93 -32.34
C PRO A 366 14.37 32.66 -31.62
N LYS A 367 13.65 31.67 -32.13
CA LYS A 367 12.35 31.26 -31.59
C LYS A 367 12.35 29.83 -31.04
N TRP A 368 12.86 28.89 -31.82
CA TRP A 368 12.93 27.50 -31.42
C TRP A 368 14.24 26.91 -31.97
N LEU A 369 15.25 26.75 -31.12
CA LEU A 369 16.56 26.27 -31.56
C LEU A 369 16.71 24.78 -31.43
N ALA A 370 17.03 24.10 -32.53
CA ALA A 370 17.23 22.65 -32.50
C ALA A 370 17.94 22.14 -33.76
N PRO A 371 19.23 22.45 -33.91
CA PRO A 371 20.03 23.32 -33.09
C PRO A 371 20.01 24.74 -33.62
N ASP A 372 19.66 24.89 -34.90
CA ASP A 372 19.39 26.18 -35.50
C ASP A 372 17.89 26.44 -35.52
N GLU A 373 17.47 27.48 -36.24
CA GLU A 373 16.08 27.91 -36.17
C GLU A 373 15.12 26.86 -36.73
N ARG A 374 14.17 26.45 -35.88
CA ARG A 374 13.10 25.52 -36.26
C ARG A 374 11.70 26.13 -36.13
N GLY A 375 11.59 27.30 -35.53
CA GLY A 375 10.27 27.86 -35.21
C GLY A 375 9.43 28.14 -36.45
N MET A 376 8.19 27.67 -36.45
CA MET A 376 7.23 28.01 -37.50
C MET A 376 6.31 29.13 -37.04
N MET A 377 6.20 29.33 -35.73
CA MET A 377 5.36 30.41 -35.20
C MET A 377 5.90 31.77 -35.63
N PRO A 378 5.01 32.75 -35.83
CA PRO A 378 5.45 34.11 -36.05
C PRO A 378 5.96 34.81 -34.79
N GLY A 379 5.50 34.36 -33.61
CA GLY A 379 5.79 35.04 -32.34
C GLY A 379 7.25 34.85 -31.88
N THR A 380 7.77 35.88 -31.22
CA THR A 380 9.16 35.89 -30.75
C THR A 380 9.18 36.04 -29.23
N LEU A 381 8.95 34.93 -28.52
CA LEU A 381 8.74 34.99 -27.06
C LEU A 381 10.03 35.06 -26.26
N LEU A 382 11.17 34.98 -26.93
CA LEU A 382 12.42 35.35 -26.31
C LEU A 382 12.35 36.79 -25.75
N ASP A 383 11.50 37.64 -26.35
CA ASP A 383 11.27 39.00 -25.84
C ASP A 383 10.79 39.02 -24.39
N GLY A 384 10.02 37.99 -24.02
CA GLY A 384 9.55 37.81 -22.64
C GLY A 384 10.68 37.54 -21.66
N ILE A 385 11.74 36.87 -22.13
CA ILE A 385 12.92 36.71 -21.30
C ILE A 385 13.73 38.00 -21.24
N ILE A 386 13.80 38.71 -22.37
CA ILE A 386 14.54 39.96 -22.42
C ILE A 386 13.89 41.01 -21.51
N ALA A 387 12.57 41.19 -21.64
CA ALA A 387 11.86 42.11 -20.76
C ALA A 387 11.95 41.74 -19.28
N ASP A 388 11.91 40.44 -19.00
CA ASP A 388 12.00 40.01 -17.61
C ASP A 388 13.36 40.32 -17.03
N SER A 389 14.41 40.08 -17.83
CA SER A 389 15.77 40.41 -17.42
C SER A 389 15.90 41.90 -17.07
N ALA A 390 15.29 42.74 -17.91
CA ALA A 390 15.29 44.18 -17.70
C ALA A 390 14.63 44.53 -16.37
N CYS A 391 13.42 44.04 -16.13
CA CYS A 391 12.68 44.41 -14.92
C CYS A 391 13.33 43.88 -13.63
N LYS A 392 14.23 42.93 -13.75
CA LYS A 392 14.88 42.34 -12.58
C LYS A 392 16.39 42.60 -12.58
N ASP A 393 16.85 43.48 -13.48
CA ASP A 393 18.24 43.90 -13.53
C ASP A 393 19.23 42.74 -13.56
N MET A 394 18.93 41.76 -14.41
CA MET A 394 19.76 40.56 -14.50
C MET A 394 20.98 40.74 -15.39
N THR A 395 20.83 41.44 -16.52
CA THR A 395 21.91 41.56 -17.50
C THR A 395 22.10 43.00 -18.00
N PRO A 396 22.48 43.92 -17.07
CA PRO A 396 22.63 45.33 -17.45
C PRO A 396 23.63 45.54 -18.59
N ASP A 397 24.70 44.75 -18.62
CA ASP A 397 25.68 44.86 -19.71
C ASP A 397 25.12 44.53 -21.09
N LEU A 398 24.03 43.76 -21.16
CA LEU A 398 23.49 43.35 -22.46
C LEU A 398 22.24 44.11 -22.83
N GLU A 399 21.75 44.92 -21.91
CA GLU A 399 20.42 45.48 -22.04
C GLU A 399 20.25 46.24 -23.36
N GLY A 400 21.26 47.03 -23.74
CA GLY A 400 21.19 47.84 -24.95
C GLY A 400 21.12 47.02 -26.22
N GLU A 401 22.02 46.05 -26.32
CA GLU A 401 22.06 45.21 -27.50
C GLU A 401 20.81 44.37 -27.62
N LEU A 402 20.34 43.82 -26.50
CA LEU A 402 19.14 43.00 -26.50
C LEU A 402 17.95 43.81 -26.98
N PHE A 403 17.85 45.04 -26.50
CA PHE A 403 16.77 45.91 -26.95
C PHE A 403 16.85 46.12 -28.46
N GLN A 404 18.05 46.41 -28.94
CA GLN A 404 18.25 46.67 -30.37
C GLN A 404 17.92 45.42 -31.17
N ALA A 405 18.37 44.26 -30.69
CA ALA A 405 18.04 42.98 -31.32
C ALA A 405 16.52 42.72 -31.39
N MET A 406 15.80 43.03 -30.31
CA MET A 406 14.32 42.90 -30.30
C MET A 406 13.66 43.76 -31.34
N LEU A 407 14.11 45.00 -31.39
CA LEU A 407 13.55 45.98 -32.33
C LEU A 407 13.82 45.57 -33.78
N GLU A 408 15.06 45.21 -34.07
CA GLU A 408 15.45 44.73 -35.40
C GLU A 408 14.56 43.54 -35.77
N THR A 409 14.52 42.56 -34.87
CA THR A 409 13.78 41.33 -35.10
C THR A 409 12.29 41.61 -35.32
N ALA A 410 11.73 42.56 -34.59
CA ALA A 410 10.30 42.90 -34.73
C ALA A 410 9.96 43.67 -36.02
N SER A 411 10.93 44.32 -36.66
CA SER A 411 10.63 45.15 -37.84
C SER A 411 11.26 44.65 -39.14
N LYS A 412 12.28 43.82 -39.05
CA LYS A 412 13.07 43.49 -40.23
C LYS A 412 12.34 42.42 -41.01
N ALA A 413 12.40 42.53 -42.34
CA ALA A 413 11.91 41.47 -43.19
C ALA A 413 13.09 40.56 -43.57
N ASP A 414 12.79 39.27 -43.67
CA ASP A 414 13.80 38.25 -43.94
C ASP A 414 13.64 37.78 -45.38
N PRO A 415 14.60 38.09 -46.26
CA PRO A 415 14.48 37.62 -47.64
C PRO A 415 14.36 36.11 -47.76
N LEU A 416 14.88 35.38 -46.77
CA LEU A 416 14.86 33.93 -46.77
C LEU A 416 13.52 33.38 -46.22
N GLY A 417 12.70 34.23 -45.61
CA GLY A 417 11.34 33.86 -45.20
C GLY A 417 11.20 33.16 -43.86
N ILE A 418 12.31 32.88 -43.20
CA ILE A 418 12.29 32.05 -42.01
C ILE A 418 11.99 32.87 -40.74
N ASN A 419 12.65 34.00 -40.56
CA ASN A 419 12.65 34.73 -39.29
C ASN A 419 11.81 36.01 -39.27
N GLY A 420 11.73 36.61 -38.09
CA GLY A 420 10.98 37.87 -37.86
C GLY A 420 9.47 37.69 -37.84
N ARG A 421 8.73 38.78 -37.70
CA ARG A 421 7.25 38.72 -37.70
C ARG A 421 6.66 38.59 -39.08
N HIS A 422 5.73 37.64 -39.20
CA HIS A 422 4.99 37.45 -40.42
C HIS A 422 3.72 38.28 -40.32
N GLY A 423 3.28 38.70 -41.50
CA GLY A 423 2.15 39.59 -41.63
C GLY A 423 2.37 40.89 -40.90
N LEU A 424 3.62 41.31 -40.77
CA LEU A 424 3.95 42.55 -40.05
C LEU A 424 3.17 43.69 -40.63
N ALA A 425 3.16 43.74 -41.96
CA ALA A 425 2.43 44.75 -42.68
C ALA A 425 0.98 44.79 -42.22
N GLN A 426 0.30 43.64 -42.31
CA GLN A 426 -1.10 43.56 -41.91
C GLN A 426 -1.29 43.89 -40.43
N TYR A 427 -0.37 43.40 -39.59
CA TYR A 427 -0.45 43.67 -38.16
C TYR A 427 -0.32 45.16 -37.92
N GLN A 428 0.72 45.76 -38.52
CA GLN A 428 0.93 47.21 -38.46
C GLN A 428 -0.31 47.97 -38.97
N GLU A 429 -0.83 47.56 -40.13
CA GLU A 429 -2.00 48.19 -40.73
C GLU A 429 -3.27 48.04 -39.88
N LEU A 430 -3.65 46.79 -39.58
CA LEU A 430 -4.95 46.52 -38.96
C LEU A 430 -4.95 46.52 -37.43
N GLY A 431 -3.79 46.33 -36.81
CA GLY A 431 -3.71 46.07 -35.36
C GLY A 431 -4.01 44.61 -34.98
N TYR A 432 -4.01 43.72 -35.96
CA TYR A 432 -4.19 42.29 -35.71
C TYR A 432 -3.87 41.50 -36.95
N LEU A 433 -3.52 40.23 -36.77
CA LEU A 433 -3.42 39.33 -37.92
C LEU A 433 -4.82 38.83 -38.20
N SER A 434 -5.18 38.80 -39.48
CA SER A 434 -6.50 38.37 -39.91
C SER A 434 -6.44 36.89 -40.20
N THR A 435 -7.59 36.33 -40.59
CA THR A 435 -7.67 34.93 -40.99
C THR A 435 -6.85 34.58 -42.23
N ASP A 436 -6.22 35.57 -42.86
CA ASP A 436 -5.21 35.27 -43.89
C ASP A 436 -4.09 34.45 -43.27
N HIS A 437 -3.90 34.59 -41.97
CA HIS A 437 -2.86 33.85 -41.25
C HIS A 437 -3.46 32.77 -40.35
N HIS A 438 -2.78 31.62 -40.31
CA HIS A 438 -3.19 30.48 -39.51
C HIS A 438 -3.00 30.83 -38.02
N GLU A 439 -3.98 30.47 -37.20
CA GLU A 439 -3.90 30.67 -35.75
C GLU A 439 -3.74 32.13 -35.38
N SER A 440 -4.57 32.94 -36.03
CA SER A 440 -4.40 34.40 -36.02
C SER A 440 -4.67 34.99 -34.66
N VAL A 441 -5.59 34.39 -33.91
CA VAL A 441 -5.89 34.93 -32.56
C VAL A 441 -4.69 34.71 -31.64
N SER A 442 -4.22 33.47 -31.58
CA SER A 442 -3.09 33.13 -30.73
C SER A 442 -1.89 34.01 -31.08
N HIS A 443 -1.64 34.20 -32.37
CA HIS A 443 -0.43 34.94 -32.79
C HIS A 443 -0.56 36.44 -32.57
N THR A 444 -1.75 36.99 -32.81
CA THR A 444 -2.02 38.39 -32.51
C THR A 444 -1.77 38.65 -31.04
N LEU A 445 -2.28 37.77 -30.18
CA LEU A 445 -2.09 37.93 -28.73
C LEU A 445 -0.62 37.79 -28.34
N ASP A 446 0.11 36.88 -28.98
CA ASP A 446 1.55 36.79 -28.74
C ASP A 446 2.25 38.10 -29.16
N TYR A 447 1.84 38.67 -30.30
CA TYR A 447 2.46 39.92 -30.77
C TYR A 447 2.21 41.05 -29.79
N ALA A 448 0.98 41.13 -29.28
CA ALA A 448 0.63 42.18 -28.34
C ALA A 448 1.51 42.09 -27.10
N TYR A 449 1.77 40.87 -26.63
CA TYR A 449 2.69 40.66 -25.48
C TYR A 449 4.15 41.04 -25.81
N SER A 450 4.60 40.64 -26.99
CA SER A 450 5.94 41.03 -27.45
C SER A 450 6.06 42.55 -27.51
N ASP A 451 5.02 43.21 -28.03
CA ASP A 451 5.00 44.67 -28.11
C ASP A 451 5.17 45.28 -26.74
N PHE A 452 4.50 44.71 -25.75
CA PHE A 452 4.69 45.16 -24.37
C PHE A 452 6.15 44.98 -23.91
N CYS A 453 6.78 43.88 -24.30
CA CYS A 453 8.17 43.62 -23.91
C CYS A 453 9.10 44.69 -24.48
N ILE A 454 8.89 45.00 -25.75
CA ILE A 454 9.69 46.03 -26.41
C ILE A 454 9.44 47.39 -25.74
N ALA A 455 8.17 47.71 -25.51
CA ALA A 455 7.80 48.95 -24.86
C ALA A 455 8.46 49.11 -23.50
N SER A 456 8.47 48.05 -22.69
CA SER A 456 9.07 48.12 -21.36
C SER A 456 10.57 48.32 -21.44
N CYS A 457 11.22 47.59 -22.34
CA CYS A 457 12.65 47.72 -22.48
C CYS A 457 13.01 49.12 -23.04
N ALA A 458 12.21 49.61 -23.97
CA ALA A 458 12.39 50.97 -24.51
C ALA A 458 12.33 51.98 -23.37
N LYS A 459 11.26 51.91 -22.57
CA LYS A 459 11.08 52.81 -21.45
C LYS A 459 12.26 52.80 -20.50
N LYS A 460 12.72 51.62 -20.13
CA LYS A 460 13.83 51.52 -19.19
C LYS A 460 15.12 52.11 -19.77
N LEU A 461 15.25 52.08 -21.10
CA LEU A 461 16.39 52.73 -21.75
C LEU A 461 16.12 54.19 -22.14
N GLU A 462 14.99 54.73 -21.72
CA GLU A 462 14.58 56.09 -22.00
C GLU A 462 14.50 56.42 -23.50
N ASN A 463 14.05 55.45 -24.29
CA ASN A 463 13.64 55.74 -25.64
C ASN A 463 12.12 55.92 -25.69
N ILE A 464 11.69 57.17 -25.56
CA ILE A 464 10.29 57.51 -25.33
C ILE A 464 9.39 57.26 -26.52
N GLU A 465 9.87 57.57 -27.72
CA GLU A 465 9.04 57.39 -28.92
C GLU A 465 8.70 55.92 -29.18
N ILE A 466 9.73 55.06 -29.08
CA ILE A 466 9.55 53.63 -29.27
C ILE A 466 8.64 53.08 -28.18
N ALA A 467 8.91 53.45 -26.92
CA ALA A 467 8.08 53.03 -25.80
C ALA A 467 6.62 53.36 -26.03
N GLU A 468 6.35 54.59 -26.46
CA GLU A 468 4.97 55.05 -26.70
C GLU A 468 4.31 54.25 -27.83
N THR A 469 5.00 54.07 -28.94
CA THR A 469 4.43 53.34 -30.06
C THR A 469 4.09 51.89 -29.73
N TYR A 470 5.02 51.20 -29.06
CA TYR A 470 4.85 49.78 -28.76
C TYR A 470 3.87 49.56 -27.59
N LYS A 471 3.88 50.47 -26.63
CA LYS A 471 2.88 50.42 -25.57
C LYS A 471 1.48 50.46 -26.17
N ALA A 472 1.26 51.37 -27.11
CA ALA A 472 -0.04 51.49 -27.76
C ALA A 472 -0.37 50.23 -28.54
N ALA A 473 0.62 49.67 -29.22
CA ALA A 473 0.41 48.45 -29.99
C ALA A 473 0.10 47.25 -29.07
N SER A 474 0.67 47.24 -27.87
CA SER A 474 0.44 46.15 -26.92
C SER A 474 -1.04 46.05 -26.50
N GLN A 475 -1.84 47.08 -26.80
CA GLN A 475 -3.29 47.04 -26.59
C GLN A 475 -4.05 46.34 -27.71
N ASN A 476 -3.35 45.82 -28.70
CA ASN A 476 -4.01 45.17 -29.81
C ASN A 476 -4.84 43.92 -29.47
N TYR A 477 -4.63 43.31 -28.30
CA TYR A 477 -5.49 42.20 -27.90
C TYR A 477 -6.97 42.61 -27.94
N ARG A 478 -7.23 43.91 -27.71
CA ARG A 478 -8.60 44.45 -27.81
C ARG A 478 -9.23 44.29 -29.17
N GLN A 479 -8.44 44.25 -30.21
CA GLN A 479 -8.96 44.20 -31.57
C GLN A 479 -9.77 42.95 -31.89
N LEU A 480 -9.48 41.85 -31.19
CA LEU A 480 -10.12 40.57 -31.52
C LEU A 480 -11.20 40.15 -30.53
N PHE A 481 -11.47 40.98 -29.54
CA PHE A 481 -12.46 40.62 -28.56
C PHE A 481 -13.87 40.83 -29.10
N ASP A 482 -14.69 39.78 -29.06
CA ASP A 482 -16.08 39.87 -29.46
C ASP A 482 -16.94 39.97 -28.22
N ALA A 483 -17.39 41.18 -27.93
CA ALA A 483 -18.19 41.43 -26.73
C ALA A 483 -19.56 40.72 -26.74
N GLU A 484 -20.08 40.36 -27.92
CA GLU A 484 -21.35 39.62 -27.98
C GLU A 484 -21.20 38.23 -27.32
N THR A 485 -20.17 37.48 -27.71
CA THR A 485 -19.94 36.16 -27.13
C THR A 485 -19.07 36.19 -25.87
N GLY A 486 -18.22 37.21 -25.75
CA GLY A 486 -17.29 37.33 -24.63
C GLY A 486 -15.95 36.63 -24.81
N TYR A 487 -15.61 36.26 -26.05
CA TYR A 487 -14.37 35.56 -26.38
C TYR A 487 -13.56 36.31 -27.44
N MET A 488 -12.25 36.04 -27.47
CA MET A 488 -11.43 36.43 -28.59
C MET A 488 -11.78 35.58 -29.79
N ARG A 489 -12.01 36.23 -30.92
CA ARG A 489 -12.30 35.52 -32.17
C ARG A 489 -11.55 36.14 -33.33
N ALA A 490 -11.36 35.36 -34.37
CA ALA A 490 -10.61 35.78 -35.53
C ALA A 490 -11.43 36.74 -36.41
N ARG A 491 -10.73 37.63 -37.13
CA ARG A 491 -11.37 38.51 -38.11
C ARG A 491 -10.76 38.28 -39.48
N ASP A 492 -11.58 38.39 -40.52
CA ASP A 492 -11.05 38.49 -41.91
C ASP A 492 -10.45 39.88 -42.19
N ASN A 493 -9.93 40.07 -43.41
CA ASN A 493 -9.41 41.37 -43.88
C ASN A 493 -10.34 42.54 -43.70
N GLN A 494 -11.61 42.32 -44.04
CA GLN A 494 -12.65 43.34 -43.90
C GLN A 494 -13.03 43.59 -42.43
N GLY A 495 -12.48 42.81 -41.50
CA GLY A 495 -12.69 43.03 -40.07
C GLY A 495 -13.89 42.31 -39.49
N ASN A 496 -14.42 41.32 -40.20
CA ASN A 496 -15.58 40.58 -39.74
C ASN A 496 -15.20 39.27 -39.05
N PHE A 497 -15.94 38.94 -37.99
CA PHE A 497 -15.89 37.62 -37.38
C PHE A 497 -16.58 36.57 -38.26
N HIS A 498 -16.09 35.33 -38.24
CA HIS A 498 -16.73 34.24 -38.97
C HIS A 498 -18.04 33.85 -38.28
N PRO A 499 -19.12 33.60 -39.04
CA PRO A 499 -20.45 33.46 -38.42
C PRO A 499 -20.67 32.23 -37.53
N ASP A 500 -20.07 31.10 -37.90
CA ASP A 500 -20.24 29.88 -37.13
C ASP A 500 -19.17 29.78 -36.03
N PHE A 501 -19.57 30.04 -34.79
CA PHE A 501 -18.65 30.03 -33.66
C PHE A 501 -19.07 29.06 -32.57
N SER A 502 -18.10 28.31 -32.05
CA SER A 502 -18.27 27.54 -30.83
C SER A 502 -17.04 27.75 -29.95
N PRO A 503 -17.26 28.08 -28.67
CA PRO A 503 -16.10 28.29 -27.79
C PRO A 503 -15.29 27.02 -27.56
N TYR A 504 -15.86 25.85 -27.83
CA TYR A 504 -15.20 24.57 -27.61
C TYR A 504 -14.43 24.11 -28.83
N SER A 505 -14.46 24.90 -29.89
CA SER A 505 -13.75 24.56 -31.12
C SER A 505 -12.24 24.82 -31.03
N TRP A 506 -11.45 23.81 -31.39
CA TRP A 506 -9.99 23.85 -31.29
C TRP A 506 -9.32 24.05 -32.64
N GLY A 507 -8.12 24.65 -32.65
CA GLY A 507 -7.35 24.87 -33.88
C GLY A 507 -7.91 25.96 -34.81
N ARG A 508 -7.34 26.04 -36.01
CA ARG A 508 -7.64 27.08 -37.03
C ARG A 508 -7.24 28.47 -36.54
N ASP A 509 -8.05 29.10 -35.70
CA ASP A 509 -7.73 30.40 -35.13
C ASP A 509 -6.93 30.36 -33.81
N TYR A 510 -6.91 29.19 -33.15
CA TYR A 510 -6.27 29.04 -31.85
C TYR A 510 -5.27 27.88 -31.86
N ALA A 511 -4.08 28.13 -31.36
CA ALA A 511 -3.02 27.10 -31.33
C ALA A 511 -3.19 26.13 -30.14
N GLU A 512 -3.57 24.89 -30.46
CA GLU A 512 -3.68 23.80 -29.48
C GLU A 512 -4.53 24.18 -28.26
N CYS A 513 -5.65 24.84 -28.52
CA CYS A 513 -6.61 25.16 -27.49
C CYS A 513 -7.86 25.71 -28.16
N SER A 514 -8.81 26.13 -27.35
CA SER A 514 -10.03 26.77 -27.83
C SER A 514 -10.01 28.21 -27.42
N ALA A 515 -11.05 28.93 -27.84
CA ALA A 515 -11.29 30.31 -27.43
C ALA A 515 -11.34 30.48 -25.93
N ILE A 516 -11.79 29.43 -25.24
CA ILE A 516 -11.92 29.51 -23.78
C ILE A 516 -10.57 29.81 -23.11
N GLN A 517 -9.53 29.05 -23.48
CA GLN A 517 -8.18 29.32 -22.96
C GLN A 517 -7.54 30.53 -23.64
N ALA A 518 -7.67 30.61 -24.96
CA ALA A 518 -6.94 31.63 -25.75
C ALA A 518 -7.32 33.05 -25.31
N THR A 519 -8.60 33.24 -24.96
CA THR A 519 -9.11 34.53 -24.53
C THR A 519 -8.40 35.07 -23.29
N LEU A 520 -7.84 34.19 -22.48
CA LEU A 520 -7.11 34.61 -21.29
C LEU A 520 -5.61 34.80 -21.52
N GLY A 521 -5.17 34.76 -22.77
CA GLY A 521 -3.75 34.94 -23.10
C GLY A 521 -3.31 36.40 -23.22
N VAL A 522 -3.44 37.17 -22.15
CA VAL A 522 -3.01 38.56 -22.11
C VAL A 522 -2.25 38.81 -20.83
N LEU A 523 -1.04 38.28 -20.75
CA LEU A 523 -0.28 38.30 -19.51
C LEU A 523 0.07 39.71 -19.11
N HIS A 524 0.29 40.56 -20.10
CA HIS A 524 0.89 41.85 -19.89
C HIS A 524 -0.10 42.92 -19.46
N ASP A 525 -1.39 42.64 -19.60
CA ASP A 525 -2.40 43.62 -19.21
C ASP A 525 -3.68 42.97 -18.68
N ILE A 526 -3.54 42.29 -17.55
CA ILE A 526 -4.68 41.59 -16.96
C ILE A 526 -5.77 42.57 -16.53
N PRO A 527 -5.39 43.68 -15.87
CA PRO A 527 -6.37 44.72 -15.55
C PRO A 527 -7.17 45.19 -16.77
N GLY A 528 -6.50 45.42 -17.88
CA GLY A 528 -7.19 45.81 -19.10
C GLY A 528 -8.09 44.73 -19.66
N LEU A 529 -7.63 43.48 -19.61
CA LEU A 529 -8.46 42.36 -20.03
C LEU A 529 -9.74 42.33 -19.21
N ILE A 530 -9.60 42.59 -17.91
CA ILE A 530 -10.76 42.61 -17.03
C ILE A 530 -11.75 43.70 -17.47
N GLN A 531 -11.26 44.92 -17.69
CA GLN A 531 -12.12 46.02 -18.15
C GLN A 531 -12.76 45.63 -19.46
N LEU A 532 -11.94 45.14 -20.38
CA LEU A 532 -12.43 44.68 -21.67
C LEU A 532 -13.56 43.65 -21.59
N MET A 533 -13.52 42.76 -20.60
CA MET A 533 -14.56 41.73 -20.51
C MET A 533 -15.84 42.27 -19.86
N GLY A 534 -15.79 43.49 -19.34
CA GLY A 534 -16.94 44.08 -18.71
C GLY A 534 -16.78 44.28 -17.22
N GLY A 535 -15.57 44.13 -16.71
CA GLY A 535 -15.31 44.40 -15.30
C GLY A 535 -15.09 43.15 -14.46
N LYS A 536 -14.72 43.39 -13.22
CA LYS A 536 -14.26 42.35 -12.30
C LYS A 536 -15.23 41.20 -12.13
N GLU A 537 -16.52 41.52 -12.04
CA GLU A 537 -17.54 40.50 -11.82
C GLU A 537 -17.71 39.59 -13.03
N THR A 538 -17.79 40.16 -14.22
CA THR A 538 -17.94 39.38 -15.44
C THR A 538 -16.72 38.49 -15.68
N PHE A 539 -15.55 39.05 -15.39
CA PHE A 539 -14.28 38.32 -15.48
C PHE A 539 -14.28 37.13 -14.52
N SER A 540 -14.70 37.41 -13.30
CA SER A 540 -14.82 36.38 -12.28
C SER A 540 -15.70 35.24 -12.79
N ASN A 541 -16.85 35.57 -13.36
CA ASN A 541 -17.77 34.55 -13.86
C ASN A 541 -17.19 33.78 -15.04
N TYR A 542 -16.42 34.48 -15.87
CA TYR A 542 -15.72 33.80 -16.97
C TYR A 542 -14.81 32.69 -16.41
N LEU A 543 -14.04 33.03 -15.37
CA LEU A 543 -13.10 32.09 -14.80
C LEU A 543 -13.83 30.89 -14.20
N LEU A 544 -14.90 31.17 -13.45
CA LEU A 544 -15.69 30.13 -12.83
C LEU A 544 -16.26 29.17 -13.83
N LYS A 545 -16.77 29.71 -14.94
CA LYS A 545 -17.36 28.89 -15.96
C LYS A 545 -16.33 27.98 -16.60
N ALA A 546 -15.13 28.51 -16.81
CA ALA A 546 -14.03 27.69 -17.36
C ALA A 546 -13.69 26.53 -16.44
N CYS A 547 -13.64 26.80 -15.15
CA CYS A 547 -13.38 25.77 -14.15
C CYS A 547 -14.52 24.77 -13.99
N GLN A 548 -15.77 25.22 -14.19
CA GLN A 548 -16.95 24.37 -13.96
C GLN A 548 -17.38 23.56 -15.18
N ASP A 549 -17.02 24.00 -16.38
CA ASP A 549 -17.39 23.28 -17.60
C ASP A 549 -16.80 21.90 -17.65
N ALA A 550 -17.48 21.01 -18.35
CA ALA A 550 -16.90 19.76 -18.76
C ALA A 550 -15.80 20.04 -19.76
N PRO A 551 -14.80 19.15 -19.83
CA PRO A 551 -13.70 19.36 -20.76
C PRO A 551 -14.07 18.97 -22.20
N LEU A 552 -15.13 19.58 -22.70
CA LEU A 552 -15.56 19.34 -24.08
C LEU A 552 -14.59 20.02 -25.02
N PHE A 553 -14.39 19.41 -26.18
CA PHE A 553 -13.57 19.97 -27.26
C PHE A 553 -14.18 19.57 -28.60
N GLU A 554 -13.94 20.35 -29.65
CA GLU A 554 -14.35 19.97 -31.01
C GLU A 554 -13.14 20.00 -31.91
N THR A 555 -13.03 18.99 -32.78
CA THR A 555 -11.86 18.81 -33.62
C THR A 555 -11.87 19.63 -34.93
N THR A 556 -12.84 20.54 -35.03
CA THR A 556 -13.14 21.29 -36.26
C THR A 556 -11.88 21.87 -36.92
N GLY A 557 -11.07 22.56 -36.14
CA GLY A 557 -9.88 23.20 -36.66
C GLY A 557 -8.78 22.26 -37.15
N TYR A 558 -8.86 20.97 -36.82
CA TYR A 558 -7.83 19.99 -37.20
C TYR A 558 -8.35 18.88 -38.08
N GLY A 559 -9.60 18.44 -37.85
CA GLY A 559 -10.14 17.24 -38.49
C GLY A 559 -9.75 15.91 -37.84
N TYR A 560 -9.11 15.97 -36.68
CA TYR A 560 -8.76 14.78 -35.91
C TYR A 560 -8.42 15.20 -34.48
N GLU A 561 -8.30 14.22 -33.59
CA GLU A 561 -7.99 14.54 -32.19
C GLU A 561 -6.48 14.53 -32.01
N ILE A 562 -6.00 15.53 -31.28
CA ILE A 562 -4.59 15.61 -30.93
C ILE A 562 -4.42 15.41 -29.42
N HIS A 563 -3.21 15.05 -29.01
CA HIS A 563 -3.00 14.63 -27.63
C HIS A 563 -3.39 15.69 -26.61
N GLU A 564 -3.19 16.98 -26.94
CA GLU A 564 -3.57 18.04 -26.01
C GLU A 564 -5.06 18.05 -25.71
N MET A 565 -5.86 17.69 -26.70
CA MET A 565 -7.30 17.59 -26.46
C MET A 565 -7.56 16.40 -25.50
N SER A 566 -6.95 15.26 -25.82
CA SER A 566 -7.15 14.05 -25.07
C SER A 566 -6.76 14.22 -23.60
N GLU A 567 -5.68 14.95 -23.36
CA GLU A 567 -5.17 15.16 -22.02
C GLU A 567 -6.12 16.00 -21.18
N MET A 568 -6.69 17.03 -21.79
CA MET A 568 -7.69 17.83 -21.09
C MET A 568 -8.94 16.97 -20.82
N ALA A 569 -9.38 16.24 -21.84
CA ALA A 569 -10.67 15.57 -21.83
C ALA A 569 -10.72 14.41 -20.87
N THR A 570 -9.58 13.75 -20.67
CA THR A 570 -9.47 12.64 -19.73
C THR A 570 -9.18 13.10 -18.31
N ALA A 571 -9.01 14.39 -18.08
CA ALA A 571 -8.67 14.91 -16.76
C ALA A 571 -9.87 15.59 -16.11
N PRO A 572 -9.86 15.72 -14.77
CA PRO A 572 -11.00 16.26 -14.04
C PRO A 572 -10.80 17.72 -13.62
N PHE A 573 -10.39 18.55 -14.57
CA PHE A 573 -10.08 19.95 -14.26
C PHE A 573 -10.81 20.93 -15.17
N GLY A 574 -11.96 20.54 -15.69
CA GLY A 574 -12.73 21.39 -16.59
C GLY A 574 -11.89 21.85 -17.77
N GLN A 575 -11.95 23.15 -18.06
CA GLN A 575 -11.23 23.69 -19.22
C GLN A 575 -9.85 24.20 -18.81
N ILE A 576 -9.44 23.91 -17.58
CA ILE A 576 -8.11 24.29 -17.14
C ILE A 576 -7.13 23.23 -17.63
N ALA A 577 -6.66 23.42 -18.87
CA ALA A 577 -5.88 22.40 -19.53
C ALA A 577 -4.41 22.48 -19.14
N ILE A 578 -4.14 22.11 -17.89
CA ILE A 578 -2.81 22.16 -17.28
C ILE A 578 -1.76 21.36 -18.06
N SER A 579 -2.21 20.45 -18.91
CA SER A 579 -1.37 19.73 -19.87
C SER A 579 -0.63 20.62 -20.89
N ASN A 580 -1.02 21.88 -21.02
CA ASN A 580 -0.43 22.74 -22.01
C ASN A 580 -0.30 24.18 -21.54
N GLN A 581 0.71 24.87 -22.07
CA GLN A 581 1.12 26.18 -21.60
C GLN A 581 0.00 27.23 -21.49
N PRO A 582 -0.96 27.24 -22.42
CA PRO A 582 -1.97 28.32 -22.39
C PRO A 582 -2.80 28.38 -21.11
N SER A 583 -2.85 27.29 -20.35
CA SER A 583 -3.62 27.29 -19.09
C SER A 583 -2.79 27.47 -17.82
N PHE A 584 -1.46 27.49 -17.95
CA PHE A 584 -0.57 27.55 -16.80
C PHE A 584 -0.93 28.65 -15.82
N HIS A 585 -1.27 29.83 -16.34
CA HIS A 585 -1.44 31.02 -15.47
C HIS A 585 -2.90 31.21 -15.05
N ILE A 586 -3.80 30.40 -15.58
CA ILE A 586 -5.23 30.65 -15.37
C ILE A 586 -5.67 30.62 -13.90
N PRO A 587 -5.14 29.66 -13.11
CA PRO A 587 -5.54 29.62 -11.71
C PRO A 587 -5.18 30.89 -10.96
N TYR A 588 -4.07 31.49 -11.36
CA TYR A 588 -3.60 32.71 -10.70
C TYR A 588 -4.44 33.95 -11.07
N LEU A 589 -5.21 33.86 -12.15
CA LEU A 589 -6.09 34.96 -12.51
C LEU A 589 -7.18 35.23 -11.48
N PHE A 590 -7.53 34.23 -10.68
CA PHE A 590 -8.48 34.46 -9.59
C PHE A 590 -7.96 35.50 -8.62
N ARG A 591 -6.65 35.67 -8.57
CA ARG A 591 -6.06 36.70 -7.71
C ARG A 591 -6.49 38.13 -8.09
N TYR A 592 -7.02 38.28 -9.31
CA TYR A 592 -7.46 39.57 -9.80
C TYR A 592 -9.01 39.65 -9.80
N SER A 593 -9.66 38.63 -9.25
CA SER A 593 -11.10 38.41 -9.39
C SER A 593 -11.80 38.75 -8.08
N ASP A 594 -13.11 38.56 -8.05
CA ASP A 594 -13.86 38.64 -6.79
C ASP A 594 -13.56 37.52 -5.81
N TYR A 595 -12.80 36.50 -6.23
CA TYR A 595 -12.54 35.32 -5.40
C TYR A 595 -11.07 34.97 -5.37
N PRO A 596 -10.26 35.82 -4.74
CA PRO A 596 -8.83 35.60 -4.73
C PRO A 596 -8.37 34.33 -3.98
N ASP A 597 -9.21 33.79 -3.11
CA ASP A 597 -8.88 32.57 -2.39
C ASP A 597 -8.97 31.33 -3.29
N TYR A 598 -9.60 31.41 -4.44
CA TYR A 598 -9.78 30.21 -5.28
C TYR A 598 -8.50 29.73 -5.93
N THR A 599 -7.54 30.62 -6.12
CA THR A 599 -6.24 30.25 -6.69
C THR A 599 -5.59 29.11 -5.89
N ALA A 600 -5.53 29.29 -4.58
CA ALA A 600 -4.93 28.28 -3.71
C ALA A 600 -5.55 26.89 -3.87
N LEU A 601 -6.88 26.81 -3.90
CA LEU A 601 -7.55 25.52 -4.01
C LEU A 601 -7.26 24.88 -5.35
N LEU A 602 -7.28 25.68 -6.40
CA LEU A 602 -7.01 25.16 -7.74
C LEU A 602 -5.58 24.61 -7.82
N ILE A 603 -4.63 25.34 -7.26
CA ILE A 603 -3.24 24.93 -7.32
C ILE A 603 -2.96 23.70 -6.46
N LYS A 604 -3.45 23.70 -5.22
CA LYS A 604 -3.26 22.57 -4.32
C LYS A 604 -3.81 21.30 -4.94
N THR A 605 -4.99 21.37 -5.52
CA THR A 605 -5.62 20.19 -6.10
C THR A 605 -4.99 19.76 -7.42
N LEU A 606 -4.70 20.72 -8.29
CA LEU A 606 -3.97 20.39 -9.53
C LEU A 606 -2.67 19.67 -9.20
N ARG A 607 -1.94 20.21 -8.26
CA ARG A 607 -0.65 19.66 -7.88
C ARG A 607 -0.75 18.24 -7.35
N GLN A 608 -1.77 17.99 -6.55
CA GLN A 608 -2.02 16.69 -6.00
C GLN A 608 -2.54 15.70 -7.06
N LYS A 609 -3.43 16.14 -7.95
CA LYS A 609 -4.10 15.20 -8.87
C LYS A 609 -3.45 15.02 -10.22
N ALA A 610 -2.77 16.06 -10.72
CA ALA A 610 -2.25 16.06 -12.09
C ALA A 610 -0.82 15.52 -12.25
N PHE A 611 -0.09 15.40 -11.15
CA PHE A 611 1.32 15.03 -11.19
C PHE A 611 1.49 13.82 -10.29
N HIS A 612 2.26 12.83 -10.74
CA HIS A 612 2.44 11.57 -10.01
C HIS A 612 3.92 11.16 -10.01
N PRO A 613 4.44 10.72 -8.86
CA PRO A 613 5.83 10.31 -8.80
C PRO A 613 6.01 8.93 -9.40
N SER A 614 5.88 8.83 -10.71
CA SER A 614 5.95 7.56 -11.41
C SER A 614 6.30 7.83 -12.84
N TRP A 615 6.43 6.78 -13.63
CA TRP A 615 6.83 6.95 -15.00
C TRP A 615 5.74 7.67 -15.79
N GLU A 616 4.51 7.51 -15.37
CA GLU A 616 3.39 8.25 -15.95
C GLU A 616 3.24 9.56 -15.15
N ALA A 617 4.18 10.47 -15.32
CA ALA A 617 4.42 11.54 -14.35
C ALA A 617 3.60 12.80 -14.55
N TYR A 618 3.54 13.30 -15.77
CA TYR A 618 3.04 14.64 -16.01
C TYR A 618 1.66 14.62 -16.67
N PRO A 619 0.92 15.70 -16.56
CA PRO A 619 -0.39 15.82 -17.25
C PRO A 619 -0.31 16.08 -18.75
N GLY A 620 0.89 16.42 -19.23
CA GLY A 620 1.12 16.76 -20.64
C GLY A 620 2.62 16.92 -20.89
N ASP A 621 2.97 17.45 -22.07
CA ASP A 621 4.37 17.71 -22.44
C ASP A 621 5.10 18.60 -21.41
N GLU A 622 6.25 18.12 -20.95
CA GLU A 622 7.07 18.83 -19.98
C GLU A 622 7.74 20.06 -20.61
N ASP A 623 8.07 19.93 -21.89
CA ASP A 623 8.52 21.07 -22.71
C ASP A 623 9.77 21.76 -22.14
N ASN A 624 10.84 20.99 -21.98
CA ASN A 624 12.17 21.52 -21.72
C ASN A 624 12.27 22.43 -20.50
N GLY A 625 11.65 21.99 -19.41
CA GLY A 625 11.72 22.68 -18.13
C GLY A 625 10.50 23.53 -17.86
N SER A 626 9.65 23.70 -18.85
CA SER A 626 8.50 24.59 -18.73
C SER A 626 7.50 24.13 -17.65
N LEU A 627 7.06 22.88 -17.76
CA LEU A 627 6.07 22.35 -16.81
C LEU A 627 6.68 22.00 -15.45
N SER A 628 7.92 21.52 -15.41
CA SER A 628 8.57 21.30 -14.14
C SER A 628 8.74 22.60 -13.38
N ALA A 629 9.07 23.66 -14.10
CA ALA A 629 9.23 24.95 -13.45
C ALA A 629 7.88 25.42 -12.91
N TRP A 630 6.82 25.18 -13.66
CA TRP A 630 5.47 25.48 -13.16
C TRP A 630 5.26 24.82 -11.77
N TYR A 631 5.66 23.55 -11.68
CA TYR A 631 5.42 22.78 -10.46
C TYR A 631 6.23 23.34 -9.32
N ILE A 632 7.46 23.69 -9.63
CA ILE A 632 8.37 24.22 -8.61
C ILE A 632 7.89 25.54 -8.05
N TRP A 633 7.49 26.44 -8.94
CA TRP A 633 6.87 27.70 -8.51
C TRP A 633 5.65 27.43 -7.62
N SER A 634 4.85 26.43 -7.99
CA SER A 634 3.69 26.08 -7.16
C SER A 634 4.17 25.77 -5.73
N ALA A 635 5.27 25.01 -5.64
CA ALA A 635 5.79 24.59 -4.35
C ALA A 635 6.35 25.74 -3.52
N LEU A 636 6.91 26.75 -4.19
CA LEU A 636 7.43 27.93 -3.50
C LEU A 636 6.32 28.82 -2.97
N GLY A 637 5.17 28.78 -3.63
CA GLY A 637 4.00 29.53 -3.18
C GLY A 637 3.72 30.79 -3.97
N PHE A 638 4.57 31.09 -4.95
CA PHE A 638 4.36 32.28 -5.80
C PHE A 638 4.78 32.04 -7.24
N TYR A 639 4.36 32.94 -8.13
CA TYR A 639 4.41 32.68 -9.56
C TYR A 639 4.61 33.94 -10.40
N PRO A 640 5.53 33.88 -11.39
CA PRO A 640 5.81 35.03 -12.27
C PRO A 640 4.76 35.17 -13.36
N THR A 641 3.54 35.51 -12.97
CA THR A 641 2.42 35.56 -13.89
C THR A 641 2.76 36.31 -15.20
N CYS A 642 3.36 37.49 -15.08
CA CYS A 642 3.77 38.24 -16.27
C CYS A 642 5.26 38.52 -16.27
N PRO A 643 6.02 37.67 -16.95
CA PRO A 643 7.43 38.00 -17.09
C PRO A 643 7.55 39.37 -17.76
N GLY A 644 8.46 40.21 -17.24
CA GLY A 644 8.60 41.57 -17.72
C GLY A 644 8.00 42.57 -16.75
N LYS A 645 7.12 42.11 -15.87
CA LYS A 645 6.71 42.87 -14.68
C LYS A 645 7.34 42.26 -13.45
N PRO A 646 7.98 43.09 -12.60
CA PRO A 646 8.79 42.61 -11.48
C PRO A 646 7.94 42.22 -10.26
N SER A 647 7.07 41.25 -10.49
CA SER A 647 5.99 40.97 -9.57
C SER A 647 5.58 39.49 -9.63
N TYR A 648 5.13 38.95 -8.50
CA TYR A 648 4.69 37.54 -8.43
C TYR A 648 3.33 37.41 -7.76
N ASP A 649 2.43 36.63 -8.35
CA ASP A 649 1.17 36.31 -7.69
C ASP A 649 1.33 35.19 -6.68
N LEU A 650 0.44 35.13 -5.69
CA LEU A 650 0.50 34.11 -4.64
C LEU A 650 -0.34 32.90 -4.99
N GLY A 651 0.20 31.74 -4.68
CA GLY A 651 -0.55 30.48 -4.81
C GLY A 651 -0.65 29.86 -3.44
N ILE A 652 -0.02 28.71 -3.27
CA ILE A 652 -0.04 27.99 -2.00
C ILE A 652 1.11 26.96 -1.99
N PRO A 653 2.03 27.10 -1.04
CA PRO A 653 3.20 26.26 -1.06
C PRO A 653 2.91 24.83 -0.64
N LEU A 654 3.92 23.97 -0.78
CA LEU A 654 3.78 22.53 -0.65
C LEU A 654 4.30 22.01 0.68
N PHE A 655 5.50 22.44 1.08
CA PHE A 655 6.19 21.88 2.20
C PHE A 655 6.03 22.71 3.46
N ASP A 656 6.18 22.08 4.62
CA ASP A 656 6.22 22.83 5.87
C ASP A 656 7.31 23.90 5.89
N HIS A 657 8.51 23.53 5.44
CA HIS A 657 9.66 24.42 5.49
C HIS A 657 10.64 24.10 4.35
N LEU A 658 10.78 25.05 3.44
CA LEU A 658 11.65 24.93 2.28
C LEU A 658 12.50 26.19 2.19
N ARG A 659 13.80 26.05 1.90
CA ARG A 659 14.67 27.20 1.64
C ARG A 659 15.03 27.25 0.17
N VAL A 660 15.09 28.46 -0.37
CA VAL A 660 15.54 28.70 -1.73
C VAL A 660 16.61 29.78 -1.74
N TYR A 661 17.68 29.50 -2.47
CA TYR A 661 18.82 30.38 -2.51
C TYR A 661 18.58 31.50 -3.51
N LEU A 662 18.40 32.72 -3.01
CA LEU A 662 18.27 33.90 -3.84
C LEU A 662 19.69 34.36 -4.21
N ALA A 663 20.19 33.84 -5.33
CA ALA A 663 21.63 33.91 -5.63
C ALA A 663 22.12 35.35 -5.83
N LYS A 664 21.28 36.19 -6.38
CA LYS A 664 21.62 37.58 -6.57
C LYS A 664 21.98 38.31 -5.25
N GLU A 665 21.36 37.91 -4.14
CA GLU A 665 21.66 38.46 -2.81
C GLU A 665 22.57 37.55 -2.00
N ASP A 666 23.03 36.46 -2.59
CA ASP A 666 23.79 35.47 -1.86
C ASP A 666 23.18 35.14 -0.49
N LYS A 667 21.88 34.89 -0.44
CA LYS A 667 21.25 34.46 0.81
C LYS A 667 20.06 33.56 0.59
N TRP A 668 19.69 32.86 1.65
CA TRP A 668 18.56 31.96 1.65
C TRP A 668 17.25 32.64 1.99
N LEU A 669 16.19 32.33 1.27
CA LEU A 669 14.84 32.67 1.68
C LEU A 669 14.20 31.45 2.35
N ASP A 670 13.71 31.62 3.58
CA ASP A 670 12.98 30.53 4.27
C ASP A 670 11.49 30.66 4.06
N ILE A 671 10.91 29.62 3.44
CA ILE A 671 9.49 29.58 3.14
C ILE A 671 8.82 28.58 4.08
N HIS A 672 7.90 29.09 4.90
CA HIS A 672 7.21 28.29 5.92
C HIS A 672 5.74 28.20 5.59
N THR A 673 5.18 27.02 5.80
CA THR A 673 3.74 26.80 5.66
C THR A 673 3.20 26.29 6.99
N LYS A 674 2.35 27.11 7.59
CA LYS A 674 1.73 26.78 8.87
C LYS A 674 0.34 26.22 8.65
N GLN A 675 -0.05 25.30 9.53
CA GLN A 675 -1.31 24.57 9.43
C GLN A 675 -1.38 23.90 8.07
N ASN A 676 -0.30 23.19 7.72
CA ASN A 676 -0.15 22.63 6.40
C ASN A 676 -0.85 21.28 6.24
N HIS A 677 -2.18 21.29 6.44
CA HIS A 677 -2.98 20.09 6.39
C HIS A 677 -3.46 19.88 4.96
N ASN A 678 -3.60 18.63 4.57
CA ASN A 678 -4.00 18.30 3.23
C ASN A 678 -5.41 18.73 2.87
N HIS A 679 -6.27 18.85 3.88
CA HIS A 679 -7.64 19.29 3.71
C HIS A 679 -7.79 20.82 3.88
N PHE A 680 -6.70 21.54 4.10
CA PHE A 680 -6.73 23.00 4.10
C PHE A 680 -6.28 23.50 2.72
N ASN A 681 -7.23 24.01 1.94
CA ASN A 681 -6.95 24.41 0.57
C ASN A 681 -6.81 25.91 0.36
N PHE A 682 -6.75 26.68 1.43
CA PHE A 682 -6.75 28.13 1.34
C PHE A 682 -5.67 28.74 2.20
N VAL A 683 -5.29 29.96 1.82
CA VAL A 683 -4.26 30.70 2.52
C VAL A 683 -4.98 31.73 3.34
N LYS A 684 -4.80 31.64 4.64
CA LYS A 684 -5.40 32.60 5.56
C LYS A 684 -4.62 33.90 5.49
N GLU A 685 -3.30 33.80 5.59
CA GLU A 685 -2.45 34.96 5.41
C GLU A 685 -1.05 34.60 4.96
N CYS A 686 -0.38 35.60 4.37
CA CYS A 686 0.97 35.46 3.86
C CYS A 686 1.76 36.65 4.30
N ARG A 687 2.88 36.40 4.97
CA ARG A 687 3.75 37.45 5.42
C ARG A 687 5.13 37.35 4.80
N LEU A 688 5.58 38.45 4.20
CA LEU A 688 6.94 38.60 3.72
C LEU A 688 7.69 39.32 4.85
N ASP A 689 8.61 38.61 5.49
CA ASP A 689 9.09 38.98 6.83
C ASP A 689 7.89 39.28 7.73
N LYS A 690 7.73 40.51 8.20
CA LYS A 690 6.60 40.86 9.08
C LYS A 690 5.40 41.38 8.30
N THR A 691 5.55 41.64 7.01
CA THR A 691 4.52 42.35 6.25
C THR A 691 3.52 41.42 5.55
N LEU A 692 2.26 41.68 5.82
CA LEU A 692 1.15 41.01 5.16
C LEU A 692 1.12 41.39 3.69
N VAL A 693 1.06 40.41 2.81
CA VAL A 693 1.08 40.66 1.37
C VAL A 693 0.02 39.85 0.66
N SER A 694 -0.49 40.40 -0.44
CA SER A 694 -1.31 39.62 -1.36
C SER A 694 -0.65 39.44 -2.75
N THR A 695 0.41 40.19 -3.02
CA THR A 695 1.24 40.07 -4.24
C THR A 695 2.65 40.39 -3.78
N ILE A 696 3.66 39.79 -4.43
CA ILE A 696 5.04 40.01 -4.01
C ILE A 696 5.80 40.77 -5.09
N GLN A 697 6.44 41.86 -4.70
CA GLN A 697 7.32 42.61 -5.60
C GLN A 697 8.73 42.06 -5.50
N HIS A 698 9.38 41.94 -6.66
CA HIS A 698 10.70 41.33 -6.77
C HIS A 698 11.71 41.97 -5.84
N GLN A 699 11.73 43.29 -5.81
CA GLN A 699 12.62 44.04 -4.91
C GLN A 699 12.41 43.66 -3.45
N ASP A 700 11.15 43.56 -3.03
CA ASP A 700 10.82 43.16 -1.66
C ASP A 700 11.24 41.72 -1.41
N LEU A 701 10.97 40.86 -2.38
CA LEU A 701 11.38 39.46 -2.28
C LEU A 701 12.86 39.36 -1.98
N LEU A 702 13.67 40.08 -2.73
CA LEU A 702 15.12 40.02 -2.58
C LEU A 702 15.61 40.60 -1.25
N LYS A 703 14.86 41.54 -0.68
CA LYS A 703 15.22 42.08 0.65
C LYS A 703 14.76 41.18 1.79
N ALA A 704 13.90 40.20 1.54
CA ALA A 704 13.28 39.41 2.61
C ALA A 704 14.14 38.25 3.14
N GLU A 705 13.86 37.83 4.37
CA GLU A 705 14.48 36.66 5.00
C GLU A 705 13.52 35.46 5.06
N GLN A 706 12.23 35.74 5.26
CA GLN A 706 11.22 34.74 5.55
C GLN A 706 9.97 35.01 4.74
N LEU A 707 9.33 33.93 4.31
CA LEU A 707 8.04 34.02 3.64
C LEU A 707 7.17 32.97 4.33
N THR A 708 6.10 33.43 4.97
CA THR A 708 5.30 32.56 5.84
C THR A 708 3.85 32.57 5.42
N PHE A 709 3.38 31.40 5.00
CA PHE A 709 1.98 31.20 4.66
C PHE A 709 1.32 30.49 5.83
N THR A 710 0.13 30.95 6.20
CA THR A 710 -0.71 30.22 7.13
C THR A 710 -1.96 29.78 6.38
N LEU A 711 -2.23 28.48 6.43
CA LEU A 711 -3.33 27.90 5.67
C LEU A 711 -4.63 27.91 6.48
N SER A 712 -5.75 27.74 5.80
CA SER A 712 -7.04 27.59 6.47
C SER A 712 -7.95 26.62 5.76
N TRP A 713 -8.92 26.13 6.55
CA TRP A 713 -9.91 25.15 6.11
C TRP A 713 -10.90 25.77 5.13
N LEU A 714 -11.27 27.01 5.40
CA LEU A 714 -12.22 27.72 4.56
C LEU A 714 -11.61 29.05 4.11
N PRO A 715 -12.16 29.63 3.03
CA PRO A 715 -11.70 30.95 2.61
C PRO A 715 -11.92 32.00 3.70
N SER A 716 -11.01 32.96 3.77
CA SER A 716 -11.05 34.01 4.79
C SER A 716 -11.12 35.42 4.19
N HIS A 717 -11.27 35.53 2.88
CA HIS A 717 -11.26 36.83 2.20
C HIS A 717 -12.48 36.95 1.29
N LYS B 25 17.77 13.10 4.42
CA LYS B 25 17.46 12.90 5.89
C LYS B 25 18.41 11.89 6.51
N PRO B 26 19.17 12.30 7.53
CA PRO B 26 20.12 11.34 8.10
C PRO B 26 19.44 10.15 8.78
N LEU B 27 20.14 9.03 8.79
CA LEU B 27 19.64 7.80 9.38
C LEU B 27 19.04 7.99 10.76
N LEU B 28 19.74 8.73 11.62
CA LEU B 28 19.33 8.86 13.01
C LEU B 28 17.92 9.43 13.12
N GLU B 29 17.58 10.34 12.22
CA GLU B 29 16.24 10.96 12.24
C GLU B 29 15.15 10.07 11.71
N THR B 30 15.52 8.98 11.01
CA THR B 30 14.52 8.04 10.52
C THR B 30 14.22 6.96 11.54
N ILE B 31 14.97 6.88 12.64
CA ILE B 31 14.73 5.85 13.64
C ILE B 31 13.63 6.30 14.60
N ASP B 32 12.61 5.47 14.77
CA ASP B 32 11.48 5.76 15.66
C ASP B 32 11.65 4.92 16.90
N THR B 33 11.83 5.56 18.05
CA THR B 33 12.11 4.84 19.29
C THR B 33 10.91 4.08 19.83
N ARG B 34 9.74 4.28 19.22
CA ARG B 34 8.51 3.58 19.63
C ARG B 34 8.39 2.15 19.10
N PHE B 35 9.29 1.71 18.23
CA PHE B 35 9.25 0.28 17.82
C PHE B 35 9.41 -0.57 19.08
N GLY B 36 8.49 -1.50 19.27
CA GLY B 36 8.52 -2.46 20.36
C GLY B 36 7.79 -2.00 21.61
N THR B 37 7.25 -0.79 21.59
CA THR B 37 6.70 -0.18 22.81
C THR B 37 5.21 -0.41 23.10
N THR B 38 4.51 -1.18 22.25
N THR B 38 4.51 -1.18 22.25
CA THR B 38 3.11 -1.58 22.49
CA THR B 38 3.12 -1.57 22.51
C THR B 38 3.09 -2.94 23.18
C THR B 38 3.10 -2.94 23.18
N ASN B 39 2.78 -2.95 24.47
CA ASN B 39 2.83 -4.18 25.22
C ASN B 39 1.80 -4.20 26.31
N LYS B 40 1.49 -5.40 26.79
CA LYS B 40 0.88 -5.56 28.08
C LYS B 40 1.53 -6.71 28.78
N HIS B 41 1.26 -6.81 30.07
CA HIS B 41 1.81 -7.88 30.90
C HIS B 41 1.63 -9.26 30.25
N ALA B 42 0.48 -9.47 29.61
CA ALA B 42 0.16 -10.75 29.00
C ALA B 42 0.71 -10.99 27.59
N PHE B 43 1.24 -9.95 26.95
CA PHE B 43 1.70 -10.10 25.57
C PHE B 43 2.70 -9.03 25.18
N SER B 44 3.88 -9.48 24.74
CA SER B 44 4.98 -8.60 24.41
C SER B 44 5.16 -8.47 22.90
N ARG B 45 5.38 -7.25 22.45
CA ARG B 45 5.91 -6.98 21.11
C ARG B 45 7.32 -6.38 21.17
N GLY B 46 8.06 -6.71 22.24
CA GLY B 46 9.38 -6.16 22.47
C GLY B 46 9.61 -5.72 23.92
N ASN B 47 8.55 -5.28 24.58
CA ASN B 47 8.64 -4.71 25.92
C ASN B 47 9.79 -3.70 26.02
N THR B 48 9.88 -2.84 25.03
CA THR B 48 10.88 -1.78 25.00
C THR B 48 10.23 -0.50 25.42
N LEU B 49 11.05 0.53 25.61
CA LEU B 49 10.54 1.89 25.89
C LEU B 49 11.13 2.77 24.82
N PRO B 50 10.52 3.94 24.58
CA PRO B 50 11.05 4.85 23.58
C PRO B 50 12.19 5.70 24.16
N TYR B 51 13.32 5.05 24.41
CA TYR B 51 14.41 5.68 25.14
C TYR B 51 15.07 6.76 24.29
N THR B 52 15.07 7.99 24.80
CA THR B 52 15.90 9.05 24.29
C THR B 52 17.12 9.15 25.20
N GLY B 53 18.30 9.09 24.60
CA GLY B 53 19.56 9.04 25.33
C GLY B 53 20.75 9.02 24.38
N VAL B 54 21.95 9.21 24.93
CA VAL B 54 23.16 8.89 24.20
C VAL B 54 23.46 7.42 24.39
N PRO B 55 24.25 6.83 23.50
CA PRO B 55 24.53 5.41 23.67
C PRO B 55 25.10 5.11 25.05
N PHE B 56 24.60 4.05 25.69
CA PHE B 56 25.00 3.64 27.01
C PHE B 56 24.93 4.76 28.07
N GLY B 57 24.03 5.73 27.87
CA GLY B 57 23.88 6.86 28.77
C GLY B 57 23.51 6.42 30.17
N MET B 58 23.77 7.29 31.15
CA MET B 58 23.49 6.95 32.53
C MET B 58 21.99 7.10 32.82
N ASN B 59 21.34 8.08 32.19
CA ASN B 59 19.88 8.28 32.29
C ASN B 59 19.29 8.25 30.89
N TYR B 60 18.06 7.73 30.77
CA TYR B 60 17.30 7.83 29.53
C TYR B 60 16.02 8.60 29.83
N PHE B 61 15.37 9.05 28.76
CA PHE B 61 14.23 9.93 28.85
C PHE B 61 13.09 9.42 27.98
N VAL B 62 11.91 9.28 28.59
CA VAL B 62 10.73 8.76 27.91
C VAL B 62 9.48 9.48 28.42
N PRO B 63 8.50 9.74 27.54
CA PRO B 63 7.24 10.25 28.04
C PRO B 63 6.52 9.23 28.92
N GLN B 64 5.76 9.72 29.90
CA GLN B 64 4.96 8.85 30.72
C GLN B 64 3.51 9.03 30.32
N THR B 65 2.87 7.92 29.99
CA THR B 65 1.46 7.91 29.61
C THR B 65 0.57 7.73 30.81
N SER B 66 0.99 6.88 31.74
CA SER B 66 0.15 6.54 32.87
C SER B 66 0.98 6.12 34.07
N ASP B 67 0.51 6.35 35.30
CA ASP B 67 1.12 5.71 36.47
C ASP B 67 0.20 4.69 37.16
N GLN B 68 -0.81 4.21 36.45
CA GLN B 68 -1.72 3.22 37.00
C GLN B 68 -1.48 1.84 36.43
N ASP B 69 -0.48 1.68 35.56
CA ASP B 69 -0.26 0.41 34.88
C ASP B 69 1.07 -0.24 35.26
N GLY B 70 1.54 0.04 36.47
CA GLY B 70 2.84 -0.48 36.93
C GLY B 70 3.95 -0.09 35.99
N SER B 71 4.77 -1.06 35.62
CA SER B 71 5.91 -0.83 34.72
C SER B 71 5.53 -0.53 33.27
N TRP B 72 4.29 -0.78 32.88
CA TRP B 72 3.83 -0.52 31.50
C TRP B 72 3.30 0.90 31.42
N PHE B 73 4.18 1.87 31.63
CA PHE B 73 3.79 3.25 31.83
C PHE B 73 3.79 4.09 30.56
N PHE B 74 4.14 3.48 29.43
CA PHE B 74 4.09 4.17 28.16
C PHE B 74 3.28 3.39 27.15
N ASP B 75 2.42 4.09 26.42
CA ASP B 75 1.62 3.53 25.33
C ASP B 75 1.72 4.48 24.14
N PRO B 76 2.33 4.04 23.03
CA PRO B 76 2.53 4.96 21.91
C PRO B 76 1.23 5.35 21.17
N HIS B 77 0.18 4.55 21.32
CA HIS B 77 -1.10 4.81 20.66
C HIS B 77 -1.98 5.83 21.40
N LEU B 78 -1.72 6.08 22.68
CA LEU B 78 -2.60 6.98 23.46
C LEU B 78 -2.04 8.39 23.47
N PRO B 79 -2.80 9.37 22.96
CA PRO B 79 -2.25 10.72 22.84
C PRO B 79 -2.36 11.50 24.14
N ILE B 80 -1.87 10.91 25.22
CA ILE B 80 -1.93 11.48 26.54
C ILE B 80 -0.56 11.41 27.14
N PHE B 81 -0.13 12.45 27.81
CA PHE B 81 1.08 12.28 28.60
C PHE B 81 1.09 13.11 29.87
N GLN B 82 1.87 12.60 30.82
CA GLN B 82 1.87 13.10 32.18
C GLN B 82 3.17 13.83 32.51
N GLY B 83 4.08 13.89 31.55
CA GLY B 83 5.37 14.52 31.72
C GLY B 83 6.46 13.66 31.11
N ILE B 84 7.69 14.14 31.20
CA ILE B 84 8.83 13.37 30.74
C ILE B 84 9.50 12.70 31.92
N ARG B 85 9.71 11.40 31.78
CA ARG B 85 10.30 10.65 32.84
C ARG B 85 11.75 10.39 32.55
N LEU B 86 12.60 10.85 33.46
CA LEU B 86 13.99 10.45 33.52
C LEU B 86 13.96 9.07 34.15
N THR B 87 14.38 8.04 33.39
CA THR B 87 14.17 6.66 33.77
C THR B 87 15.46 5.88 33.81
N HIS B 88 15.47 4.80 34.60
CA HIS B 88 16.50 3.80 34.52
C HIS B 88 15.90 2.41 34.33
N GLN B 89 14.67 2.36 33.83
CA GLN B 89 13.99 1.09 33.65
C GLN B 89 14.52 0.36 32.43
N PRO B 90 15.02 -0.87 32.61
CA PRO B 90 15.57 -1.65 31.52
C PRO B 90 14.60 -2.70 30.95
N SER B 91 13.50 -2.93 31.66
CA SER B 91 12.48 -3.89 31.30
C SER B 91 11.35 -3.73 32.32
N PRO B 92 10.13 -4.13 31.93
CA PRO B 92 9.01 -3.96 32.85
C PRO B 92 9.04 -4.98 33.98
N TRP B 93 9.79 -6.06 33.81
CA TRP B 93 9.94 -7.09 34.84
C TRP B 93 10.85 -6.60 35.95
N ILE B 94 11.85 -5.81 35.60
CA ILE B 94 12.77 -5.23 36.54
C ILE B 94 12.16 -3.97 37.14
N GLY B 95 11.46 -3.19 36.34
CA GLY B 95 10.88 -1.94 36.83
C GLY B 95 11.92 -0.83 36.82
N ASP B 96 11.58 0.27 37.47
CA ASP B 96 12.35 1.50 37.38
C ASP B 96 12.98 1.81 38.75
N TYR B 97 13.96 2.72 38.76
CA TYR B 97 14.57 3.22 39.98
C TYR B 97 15.21 4.58 39.73
N SER B 98 15.32 5.38 40.78
CA SER B 98 15.98 6.69 40.72
C SER B 98 15.40 7.48 39.56
N TRP B 99 14.08 7.46 39.45
CA TRP B 99 13.41 8.08 38.34
C TRP B 99 12.69 9.33 38.78
N LEU B 100 12.52 10.24 37.83
CA LEU B 100 12.00 11.56 38.10
C LEU B 100 11.12 12.00 36.95
N LEU B 101 9.91 12.42 37.27
CA LEU B 101 8.98 12.88 36.27
C LEU B 101 8.93 14.39 36.30
N LEU B 102 9.15 15.00 35.13
CA LEU B 102 9.13 16.45 34.97
C LEU B 102 7.95 16.84 34.11
N THR B 103 7.09 17.70 34.60
CA THR B 103 5.81 18.01 33.93
C THR B 103 5.66 19.52 33.74
N PRO B 104 5.84 20.00 32.51
CA PRO B 104 5.61 21.42 32.25
C PRO B 104 4.12 21.72 32.18
N VAL B 105 3.70 22.79 32.84
CA VAL B 105 2.32 23.23 32.82
C VAL B 105 2.30 24.75 32.75
N THR B 106 1.14 25.32 32.45
CA THR B 106 0.95 26.76 32.60
C THR B 106 0.79 27.03 34.08
N SER B 107 1.35 28.14 34.53
CA SER B 107 1.19 28.54 35.91
C SER B 107 -0.30 28.72 36.26
N GLN B 108 -1.07 29.30 35.35
CA GLN B 108 -2.52 29.39 35.55
C GLN B 108 -3.17 28.02 35.34
N LEU B 109 -4.41 27.88 35.82
CA LEU B 109 -5.15 26.61 35.70
C LEU B 109 -4.33 25.42 36.20
N GLY B 110 -4.29 24.33 35.44
CA GLY B 110 -3.64 23.10 35.89
C GLY B 110 -4.62 22.21 36.65
N GLY B 111 -4.11 21.46 37.61
CA GLY B 111 -4.93 20.50 38.36
C GLY B 111 -4.24 20.00 39.60
N ASP B 112 -4.92 19.16 40.38
CA ASP B 112 -4.55 18.91 41.78
C ASP B 112 -3.80 17.61 42.02
N SER B 113 -3.45 16.92 40.95
CA SER B 113 -2.60 15.74 41.03
C SER B 113 -1.93 15.55 39.69
N LEU B 114 -0.94 14.69 39.70
CA LEU B 114 -0.20 14.28 38.52
C LEU B 114 -1.18 13.77 37.45
N PHE B 115 -2.10 12.93 37.88
CA PHE B 115 -3.15 12.41 36.98
C PHE B 115 -4.02 13.55 36.44
N HIS B 116 -4.45 14.46 37.32
CA HIS B 116 -5.33 15.56 36.90
C HIS B 116 -4.58 16.66 36.21
N ARG B 117 -3.26 16.52 36.08
CA ARG B 117 -2.48 17.42 35.24
C ARG B 117 -2.14 16.82 33.86
N GLN B 118 -2.52 15.57 33.61
CA GLN B 118 -2.20 14.95 32.33
C GLN B 118 -2.82 15.71 31.17
N SER B 119 -2.14 15.69 30.03
CA SER B 119 -2.51 16.48 28.86
C SER B 119 -2.55 15.59 27.63
N SER B 120 -3.44 15.92 26.70
CA SER B 120 -3.34 15.35 25.37
C SER B 120 -2.12 15.95 24.67
N TYR B 121 -1.61 15.21 23.69
CA TYR B 121 -0.56 15.71 22.83
C TYR B 121 -0.78 15.25 21.43
N ASP B 122 -0.08 15.91 20.53
CA ASP B 122 -0.21 15.67 19.11
C ASP B 122 0.77 14.59 18.63
N ILE B 123 0.28 13.37 18.52
CA ILE B 123 1.14 12.24 18.19
C ILE B 123 1.81 12.40 16.86
N ASP B 124 1.10 12.92 15.88
CA ASP B 124 1.67 13.01 14.54
C ASP B 124 2.80 14.01 14.45
N LYS B 125 2.75 15.06 15.25
CA LYS B 125 3.81 16.06 15.23
C LYS B 125 4.90 15.81 16.25
N ALA B 126 4.73 14.81 17.11
CA ALA B 126 5.75 14.46 18.09
C ALA B 126 6.97 13.87 17.39
N CYS B 127 8.15 14.05 17.96
CA CYS B 127 9.38 13.38 17.47
C CYS B 127 9.87 12.45 18.53
N PHE B 128 10.09 11.21 18.12
CA PHE B 128 10.58 10.16 18.96
C PHE B 128 11.86 9.61 18.34
N GLN B 129 12.95 10.36 18.49
CA GLN B 129 14.24 9.97 17.95
C GLN B 129 15.21 9.65 19.06
N PRO B 130 16.25 8.87 18.77
CA PRO B 130 17.17 8.47 19.86
C PRO B 130 17.82 9.67 20.57
N HIS B 131 18.07 10.73 19.82
CA HIS B 131 18.77 11.93 20.32
C HIS B 131 17.88 13.13 20.50
N TYR B 132 16.57 12.96 20.35
CA TYR B 132 15.66 14.10 20.26
C TYR B 132 14.22 13.67 20.48
N LEU B 133 13.62 14.28 21.49
CA LEU B 133 12.26 14.05 21.88
C LEU B 133 11.52 15.37 21.82
N LYS B 134 10.43 15.42 21.06
CA LYS B 134 9.58 16.61 21.02
C LYS B 134 8.13 16.26 21.14
N LEU B 135 7.44 16.95 22.04
CA LEU B 135 6.02 16.74 22.29
C LEU B 135 5.34 18.08 22.48
N PHE B 136 4.10 18.20 22.00
CA PHE B 136 3.33 19.39 22.21
C PHE B 136 2.12 19.07 23.10
N SER B 137 2.12 19.64 24.30
CA SER B 137 1.01 19.51 25.20
C SER B 137 -0.14 20.44 24.78
N LEU B 138 -1.25 19.87 24.35
CA LEU B 138 -2.35 20.65 23.83
C LEU B 138 -3.11 21.39 24.93
N ARG B 139 -3.19 20.79 26.10
CA ARG B 139 -3.86 21.41 27.24
C ARG B 139 -3.17 22.69 27.68
N TYR B 140 -1.84 22.66 27.74
CA TYR B 140 -1.08 23.79 28.22
C TYR B 140 -0.49 24.64 27.10
N GLN B 141 -0.64 24.18 25.85
CA GLN B 141 0.01 24.80 24.70
C GLN B 141 1.50 24.99 24.91
N ILE B 142 2.14 23.95 25.43
CA ILE B 142 3.58 23.95 25.68
C ILE B 142 4.30 22.95 24.79
N GLU B 143 5.28 23.45 24.06
CA GLU B 143 6.20 22.61 23.31
C GLU B 143 7.40 22.29 24.15
N THR B 144 7.60 21.00 24.38
CA THR B 144 8.74 20.46 25.09
C THR B 144 9.70 19.78 24.13
N GLN B 145 10.97 20.16 24.19
CA GLN B 145 12.05 19.49 23.45
C GLN B 145 13.13 19.08 24.39
N LEU B 146 13.67 17.89 24.18
CA LEU B 146 14.74 17.36 25.01
C LEU B 146 15.79 16.71 24.13
N THR B 147 17.05 16.94 24.47
CA THR B 147 18.15 16.23 23.86
C THR B 147 19.11 15.78 24.98
N PRO B 148 19.61 14.54 24.93
CA PRO B 148 20.34 13.97 26.03
C PRO B 148 21.86 14.19 25.98
N THR B 149 22.49 14.10 27.16
CA THR B 149 23.92 13.87 27.29
C THR B 149 24.03 12.62 28.12
N CYS B 150 25.24 12.14 28.34
CA CYS B 150 25.43 10.94 29.12
C CYS B 150 24.80 11.09 30.51
N TYR B 151 25.12 12.20 31.19
CA TYR B 151 24.77 12.39 32.59
C TYR B 151 23.58 13.31 32.77
N GLY B 152 23.12 13.95 31.70
CA GLY B 152 22.01 14.91 31.82
C GLY B 152 21.21 15.10 30.54
N ALA B 153 20.72 16.32 30.35
CA ALA B 153 19.93 16.66 29.19
C ALA B 153 19.81 18.16 29.07
N SER B 154 19.55 18.61 27.85
CA SER B 154 19.15 19.99 27.59
C SER B 154 17.68 19.97 27.19
N ILE B 155 16.90 20.89 27.75
CA ILE B 155 15.45 20.91 27.57
C ILE B 155 14.97 22.32 27.23
N ARG B 156 14.14 22.45 26.21
CA ARG B 156 13.53 23.73 25.88
C ARG B 156 12.03 23.62 26.05
N LEU B 157 11.48 24.57 26.78
CA LEU B 157 10.04 24.63 27.02
C LEU B 157 9.54 25.94 26.45
N ASN B 158 8.39 25.89 25.81
CA ASN B 158 7.82 27.08 25.22
C ASN B 158 6.31 27.08 25.25
N GLN B 159 5.76 27.96 26.07
CA GLN B 159 4.32 28.18 26.12
C GLN B 159 3.99 29.14 24.99
N LYS B 160 3.29 28.63 23.98
CA LYS B 160 3.13 29.36 22.72
C LYS B 160 2.23 30.59 22.76
N GLN B 161 1.50 30.79 23.86
CA GLN B 161 0.65 31.97 24.00
C GLN B 161 1.29 33.00 24.90
N GLY B 162 2.53 32.75 25.35
CA GLY B 162 3.24 33.69 26.18
C GLY B 162 2.77 33.67 27.63
N LYS B 163 2.11 32.61 28.08
CA LYS B 163 1.75 32.48 29.49
C LYS B 163 2.89 31.89 30.29
N ALA B 164 2.97 32.25 31.56
CA ALA B 164 4.10 31.85 32.39
C ALA B 164 4.11 30.34 32.61
N LEU B 165 5.31 29.78 32.66
CA LEU B 165 5.51 28.35 32.88
C LEU B 165 5.66 28.01 34.35
N SER B 166 5.14 26.86 34.73
CA SER B 166 5.55 26.21 35.95
C SER B 166 5.98 24.78 35.60
N LEU B 167 6.69 24.15 36.51
CA LEU B 167 7.23 22.82 36.29
C LEU B 167 6.97 21.98 37.53
N TYR B 168 6.31 20.84 37.33
CA TYR B 168 6.09 19.91 38.43
C TYR B 168 7.15 18.82 38.45
N LEU B 169 7.48 18.36 39.64
CA LEU B 169 8.47 17.31 39.82
C LEU B 169 7.87 16.23 40.70
N HIS B 170 7.99 14.98 40.28
CA HIS B 170 7.44 13.85 41.01
C HIS B 170 8.36 12.66 40.94
N ALA B 171 8.41 11.87 42.00
CA ALA B 171 9.20 10.65 42.05
C ALA B 171 8.57 9.68 43.01
N ALA B 172 8.80 8.38 42.82
CA ALA B 172 8.38 7.39 43.80
C ALA B 172 9.33 7.47 45.00
N ASP B 173 10.61 7.74 44.74
CA ASP B 173 11.56 8.03 45.78
C ASP B 173 11.10 9.25 46.59
N GLU B 174 11.60 9.33 47.82
CA GLU B 174 11.42 10.53 48.65
C GLU B 174 12.24 11.67 48.04
N LEU B 175 11.56 12.74 47.64
CA LEU B 175 12.18 13.79 46.85
C LEU B 175 12.23 15.11 47.58
N THR B 176 13.43 15.67 47.64
CA THR B 176 13.70 16.96 48.33
C THR B 176 14.25 17.97 47.33
N VAL B 177 13.83 19.22 47.46
CA VAL B 177 14.27 20.27 46.56
C VAL B 177 14.76 21.50 47.34
N GLU B 178 15.96 21.98 46.99
CA GLU B 178 16.49 23.23 47.54
C GLU B 178 16.80 24.19 46.41
N GLN B 179 16.44 25.44 46.59
CA GLN B 179 16.78 26.47 45.62
C GLN B 179 18.15 27.01 45.99
N VAL B 180 19.09 26.90 45.08
CA VAL B 180 20.46 27.33 45.32
C VAL B 180 20.65 28.81 44.96
N ASP B 181 20.05 29.27 43.87
CA ASP B 181 20.08 30.70 43.54
C ASP B 181 18.85 31.04 42.70
N LYS B 182 18.82 32.21 42.08
CA LYS B 182 17.65 32.65 41.32
C LYS B 182 17.26 31.63 40.22
N ARG B 183 18.23 30.86 39.73
CA ARG B 183 18.02 30.01 38.57
C ARG B 183 18.53 28.59 38.71
N THR B 184 18.69 28.11 39.94
CA THR B 184 19.32 26.82 40.15
C THR B 184 18.63 26.06 41.28
N LEU B 185 18.29 24.80 41.00
CA LEU B 185 17.77 23.89 42.01
C LEU B 185 18.71 22.72 42.22
N ALA B 186 18.72 22.22 43.45
CA ALA B 186 19.42 21.01 43.80
C ALA B 186 18.40 20.05 44.36
N LEU B 187 18.31 18.88 43.74
CA LEU B 187 17.35 17.87 44.12
C LEU B 187 18.05 16.71 44.73
N ARG B 188 17.38 16.08 45.68
CA ARG B 188 17.89 14.86 46.28
C ARG B 188 16.71 13.91 46.35
N GLN B 189 16.93 12.66 45.96
CA GLN B 189 15.89 11.67 46.09
C GLN B 189 16.46 10.35 46.53
N GLU B 190 15.70 9.66 47.39
CA GLU B 190 16.21 8.46 48.00
C GLU B 190 15.19 7.31 47.90
N GLY B 191 15.70 6.12 47.64
CA GLY B 191 14.92 4.91 47.74
C GLY B 191 15.83 3.78 48.11
N LYS B 192 15.40 2.55 47.87
CA LYS B 192 16.19 1.38 48.18
C LYS B 192 16.21 0.44 46.96
N THR B 193 17.29 -0.33 46.81
CA THR B 193 17.36 -1.27 45.72
C THR B 193 16.43 -2.43 46.04
N GLU B 194 15.95 -3.07 44.99
CA GLU B 194 14.81 -3.94 45.06
C GLU B 194 15.10 -5.23 45.82
N THR B 195 16.28 -5.82 45.60
CA THR B 195 16.60 -7.11 46.18
C THR B 195 17.51 -6.97 47.39
N ASN B 196 18.63 -6.27 47.25
CA ASN B 196 19.55 -6.03 48.37
C ASN B 196 19.03 -5.02 49.38
N LYS B 197 18.06 -4.19 48.98
CA LYS B 197 17.57 -3.11 49.86
C LYS B 197 18.67 -2.15 50.28
N ASN B 198 19.69 -1.96 49.45
CA ASN B 198 20.70 -0.94 49.73
C ASN B 198 20.10 0.42 49.46
N SER B 199 20.51 1.39 50.25
CA SER B 199 20.02 2.74 50.10
C SER B 199 20.54 3.29 48.77
N LEU B 200 19.67 3.99 48.07
CA LEU B 200 19.99 4.46 46.72
C LEU B 200 19.58 5.90 46.56
N THR B 201 20.56 6.77 46.43
CA THR B 201 20.31 8.21 46.39
C THR B 201 20.81 8.82 45.08
N MET B 202 19.95 9.60 44.43
CA MET B 202 20.34 10.32 43.24
C MET B 202 20.15 11.79 43.45
N PHE B 203 21.16 12.55 43.06
CA PHE B 203 21.14 14.00 43.11
C PHE B 203 20.94 14.53 41.72
N THR B 204 20.17 15.60 41.61
CA THR B 204 19.88 16.20 40.33
C THR B 204 20.05 17.71 40.42
N ALA B 205 20.71 18.28 39.40
CA ALA B 205 20.88 19.73 39.33
C ALA B 205 20.06 20.22 38.18
N LEU B 206 19.30 21.28 38.39
CA LEU B 206 18.55 21.93 37.32
C LEU B 206 18.88 23.41 37.28
N GLN B 207 19.16 23.90 36.09
CA GLN B 207 19.55 25.29 35.91
C GLN B 207 18.75 25.81 34.74
N MET B 208 18.09 26.96 34.92
CA MET B 208 17.20 27.57 33.93
C MET B 208 17.79 28.89 33.47
N ASN B 209 17.38 29.36 32.31
CA ASN B 209 17.71 30.70 31.88
C ASN B 209 16.57 31.69 32.12
N THR B 210 15.74 31.41 33.12
CA THR B 210 14.72 32.36 33.58
C THR B 210 14.62 32.18 35.08
N ASP B 211 14.19 33.22 35.78
CA ASP B 211 14.18 33.16 37.25
C ASP B 211 13.13 32.19 37.77
N ILE B 212 13.46 31.54 38.87
CA ILE B 212 12.52 30.72 39.61
C ILE B 212 11.82 31.62 40.63
N LEU B 213 10.53 31.87 40.42
CA LEU B 213 9.74 32.74 41.29
C LEU B 213 9.34 32.08 42.61
N ALA B 214 9.13 30.77 42.61
CA ALA B 214 8.75 30.06 43.82
C ALA B 214 8.93 28.56 43.68
N ILE B 215 9.16 27.89 44.80
CA ILE B 215 9.04 26.44 44.88
C ILE B 215 8.09 26.12 46.02
N SER B 216 7.33 25.03 45.89
CA SER B 216 6.45 24.58 46.96
C SER B 216 6.09 23.10 46.76
N GLN B 217 5.57 22.48 47.82
CA GLN B 217 5.07 21.11 47.74
C GLN B 217 3.56 21.08 47.63
N GLU B 218 3.05 20.21 46.77
CA GLU B 218 1.60 19.98 46.67
C GLU B 218 1.38 18.49 46.66
N ALA B 219 0.76 17.98 47.73
CA ALA B 219 0.38 16.58 47.81
C ALA B 219 1.55 15.69 47.42
N GLY B 220 2.72 15.97 47.98
CA GLY B 220 3.89 15.13 47.80
C GLY B 220 4.79 15.50 46.63
N ASP B 221 4.31 16.31 45.70
CA ASP B 221 5.10 16.72 44.54
C ASP B 221 5.59 18.15 44.71
N TRP B 222 6.50 18.57 43.84
CA TRP B 222 7.05 19.91 43.89
C TRP B 222 6.60 20.70 42.68
N ARG B 223 6.26 21.96 42.90
CA ARG B 223 5.83 22.88 41.86
C ARG B 223 6.82 24.02 41.82
N ILE B 224 7.46 24.21 40.67
CA ILE B 224 8.44 25.28 40.48
C ILE B 224 7.80 26.32 39.57
N ASP B 225 7.65 27.55 40.03
CA ASP B 225 7.08 28.60 39.19
C ASP B 225 8.19 29.37 38.55
N LEU B 226 8.08 29.63 37.24
CA LEU B 226 9.09 30.32 36.48
C LEU B 226 8.62 31.69 35.99
N ALA B 227 9.57 32.57 35.73
CA ALA B 227 9.25 33.95 35.39
C ALA B 227 8.78 34.10 33.95
N SER B 228 9.20 33.20 33.08
CA SER B 228 8.98 33.39 31.65
C SER B 228 8.04 32.35 31.06
N SER B 229 7.57 32.60 29.86
CA SER B 229 6.81 31.64 29.07
C SER B 229 7.72 30.71 28.25
N GLN B 230 9.04 30.94 28.27
CA GLN B 230 10.00 30.16 27.48
C GLN B 230 11.26 29.99 28.31
N THR B 231 11.86 28.81 28.30
CA THR B 231 13.14 28.63 28.97
C THR B 231 13.93 27.49 28.37
N GLU B 232 15.24 27.62 28.43
CA GLU B 232 16.13 26.49 28.16
C GLU B 232 16.71 26.09 29.51
N MET B 233 16.70 24.79 29.80
CA MET B 233 17.12 24.25 31.09
C MET B 233 18.19 23.22 30.87
N GLN B 234 19.15 23.19 31.77
CA GLN B 234 20.14 22.12 31.79
C GLN B 234 19.82 21.26 32.99
N LEU B 235 19.95 19.94 32.81
CA LEU B 235 19.66 18.99 33.85
C LEU B 235 20.81 18.01 33.88
N ALA B 236 21.18 17.53 35.07
CA ALA B 236 22.14 16.42 35.17
C ALA B 236 21.95 15.72 36.48
N THR B 237 22.30 14.44 36.52
CA THR B 237 22.20 13.66 37.74
C THR B 237 23.55 13.16 38.18
N SER B 238 23.60 12.69 39.43
CA SER B 238 24.78 12.05 39.97
C SER B 238 24.40 11.07 41.05
N PHE B 239 25.11 9.96 41.11
CA PHE B 239 25.00 9.05 42.24
C PHE B 239 26.16 9.26 43.21
N ILE B 240 26.95 10.32 42.99
CA ILE B 240 28.10 10.65 43.82
C ILE B 240 27.74 11.74 44.81
N SER B 241 27.41 12.93 44.33
CA SER B 241 27.16 14.03 45.23
C SER B 241 26.45 15.16 44.52
N PRO B 242 25.88 16.10 45.29
CA PRO B 242 25.30 17.30 44.71
C PRO B 242 26.26 18.12 43.86
N SER B 243 27.50 18.26 44.31
CA SER B 243 28.46 19.05 43.55
C SER B 243 28.87 18.31 42.26
N GLN B 244 28.97 16.99 42.32
CA GLN B 244 29.22 16.23 41.10
C GLN B 244 28.07 16.38 40.10
N ALA B 245 26.83 16.45 40.58
CA ALA B 245 25.68 16.69 39.70
C ALA B 245 25.82 17.99 38.95
N LEU B 246 26.23 19.05 39.66
CA LEU B 246 26.48 20.35 39.03
C LEU B 246 27.58 20.27 38.00
N ILE B 247 28.65 19.57 38.34
CA ILE B 247 29.75 19.37 37.41
C ILE B 247 29.24 18.62 36.16
N ASN B 248 28.32 17.67 36.34
CA ASN B 248 27.79 16.89 35.23
C ASN B 248 26.88 17.68 34.28
N LEU B 249 26.51 18.90 34.64
CA LEU B 249 25.61 19.69 33.79
C LEU B 249 26.16 19.89 32.37
N PRO B 250 25.27 19.86 31.37
CA PRO B 250 25.67 20.25 30.04
C PRO B 250 26.22 21.69 30.08
N GLN B 251 27.26 21.92 29.31
CA GLN B 251 27.93 23.20 29.30
C GLN B 251 27.56 24.02 28.05
N GLU B 252 26.75 23.44 27.17
CA GLU B 252 26.50 24.01 25.86
C GLU B 252 25.01 24.17 25.65
N ASP B 253 24.66 24.92 24.62
CA ASP B 253 23.26 25.15 24.32
C ASP B 253 22.62 23.91 23.66
N PHE B 254 21.31 23.99 23.48
CA PHE B 254 20.51 22.86 23.03
C PHE B 254 21.01 22.28 21.72
N ASP B 255 21.17 23.13 20.71
CA ASP B 255 21.64 22.69 19.39
C ASP B 255 22.98 22.00 19.47
N SER B 256 23.87 22.52 20.31
CA SER B 256 25.18 21.95 20.43
C SER B 256 25.10 20.55 21.07
N CYS B 257 24.26 20.43 22.09
CA CYS B 257 24.09 19.14 22.79
C CYS B 257 23.47 18.13 21.82
N LYS B 258 22.51 18.58 21.04
CA LYS B 258 21.86 17.73 20.06
C LYS B 258 22.83 17.22 18.99
N SER B 259 23.70 18.11 18.49
CA SER B 259 24.71 17.69 17.52
C SER B 259 25.67 16.71 18.11
N SER B 260 26.06 16.92 19.37
CA SER B 260 26.99 15.98 20.01
C SER B 260 26.35 14.62 20.18
N ALA B 261 25.07 14.61 20.55
CA ALA B 261 24.36 13.33 20.72
C ALA B 261 24.25 12.63 19.37
N GLN B 262 23.98 13.40 18.32
CA GLN B 262 23.92 12.84 16.99
C GLN B 262 25.26 12.21 16.61
N VAL B 263 26.35 12.92 16.88
CA VAL B 263 27.68 12.39 16.58
C VAL B 263 27.97 11.13 17.38
N ASP B 264 27.57 11.12 18.65
CA ASP B 264 27.79 9.93 19.50
C ASP B 264 27.08 8.72 18.91
N TRP B 265 25.85 8.92 18.45
CA TRP B 265 25.09 7.83 17.83
C TRP B 265 25.72 7.43 16.52
N GLU B 266 26.01 8.42 15.67
CA GLU B 266 26.54 8.12 14.33
C GLU B 266 27.85 7.37 14.36
N ASN B 267 28.69 7.68 15.35
CA ASN B 267 29.96 6.98 15.49
C ASN B 267 29.77 5.47 15.60
N LEU B 268 28.70 5.05 16.27
CA LEU B 268 28.46 3.64 16.50
C LEU B 268 27.61 3.02 15.40
N LEU B 269 26.58 3.74 14.94
CA LEU B 269 25.73 3.25 13.87
C LEU B 269 26.52 3.03 12.57
N HIS B 270 27.48 3.92 12.31
CA HIS B 270 28.27 3.81 11.08
C HIS B 270 29.30 2.68 11.13
N ARG B 271 29.26 1.80 12.11
CA ARG B 271 30.07 0.59 12.05
C ARG B 271 29.41 -0.42 11.13
N PHE B 272 28.18 -0.12 10.71
CA PHE B 272 27.52 -0.89 9.68
C PHE B 272 27.25 0.08 8.55
N ASP B 273 27.42 -0.38 7.32
CA ASP B 273 27.17 0.46 6.15
C ASP B 273 26.52 -0.37 5.07
N ILE B 274 25.22 -0.12 4.86
CA ILE B 274 24.45 -0.79 3.85
C ILE B 274 24.75 -0.12 2.52
N ILE B 275 25.40 -0.84 1.62
CA ILE B 275 25.71 -0.31 0.30
C ILE B 275 24.52 -0.51 -0.63
N GLU B 276 23.95 -1.71 -0.64
CA GLU B 276 22.76 -2.00 -1.45
C GLU B 276 21.86 -2.89 -0.65
N THR B 277 20.61 -2.46 -0.49
CA THR B 277 19.66 -3.27 0.24
C THR B 277 19.18 -4.44 -0.60
N GLY B 278 19.05 -4.23 -1.91
CA GLY B 278 18.29 -5.16 -2.76
C GLY B 278 16.82 -5.08 -2.40
N GLU B 279 16.12 -6.21 -2.54
CA GLU B 279 14.69 -6.34 -2.21
C GLU B 279 14.38 -6.00 -0.73
N ALA B 280 15.31 -6.26 0.17
CA ALA B 280 15.07 -6.08 1.62
C ALA B 280 14.71 -4.66 2.07
N ASP B 281 13.85 -4.59 3.05
CA ASP B 281 13.52 -3.33 3.75
C ASP B 281 14.52 -3.19 4.91
N ARG B 282 15.23 -2.08 4.96
CA ARG B 282 16.29 -1.85 5.95
C ARG B 282 15.78 -1.32 7.30
N THR B 283 14.48 -0.98 7.37
CA THR B 283 13.94 -0.23 8.48
C THR B 283 14.11 -0.95 9.80
N PHE B 284 13.83 -2.24 9.83
CA PHE B 284 13.97 -2.98 11.06
C PHE B 284 15.42 -3.08 11.53
N PHE B 285 16.31 -3.40 10.59
CA PHE B 285 17.73 -3.46 10.85
C PHE B 285 18.23 -2.16 11.48
N ASP B 286 17.88 -1.04 10.89
CA ASP B 286 18.28 0.26 11.42
C ASP B 286 17.80 0.43 12.86
N HIS B 287 16.55 0.04 13.14
CA HIS B 287 16.04 0.18 14.49
C HIS B 287 16.85 -0.69 15.47
N CYS B 288 17.16 -1.91 15.05
CA CYS B 288 17.99 -2.81 15.85
C CYS B 288 19.37 -2.22 16.20
N LEU B 289 19.94 -1.43 15.31
CA LEU B 289 21.22 -0.77 15.58
C LEU B 289 21.10 0.20 16.77
N TYR B 290 20.01 0.98 16.78
CA TYR B 290 19.69 1.84 17.91
C TYR B 290 19.58 1.02 19.19
N ARG B 291 18.85 -0.08 19.15
CA ARG B 291 18.69 -0.92 20.34
C ARG B 291 20.00 -1.55 20.83
N LEU B 292 20.93 -1.77 19.90
CA LEU B 292 22.19 -2.45 20.20
C LEU B 292 23.06 -1.65 21.17
N PHE B 293 22.97 -0.32 21.10
CA PHE B 293 23.89 0.56 21.82
C PHE B 293 23.26 1.29 23.01
N LEU B 294 22.21 0.69 23.59
CA LEU B 294 21.56 1.29 24.73
C LEU B 294 22.00 0.69 26.06
N PHE B 295 22.33 -0.59 26.05
CA PHE B 295 22.68 -1.30 27.26
C PHE B 295 24.00 -2.06 27.11
N PRO B 296 24.78 -2.18 28.19
CA PRO B 296 24.49 -1.69 29.55
C PRO B 296 24.59 -0.19 29.69
N GLN B 297 23.94 0.35 30.72
CA GLN B 297 24.00 1.78 30.97
C GLN B 297 25.20 2.17 31.85
N THR B 298 25.77 3.31 31.54
CA THR B 298 26.86 3.90 32.34
C THR B 298 26.40 4.08 33.78
N PHE B 299 27.20 3.58 34.72
CA PHE B 299 26.91 3.82 36.14
C PHE B 299 28.17 4.23 36.90
N TYR B 300 28.93 5.15 36.28
CA TYR B 300 30.11 5.73 36.86
C TYR B 300 30.22 7.13 36.33
N GLU B 301 30.95 7.97 37.06
CA GLU B 301 31.13 9.37 36.71
C GLU B 301 32.61 9.73 36.71
N ILE B 302 32.92 10.95 36.29
CA ILE B 302 34.30 11.42 36.11
C ILE B 302 34.56 12.57 37.07
N ASN B 303 35.52 12.42 37.98
CA ASN B 303 35.82 13.51 38.92
C ASN B 303 36.63 14.64 38.28
N GLU B 304 36.87 15.70 39.06
CA GLU B 304 37.58 16.90 38.60
C GLU B 304 38.94 16.57 38.02
N SER B 305 39.62 15.57 38.56
CA SER B 305 40.91 15.15 38.02
C SER B 305 40.81 14.17 36.83
N GLY B 306 39.62 13.90 36.34
CA GLY B 306 39.48 13.06 35.15
C GLY B 306 39.45 11.57 35.43
N GLN B 307 39.24 11.18 36.69
CA GLN B 307 39.18 9.77 36.99
C GLN B 307 37.76 9.25 37.14
N ALA B 308 37.60 8.00 36.72
CA ALA B 308 36.34 7.29 36.82
C ALA B 308 36.08 6.87 38.26
N ILE B 309 34.91 7.23 38.76
CA ILE B 309 34.51 6.86 40.11
C ILE B 309 33.08 6.32 40.07
N HIS B 310 32.77 5.44 41.02
CA HIS B 310 31.40 4.95 41.16
C HIS B 310 30.99 4.80 42.61
N MET B 311 29.69 4.92 42.84
CA MET B 311 29.09 4.60 44.12
C MET B 311 29.05 3.09 44.32
N ASP B 312 29.58 2.65 45.46
CA ASP B 312 29.48 1.27 45.90
C ASP B 312 28.29 1.20 46.81
N LEU B 313 27.20 0.61 46.31
CA LEU B 313 25.92 0.71 47.03
C LEU B 313 25.88 -0.19 48.26
N ALA B 314 26.76 -1.19 48.30
CA ALA B 314 26.88 -2.04 49.47
C ALA B 314 27.48 -1.29 50.69
N THR B 315 28.32 -0.28 50.46
CA THR B 315 28.93 0.52 51.55
C THR B 315 28.45 1.97 51.59
N GLY B 316 27.88 2.45 50.50
CA GLY B 316 27.52 3.86 50.40
C GLY B 316 28.71 4.78 50.18
N THR B 317 29.87 4.21 49.84
CA THR B 317 31.06 5.02 49.62
C THR B 317 31.53 4.95 48.18
N VAL B 318 32.27 5.98 47.79
CA VAL B 318 32.78 6.10 46.46
C VAL B 318 34.01 5.20 46.30
N LYS B 319 34.08 4.49 45.17
CA LYS B 319 35.21 3.64 44.82
C LYS B 319 35.71 4.04 43.43
N PRO B 320 36.99 3.76 43.15
CA PRO B 320 37.48 4.16 41.84
C PRO B 320 37.02 3.15 40.79
N GLY B 321 36.96 3.60 39.54
CA GLY B 321 36.76 2.70 38.41
C GLY B 321 35.38 2.75 37.78
N VAL B 322 35.36 2.36 36.51
CA VAL B 322 34.12 2.26 35.75
C VAL B 322 33.18 1.22 36.35
N LEU B 323 31.91 1.41 36.06
CA LEU B 323 30.86 0.56 36.56
C LEU B 323 29.65 0.76 35.67
N PHE B 324 28.89 -0.32 35.47
CA PHE B 324 27.72 -0.31 34.59
C PHE B 324 26.50 -0.94 35.24
N SER B 325 25.32 -0.53 34.79
CA SER B 325 24.06 -1.11 35.24
C SER B 325 23.20 -1.60 34.05
N ASN B 326 22.08 -2.24 34.41
CA ASN B 326 21.01 -2.59 33.49
C ASN B 326 21.48 -3.60 32.42
N ASN B 327 21.73 -4.82 32.89
CA ASN B 327 22.09 -5.91 32.00
C ASN B 327 21.88 -7.21 32.71
N GLY B 328 21.17 -8.12 32.05
CA GLY B 328 21.05 -9.50 32.47
C GLY B 328 21.84 -10.35 31.54
N PHE B 329 22.96 -10.91 32.02
CA PHE B 329 23.94 -11.54 31.14
C PHE B 329 23.43 -12.78 30.47
N TRP B 330 22.45 -13.43 31.10
CA TRP B 330 21.78 -14.57 30.52
C TRP B 330 21.14 -14.21 29.17
N ASP B 331 20.71 -12.96 29.02
CA ASP B 331 20.22 -12.47 27.76
C ASP B 331 21.36 -12.10 26.82
N THR B 332 22.31 -11.31 27.32
CA THR B 332 23.24 -10.59 26.47
C THR B 332 24.53 -11.35 26.12
N PHE B 333 24.87 -12.41 26.84
CA PHE B 333 26.09 -13.14 26.49
C PHE B 333 25.98 -13.86 25.15
N ARG B 334 24.76 -14.23 24.76
CA ARG B 334 24.59 -15.14 23.62
C ARG B 334 24.56 -14.50 22.25
N THR B 335 24.32 -13.20 22.21
CA THR B 335 24.25 -12.46 20.97
C THR B 335 24.91 -11.08 21.06
N THR B 336 24.51 -10.29 22.04
CA THR B 336 24.93 -8.90 22.09
C THR B 336 26.43 -8.68 22.29
N PHE B 337 26.99 -9.33 23.29
CA PHE B 337 28.40 -9.13 23.60
C PHE B 337 29.32 -9.63 22.50
N PRO B 338 29.05 -10.80 21.96
CA PRO B 338 29.85 -11.23 20.82
C PRO B 338 29.86 -10.21 19.68
N LEU B 339 28.73 -9.55 19.46
CA LEU B 339 28.68 -8.55 18.44
C LEU B 339 29.46 -7.30 18.82
N PHE B 340 29.36 -6.89 20.08
CA PHE B 340 30.21 -5.83 20.60
C PHE B 340 31.70 -6.14 20.35
N ALA B 341 32.09 -7.38 20.56
CA ALA B 341 33.47 -7.80 20.39
C ALA B 341 34.02 -7.49 18.99
N LEU B 342 33.17 -7.59 17.97
CA LEU B 342 33.56 -7.29 16.60
C LEU B 342 33.65 -5.81 16.30
N ILE B 343 32.69 -5.03 16.78
CA ILE B 343 32.58 -3.66 16.32
C ILE B 343 32.97 -2.56 17.32
N ILE B 344 32.92 -2.84 18.62
CA ILE B 344 33.28 -1.82 19.63
C ILE B 344 34.18 -2.39 20.76
N PRO B 345 35.40 -2.79 20.40
CA PRO B 345 36.30 -3.47 21.33
C PRO B 345 36.71 -2.63 22.54
N GLU B 346 36.91 -1.34 22.38
CA GLU B 346 37.23 -0.50 23.54
C GLU B 346 36.05 -0.49 24.55
N HIS B 347 34.84 -0.31 24.03
CA HIS B 347 33.65 -0.36 24.87
C HIS B 347 33.57 -1.71 25.52
N TYR B 348 33.86 -2.76 24.75
CA TYR B 348 33.76 -4.13 25.24
C TYR B 348 34.66 -4.32 26.46
N GLN B 349 35.89 -3.84 26.36
CA GLN B 349 36.84 -3.95 27.46
C GLN B 349 36.42 -3.10 28.66
N ARG B 350 35.95 -1.89 28.41
CA ARG B 350 35.44 -1.05 29.47
C ARG B 350 34.29 -1.73 30.23
N PHE B 351 33.36 -2.37 29.51
CA PHE B 351 32.25 -3.05 30.18
C PHE B 351 32.78 -4.14 31.09
N LEU B 352 33.72 -4.94 30.58
CA LEU B 352 34.27 -6.03 31.37
C LEU B 352 34.99 -5.51 32.62
N GLU B 353 35.68 -4.38 32.47
CA GLU B 353 36.34 -3.74 33.60
C GLU B 353 35.27 -3.37 34.64
N GLY B 354 34.13 -2.85 34.19
CA GLY B 354 33.04 -2.47 35.06
C GLY B 354 32.47 -3.67 35.80
N PHE B 355 32.34 -4.79 35.10
CA PHE B 355 31.81 -5.98 35.73
C PHE B 355 32.81 -6.54 36.74
N LEU B 356 34.10 -6.37 36.46
CA LEU B 356 35.13 -6.78 37.39
C LEU B 356 35.06 -5.88 38.63
N ASN B 357 34.82 -4.59 38.42
CA ASN B 357 34.62 -3.69 39.53
C ASN B 357 33.40 -4.05 40.39
N SER B 358 32.35 -4.62 39.79
CA SER B 358 31.22 -5.10 40.57
C SER B 358 31.67 -6.23 41.50
N TYR B 359 32.50 -7.11 40.95
CA TYR B 359 33.09 -8.22 41.69
C TYR B 359 33.94 -7.73 42.86
N ARG B 360 34.76 -6.71 42.61
CA ARG B 360 35.59 -6.14 43.64
C ARG B 360 34.72 -5.55 44.76
N ASP B 361 33.55 -4.99 44.44
CA ASP B 361 32.68 -4.41 45.46
C ASP B 361 31.90 -5.44 46.25
N THR B 362 31.50 -6.55 45.62
CA THR B 362 30.58 -7.51 46.25
C THR B 362 31.17 -8.87 46.56
N GLY B 363 32.30 -9.21 45.95
CA GLY B 363 32.81 -10.58 46.05
C GLY B 363 32.25 -11.57 45.04
N PHE B 364 31.31 -11.14 44.19
CA PHE B 364 30.70 -12.03 43.20
C PHE B 364 30.60 -11.34 41.84
N LEU B 365 30.84 -12.10 40.78
CA LEU B 365 30.52 -11.61 39.45
C LEU B 365 28.99 -11.48 39.33
N PRO B 366 28.51 -10.33 38.85
CA PRO B 366 27.07 -10.08 38.81
C PRO B 366 26.28 -10.89 37.73
N LYS B 367 24.97 -10.98 37.94
CA LYS B 367 24.07 -11.76 37.10
C LYS B 367 23.05 -10.88 36.39
N TRP B 368 22.39 -10.01 37.14
CA TRP B 368 21.39 -9.08 36.61
C TRP B 368 21.50 -7.77 37.37
N LEU B 369 22.11 -6.76 36.77
CA LEU B 369 22.35 -5.49 37.42
C LEU B 369 21.25 -4.50 37.15
N ALA B 370 20.64 -3.98 38.21
CA ALA B 370 19.59 -2.97 38.07
C ALA B 370 19.27 -2.23 39.37
N PRO B 371 20.18 -1.36 39.84
CA PRO B 371 21.54 -1.16 39.35
C PRO B 371 22.52 -2.08 40.02
N ASP B 372 22.15 -2.62 41.18
CA ASP B 372 22.91 -3.64 41.86
C ASP B 372 22.28 -5.01 41.57
N GLU B 373 22.71 -6.04 42.28
CA GLU B 373 22.32 -7.40 41.95
C GLU B 373 20.84 -7.63 42.15
N ARG B 374 20.19 -8.07 41.08
CA ARG B 374 18.78 -8.45 41.09
C ARG B 374 18.55 -9.92 40.80
N GLY B 375 19.57 -10.60 40.28
N GLY B 375 19.64 -10.65 40.51
CA GLY B 375 19.36 -11.91 39.70
CA GLY B 375 19.72 -12.13 40.47
C GLY B 375 18.81 -12.89 40.73
C GLY B 375 18.61 -12.85 39.74
N MET B 376 17.74 -13.59 40.37
N MET B 376 17.87 -12.09 38.94
CA MET B 376 17.22 -14.65 41.20
CA MET B 376 16.71 -12.62 38.25
C MET B 376 17.75 -15.99 40.70
C MET B 376 17.18 -13.56 37.18
N MET B 377 18.17 -16.03 39.44
N MET B 377 16.43 -14.61 36.94
CA MET B 377 18.72 -17.24 38.87
CA MET B 377 16.83 -15.55 35.93
C MET B 377 20.04 -17.61 39.55
C MET B 377 18.08 -16.33 36.36
N PRO B 378 20.31 -18.90 39.63
N PRO B 378 18.30 -17.44 35.66
CA PRO B 378 21.57 -19.37 40.19
CA PRO B 378 19.17 -18.62 35.73
C PRO B 378 22.70 -19.23 39.18
C PRO B 378 20.67 -18.36 35.48
N GLY B 379 22.36 -19.21 37.90
N GLY B 379 21.60 -18.99 36.24
CA GLY B 379 23.36 -19.23 36.83
CA GLY B 379 23.07 -19.02 35.93
C GLY B 379 24.09 -17.92 36.63
C GLY B 379 24.01 -17.88 36.37
N THR B 380 25.35 -18.05 36.20
CA THR B 380 26.27 -16.91 36.13
C THR B 380 26.80 -16.81 34.70
N LEU B 381 25.95 -16.27 33.83
CA LEU B 381 26.22 -16.31 32.40
C LEU B 381 27.20 -15.21 31.94
N LEU B 382 27.57 -14.30 32.85
CA LEU B 382 28.70 -13.44 32.60
C LEU B 382 29.97 -14.26 32.24
N ASP B 383 30.05 -15.49 32.71
CA ASP B 383 31.16 -16.39 32.37
C ASP B 383 31.24 -16.60 30.85
N GLY B 384 30.08 -16.57 30.20
CA GLY B 384 30.01 -16.71 28.73
C GLY B 384 30.64 -15.53 28.03
N ILE B 385 30.56 -14.36 28.64
CA ILE B 385 31.25 -13.20 28.08
C ILE B 385 32.75 -13.29 28.37
N ILE B 386 33.10 -13.76 29.55
CA ILE B 386 34.51 -13.88 29.94
C ILE B 386 35.22 -14.90 29.05
N ALA B 387 34.61 -16.07 28.89
CA ALA B 387 35.19 -17.10 28.00
C ALA B 387 35.27 -16.66 26.54
N ASP B 388 34.27 -15.91 26.09
CA ASP B 388 34.28 -15.42 24.72
C ASP B 388 35.39 -14.41 24.51
N SER B 389 35.57 -13.50 25.48
CA SER B 389 36.67 -12.55 25.46
C SER B 389 38.04 -13.26 25.35
N ALA B 390 38.18 -14.34 26.10
CA ALA B 390 39.40 -15.13 26.08
C ALA B 390 39.64 -15.69 24.69
N CYS B 391 38.65 -16.34 24.10
CA CYS B 391 38.85 -17.04 22.84
C CYS B 391 39.07 -16.07 21.69
N LYS B 392 38.74 -14.80 21.90
CA LYS B 392 38.89 -13.81 20.85
C LYS B 392 39.90 -12.73 21.22
N ASP B 393 40.66 -12.97 22.31
CA ASP B 393 41.75 -12.08 22.72
C ASP B 393 41.33 -10.64 22.86
N MET B 394 40.17 -10.42 23.50
CA MET B 394 39.62 -9.09 23.59
C MET B 394 40.23 -8.31 24.75
N THR B 395 40.46 -8.97 25.89
CA THR B 395 40.91 -8.27 27.10
C THR B 395 42.07 -9.01 27.81
N PRO B 396 43.22 -9.15 27.11
CA PRO B 396 44.38 -9.85 27.70
C PRO B 396 44.81 -9.27 29.07
N ASP B 397 44.73 -7.96 29.24
CA ASP B 397 45.08 -7.35 30.54
C ASP B 397 44.20 -7.77 31.70
N LEU B 398 42.97 -8.21 31.43
CA LEU B 398 42.05 -8.59 32.50
C LEU B 398 41.93 -10.08 32.69
N GLU B 399 42.52 -10.83 31.79
CA GLU B 399 42.23 -12.24 31.68
C GLU B 399 42.44 -12.96 33.00
N GLY B 400 43.54 -12.65 33.70
CA GLY B 400 43.87 -13.32 34.96
C GLY B 400 42.88 -13.04 36.07
N GLU B 401 42.55 -11.77 36.25
CA GLU B 401 41.60 -11.40 37.28
C GLU B 401 40.21 -11.95 37.00
N LEU B 402 39.78 -11.86 35.75
CA LEU B 402 38.46 -12.38 35.37
C LEU B 402 38.38 -13.86 35.68
N PHE B 403 39.45 -14.60 35.36
CA PHE B 403 39.48 -16.03 35.64
C PHE B 403 39.35 -16.28 37.13
N GLN B 404 40.09 -15.51 37.92
CA GLN B 404 40.05 -15.66 39.38
C GLN B 404 38.66 -15.31 39.92
N ALA B 405 38.08 -14.23 39.40
CA ALA B 405 36.71 -13.86 39.77
C ALA B 405 35.68 -14.97 39.43
N MET B 406 35.81 -15.58 38.26
CA MET B 406 34.91 -16.70 37.90
C MET B 406 35.01 -17.84 38.90
N LEU B 407 36.25 -18.18 39.23
CA LEU B 407 36.53 -19.30 40.11
C LEU B 407 36.01 -19.04 41.53
N GLU B 408 36.28 -17.85 42.04
CA GLU B 408 35.71 -17.44 43.32
C GLU B 408 34.19 -17.54 43.31
N THR B 409 33.59 -16.92 42.29
CA THR B 409 32.14 -16.83 42.16
C THR B 409 31.54 -18.25 42.09
N ALA B 410 32.22 -19.16 41.41
CA ALA B 410 31.70 -20.52 41.28
C ALA B 410 31.79 -21.36 42.55
N SER B 411 32.66 -21.00 43.47
CA SER B 411 32.87 -21.85 44.66
C SER B 411 32.39 -21.21 45.96
N LYS B 412 32.13 -19.92 45.93
CA LYS B 412 31.67 -19.20 47.10
C LYS B 412 30.13 -19.18 47.13
N ALA B 413 29.55 -19.51 48.28
CA ALA B 413 28.10 -19.54 48.41
C ALA B 413 27.58 -18.27 49.07
N ASP B 414 26.35 -17.89 48.70
CA ASP B 414 25.62 -16.81 49.36
C ASP B 414 24.47 -17.42 50.17
N PRO B 415 24.60 -17.42 51.50
CA PRO B 415 23.49 -17.93 52.31
C PRO B 415 22.12 -17.27 52.02
N LEU B 416 22.12 -16.02 51.55
CA LEU B 416 20.88 -15.31 51.21
C LEU B 416 20.31 -15.69 49.83
N GLY B 417 21.12 -16.35 48.99
CA GLY B 417 20.64 -16.81 47.68
C GLY B 417 20.55 -15.77 46.56
N ILE B 418 21.11 -14.58 46.79
CA ILE B 418 21.06 -13.48 45.81
C ILE B 418 22.21 -13.63 44.80
N ASN B 419 23.44 -13.76 45.30
CA ASN B 419 24.61 -13.80 44.40
C ASN B 419 25.06 -15.22 44.07
N GLY B 420 25.76 -15.40 42.95
CA GLY B 420 26.37 -16.70 42.61
C GLY B 420 25.40 -17.84 42.30
N ARG B 421 25.93 -19.06 42.43
CA ARG B 421 25.19 -20.32 42.21
C ARG B 421 24.31 -20.72 43.41
N HIS B 422 23.09 -21.27 43.18
CA HIS B 422 22.28 -21.89 44.28
C HIS B 422 22.63 -23.38 44.34
N GLY B 423 22.53 -24.02 45.50
CA GLY B 423 22.75 -25.48 45.60
C GLY B 423 24.10 -25.95 45.13
N LEU B 424 25.13 -25.12 45.32
CA LEU B 424 26.50 -25.48 44.89
C LEU B 424 26.89 -26.81 45.48
N ALA B 425 26.62 -26.97 46.76
CA ALA B 425 26.90 -28.20 47.46
C ALA B 425 26.30 -29.38 46.70
N GLN B 426 24.99 -29.33 46.50
CA GLN B 426 24.29 -30.42 45.81
C GLN B 426 24.81 -30.63 44.39
N TYR B 427 25.08 -29.52 43.71
CA TYR B 427 25.60 -29.60 42.34
C TYR B 427 26.96 -30.29 42.36
N GLN B 428 27.85 -29.81 43.23
CA GLN B 428 29.17 -30.41 43.43
C GLN B 428 29.03 -31.90 43.78
N GLU B 429 28.15 -32.22 44.72
CA GLU B 429 27.94 -33.60 45.12
C GLU B 429 27.33 -34.48 44.01
N LEU B 430 26.17 -34.10 43.47
CA LEU B 430 25.41 -34.96 42.56
C LEU B 430 25.76 -34.82 41.09
N GLY B 431 26.37 -33.70 40.70
CA GLY B 431 26.54 -33.37 39.29
C GLY B 431 25.29 -32.75 38.65
N TYR B 432 24.33 -32.34 39.46
CA TYR B 432 23.11 -31.69 38.98
C TYR B 432 22.34 -31.11 40.15
N LEU B 433 21.51 -30.11 39.88
CA LEU B 433 20.55 -29.64 40.88
C LEU B 433 19.34 -30.53 40.79
N SER B 434 18.84 -30.95 41.95
CA SER B 434 17.69 -31.84 42.01
C SER B 434 16.45 -31.01 42.10
N THR B 435 15.30 -31.68 42.14
CA THR B 435 14.03 -31.00 42.29
C THR B 435 13.86 -30.28 43.62
N ASP B 436 14.85 -30.37 44.51
CA ASP B 436 14.86 -29.49 45.68
C ASP B 436 14.92 -28.04 45.22
N HIS B 437 15.46 -27.83 44.02
CA HIS B 437 15.57 -26.49 43.48
C HIS B 437 14.61 -26.27 42.31
N HIS B 438 14.06 -25.06 42.26
CA HIS B 438 13.13 -24.65 41.23
C HIS B 438 13.90 -24.53 39.90
N GLU B 439 13.29 -25.02 38.82
CA GLU B 439 13.84 -24.90 37.47
C GLU B 439 15.20 -25.58 37.37
N SER B 440 15.25 -26.77 37.92
CA SER B 440 16.51 -27.48 38.14
C SER B 440 17.19 -27.88 36.84
N VAL B 441 16.43 -28.22 35.83
CA VAL B 441 17.01 -28.62 34.55
C VAL B 441 17.70 -27.43 33.91
N SER B 442 16.96 -26.34 33.79
CA SER B 442 17.50 -25.13 33.16
C SER B 442 18.77 -24.70 33.87
N HIS B 443 18.75 -24.75 35.20
CA HIS B 443 19.89 -24.21 35.95
C HIS B 443 21.08 -25.16 35.95
N THR B 444 20.82 -26.46 35.98
CA THR B 444 21.89 -27.43 35.83
C THR B 444 22.61 -27.21 34.49
N LEU B 445 21.84 -27.04 33.43
CA LEU B 445 22.43 -26.84 32.09
C LEU B 445 23.20 -25.53 32.04
N ASP B 446 22.70 -24.49 32.70
CA ASP B 446 23.46 -23.26 32.75
C ASP B 446 24.79 -23.44 33.48
N TYR B 447 24.77 -24.21 34.57
CA TYR B 447 25.99 -24.48 35.33
C TYR B 447 27.02 -25.25 34.50
N ALA B 448 26.55 -26.23 33.75
CA ALA B 448 27.43 -27.01 32.90
C ALA B 448 28.11 -26.13 31.89
N TYR B 449 27.38 -25.16 31.34
CA TYR B 449 27.98 -24.20 30.39
C TYR B 449 28.99 -23.31 31.09
N SER B 450 28.64 -22.85 32.27
CA SER B 450 29.54 -22.01 33.06
C SER B 450 30.85 -22.77 33.39
N ASP B 451 30.70 -24.04 33.76
CA ASP B 451 31.86 -24.90 33.96
C ASP B 451 32.75 -24.97 32.73
N PHE B 452 32.15 -25.09 31.55
CA PHE B 452 32.93 -25.03 30.31
C PHE B 452 33.69 -23.70 30.17
N CYS B 453 33.04 -22.60 30.54
CA CYS B 453 33.67 -21.30 30.42
C CYS B 453 34.90 -21.23 31.32
N ILE B 454 34.77 -21.74 32.54
CA ILE B 454 35.88 -21.75 33.49
C ILE B 454 37.02 -22.65 32.95
N ALA B 455 36.65 -23.84 32.51
CA ALA B 455 37.60 -24.77 31.92
C ALA B 455 38.39 -24.14 30.78
N SER B 456 37.71 -23.43 29.89
CA SER B 456 38.39 -22.83 28.73
C SER B 456 39.35 -21.75 29.16
N CYS B 457 38.92 -20.92 30.11
CA CYS B 457 39.77 -19.85 30.58
C CYS B 457 40.97 -20.42 31.36
N ALA B 458 40.73 -21.48 32.13
CA ALA B 458 41.79 -22.16 32.85
C ALA B 458 42.84 -22.66 31.85
N LYS B 459 42.39 -23.40 30.84
CA LYS B 459 43.27 -23.93 29.83
C LYS B 459 44.11 -22.84 29.16
N LYS B 460 43.50 -21.74 28.77
CA LYS B 460 44.23 -20.67 28.12
C LYS B 460 45.27 -20.04 29.05
N LEU B 461 45.02 -20.09 30.36
CA LEU B 461 46.00 -19.60 31.33
C LEU B 461 46.95 -20.71 31.82
N GLU B 462 46.86 -21.88 31.21
CA GLU B 462 47.69 -23.04 31.55
C GLU B 462 47.56 -23.46 33.00
N ASN B 463 46.37 -23.37 33.56
CA ASN B 463 46.08 -24.00 34.82
C ASN B 463 45.39 -25.34 34.55
N ILE B 464 46.19 -26.39 34.49
CA ILE B 464 45.76 -27.68 33.98
C ILE B 464 44.79 -28.40 34.91
N GLU B 465 45.03 -28.34 36.21
CA GLU B 465 44.17 -29.05 37.15
C GLU B 465 42.74 -28.51 37.15
N ILE B 466 42.63 -27.19 37.17
CA ILE B 466 41.33 -26.53 37.14
C ILE B 466 40.64 -26.82 35.81
N ALA B 467 41.37 -26.68 34.71
CA ALA B 467 40.85 -26.98 33.39
C ALA B 467 40.27 -28.39 33.30
N GLU B 468 41.01 -29.35 33.82
CA GLU B 468 40.57 -30.75 33.82
C GLU B 468 39.32 -30.97 34.69
N THR B 469 39.30 -30.41 35.88
CA THR B 469 38.14 -30.57 36.77
C THR B 469 36.86 -29.97 36.19
N TYR B 470 36.96 -28.76 35.66
CA TYR B 470 35.78 -28.05 35.15
C TYR B 470 35.34 -28.58 33.80
N LYS B 471 36.30 -29.02 32.98
CA LYS B 471 35.96 -29.67 31.72
C LYS B 471 35.09 -30.89 32.01
N ALA B 472 35.49 -31.68 32.99
CA ALA B 472 34.72 -32.85 33.37
C ALA B 472 33.34 -32.45 33.88
N ALA B 473 33.28 -31.38 34.67
CA ALA B 473 32.00 -30.94 35.23
C ALA B 473 31.06 -30.40 34.14
N SER B 474 31.64 -29.82 33.09
CA SER B 474 30.86 -29.29 31.98
C SER B 474 30.08 -30.39 31.25
N GLN B 475 30.42 -31.64 31.49
CA GLN B 475 29.65 -32.76 30.96
C GLN B 475 28.39 -33.08 31.78
N ASN B 476 28.11 -32.31 32.82
CA ASN B 476 26.98 -32.61 33.69
C ASN B 476 25.59 -32.50 33.03
N TYR B 477 25.49 -31.88 31.87
CA TYR B 477 24.23 -31.92 31.12
C TYR B 477 23.78 -33.37 30.90
N ARG B 478 24.75 -34.29 30.83
CA ARG B 478 24.42 -35.73 30.64
C ARG B 478 23.65 -36.32 31.80
N GLN B 479 23.80 -35.75 32.99
CA GLN B 479 23.16 -36.30 34.19
C GLN B 479 21.62 -36.27 34.14
N LEU B 480 21.05 -35.33 33.37
CA LEU B 480 19.59 -35.15 33.38
C LEU B 480 18.92 -35.68 32.13
N PHE B 481 19.68 -36.29 31.23
CA PHE B 481 19.08 -36.78 29.99
C PHE B 481 18.36 -38.08 30.23
N ASP B 482 17.09 -38.14 29.86
CA ASP B 482 16.32 -39.37 29.92
C ASP B 482 16.25 -39.97 28.53
N ALA B 483 17.04 -41.00 28.32
CA ALA B 483 17.07 -41.67 27.01
C ALA B 483 15.75 -42.36 26.62
N GLU B 484 14.90 -42.70 27.58
CA GLU B 484 13.60 -43.27 27.24
C GLU B 484 12.74 -42.31 26.43
N THR B 485 12.56 -41.10 26.95
CA THR B 485 11.74 -40.10 26.29
C THR B 485 12.55 -39.28 25.29
N GLY B 486 13.86 -39.15 25.51
CA GLY B 486 14.72 -38.34 24.64
C GLY B 486 14.81 -36.88 25.05
N TYR B 487 14.45 -36.55 26.29
CA TYR B 487 14.49 -35.17 26.79
C TYR B 487 15.26 -35.06 28.09
N MET B 488 15.74 -33.86 28.37
CA MET B 488 16.22 -33.54 29.70
C MET B 488 15.06 -33.48 30.66
N ARG B 489 15.20 -34.17 31.79
CA ARG B 489 14.17 -34.14 32.82
C ARG B 489 14.81 -34.01 34.20
N ALA B 490 14.01 -33.54 35.15
CA ALA B 490 14.49 -33.28 36.49
C ALA B 490 14.62 -34.58 37.29
N ARG B 491 15.53 -34.59 38.25
CA ARG B 491 15.68 -35.71 39.18
C ARG B 491 15.50 -35.26 40.61
N ASP B 492 14.91 -36.10 41.45
CA ASP B 492 14.92 -35.87 42.91
C ASP B 492 16.31 -36.19 43.52
N ASN B 493 16.44 -35.99 44.84
CA ASN B 493 17.68 -36.33 45.59
C ASN B 493 18.19 -37.74 45.38
N GLN B 494 17.28 -38.70 45.39
CA GLN B 494 17.59 -40.10 45.17
C GLN B 494 17.96 -40.39 43.71
N GLY B 495 17.83 -39.41 42.81
CA GLY B 495 18.21 -39.56 41.41
C GLY B 495 17.12 -40.07 40.47
N ASN B 496 15.88 -40.03 40.91
CA ASN B 496 14.76 -40.52 40.09
C ASN B 496 14.04 -39.40 39.34
N PHE B 497 13.63 -39.70 38.12
CA PHE B 497 12.74 -38.83 37.36
C PHE B 497 11.34 -38.88 37.97
N HIS B 498 10.62 -37.77 37.90
CA HIS B 498 9.25 -37.72 38.34
C HIS B 498 8.35 -38.43 37.33
N PRO B 499 7.37 -39.22 37.82
CA PRO B 499 6.63 -40.13 36.95
C PRO B 499 5.74 -39.46 35.91
N ASP B 500 5.13 -38.32 36.26
CA ASP B 500 4.24 -37.58 35.37
C ASP B 500 5.03 -36.64 34.45
N PHE B 501 5.22 -37.02 33.17
CA PHE B 501 5.98 -36.22 32.22
C PHE B 501 5.18 -35.94 30.96
N SER B 502 5.27 -34.69 30.51
CA SER B 502 4.87 -34.31 29.14
C SER B 502 5.91 -33.34 28.58
N PRO B 503 6.35 -33.57 27.35
CA PRO B 503 7.31 -32.62 26.75
C PRO B 503 6.79 -31.21 26.51
N TYR B 504 5.47 -31.03 26.49
CA TYR B 504 4.84 -29.74 26.27
C TYR B 504 4.60 -28.98 27.55
N SER B 505 4.98 -29.57 28.67
CA SER B 505 4.76 -28.94 29.96
C SER B 505 5.79 -27.85 30.25
N TRP B 506 5.31 -26.67 30.62
CA TRP B 506 6.15 -25.51 30.88
C TRP B 506 6.34 -25.20 32.36
N GLY B 507 7.47 -24.55 32.70
CA GLY B 507 7.78 -24.22 34.10
C GLY B 507 8.16 -25.41 35.01
N ARG B 508 8.23 -25.14 36.31
CA ARG B 508 8.64 -26.08 37.36
C ARG B 508 10.11 -26.47 37.17
N ASP B 509 10.39 -27.41 36.27
CA ASP B 509 11.74 -27.82 35.97
C ASP B 509 12.46 -27.00 34.90
N TYR B 510 11.69 -26.22 34.12
CA TYR B 510 12.21 -25.50 32.97
C TYR B 510 11.81 -24.03 33.03
N ALA B 511 12.76 -23.14 32.83
CA ALA B 511 12.52 -21.71 32.92
C ALA B 511 11.93 -21.17 31.60
N GLU B 512 10.65 -20.80 31.66
CA GLU B 512 9.96 -20.16 30.55
C GLU B 512 10.12 -20.92 29.24
N CYS B 513 10.02 -22.25 29.32
CA CYS B 513 9.97 -23.09 28.15
C CYS B 513 9.59 -24.50 28.58
N SER B 514 9.57 -25.41 27.62
CA SER B 514 9.32 -26.80 27.92
C SER B 514 10.62 -27.58 27.74
N ALA B 515 10.54 -28.86 28.03
CA ALA B 515 11.62 -29.80 27.76
C ALA B 515 12.09 -29.75 26.30
N ILE B 516 11.18 -29.44 25.40
CA ILE B 516 11.51 -29.45 23.97
C ILE B 516 12.61 -28.45 23.66
N GLN B 517 12.48 -27.22 24.18
CA GLN B 517 13.53 -26.21 24.02
C GLN B 517 14.69 -26.47 24.98
N ALA B 518 14.38 -26.79 26.24
CA ALA B 518 15.40 -26.86 27.29
C ALA B 518 16.46 -27.92 26.99
N THR B 519 16.03 -29.02 26.38
CA THR B 519 16.90 -30.12 26.03
C THR B 519 18.00 -29.70 25.07
N LEU B 520 17.78 -28.64 24.30
CA LEU B 520 18.77 -28.16 23.35
C LEU B 520 19.64 -27.08 23.91
N GLY B 521 19.55 -26.83 25.22
CA GLY B 521 20.41 -25.83 25.86
C GLY B 521 21.80 -26.33 26.28
N VAL B 522 22.60 -26.77 25.31
CA VAL B 522 23.97 -27.22 25.56
C VAL B 522 24.85 -26.60 24.51
N LEU B 523 25.09 -25.30 24.63
CA LEU B 523 25.82 -24.55 23.63
C LEU B 523 27.28 -25.02 23.49
N HIS B 524 27.86 -25.45 24.61
CA HIS B 524 29.26 -25.70 24.72
C HIS B 524 29.67 -27.07 24.22
N ASP B 525 28.71 -27.97 24.02
CA ASP B 525 29.05 -29.29 23.55
C ASP B 525 27.96 -29.88 22.68
N ILE B 526 27.76 -29.26 21.53
CA ILE B 526 26.73 -29.72 20.60
C ILE B 526 27.04 -31.12 20.06
N PRO B 527 28.30 -31.35 19.65
CA PRO B 527 28.69 -32.73 19.26
C PRO B 527 28.37 -33.79 20.33
N GLY B 528 28.69 -33.51 21.60
CA GLY B 528 28.33 -34.42 22.68
C GLY B 528 26.83 -34.59 22.88
N LEU B 529 26.09 -33.49 22.75
CA LEU B 529 24.62 -33.58 22.83
C LEU B 529 24.11 -34.51 21.74
N ILE B 530 24.68 -34.41 20.55
CA ILE B 530 24.27 -35.26 19.45
C ILE B 530 24.51 -36.72 19.79
N GLN B 531 25.72 -37.03 20.26
N GLN B 531 25.72 -37.03 20.26
CA GLN B 531 26.05 -38.42 20.63
CA GLN B 531 26.06 -38.40 20.65
C GLN B 531 25.11 -38.88 21.74
C GLN B 531 25.11 -38.87 21.73
N LEU B 532 24.94 -38.03 22.76
CA LEU B 532 23.98 -38.30 23.83
C LEU B 532 22.53 -38.61 23.38
N MET B 533 22.06 -37.97 22.32
CA MET B 533 20.71 -38.21 21.85
C MET B 533 20.62 -39.48 21.00
N GLY B 534 21.76 -40.07 20.67
CA GLY B 534 21.77 -41.29 19.86
C GLY B 534 22.34 -41.12 18.49
N GLY B 535 22.98 -39.99 18.22
CA GLY B 535 23.67 -39.78 16.97
C GLY B 535 22.98 -38.79 16.05
N LYS B 536 23.67 -38.49 14.97
CA LYS B 536 23.30 -37.41 14.06
C LYS B 536 21.87 -37.52 13.53
N GLU B 537 21.46 -38.74 13.20
CA GLU B 537 20.14 -38.95 12.60
C GLU B 537 19.02 -38.72 13.61
N THR B 538 19.17 -39.26 14.81
CA THR B 538 18.18 -39.06 15.86
C THR B 538 18.06 -37.57 16.27
N PHE B 539 19.19 -36.90 16.33
CA PHE B 539 19.27 -35.47 16.61
C PHE B 539 18.53 -34.71 15.51
N SER B 540 18.79 -35.09 14.27
CA SER B 540 18.14 -34.47 13.12
C SER B 540 16.64 -34.58 13.26
N ASN B 541 16.16 -35.76 13.60
CA ASN B 541 14.72 -35.98 13.74
C ASN B 541 14.13 -35.21 14.91
N TYR B 542 14.90 -35.05 15.98
CA TYR B 542 14.48 -34.23 17.11
C TYR B 542 14.22 -32.80 16.63
N LEU B 543 15.14 -32.26 15.84
CA LEU B 543 15.01 -30.89 15.36
C LEU B 543 13.79 -30.74 14.48
N LEU B 544 13.64 -31.68 13.55
CA LEU B 544 12.52 -31.63 12.62
C LEU B 544 11.19 -31.67 13.35
N LYS B 545 11.09 -32.53 14.36
CA LYS B 545 9.87 -32.67 15.09
C LYS B 545 9.54 -31.38 15.85
N ALA B 546 10.56 -30.72 16.38
CA ALA B 546 10.37 -29.43 17.04
C ALA B 546 9.82 -28.39 16.06
N CYS B 547 10.36 -28.36 14.85
CA CYS B 547 9.89 -27.43 13.83
C CYS B 547 8.50 -27.77 13.29
N GLN B 548 8.14 -29.05 13.28
CA GLN B 548 6.89 -29.50 12.72
C GLN B 548 5.72 -29.51 13.69
N ASP B 549 6.00 -29.66 14.97
CA ASP B 549 4.95 -29.70 15.98
C ASP B 549 4.13 -28.42 15.96
N ALA B 550 2.87 -28.55 16.35
CA ALA B 550 2.08 -27.40 16.71
C ALA B 550 2.69 -26.78 17.97
N PRO B 551 2.49 -25.47 18.16
CA PRO B 551 3.03 -24.80 19.34
C PRO B 551 2.20 -25.03 20.61
N LEU B 552 1.98 -26.30 20.93
CA LEU B 552 1.24 -26.66 22.11
C LEU B 552 2.09 -26.36 23.32
N PHE B 553 1.43 -25.97 24.41
CA PHE B 553 2.06 -25.76 25.70
C PHE B 553 1.09 -26.20 26.80
N GLU B 554 1.60 -26.57 27.97
CA GLU B 554 0.75 -26.85 29.12
C GLU B 554 1.20 -26.01 30.26
N THR B 555 0.24 -25.45 31.00
CA THR B 555 0.51 -24.47 32.04
C THR B 555 0.82 -25.10 33.41
N THR B 556 1.01 -26.40 33.42
CA THR B 556 1.19 -27.19 34.64
C THR B 556 2.17 -26.56 35.62
N GLY B 557 3.36 -26.19 35.14
CA GLY B 557 4.38 -25.65 36.02
C GLY B 557 4.08 -24.30 36.64
N TYR B 558 3.08 -23.60 36.12
CA TYR B 558 2.75 -22.24 36.59
C TYR B 558 1.35 -22.18 37.17
N GLY B 559 0.40 -22.92 36.60
CA GLY B 559 -1.04 -22.76 36.90
C GLY B 559 -1.76 -21.64 36.15
N TYR B 560 -1.09 -20.99 35.20
CA TYR B 560 -1.69 -19.94 34.37
C TYR B 560 -0.82 -19.74 33.16
N GLU B 561 -1.32 -18.97 32.20
CA GLU B 561 -0.57 -18.74 30.97
C GLU B 561 0.29 -17.50 31.14
N ILE B 562 1.54 -17.56 30.68
CA ILE B 562 2.43 -16.41 30.68
C ILE B 562 2.70 -15.99 29.26
N HIS B 563 3.15 -14.76 29.10
CA HIS B 563 3.28 -14.17 27.76
C HIS B 563 4.18 -14.98 26.83
N GLU B 564 5.23 -15.60 27.35
CA GLU B 564 6.14 -16.39 26.50
C GLU B 564 5.41 -17.57 25.86
N MET B 565 4.46 -18.16 26.59
CA MET B 565 3.66 -19.24 26.01
C MET B 565 2.78 -18.66 24.89
N SER B 566 2.12 -17.55 25.19
CA SER B 566 1.20 -16.91 24.25
C SER B 566 1.88 -16.50 22.94
N GLU B 567 3.12 -16.00 23.06
CA GLU B 567 3.87 -15.55 21.91
C GLU B 567 4.22 -16.73 21.00
N MET B 568 4.58 -17.85 21.59
CA MET B 568 4.88 -19.05 20.78
C MET B 568 3.61 -19.57 20.13
N ALA B 569 2.55 -19.66 20.93
CA ALA B 569 1.32 -20.31 20.53
C ALA B 569 0.59 -19.56 19.43
N THR B 570 0.70 -18.24 19.42
CA THR B 570 0.08 -17.42 18.39
C THR B 570 0.93 -17.26 17.14
N ALA B 571 2.12 -17.85 17.12
CA ALA B 571 3.04 -17.70 16.01
C ALA B 571 3.09 -18.99 15.20
N PRO B 572 3.49 -18.92 13.92
CA PRO B 572 3.47 -20.08 13.03
C PRO B 572 4.85 -20.71 12.86
N PHE B 573 5.55 -20.96 13.97
CA PHE B 573 6.93 -21.43 13.91
C PHE B 573 7.13 -22.69 14.76
N GLY B 574 6.07 -23.47 14.98
CA GLY B 574 6.14 -24.69 15.78
C GLY B 574 6.69 -24.41 17.17
N GLN B 575 7.64 -25.24 17.62
CA GLN B 575 8.22 -25.08 18.96
C GLN B 575 9.45 -24.22 18.94
N ILE B 576 9.73 -23.56 17.80
CA ILE B 576 10.82 -22.63 17.71
C ILE B 576 10.36 -21.27 18.27
N ALA B 577 10.50 -21.13 19.57
CA ALA B 577 9.95 -19.99 20.27
C ALA B 577 10.89 -18.81 20.25
N ILE B 578 11.02 -18.24 19.05
CA ILE B 578 11.91 -17.11 18.78
C ILE B 578 11.64 -15.88 19.66
N SER B 579 10.43 -15.81 20.24
CA SER B 579 10.08 -14.83 21.28
C SER B 579 10.96 -14.86 22.55
N ASN B 580 11.71 -15.93 22.76
CA ASN B 580 12.53 -16.05 23.95
C ASN B 580 13.91 -16.69 23.67
N GLN B 581 14.88 -16.34 24.51
CA GLN B 581 16.29 -16.72 24.35
C GLN B 581 16.56 -18.19 24.14
N PRO B 582 15.82 -19.09 24.82
CA PRO B 582 16.16 -20.52 24.70
C PRO B 582 16.07 -21.09 23.28
N SER B 583 15.33 -20.44 22.40
CA SER B 583 15.22 -20.92 21.01
C SER B 583 16.13 -20.21 20.01
N PHE B 584 16.83 -19.16 20.44
CA PHE B 584 17.59 -18.32 19.53
C PHE B 584 18.53 -19.13 18.64
N HIS B 585 19.19 -20.14 19.22
CA HIS B 585 20.25 -20.88 18.50
C HIS B 585 19.72 -22.11 17.79
N ILE B 586 18.44 -22.45 17.99
CA ILE B 586 17.93 -23.72 17.51
C ILE B 586 18.00 -23.89 15.99
N PRO B 587 17.66 -22.83 15.21
CA PRO B 587 17.78 -22.96 13.76
C PRO B 587 19.17 -23.30 13.28
N TYR B 588 20.16 -22.80 14.00
CA TYR B 588 21.56 -23.05 13.65
C TYR B 588 22.03 -24.47 13.97
N LEU B 589 21.29 -25.18 14.83
CA LEU B 589 21.62 -26.56 15.13
C LEU B 589 21.47 -27.49 13.92
N PHE B 590 20.67 -27.10 12.93
CA PHE B 590 20.60 -27.86 11.68
C PHE B 590 21.97 -27.92 10.99
N ARG B 591 22.84 -26.97 11.29
CA ARG B 591 24.19 -26.98 10.73
C ARG B 591 25.02 -28.18 11.20
N TYR B 592 24.57 -28.87 12.25
CA TYR B 592 25.24 -30.01 12.80
C TYR B 592 24.46 -31.29 12.47
N SER B 593 23.42 -31.17 11.66
CA SER B 593 22.47 -32.24 11.43
C SER B 593 22.66 -32.86 10.04
N ASP B 594 21.81 -33.82 9.69
CA ASP B 594 21.77 -34.33 8.33
C ASP B 594 21.23 -33.34 7.31
N TYR B 595 20.72 -32.17 7.74
CA TYR B 595 20.10 -31.20 6.84
C TYR B 595 20.63 -29.80 7.10
N PRO B 596 21.89 -29.56 6.77
CA PRO B 596 22.50 -28.26 7.06
C PRO B 596 21.90 -27.09 6.27
N ASP B 597 21.19 -27.36 5.18
CA ASP B 597 20.55 -26.30 4.42
C ASP B 597 19.29 -25.74 5.09
N TYR B 598 18.74 -26.44 6.07
CA TYR B 598 17.48 -26.02 6.67
C TYR B 598 17.63 -24.77 7.52
N THR B 599 18.83 -24.52 8.03
CA THR B 599 19.09 -23.32 8.83
C THR B 599 18.67 -22.05 8.05
N ALA B 600 19.10 -21.97 6.79
CA ALA B 600 18.87 -20.77 5.98
C ALA B 600 17.39 -20.48 5.80
N LEU B 601 16.61 -21.51 5.54
CA LEU B 601 15.18 -21.34 5.33
C LEU B 601 14.48 -20.88 6.61
N LEU B 602 14.85 -21.51 7.71
CA LEU B 602 14.28 -21.14 9.00
C LEU B 602 14.60 -19.68 9.29
N ILE B 603 15.83 -19.26 9.08
CA ILE B 603 16.23 -17.89 9.42
C ILE B 603 15.56 -16.87 8.51
N LYS B 604 15.58 -17.14 7.20
CA LYS B 604 15.01 -16.20 6.25
C LYS B 604 13.53 -15.98 6.55
N THR B 605 12.80 -17.05 6.82
CA THR B 605 11.38 -16.97 7.08
C THR B 605 11.07 -16.37 8.46
N LEU B 606 11.78 -16.80 9.49
CA LEU B 606 11.66 -16.15 10.82
C LEU B 606 11.84 -14.64 10.71
N ARG B 607 12.87 -14.25 10.00
CA ARG B 607 13.21 -12.84 9.90
C ARG B 607 12.12 -12.03 9.20
N GLN B 608 11.55 -12.63 8.16
CA GLN B 608 10.49 -12.01 7.40
C GLN B 608 9.16 -12.00 8.17
N LYS B 609 8.82 -13.09 8.87
CA LYS B 609 7.51 -13.21 9.49
C LYS B 609 7.44 -12.73 10.93
N ALA B 610 8.52 -12.83 11.68
CA ALA B 610 8.48 -12.55 13.13
C ALA B 610 8.76 -11.10 13.55
N PHE B 611 9.32 -10.29 12.65
CA PHE B 611 9.76 -8.93 12.95
C PHE B 611 9.09 -7.98 11.99
N HIS B 612 8.60 -6.85 12.47
CA HIS B 612 7.85 -5.90 11.64
C HIS B 612 8.30 -4.47 11.93
N PRO B 613 8.51 -3.67 10.88
CA PRO B 613 8.95 -2.29 11.09
C PRO B 613 7.78 -1.41 11.52
N SER B 614 7.31 -1.61 12.75
CA SER B 614 6.16 -0.88 13.28
C SER B 614 6.24 -0.94 14.80
N TRP B 615 5.27 -0.33 15.46
CA TRP B 615 5.31 -0.26 16.90
C TRP B 615 5.16 -1.65 17.49
N GLU B 616 4.45 -2.52 16.78
CA GLU B 616 4.31 -3.91 17.17
C GLU B 616 5.46 -4.68 16.53
N ALA B 617 6.66 -4.48 17.02
CA ALA B 617 7.89 -4.79 16.27
C ALA B 617 8.42 -6.20 16.43
N TYR B 618 8.48 -6.69 17.67
CA TYR B 618 9.25 -7.89 17.94
C TYR B 618 8.35 -9.05 18.28
N PRO B 619 8.87 -10.27 18.16
CA PRO B 619 8.07 -11.47 18.52
C PRO B 619 7.95 -11.70 20.01
N GLY B 620 8.74 -10.98 20.79
CA GLY B 620 8.87 -11.19 22.22
C GLY B 620 9.77 -10.13 22.81
N ASP B 621 10.11 -10.28 24.08
CA ASP B 621 10.98 -9.30 24.79
C ASP B 621 12.34 -9.09 24.10
N GLU B 622 12.67 -7.83 23.85
CA GLU B 622 13.90 -7.48 23.20
C GLU B 622 15.10 -7.71 24.12
N ASP B 623 14.89 -7.51 25.43
CA ASP B 623 15.85 -7.89 26.46
C ASP B 623 17.23 -7.22 26.28
N ASN B 624 17.22 -5.90 26.27
CA ASN B 624 18.43 -5.09 26.39
C ASN B 624 19.50 -5.39 25.36
N GLY B 625 19.07 -5.52 24.10
CA GLY B 625 19.97 -5.71 23.00
C GLY B 625 20.09 -7.15 22.56
N SER B 626 19.53 -8.06 23.34
CA SER B 626 19.64 -9.48 23.07
C SER B 626 18.97 -9.90 21.73
N LEU B 627 17.70 -9.54 21.56
CA LEU B 627 16.94 -9.94 20.38
C LEU B 627 17.32 -9.09 19.16
N SER B 628 17.60 -7.80 19.37
CA SER B 628 18.08 -6.99 18.26
C SER B 628 19.40 -7.49 17.72
N ALA B 629 20.28 -7.94 18.61
CA ALA B 629 21.56 -8.49 18.18
C ALA B 629 21.30 -9.78 17.41
N TRP B 630 20.35 -10.61 17.87
CA TRP B 630 19.98 -11.81 17.11
C TRP B 630 19.65 -11.45 15.67
N TYR B 631 18.86 -10.40 15.50
CA TYR B 631 18.41 -9.98 14.18
C TYR B 631 19.58 -9.50 13.34
N ILE B 632 20.44 -8.70 13.95
CA ILE B 632 21.60 -8.17 13.25
C ILE B 632 22.54 -9.28 12.78
N TRP B 633 22.85 -10.23 13.66
CA TRP B 633 23.65 -11.38 13.25
C TRP B 633 22.98 -12.10 12.06
N SER B 634 21.64 -12.19 12.10
CA SER B 634 20.94 -12.88 11.02
C SER B 634 21.27 -12.16 9.72
N ALA B 635 21.27 -10.82 9.78
CA ALA B 635 21.53 -10.00 8.61
C ALA B 635 22.95 -10.13 8.08
N LEU B 636 23.91 -10.32 8.98
CA LEU B 636 25.32 -10.49 8.59
C LEU B 636 25.57 -11.86 7.94
N GLY B 637 24.79 -12.85 8.32
CA GLY B 637 24.84 -14.17 7.73
C GLY B 637 25.52 -15.22 8.56
N PHE B 638 26.00 -14.83 9.74
CA PHE B 638 26.65 -15.77 10.64
C PHE B 638 26.37 -15.45 12.12
N TYR B 639 26.66 -16.40 12.98
CA TYR B 639 26.12 -16.40 14.33
C TYR B 639 27.06 -17.04 15.34
N PRO B 640 27.31 -16.38 16.48
CA PRO B 640 28.15 -16.92 17.54
C PRO B 640 27.44 -17.98 18.39
N THR B 641 27.15 -19.12 17.78
CA THR B 641 26.38 -20.16 18.44
C THR B 641 26.86 -20.46 19.87
N CYS B 642 28.16 -20.65 20.05
CA CYS B 642 28.71 -20.90 21.37
C CYS B 642 29.75 -19.85 21.74
N PRO B 643 29.32 -18.80 22.46
CA PRO B 643 30.31 -17.87 22.95
C PRO B 643 31.32 -18.63 23.80
N GLY B 644 32.61 -18.33 23.60
CA GLY B 644 33.67 -19.07 24.26
C GLY B 644 34.38 -20.04 23.34
N LYS B 645 33.73 -20.38 22.23
CA LYS B 645 34.40 -21.00 21.08
C LYS B 645 34.54 -19.98 19.96
N PRO B 646 35.76 -19.83 19.40
CA PRO B 646 36.07 -18.76 18.43
C PRO B 646 35.58 -19.09 17.01
N SER B 647 34.28 -19.28 16.91
CA SER B 647 33.66 -19.89 15.75
C SER B 647 32.22 -19.37 15.54
N TYR B 648 31.79 -19.30 14.28
CA TYR B 648 30.46 -18.82 13.93
C TYR B 648 29.78 -19.76 12.95
N ASP B 649 28.53 -20.13 13.21
CA ASP B 649 27.74 -20.90 12.26
C ASP B 649 27.15 -19.99 11.19
N LEU B 650 26.86 -20.56 10.02
CA LEU B 650 26.31 -19.81 8.90
C LEU B 650 24.79 -19.84 8.89
N GLY B 651 24.20 -18.71 8.55
CA GLY B 651 22.76 -18.61 8.34
C GLY B 651 22.51 -18.17 6.91
N ILE B 652 21.95 -16.98 6.75
CA ILE B 652 21.69 -16.42 5.46
C ILE B 652 21.49 -14.91 5.58
N PRO B 653 22.29 -14.11 4.86
CA PRO B 653 22.24 -12.67 5.06
C PRO B 653 21.02 -12.04 4.42
N LEU B 654 20.85 -10.76 4.70
CA LEU B 654 19.65 -10.03 4.34
C LEU B 654 19.85 -9.14 3.11
N PHE B 655 20.92 -8.37 3.08
CA PHE B 655 21.11 -7.34 2.05
C PHE B 655 22.01 -7.80 0.92
N ASP B 656 21.86 -7.17 -0.26
CA ASP B 656 22.78 -7.42 -1.37
C ASP B 656 24.22 -7.15 -1.00
N HIS B 657 24.45 -6.00 -0.35
CA HIS B 657 25.79 -5.59 0.00
C HIS B 657 25.79 -4.75 1.27
N LEU B 658 26.43 -5.29 2.30
CA LEU B 658 26.54 -4.65 3.61
C LEU B 658 27.99 -4.71 4.03
N ARG B 659 28.51 -3.62 4.58
CA ARG B 659 29.84 -3.60 5.18
C ARG B 659 29.73 -3.52 6.70
N VAL B 660 30.64 -4.21 7.38
CA VAL B 660 30.73 -4.15 8.82
C VAL B 660 32.17 -3.89 9.21
N TYR B 661 32.35 -2.96 10.13
CA TYR B 661 33.68 -2.54 10.54
C TYR B 661 34.24 -3.49 11.60
N LEU B 662 35.23 -4.30 11.23
CA LEU B 662 35.93 -5.17 12.16
C LEU B 662 36.98 -4.34 12.88
N ALA B 663 36.59 -3.76 14.00
CA ALA B 663 37.34 -2.67 14.60
C ALA B 663 38.71 -3.13 15.09
N LYS B 664 38.81 -4.37 15.53
CA LYS B 664 40.07 -4.91 15.99
C LYS B 664 41.17 -4.87 14.90
N GLU B 665 40.79 -5.01 13.63
CA GLU B 665 41.70 -4.94 12.50
C GLU B 665 41.65 -3.60 11.80
N ASP B 666 40.87 -2.67 12.33
CA ASP B 666 40.65 -1.40 11.67
C ASP B 666 40.38 -1.55 10.17
N LYS B 667 39.48 -2.45 9.81
CA LYS B 667 39.08 -2.54 8.41
C LYS B 667 37.64 -3.00 8.24
N TRP B 668 37.13 -2.78 7.04
CA TRP B 668 35.78 -3.18 6.67
C TRP B 668 35.72 -4.59 6.11
N LEU B 669 34.73 -5.35 6.56
CA LEU B 669 34.39 -6.61 5.89
C LEU B 669 33.21 -6.34 4.95
N ASP B 670 33.37 -6.67 3.67
CA ASP B 670 32.27 -6.55 2.71
C ASP B 670 31.52 -7.87 2.60
N ILE B 671 30.23 -7.82 2.93
CA ILE B 671 29.36 -8.98 2.88
C ILE B 671 28.41 -8.85 1.70
N HIS B 672 28.51 -9.81 0.78
CA HIS B 672 27.74 -9.78 -0.45
C HIS B 672 26.79 -10.95 -0.50
N THR B 673 25.57 -10.69 -0.98
CA THR B 673 24.60 -11.74 -1.20
C THR B 673 24.23 -11.73 -2.69
N LYS B 674 24.56 -12.81 -3.36
CA LYS B 674 24.26 -12.98 -4.77
C LYS B 674 23.02 -13.82 -4.96
N GLN B 675 22.28 -13.49 -6.01
CA GLN B 675 20.99 -14.09 -6.29
C GLN B 675 20.06 -13.93 -5.08
N ASN B 676 19.99 -12.70 -4.60
CA ASN B 676 19.30 -12.40 -3.35
C ASN B 676 17.81 -12.20 -3.55
N HIS B 677 17.14 -13.26 -4.01
CA HIS B 677 15.73 -13.22 -4.28
C HIS B 677 14.97 -13.65 -3.03
N ASN B 678 13.78 -13.10 -2.85
CA ASN B 678 12.97 -13.40 -1.69
C ASN B 678 12.48 -14.82 -1.63
N HIS B 679 12.34 -15.45 -2.80
CA HIS B 679 11.91 -16.85 -2.90
C HIS B 679 13.10 -17.81 -2.92
N PHE B 680 14.31 -17.30 -2.78
CA PHE B 680 15.48 -18.18 -2.61
C PHE B 680 15.80 -18.29 -1.10
N ASN B 681 15.50 -19.45 -0.51
CA ASN B 681 15.67 -19.65 0.92
C ASN B 681 16.93 -20.41 1.33
N PHE B 682 17.83 -20.69 0.40
CA PHE B 682 18.98 -21.52 0.69
C PHE B 682 20.25 -20.90 0.20
N VAL B 683 21.35 -21.34 0.80
CA VAL B 683 22.67 -20.86 0.46
C VAL B 683 23.30 -21.94 -0.39
N LYS B 684 23.64 -21.58 -1.62
CA LYS B 684 24.33 -22.50 -2.51
C LYS B 684 25.78 -22.61 -2.08
N GLU B 685 26.42 -21.48 -1.86
CA GLU B 685 27.78 -21.49 -1.35
C GLU B 685 28.12 -20.22 -0.62
N CYS B 686 29.15 -20.33 0.23
CA CYS B 686 29.66 -19.21 0.99
C CYS B 686 31.18 -19.19 0.90
N ARG B 687 31.73 -18.05 0.49
CA ARG B 687 33.17 -17.88 0.38
C ARG B 687 33.69 -16.80 1.28
N LEU B 688 34.68 -17.14 2.10
CA LEU B 688 35.41 -16.16 2.89
C LEU B 688 36.67 -15.83 2.08
N ASP B 689 36.76 -14.61 1.57
CA ASP B 689 37.62 -14.29 0.42
C ASP B 689 37.42 -15.35 -0.68
N LYS B 690 38.44 -16.14 -0.99
CA LYS B 690 38.33 -17.15 -2.04
C LYS B 690 37.89 -18.50 -1.50
N THR B 691 37.90 -18.68 -0.19
CA THR B 691 37.74 -20.01 0.39
C THR B 691 36.28 -20.36 0.70
N LEU B 692 35.87 -21.51 0.17
CA LEU B 692 34.58 -22.09 0.45
C LEU B 692 34.51 -22.50 1.93
N VAL B 693 33.48 -22.05 2.64
CA VAL B 693 33.34 -22.35 4.07
C VAL B 693 31.95 -22.81 4.42
N SER B 694 31.86 -23.68 5.42
CA SER B 694 30.58 -24.04 6.00
C SER B 694 30.46 -23.57 7.46
N THR B 695 31.56 -23.15 8.05
CA THR B 695 31.64 -22.57 9.40
C THR B 695 32.77 -21.56 9.33
N ILE B 696 32.68 -20.49 10.12
CA ILE B 696 33.70 -19.44 10.06
C ILE B 696 34.46 -19.38 11.36
N GLN B 697 35.79 -19.44 11.27
CA GLN B 697 36.65 -19.28 12.44
C GLN B 697 36.96 -17.81 12.60
N HIS B 698 36.94 -17.35 13.86
CA HIS B 698 37.15 -15.95 14.17
C HIS B 698 38.45 -15.37 13.57
N GLN B 699 39.54 -16.10 13.72
CA GLN B 699 40.83 -15.70 13.14
C GLN B 699 40.75 -15.48 11.65
N ASP B 700 40.10 -16.40 10.95
CA ASP B 700 39.92 -16.28 9.51
C ASP B 700 39.04 -15.09 9.18
N LEU B 701 37.96 -14.94 9.94
CA LEU B 701 37.08 -13.79 9.76
C LEU B 701 37.88 -12.49 9.80
N LEU B 702 38.73 -12.35 10.80
CA LEU B 702 39.49 -11.11 10.98
C LEU B 702 40.54 -10.88 9.89
N LYS B 703 41.04 -11.95 9.27
CA LYS B 703 41.97 -11.81 8.15
C LYS B 703 41.27 -11.54 6.84
N ALA B 704 39.95 -11.71 6.76
CA ALA B 704 39.23 -11.63 5.48
C ALA B 704 38.88 -10.20 5.02
N GLU B 705 38.68 -10.04 3.71
N GLU B 705 38.69 -10.04 3.72
CA GLU B 705 38.21 -8.79 3.10
CA GLU B 705 38.21 -8.79 3.11
C GLU B 705 36.74 -8.88 2.69
C GLU B 705 36.73 -8.88 2.70
N GLN B 706 36.32 -10.07 2.25
CA GLN B 706 35.02 -10.26 1.61
C GLN B 706 34.38 -11.52 2.14
N LEU B 707 33.05 -11.48 2.26
CA LEU B 707 32.28 -12.67 2.61
C LEU B 707 31.15 -12.70 1.64
N THR B 708 31.08 -13.76 0.85
CA THR B 708 30.15 -13.81 -0.28
C THR B 708 29.27 -15.02 -0.21
N PHE B 709 27.97 -14.77 -0.07
CA PHE B 709 26.97 -15.82 -0.10
C PHE B 709 26.32 -15.82 -1.45
N THR B 710 26.11 -17.00 -2.01
CA THR B 710 25.29 -17.13 -3.19
C THR B 710 24.09 -17.98 -2.83
N LEU B 711 22.91 -17.45 -3.10
CA LEU B 711 21.66 -18.09 -2.72
C LEU B 711 21.15 -19.03 -3.82
N SER B 712 20.26 -19.95 -3.44
CA SER B 712 19.61 -20.82 -4.40
C SER B 712 18.16 -21.08 -4.05
N TRP B 713 17.42 -21.48 -5.09
CA TRP B 713 16.01 -21.76 -5.01
C TRP B 713 15.76 -23.04 -4.22
N LEU B 714 16.64 -24.02 -4.37
CA LEU B 714 16.52 -25.30 -3.71
C LEU B 714 17.80 -25.64 -2.98
N PRO B 715 17.73 -26.57 -2.01
CA PRO B 715 18.94 -27.00 -1.31
C PRO B 715 19.92 -27.66 -2.29
N SER B 716 21.22 -27.51 -2.03
CA SER B 716 22.28 -28.03 -2.92
C SER B 716 23.31 -28.97 -2.28
N LYS C 25 -18.36 -13.10 -1.68
CA LYS C 25 -18.50 -12.97 -0.19
C LYS C 25 -19.60 -11.99 0.19
N PRO C 26 -20.62 -12.44 0.94
CA PRO C 26 -21.70 -11.53 1.27
C PRO C 26 -21.28 -10.39 2.20
N LEU C 27 -21.98 -9.27 2.08
CA LEU C 27 -21.66 -8.08 2.83
C LEU C 27 -21.47 -8.37 4.32
N LEU C 28 -22.39 -9.15 4.88
CA LEU C 28 -22.38 -9.38 6.31
C LEU C 28 -21.07 -9.99 6.81
N GLU C 29 -20.48 -10.86 6.01
CA GLU C 29 -19.20 -11.44 6.36
C GLU C 29 -18.00 -10.51 6.23
N THR C 30 -18.16 -9.38 5.54
CA THR C 30 -17.07 -8.42 5.41
C THR C 30 -17.09 -7.40 6.52
N ILE C 31 -18.12 -7.38 7.36
CA ILE C 31 -18.19 -6.41 8.44
C ILE C 31 -17.43 -6.94 9.65
N ASP C 32 -16.54 -6.11 10.20
CA ASP C 32 -15.73 -6.48 11.33
C ASP C 32 -16.26 -5.70 12.52
N THR C 33 -16.71 -6.43 13.54
CA THR C 33 -17.35 -5.78 14.69
C THR C 33 -16.39 -5.07 15.59
N ARG C 34 -15.09 -5.22 15.32
CA ARG C 34 -14.07 -4.56 16.11
C ARG C 34 -13.83 -3.10 15.76
N PHE C 35 -14.41 -2.59 14.67
CA PHE C 35 -14.26 -1.15 14.38
C PHE C 35 -14.79 -0.38 15.56
N GLY C 36 -13.98 0.54 16.08
CA GLY C 36 -14.36 1.40 17.19
C GLY C 36 -14.03 0.87 18.56
N THR C 37 -13.44 -0.33 18.64
CA THR C 37 -13.29 -1.03 19.93
C THR C 37 -11.97 -0.82 20.63
N THR C 38 -11.06 -0.01 20.07
CA THR C 38 -9.82 0.37 20.76
C THR C 38 -10.04 1.68 21.49
N ASN C 39 -10.07 1.63 22.82
CA ASN C 39 -10.37 2.83 23.59
C ASN C 39 -9.72 2.77 24.94
N LYS C 40 -9.57 3.94 25.55
CA LYS C 40 -9.34 4.03 26.96
C LYS C 40 -10.19 5.15 27.51
N HIS C 41 -10.33 5.16 28.82
CA HIS C 41 -11.08 6.19 29.51
C HIS C 41 -10.74 7.59 29.01
N ALA C 42 -9.45 7.83 28.75
CA ALA C 42 -8.98 9.15 28.34
C ALA C 42 -9.10 9.47 26.85
N PHE C 43 -9.41 8.48 26.01
CA PHE C 43 -9.45 8.72 24.57
C PHE C 43 -10.28 7.67 23.84
N SER C 44 -11.27 8.13 23.08
CA SER C 44 -12.23 7.27 22.43
C SER C 44 -11.99 7.24 20.95
N ARG C 45 -12.03 6.03 20.38
N ARG C 45 -12.03 6.04 20.38
CA ARG C 45 -12.14 5.84 18.94
CA ARG C 45 -12.13 5.87 18.93
C ARG C 45 -13.49 5.25 18.58
C ARG C 45 -13.49 5.25 18.58
N GLY C 46 -14.51 5.52 19.39
CA GLY C 46 -15.85 4.99 19.17
C GLY C 46 -16.49 4.46 20.46
N ASN C 47 -15.66 3.94 21.36
CA ASN C 47 -16.14 3.32 22.59
C ASN C 47 -17.25 2.34 22.29
N THR C 48 -17.04 1.55 21.24
CA THR C 48 -17.97 0.50 20.87
C THR C 48 -17.44 -0.84 21.42
N LEU C 49 -18.24 -1.89 21.28
CA LEU C 49 -17.85 -3.25 21.62
C LEU C 49 -18.10 -4.07 20.38
N PRO C 50 -17.42 -5.23 20.25
CA PRO C 50 -17.63 -6.07 19.10
C PRO C 50 -18.86 -6.94 19.27
N TYR C 51 -20.02 -6.29 19.23
CA TYR C 51 -21.28 -6.97 19.55
C TYR C 51 -21.65 -7.98 18.49
N THR C 52 -21.77 -9.24 18.90
CA THR C 52 -22.37 -10.27 18.07
C THR C 52 -23.80 -10.44 18.57
N GLY C 53 -24.74 -10.35 17.65
CA GLY C 53 -26.17 -10.29 17.99
C GLY C 53 -27.02 -10.19 16.74
N VAL C 54 -28.31 -10.40 16.90
CA VAL C 54 -29.27 -10.04 15.85
C VAL C 54 -29.61 -8.57 16.04
N PRO C 55 -30.14 -7.93 14.99
CA PRO C 55 -30.49 -6.52 15.15
C PRO C 55 -31.45 -6.30 16.34
N PHE C 56 -31.16 -5.30 17.14
CA PHE C 56 -31.93 -4.96 18.32
C PHE C 56 -32.13 -6.13 19.29
N GLY C 57 -31.20 -7.09 19.29
CA GLY C 57 -31.31 -8.28 20.13
C GLY C 57 -31.37 -7.94 21.59
N MET C 58 -31.87 -8.87 22.38
CA MET C 58 -32.03 -8.62 23.82
C MET C 58 -30.69 -8.79 24.54
N ASN C 59 -29.88 -9.73 24.05
CA ASN C 59 -28.52 -9.92 24.56
C ASN C 59 -27.55 -9.81 23.41
N TYR C 60 -26.37 -9.27 23.69
CA TYR C 60 -25.28 -9.34 22.74
C TYR C 60 -24.13 -10.15 23.36
N PHE C 61 -23.19 -10.55 22.50
CA PHE C 61 -22.10 -11.46 22.86
C PHE C 61 -20.77 -10.90 22.39
N VAL C 62 -19.82 -10.78 23.33
CA VAL C 62 -18.50 -10.21 23.06
C VAL C 62 -17.45 -10.98 23.88
N PRO C 63 -16.25 -11.18 23.31
CA PRO C 63 -15.18 -11.75 24.12
C PRO C 63 -14.77 -10.80 25.22
N GLN C 64 -14.38 -11.34 26.34
CA GLN C 64 -13.86 -10.53 27.42
C GLN C 64 -12.33 -10.69 27.44
N THR C 65 -11.64 -9.57 27.37
CA THR C 65 -10.18 -9.55 27.41
C THR C 65 -9.68 -9.46 28.84
N SER C 66 -10.36 -8.69 29.68
CA SER C 66 -9.88 -8.42 31.00
C SER C 66 -11.04 -8.04 31.93
N ASP C 67 -10.93 -8.35 33.23
CA ASP C 67 -11.86 -7.76 34.18
C ASP C 67 -11.19 -6.79 35.17
N GLN C 68 -10.03 -6.29 34.82
CA GLN C 68 -9.31 -5.35 35.67
C GLN C 68 -9.35 -3.94 35.12
N ASP C 69 -10.05 -3.72 34.02
CA ASP C 69 -10.09 -2.41 33.40
C ASP C 69 -11.49 -1.77 33.44
N GLY C 70 -12.28 -2.11 34.46
CA GLY C 70 -13.67 -1.60 34.56
C GLY C 70 -14.49 -1.94 33.33
N SER C 71 -15.18 -0.93 32.79
CA SER C 71 -16.00 -1.10 31.60
C SER C 71 -15.22 -1.35 30.31
N TRP C 72 -13.92 -1.07 30.30
CA TRP C 72 -13.11 -1.22 29.08
C TRP C 72 -12.54 -2.64 29.03
N PHE C 73 -13.43 -3.62 28.91
CA PHE C 73 -13.09 -5.01 29.15
C PHE C 73 -12.72 -5.77 27.89
N PHE C 74 -12.77 -5.10 26.75
CA PHE C 74 -12.33 -5.72 25.50
C PHE C 74 -11.27 -4.87 24.79
N ASP C 75 -10.21 -5.53 24.31
CA ASP C 75 -9.13 -4.90 23.55
C ASP C 75 -8.87 -5.78 22.33
N PRO C 76 -9.16 -5.26 21.13
CA PRO C 76 -8.99 -6.10 19.95
C PRO C 76 -7.53 -6.48 19.62
N HIS C 77 -6.58 -5.69 20.13
CA HIS C 77 -5.15 -5.91 19.84
C HIS C 77 -4.53 -6.99 20.73
N LEU C 78 -5.15 -7.33 21.87
CA LEU C 78 -4.53 -8.27 22.78
C LEU C 78 -5.03 -9.69 22.55
N PRO C 79 -4.15 -10.64 22.22
CA PRO C 79 -4.64 -11.99 21.86
C PRO C 79 -4.91 -12.87 23.09
N ILE C 80 -5.70 -12.33 24.00
CA ILE C 80 -6.00 -12.98 25.26
C ILE C 80 -7.51 -12.91 25.43
N PHE C 81 -8.11 -13.99 25.89
CA PHE C 81 -9.49 -13.87 26.30
C PHE C 81 -9.85 -14.78 27.47
N GLN C 82 -10.86 -14.30 28.19
CA GLN C 82 -11.30 -14.88 29.45
C GLN C 82 -12.61 -15.62 29.35
N GLY C 83 -13.17 -15.65 28.16
CA GLY C 83 -14.46 -16.27 27.90
C GLY C 83 -15.33 -15.35 27.06
N ILE C 84 -16.54 -15.81 26.77
CA ILE C 84 -17.50 -15.00 26.05
C ILE C 84 -18.48 -14.40 27.01
N ARG C 85 -18.66 -13.10 26.89
CA ARG C 85 -19.54 -12.41 27.80
C ARG C 85 -20.85 -12.10 27.12
N LEU C 86 -21.92 -12.65 27.68
CA LEU C 86 -23.27 -12.23 27.35
C LEU C 86 -23.44 -10.90 28.03
N THR C 87 -23.60 -9.84 27.25
CA THR C 87 -23.53 -8.48 27.79
C THR C 87 -24.80 -7.67 27.50
N HIS C 88 -25.02 -6.63 28.29
CA HIS C 88 -26.03 -5.61 27.98
C HIS C 88 -25.40 -4.23 28.09
N GLN C 89 -24.09 -4.15 27.98
CA GLN C 89 -23.39 -2.90 28.09
C GLN C 89 -23.57 -2.10 26.81
N PRO C 90 -24.13 -0.87 26.91
CA PRO C 90 -24.35 0.00 25.75
C PRO C 90 -23.25 1.06 25.58
N SER C 91 -22.43 1.23 26.59
CA SER C 91 -21.35 2.18 26.60
C SER C 91 -20.55 1.94 27.87
N PRO C 92 -19.27 2.37 27.89
CA PRO C 92 -18.49 2.15 29.08
C PRO C 92 -18.86 3.09 30.22
N TRP C 93 -19.52 4.19 29.91
CA TRP C 93 -20.00 5.15 30.92
C TRP C 93 -21.19 4.58 31.68
N ILE C 94 -22.05 3.83 30.99
CA ILE C 94 -23.19 3.19 31.60
C ILE C 94 -22.77 1.88 32.28
N GLY C 95 -21.86 1.14 31.66
CA GLY C 95 -21.43 -0.14 32.19
C GLY C 95 -22.39 -1.24 31.80
N ASP C 96 -22.26 -2.37 32.48
CA ASP C 96 -22.97 -3.59 32.10
C ASP C 96 -23.96 -3.98 33.19
N TYR C 97 -24.87 -4.90 32.86
CA TYR C 97 -25.81 -5.45 33.82
C TYR C 97 -26.36 -6.75 33.30
N SER C 98 -26.78 -7.62 34.23
CA SER C 98 -27.35 -8.91 33.88
C SER C 98 -26.44 -9.63 32.89
N TRP C 99 -25.15 -9.59 33.16
CA TRP C 99 -24.18 -10.18 32.26
C TRP C 99 -23.65 -11.47 32.83
N LEU C 100 -23.18 -12.31 31.91
CA LEU C 100 -22.75 -13.63 32.26
C LEU C 100 -21.54 -13.99 31.39
N LEU C 101 -20.45 -14.45 32.03
CA LEU C 101 -19.25 -14.86 31.31
C LEU C 101 -19.20 -16.37 31.25
N LEU C 102 -19.11 -16.89 30.04
CA LEU C 102 -19.01 -18.32 29.79
C LEU C 102 -17.62 -18.68 29.28
N THR C 103 -16.93 -19.59 29.95
CA THR C 103 -15.55 -19.86 29.65
C THR C 103 -15.33 -21.36 29.42
N PRO C 104 -15.17 -21.77 28.16
CA PRO C 104 -14.83 -23.16 27.91
C PRO C 104 -13.37 -23.48 28.28
N VAL C 105 -13.17 -24.60 28.96
CA VAL C 105 -11.85 -25.07 29.33
C VAL C 105 -11.81 -26.57 29.16
N THR C 106 -10.61 -27.14 29.17
CA THR C 106 -10.46 -28.59 29.31
C THR C 106 -10.75 -28.96 30.73
N SER C 107 -11.43 -30.08 30.92
CA SER C 107 -11.69 -30.57 32.28
C SER C 107 -10.38 -30.77 33.05
N GLN C 108 -9.36 -31.30 32.38
CA GLN C 108 -8.02 -31.40 33.00
C GLN C 108 -7.34 -30.03 33.06
N LEU C 109 -6.32 -29.91 33.90
CA LEU C 109 -5.57 -28.66 34.07
C LEU C 109 -6.50 -27.48 34.36
N GLY C 110 -6.31 -26.34 33.69
CA GLY C 110 -7.05 -25.12 34.00
C GLY C 110 -6.32 -24.27 35.04
N GLY C 111 -7.09 -23.55 35.86
CA GLY C 111 -6.53 -22.66 36.87
C GLY C 111 -7.56 -22.23 37.88
N ASP C 112 -7.13 -21.44 38.87
CA ASP C 112 -7.90 -21.27 40.10
C ASP C 112 -8.70 -19.99 40.19
N SER C 113 -8.72 -19.23 39.10
CA SER C 113 -9.58 -18.07 39.02
C SER C 113 -9.83 -17.79 37.56
N LEU C 114 -10.78 -16.92 37.34
CA LEU C 114 -11.14 -16.43 36.01
C LEU C 114 -9.90 -15.87 35.30
N PHE C 115 -9.15 -15.04 36.01
CA PHE C 115 -7.89 -14.49 35.51
C PHE C 115 -6.86 -15.58 35.20
N HIS C 116 -6.72 -16.54 36.10
CA HIS C 116 -5.75 -17.63 35.89
C HIS C 116 -6.26 -18.70 34.94
N ARG C 117 -7.49 -18.55 34.45
CA ARG C 117 -8.01 -19.40 33.35
C ARG C 117 -7.92 -18.71 31.97
N GLN C 118 -7.45 -17.45 31.92
CA GLN C 118 -7.39 -16.75 30.64
C GLN C 118 -6.44 -17.45 29.68
N SER C 119 -6.77 -17.37 28.39
CA SER C 119 -6.09 -18.12 27.36
C SER C 119 -5.69 -17.19 26.23
N SER C 120 -4.56 -17.45 25.59
CA SER C 120 -4.29 -16.79 24.34
C SER C 120 -5.26 -17.32 23.30
N TYR C 121 -5.46 -16.53 22.25
CA TYR C 121 -6.21 -16.98 21.09
C TYR C 121 -5.59 -16.43 19.83
N ASP C 122 -5.99 -17.04 18.73
CA ASP C 122 -5.45 -16.74 17.43
C ASP C 122 -6.26 -15.62 16.76
N ILE C 123 -5.79 -14.37 16.87
CA ILE C 123 -6.50 -13.23 16.38
C ILE C 123 -6.73 -13.29 14.89
N ASP C 124 -5.75 -13.76 14.14
CA ASP C 124 -5.87 -13.77 12.68
C ASP C 124 -6.90 -14.74 12.20
N LYS C 125 -7.09 -15.84 12.92
CA LYS C 125 -8.09 -16.81 12.51
C LYS C 125 -9.46 -16.59 13.16
N ALA C 126 -9.57 -15.66 14.09
CA ALA C 126 -10.83 -15.39 14.77
C ALA C 126 -11.78 -14.78 13.77
N CYS C 127 -13.08 -15.00 13.95
CA CYS C 127 -14.10 -14.26 13.18
C CYS C 127 -14.88 -13.36 14.12
N PHE C 128 -14.99 -12.10 13.75
CA PHE C 128 -15.73 -11.10 14.47
C PHE C 128 -16.79 -10.50 13.54
N GLN C 129 -17.87 -11.25 13.32
CA GLN C 129 -18.95 -10.81 12.44
C GLN C 129 -20.20 -10.57 13.26
N PRO C 130 -21.12 -9.75 12.74
CA PRO C 130 -22.31 -9.43 13.51
C PRO C 130 -23.12 -10.67 13.92
N HIS C 131 -23.13 -11.68 13.05
CA HIS C 131 -23.93 -12.86 13.25
C HIS C 131 -23.09 -14.10 13.58
N TYR C 132 -21.78 -13.93 13.81
CA TYR C 132 -20.88 -15.08 13.93
C TYR C 132 -19.59 -14.70 14.60
N LEU C 133 -19.31 -15.38 15.72
CA LEU C 133 -18.13 -15.15 16.52
C LEU C 133 -17.40 -16.47 16.61
N LYS C 134 -16.14 -16.49 16.20
CA LYS C 134 -15.31 -17.68 16.31
C LYS C 134 -13.95 -17.34 16.89
N LEU C 135 -13.56 -18.09 17.93
CA LEU C 135 -12.28 -17.93 18.61
C LEU C 135 -11.69 -19.27 18.91
N PHE C 136 -10.37 -19.38 18.79
CA PHE C 136 -9.69 -20.63 19.13
C PHE C 136 -8.79 -20.38 20.33
N SER C 137 -9.14 -21.02 21.44
CA SER C 137 -8.34 -20.89 22.66
C SER C 137 -7.12 -21.82 22.56
N LEU C 138 -5.93 -21.23 22.51
CA LEU C 138 -4.72 -21.99 22.27
C LEU C 138 -4.31 -22.80 23.49
N ARG C 139 -4.57 -22.27 24.67
CA ARG C 139 -4.29 -22.97 25.90
C ARG C 139 -5.08 -24.26 26.06
N TYR C 140 -6.35 -24.23 25.73
CA TYR C 140 -7.22 -25.38 25.92
C TYR C 140 -7.44 -26.16 24.63
N GLN C 141 -6.95 -25.63 23.53
CA GLN C 141 -7.21 -26.16 22.21
C GLN C 141 -8.71 -26.36 21.97
N ILE C 142 -9.49 -25.35 22.31
CA ILE C 142 -10.93 -25.35 22.12
C ILE C 142 -11.36 -24.29 21.11
N GLU C 143 -12.05 -24.74 20.05
CA GLU C 143 -12.71 -23.86 19.12
C GLU C 143 -14.14 -23.57 19.59
N THR C 144 -14.41 -22.29 19.85
CA THR C 144 -15.70 -21.79 20.23
C THR C 144 -16.33 -21.03 19.06
N GLN C 145 -17.57 -21.41 18.70
CA GLN C 145 -18.37 -20.70 17.72
C GLN C 145 -19.69 -20.32 18.34
N LEU C 146 -20.14 -19.09 18.07
CA LEU C 146 -21.39 -18.60 18.58
C LEU C 146 -22.14 -17.89 17.47
N THR C 147 -23.44 -18.15 17.40
CA THR C 147 -24.33 -17.39 16.52
C THR C 147 -25.56 -17.01 17.32
N PRO C 148 -26.00 -15.75 17.22
CA PRO C 148 -27.06 -15.25 18.10
C PRO C 148 -28.49 -15.46 17.59
N THR C 149 -29.44 -15.42 18.52
CA THR C 149 -30.85 -15.19 18.23
C THR C 149 -31.20 -13.99 19.07
N CYS C 150 -32.45 -13.53 18.97
CA CYS C 150 -32.86 -12.36 19.73
C CYS C 150 -32.69 -12.59 21.22
N TYR C 151 -33.16 -13.73 21.68
CA TYR C 151 -33.23 -14.02 23.11
C TYR C 151 -32.11 -14.96 23.58
N GLY C 152 -31.37 -15.56 22.65
CA GLY C 152 -30.36 -16.53 23.04
C GLY C 152 -29.22 -16.64 22.05
N ALA C 153 -28.71 -17.86 21.91
CA ALA C 153 -27.60 -18.14 21.02
C ALA C 153 -27.42 -19.61 20.87
N SER C 154 -26.81 -20.00 19.76
CA SER C 154 -26.35 -21.36 19.54
C SER C 154 -24.83 -21.33 19.59
N ILE C 155 -24.24 -22.30 20.31
CA ILE C 155 -22.81 -22.34 20.57
C ILE C 155 -22.26 -23.72 20.27
N ARG C 156 -21.16 -23.78 19.53
CA ARG C 156 -20.47 -25.04 19.31
C ARG C 156 -19.08 -24.95 19.94
N LEU C 157 -18.75 -25.97 20.73
CA LEU C 157 -17.47 -26.06 21.40
C LEU C 157 -16.81 -27.33 20.91
N ASN C 158 -15.51 -27.25 20.63
CA ASN C 158 -14.79 -28.41 20.17
C ASN C 158 -13.36 -28.45 20.66
N GLN C 159 -13.07 -29.40 21.55
CA GLN C 159 -11.72 -29.61 22.06
C GLN C 159 -11.04 -30.50 21.03
N LYS C 160 -10.08 -29.96 20.32
CA LYS C 160 -9.54 -30.60 19.12
C LYS C 160 -8.66 -31.82 19.37
N GLN C 161 -8.31 -32.08 20.62
CA GLN C 161 -7.57 -33.28 20.95
C GLN C 161 -8.45 -34.37 21.53
N GLY C 162 -9.75 -34.13 21.60
CA GLY C 162 -10.68 -35.12 22.12
C GLY C 162 -10.72 -35.19 23.62
N LYS C 163 -10.25 -34.15 24.32
CA LYS C 163 -10.32 -34.13 25.76
C LYS C 163 -11.66 -33.57 26.21
N ALA C 164 -12.10 -34.01 27.37
CA ALA C 164 -13.42 -33.62 27.85
C ALA C 164 -13.48 -32.14 28.17
N LEU C 165 -14.66 -31.57 27.91
CA LEU C 165 -14.92 -30.14 28.12
C LEU C 165 -15.49 -29.89 29.47
N SER C 166 -15.11 -28.76 30.06
CA SER C 166 -15.87 -28.18 31.14
C SER C 166 -16.17 -26.73 30.76
N LEU C 167 -17.13 -26.15 31.46
CA LEU C 167 -17.57 -24.79 31.18
C LEU C 167 -17.70 -24.02 32.48
N TYR C 168 -17.01 -22.88 32.57
CA TYR C 168 -17.12 -22.01 33.75
C TYR C 168 -18.12 -20.90 33.52
N LEU C 169 -18.80 -20.51 34.59
CA LEU C 169 -19.81 -19.48 34.54
C LEU C 169 -19.48 -18.48 35.63
N HIS C 170 -19.48 -17.19 35.28
CA HIS C 170 -19.19 -16.13 36.22
C HIS C 170 -20.10 -14.93 35.95
N ALA C 171 -20.47 -14.22 37.00
CA ALA C 171 -21.26 -12.99 36.91
C ALA C 171 -20.94 -12.07 38.08
N ALA C 172 -21.11 -10.77 37.91
CA ALA C 172 -21.06 -9.87 39.05
C ALA C 172 -22.33 -10.03 39.88
N ASP C 173 -23.46 -10.32 39.24
CA ASP C 173 -24.69 -10.67 39.95
C ASP C 173 -24.50 -11.93 40.76
N GLU C 174 -25.33 -12.11 41.79
CA GLU C 174 -25.38 -13.34 42.55
C GLU C 174 -25.96 -14.42 41.67
N LEU C 175 -25.18 -15.47 41.41
CA LEU C 175 -25.53 -16.46 40.39
C LEU C 175 -25.79 -17.84 41.01
N THR C 176 -26.94 -18.40 40.67
CA THR C 176 -27.37 -19.71 41.15
C THR C 176 -27.62 -20.63 39.97
N VAL C 177 -27.28 -21.90 40.13
CA VAL C 177 -27.41 -22.87 39.05
C VAL C 177 -28.09 -24.15 39.54
N GLU C 178 -29.11 -24.59 38.82
CA GLU C 178 -29.80 -25.84 39.10
C GLU C 178 -29.77 -26.71 37.87
N GLN C 179 -29.51 -27.99 38.07
CA GLN C 179 -29.53 -28.93 36.97
C GLN C 179 -30.94 -29.47 36.87
N VAL C 180 -31.55 -29.28 35.72
CA VAL C 180 -32.94 -29.69 35.50
C VAL C 180 -33.05 -31.12 34.97
N ASP C 181 -32.14 -31.52 34.09
CA ASP C 181 -32.06 -32.92 33.67
C ASP C 181 -30.64 -33.25 33.21
N LYS C 182 -30.43 -34.37 32.54
CA LYS C 182 -29.08 -34.81 32.15
C LYS C 182 -28.37 -33.72 31.32
N ARG C 183 -29.14 -32.90 30.61
CA ARG C 183 -28.57 -32.00 29.62
C ARG C 183 -29.08 -30.59 29.70
N THR C 184 -29.60 -30.18 30.84
CA THR C 184 -30.24 -28.89 30.95
C THR C 184 -29.95 -28.21 32.29
N LEU C 185 -29.55 -26.95 32.24
CA LEU C 185 -29.38 -26.13 33.42
C LEU C 185 -30.36 -24.98 33.41
N ALA C 186 -30.71 -24.53 34.61
CA ALA C 186 -31.47 -23.34 34.82
C ALA C 186 -30.67 -22.45 35.74
N LEU C 187 -30.41 -21.25 35.26
CA LEU C 187 -29.59 -20.30 35.96
C LEU C 187 -30.47 -19.18 36.44
N ARG C 188 -30.12 -18.63 37.58
CA ARG C 188 -30.78 -17.44 38.07
C ARG C 188 -29.70 -16.50 38.56
N GLN C 189 -29.82 -15.22 38.21
CA GLN C 189 -28.87 -14.25 38.71
C GLN C 189 -29.57 -12.97 39.07
N GLU C 190 -29.13 -12.36 40.15
CA GLU C 190 -29.80 -11.19 40.68
C GLU C 190 -28.84 -10.04 41.00
N GLY C 191 -29.27 -8.85 40.68
CA GLY C 191 -28.57 -7.65 41.05
C GLY C 191 -29.61 -6.55 41.18
N LYS C 192 -29.17 -5.31 41.15
CA LYS C 192 -30.05 -4.16 41.28
C LYS C 192 -29.70 -3.18 40.19
N THR C 193 -30.68 -2.39 39.77
CA THR C 193 -30.43 -1.37 38.79
C THR C 193 -29.65 -0.25 39.45
N GLU C 194 -28.87 0.45 38.63
CA GLU C 194 -27.84 1.32 39.14
C GLU C 194 -28.37 2.54 39.86
N THR C 195 -29.43 3.14 39.33
CA THR C 195 -29.93 4.41 39.86
C THR C 195 -31.17 4.20 40.72
N ASN C 196 -32.18 3.51 40.18
CA ASN C 196 -33.39 3.21 40.95
C ASN C 196 -33.20 2.12 42.01
N LYS C 197 -32.15 1.31 41.89
CA LYS C 197 -31.93 0.18 42.80
C LYS C 197 -33.08 -0.82 42.78
N ASN C 198 -33.78 -0.94 41.66
CA ASN C 198 -34.81 -1.95 41.55
C ASN C 198 -34.13 -3.29 41.42
N SER C 199 -34.76 -4.31 41.97
CA SER C 199 -34.26 -5.65 41.86
C SER C 199 -34.32 -6.11 40.40
N LEU C 200 -33.25 -6.76 39.94
CA LEU C 200 -33.09 -7.12 38.54
C LEU C 200 -32.61 -8.55 38.44
N THR C 201 -33.48 -9.41 37.93
CA THR C 201 -33.24 -10.81 37.89
C THR C 201 -33.30 -11.33 36.46
N MET C 202 -32.27 -12.04 36.04
CA MET C 202 -32.26 -12.67 34.73
C MET C 202 -32.12 -14.16 34.89
N PHE C 203 -32.94 -14.90 34.15
CA PHE C 203 -32.92 -16.32 34.13
C PHE C 203 -32.29 -16.76 32.84
N THR C 204 -31.54 -17.87 32.89
CA THR C 204 -30.90 -18.37 31.70
C THR C 204 -31.12 -19.84 31.64
N ALA C 205 -31.39 -20.35 30.44
CA ALA C 205 -31.50 -21.78 30.22
C ALA C 205 -30.35 -22.20 29.34
N LEU C 206 -29.69 -23.29 29.69
CA LEU C 206 -28.65 -23.89 28.84
C LEU C 206 -28.96 -25.33 28.60
N GLN C 207 -28.87 -25.77 27.35
CA GLN C 207 -29.18 -27.13 26.98
C GLN C 207 -28.08 -27.60 26.04
N MET C 208 -27.55 -28.78 26.30
CA MET C 208 -26.41 -29.32 25.55
C MET C 208 -26.78 -30.63 24.92
N ASN C 209 -26.05 -31.03 23.91
CA ASN C 209 -26.23 -32.35 23.32
C ASN C 209 -25.20 -33.36 23.85
N THR C 210 -24.74 -33.14 25.07
CA THR C 210 -23.90 -34.10 25.77
C THR C 210 -24.28 -34.02 27.23
N ASP C 211 -24.10 -35.10 27.97
CA ASP C 211 -24.52 -35.12 29.37
C ASP C 211 -23.68 -34.18 30.22
N ILE C 212 -24.32 -33.58 31.20
CA ILE C 212 -23.65 -32.80 32.22
C ILE C 212 -23.29 -33.74 33.37
N LEU C 213 -22.00 -34.00 33.55
CA LEU C 213 -21.53 -34.95 34.55
C LEU C 213 -21.57 -34.38 35.95
N ALA C 214 -21.33 -33.08 36.08
CA ALA C 214 -21.33 -32.45 37.40
C ALA C 214 -21.46 -30.94 37.30
N ILE C 215 -21.99 -30.34 38.36
CA ILE C 215 -21.88 -28.90 38.56
C ILE C 215 -21.35 -28.65 39.95
N SER C 216 -20.61 -27.56 40.13
CA SER C 216 -20.06 -27.20 41.44
C SER C 216 -19.65 -25.75 41.46
N GLN C 217 -19.46 -25.21 42.66
CA GLN C 217 -18.93 -23.86 42.82
C GLN C 217 -17.46 -23.84 43.16
N GLU C 218 -16.70 -22.91 42.56
CA GLU C 218 -15.30 -22.70 42.90
C GLU C 218 -15.08 -21.21 43.05
N ALA C 219 -14.82 -20.79 44.28
CA ALA C 219 -14.47 -19.41 44.57
C ALA C 219 -15.47 -18.47 43.92
N GLY C 220 -16.75 -18.76 44.10
CA GLY C 220 -17.81 -17.87 43.63
C GLY C 220 -18.32 -18.13 42.22
N ASP C 221 -17.59 -18.92 41.44
CA ASP C 221 -18.02 -19.24 40.07
C ASP C 221 -18.53 -20.67 39.99
N TRP C 222 -19.15 -21.02 38.87
CA TRP C 222 -19.67 -22.36 38.66
C TRP C 222 -18.88 -23.08 37.59
N ARG C 223 -18.65 -24.37 37.82
CA ARG C 223 -17.92 -25.22 36.90
C ARG C 223 -18.86 -26.33 36.48
N ILE C 224 -19.13 -26.45 35.19
CA ILE C 224 -19.97 -27.49 34.64
C ILE C 224 -19.09 -28.48 33.90
N ASP C 225 -19.10 -29.74 34.29
CA ASP C 225 -18.31 -30.74 33.61
C ASP C 225 -19.18 -31.48 32.60
N LEU C 226 -18.68 -31.66 31.39
CA LEU C 226 -19.41 -32.30 30.31
C LEU C 226 -18.81 -33.63 29.90
N ALA C 227 -19.64 -34.48 29.30
CA ALA C 227 -19.25 -35.86 28.99
C ALA C 227 -18.38 -35.95 27.76
N SER C 228 -18.49 -34.98 26.87
CA SER C 228 -17.83 -35.06 25.59
C SER C 228 -16.78 -33.98 25.37
N SER C 229 -15.95 -34.19 24.36
CA SER C 229 -14.99 -33.20 23.89
C SER C 229 -15.60 -32.21 22.88
N GLN C 230 -16.85 -32.43 22.47
CA GLN C 230 -17.54 -31.58 21.50
C GLN C 230 -18.99 -31.47 21.92
N THR C 231 -19.57 -30.28 21.83
CA THR C 231 -20.97 -30.13 22.08
C THR C 231 -21.54 -28.96 21.34
N GLU C 232 -22.80 -29.06 20.99
CA GLU C 232 -23.58 -27.95 20.52
C GLU C 232 -24.55 -27.63 21.63
N MET C 233 -24.65 -26.35 21.96
CA MET C 233 -25.40 -25.93 23.11
C MET C 233 -26.35 -24.80 22.73
N GLN C 234 -27.54 -24.81 23.29
CA GLN C 234 -28.49 -23.72 23.10
C GLN C 234 -28.56 -22.95 24.38
N LEU C 235 -28.62 -21.64 24.27
CA LEU C 235 -28.67 -20.75 25.41
C LEU C 235 -29.80 -19.75 25.15
N ALA C 236 -30.47 -19.31 26.22
CA ALA C 236 -31.43 -18.22 26.10
C ALA C 236 -31.64 -17.60 27.46
N THR C 237 -31.95 -16.32 27.46
CA THR C 237 -32.26 -15.63 28.72
C THR C 237 -33.71 -15.17 28.77
N SER C 238 -34.14 -14.79 29.97
CA SER C 238 -35.46 -14.18 30.17
C SER C 238 -35.43 -13.29 31.39
N PHE C 239 -36.14 -12.17 31.30
CA PHE C 239 -36.40 -11.34 32.48
C PHE C 239 -37.81 -11.60 33.00
N ILE C 240 -38.45 -12.64 32.48
CA ILE C 240 -39.80 -13.03 32.89
C ILE C 240 -39.76 -14.19 33.87
N SER C 241 -39.28 -15.35 33.45
CA SER C 241 -39.29 -16.49 34.31
C SER C 241 -38.38 -17.58 33.78
N PRO C 242 -38.11 -18.60 34.60
CA PRO C 242 -37.33 -19.73 34.16
C PRO C 242 -37.96 -20.46 33.02
N SER C 243 -39.28 -20.62 33.04
CA SER C 243 -39.97 -21.37 31.97
C SER C 243 -39.95 -20.55 30.70
N GLN C 244 -40.05 -19.23 30.81
CA GLN C 244 -39.96 -18.39 29.62
C GLN C 244 -38.55 -18.51 28.98
N ALA C 245 -37.52 -18.58 29.82
CA ALA C 245 -36.15 -18.78 29.33
C ALA C 245 -36.04 -20.04 28.51
N LEU C 246 -36.64 -21.12 28.99
CA LEU C 246 -36.71 -22.36 28.20
C LEU C 246 -37.44 -22.21 26.89
N ILE C 247 -38.58 -21.52 26.94
CA ILE C 247 -39.33 -21.26 25.73
C ILE C 247 -38.49 -20.45 24.75
N ASN C 248 -37.68 -19.52 25.27
CA ASN C 248 -36.84 -18.66 24.42
C ASN C 248 -35.68 -19.40 23.74
N LEU C 249 -35.43 -20.64 24.10
CA LEU C 249 -34.32 -21.38 23.51
C LEU C 249 -34.42 -21.50 22.01
N PRO C 250 -33.28 -21.44 21.32
CA PRO C 250 -33.27 -21.74 19.91
C PRO C 250 -33.78 -23.14 19.68
N GLN C 251 -34.54 -23.32 18.61
CA GLN C 251 -35.17 -24.59 18.33
C GLN C 251 -34.47 -25.33 17.21
N GLU C 252 -33.43 -24.72 16.66
CA GLU C 252 -32.81 -25.24 15.47
C GLU C 252 -31.32 -25.42 15.68
N ASP C 253 -30.67 -26.10 14.75
CA ASP C 253 -29.25 -26.32 14.85
C ASP C 253 -28.45 -25.05 14.49
N PHE C 254 -27.15 -25.13 14.69
CA PHE C 254 -26.26 -23.95 14.58
C PHE C 254 -26.36 -23.28 13.22
N ASP C 255 -26.22 -24.07 12.16
CA ASP C 255 -26.29 -23.53 10.79
C ASP C 255 -27.60 -22.84 10.50
N SER C 256 -28.68 -23.43 11.00
CA SER C 256 -30.00 -22.86 10.79
C SER C 256 -30.12 -21.53 11.55
N CYS C 257 -29.61 -21.47 12.77
CA CYS C 257 -29.65 -20.22 13.55
C CYS C 257 -28.80 -19.15 12.89
N LYS C 258 -27.64 -19.57 12.40
CA LYS C 258 -26.75 -18.65 11.72
C LYS C 258 -27.39 -18.05 10.44
N SER C 259 -28.04 -18.90 9.63
CA SER C 259 -28.76 -18.43 8.44
C SER C 259 -29.87 -17.48 8.80
N SER C 260 -30.59 -17.76 9.88
CA SER C 260 -31.67 -16.86 10.30
C SER C 260 -31.13 -15.52 10.74
N ALA C 261 -30.01 -15.53 11.46
CA ALA C 261 -29.39 -14.28 11.90
C ALA C 261 -28.91 -13.49 10.69
N GLN C 262 -28.34 -14.20 9.72
CA GLN C 262 -27.89 -13.55 8.51
C GLN C 262 -29.07 -12.89 7.79
N VAL C 263 -30.18 -13.61 7.67
CA VAL C 263 -31.38 -13.05 7.03
C VAL C 263 -31.91 -11.86 7.82
N ASP C 264 -31.91 -11.93 9.15
CA ASP C 264 -32.38 -10.81 9.96
C ASP C 264 -31.54 -9.56 9.67
N TRP C 265 -30.23 -9.74 9.56
CA TRP C 265 -29.33 -8.62 9.28
C TRP C 265 -29.55 -8.12 7.86
N GLU C 266 -29.58 -9.05 6.91
CA GLU C 266 -29.69 -8.67 5.51
C GLU C 266 -30.97 -7.92 5.20
N ASN C 267 -32.05 -8.29 5.87
CA ASN C 267 -33.32 -7.61 5.70
C ASN C 267 -33.21 -6.12 5.96
N LEU C 268 -32.37 -5.75 6.93
CA LEU C 268 -32.20 -4.34 7.30
C LEU C 268 -31.09 -3.67 6.51
N LEU C 269 -29.98 -4.38 6.31
CA LEU C 269 -28.85 -3.82 5.57
C LEU C 269 -29.24 -3.52 4.12
N HIS C 270 -30.04 -4.39 3.53
CA HIS C 270 -30.46 -4.23 2.14
C HIS C 270 -31.48 -3.10 1.96
N ARG C 271 -31.75 -2.28 2.97
CA ARG C 271 -32.50 -1.05 2.75
C ARG C 271 -31.61 0.00 2.09
N PHE C 272 -30.31 -0.30 2.04
CA PHE C 272 -29.37 0.54 1.31
C PHE C 272 -28.77 -0.36 0.27
N ASP C 273 -28.59 0.17 -0.93
CA ASP C 273 -28.02 -0.61 -2.01
C ASP C 273 -27.08 0.28 -2.82
N ILE C 274 -25.79 0.05 -2.66
CA ILE C 274 -24.77 0.78 -3.36
C ILE C 274 -24.65 0.19 -4.74
N ILE C 275 -25.02 0.96 -5.76
CA ILE C 275 -24.92 0.51 -7.14
C ILE C 275 -23.53 0.78 -7.68
N GLU C 276 -23.00 1.97 -7.45
CA GLU C 276 -21.66 2.32 -7.86
C GLU C 276 -21.02 3.14 -6.78
N THR C 277 -19.88 2.68 -6.28
CA THR C 277 -19.16 3.44 -5.26
C THR C 277 -18.49 4.66 -5.86
N GLY C 278 -17.98 4.52 -7.08
CA GLY C 278 -17.02 5.49 -7.63
C GLY C 278 -15.71 5.41 -6.86
N GLU C 279 -15.03 6.55 -6.71
CA GLU C 279 -13.75 6.64 -5.99
C GLU C 279 -13.87 6.21 -4.52
N ALA C 280 -15.03 6.43 -3.91
CA ALA C 280 -15.23 6.16 -2.48
C ALA C 280 -15.00 4.72 -2.02
N ASP C 281 -14.45 4.60 -0.81
CA ASP C 281 -14.33 3.31 -0.14
C ASP C 281 -15.62 3.10 0.65
N ARG C 282 -16.29 2.00 0.40
CA ARG C 282 -17.59 1.69 1.05
C ARG C 282 -17.47 1.06 2.45
N THR C 283 -16.26 0.70 2.87
CA THR C 283 -16.06 -0.10 4.08
C THR C 283 -16.63 0.56 5.33
N PHE C 284 -16.37 1.84 5.52
CA PHE C 284 -16.84 2.50 6.73
C PHE C 284 -18.37 2.60 6.77
N PHE C 285 -18.95 3.01 5.64
CA PHE C 285 -20.40 3.03 5.48
C PHE C 285 -21.02 1.69 5.85
N ASP C 286 -20.50 0.61 5.31
CA ASP C 286 -21.02 -0.71 5.61
C ASP C 286 -20.99 -0.97 7.12
N HIS C 287 -19.89 -0.60 7.77
CA HIS C 287 -19.81 -0.82 9.20
C HIS C 287 -20.87 -0.02 9.93
N CYS C 288 -21.07 1.22 9.52
CA CYS C 288 -22.10 2.09 10.11
C CYS C 288 -23.52 1.52 9.99
N LEU C 289 -23.78 0.75 8.94
CA LEU C 289 -25.07 0.09 8.81
C LEU C 289 -25.27 -0.93 9.92
N TYR C 290 -24.23 -1.70 10.21
CA TYR C 290 -24.26 -2.65 11.32
C TYR C 290 -24.53 -1.91 12.59
N ARG C 291 -23.83 -0.81 12.84
CA ARG C 291 -24.04 -0.06 14.08
C ARG C 291 -25.43 0.54 14.21
N LEU C 292 -26.06 0.84 13.07
CA LEU C 292 -27.36 1.50 13.04
C LEU C 292 -28.47 0.64 13.65
N PHE C 293 -28.36 -0.68 13.50
CA PHE C 293 -29.42 -1.60 13.87
C PHE C 293 -29.13 -2.40 15.15
N LEU C 294 -28.32 -1.86 16.05
CA LEU C 294 -28.03 -2.50 17.32
C LEU C 294 -28.83 -1.98 18.48
N PHE C 295 -29.14 -0.68 18.47
CA PHE C 295 -29.84 -0.05 19.56
C PHE C 295 -31.08 0.72 19.06
N PRO C 296 -32.16 0.77 19.88
CA PRO C 296 -32.25 0.21 21.22
C PRO C 296 -32.35 -1.30 21.23
N GLN C 297 -32.06 -1.90 22.38
CA GLN C 297 -32.17 -3.35 22.50
C GLN C 297 -33.57 -3.78 22.95
N THR C 298 -34.01 -4.90 22.42
CA THR C 298 -35.26 -5.52 22.81
C THR C 298 -35.24 -5.81 24.31
N PHE C 299 -36.29 -5.37 25.01
CA PHE C 299 -36.43 -5.69 26.43
C PHE C 299 -37.88 -6.16 26.72
N TYR C 300 -38.37 -7.02 25.85
CA TYR C 300 -39.66 -7.66 26.01
C TYR C 300 -39.56 -9.01 25.35
N GLU C 301 -40.44 -9.90 25.78
CA GLU C 301 -40.44 -11.24 25.26
C GLU C 301 -41.78 -11.60 24.67
N ILE C 302 -41.80 -12.75 24.00
CA ILE C 302 -42.95 -13.25 23.27
C ILE C 302 -43.34 -14.59 23.88
N ASN C 303 -44.54 -14.67 24.43
CA ASN C 303 -44.97 -15.94 25.04
C ASN C 303 -45.36 -16.95 23.96
N GLU C 304 -45.68 -18.16 24.39
CA GLU C 304 -46.05 -19.24 23.49
C GLU C 304 -47.19 -18.86 22.54
N SER C 305 -48.13 -18.03 23.00
CA SER C 305 -49.24 -17.63 22.15
C SER C 305 -48.92 -16.44 21.26
N GLY C 306 -47.69 -15.96 21.28
CA GLY C 306 -47.31 -14.88 20.40
C GLY C 306 -47.50 -13.50 20.96
N GLN C 307 -47.73 -13.37 22.25
CA GLN C 307 -47.98 -12.06 22.84
C GLN C 307 -46.76 -11.45 23.53
N ALA C 308 -46.61 -10.14 23.37
CA ALA C 308 -45.51 -9.37 23.92
C ALA C 308 -45.73 -9.07 25.39
N ILE C 309 -44.75 -9.42 26.20
CA ILE C 309 -44.78 -9.12 27.63
C ILE C 309 -43.44 -8.57 28.10
N HIS C 310 -43.46 -7.77 29.15
CA HIS C 310 -42.24 -7.27 29.72
C HIS C 310 -42.29 -7.22 31.24
N MET C 311 -41.11 -7.27 31.86
CA MET C 311 -40.97 -7.05 33.29
C MET C 311 -41.02 -5.58 33.60
N ASP C 312 -41.89 -5.23 34.55
CA ASP C 312 -41.96 -3.87 35.09
C ASP C 312 -41.09 -3.87 36.32
N LEU C 313 -39.92 -3.26 36.22
CA LEU C 313 -38.91 -3.40 37.27
C LEU C 313 -39.27 -2.59 38.49
N ALA C 314 -40.13 -1.60 38.34
CA ALA C 314 -40.61 -0.83 39.48
C ALA C 314 -41.50 -1.68 40.41
N THR C 315 -42.23 -2.66 39.87
CA THR C 315 -43.12 -3.49 40.68
C THR C 315 -42.65 -4.95 40.78
N GLY C 316 -41.81 -5.37 39.85
CA GLY C 316 -41.44 -6.79 39.77
C GLY C 316 -42.51 -7.66 39.14
N THR C 317 -43.51 -7.04 38.52
CA THR C 317 -44.57 -7.83 37.89
C THR C 317 -44.60 -7.70 36.38
N VAL C 318 -45.08 -8.75 35.73
CA VAL C 318 -45.15 -8.82 34.26
C VAL C 318 -46.32 -7.98 33.75
N LYS C 319 -46.05 -7.20 32.71
CA LYS C 319 -47.03 -6.31 32.11
C LYS C 319 -47.08 -6.65 30.63
N PRO C 320 -48.24 -6.43 29.99
CA PRO C 320 -48.26 -6.64 28.56
C PRO C 320 -47.53 -5.54 27.79
N GLY C 321 -47.07 -5.86 26.59
CA GLY C 321 -46.56 -4.85 25.67
C GLY C 321 -45.04 -4.82 25.47
N VAL C 322 -44.63 -4.31 24.32
CA VAL C 322 -43.24 -4.14 23.98
C VAL C 322 -42.55 -3.14 24.89
N LEU C 323 -41.23 -3.28 24.98
CA LEU C 323 -40.41 -2.47 25.86
C LEU C 323 -38.96 -2.62 25.38
N PHE C 324 -38.19 -1.53 25.49
CA PHE C 324 -36.83 -1.49 24.97
C PHE C 324 -35.88 -0.90 26.00
N SER C 325 -34.59 -1.25 25.87
CA SER C 325 -33.54 -0.71 26.73
C SER C 325 -32.38 -0.16 25.90
N ASN C 326 -31.42 0.44 26.61
CA ASN C 326 -30.13 0.84 26.07
C ASN C 326 -30.26 1.90 24.99
N ASN C 327 -30.63 3.08 25.44
CA ASN C 327 -30.73 4.23 24.57
C ASN C 327 -30.76 5.49 25.40
N GLY C 328 -29.92 6.44 25.02
CA GLY C 328 -29.95 7.79 25.57
C GLY C 328 -30.45 8.70 24.46
N PHE C 329 -31.67 9.21 24.62
CA PHE C 329 -32.39 9.88 23.51
C PHE C 329 -31.73 11.19 23.11
N TRP C 330 -31.00 11.80 24.03
CA TRP C 330 -30.18 12.96 23.73
C TRP C 330 -29.17 12.69 22.60
N ASP C 331 -28.69 11.44 22.50
CA ASP C 331 -27.82 11.01 21.42
C ASP C 331 -28.60 10.66 20.16
N THR C 332 -29.64 9.86 20.32
CA THR C 332 -30.31 9.21 19.18
C THR C 332 -31.45 10.00 18.50
N PHE C 333 -32.00 11.00 19.16
CA PHE C 333 -33.09 11.78 18.51
C PHE C 333 -32.59 12.57 17.31
N ARG C 334 -31.33 12.99 17.34
CA ARG C 334 -30.83 13.96 16.36
C ARG C 334 -30.40 13.39 15.02
N THR C 335 -30.17 12.08 14.98
CA THR C 335 -29.73 11.42 13.76
C THR C 335 -30.34 10.06 13.56
N THR C 336 -30.22 9.22 14.57
CA THR C 336 -30.61 7.82 14.42
C THR C 336 -32.11 7.59 14.17
N PHE C 337 -32.94 8.20 15.01
CA PHE C 337 -34.40 7.96 14.87
C PHE C 337 -34.99 8.53 13.59
N PRO C 338 -34.61 9.76 13.24
CA PRO C 338 -35.01 10.26 11.91
C PRO C 338 -34.66 9.28 10.77
N LEU C 339 -33.50 8.61 10.86
CA LEU C 339 -33.12 7.68 9.81
C LEU C 339 -33.96 6.43 9.87
N PHE C 340 -34.21 5.94 11.08
CA PHE C 340 -35.18 4.84 11.26
C PHE C 340 -36.54 5.16 10.60
N ALA C 341 -37.00 6.40 10.79
CA ALA C 341 -38.30 6.85 10.22
C ALA C 341 -38.40 6.63 8.72
N LEU C 342 -37.28 6.80 7.99
CA LEU C 342 -37.28 6.56 6.56
C LEU C 342 -37.26 5.10 6.18
N ILE C 343 -36.46 4.29 6.87
CA ILE C 343 -36.18 2.95 6.36
C ILE C 343 -36.83 1.80 7.12
N ILE C 344 -37.18 2.02 8.40
CA ILE C 344 -37.81 0.93 9.19
C ILE C 344 -38.99 1.42 10.04
N PRO C 345 -40.08 1.82 9.36
CA PRO C 345 -41.20 2.47 10.01
C PRO C 345 -41.94 1.56 11.00
N GLU C 346 -42.08 0.27 10.70
CA GLU C 346 -42.70 -0.66 11.67
C GLU C 346 -41.86 -0.71 12.96
N HIS C 347 -40.54 -0.86 12.82
CA HIS C 347 -39.65 -0.86 13.98
C HIS C 347 -39.77 0.45 14.71
N TYR C 348 -39.82 1.54 13.95
CA TYR C 348 -39.90 2.89 14.54
C TYR C 348 -41.14 3.01 15.44
N GLN C 349 -42.27 2.52 14.95
CA GLN C 349 -43.52 2.60 15.71
C GLN C 349 -43.42 1.69 16.94
N ARG C 350 -42.88 0.50 16.75
CA ARG C 350 -42.69 -0.43 17.87
C ARG C 350 -41.84 0.19 18.97
N PHE C 351 -40.76 0.87 18.61
CA PHE C 351 -39.90 1.53 19.61
C PHE C 351 -40.68 2.56 20.39
N LEU C 352 -41.45 3.38 19.68
CA LEU C 352 -42.25 4.43 20.34
C LEU C 352 -43.33 3.84 21.26
N GLU C 353 -43.92 2.72 20.84
CA GLU C 353 -44.86 1.97 21.69
C GLU C 353 -44.16 1.52 22.99
N GLY C 354 -42.92 1.03 22.84
CA GLY C 354 -42.14 0.62 24.00
C GLY C 354 -41.83 1.77 24.93
N PHE C 355 -41.49 2.93 24.37
CA PHE C 355 -41.18 4.08 25.21
C PHE C 355 -42.44 4.58 25.91
N LEU C 356 -43.58 4.44 25.24
CA LEU C 356 -44.85 4.78 25.86
C LEU C 356 -45.14 3.80 26.99
N ASN C 357 -44.84 2.51 26.76
CA ASN C 357 -44.96 1.51 27.83
C ASN C 357 -44.08 1.80 29.04
N SER C 358 -42.91 2.39 28.82
CA SER C 358 -42.08 2.84 29.94
C SER C 358 -42.81 3.91 30.75
N TYR C 359 -43.43 4.84 30.03
CA TYR C 359 -44.24 5.91 30.64
C TYR C 359 -45.41 5.35 31.46
N ARG C 360 -46.10 4.38 30.89
CA ARG C 360 -47.20 3.73 31.57
C ARG C 360 -46.74 3.05 32.85
N ASP C 361 -45.53 2.48 32.85
CA ASP C 361 -45.02 1.81 34.04
C ASP C 361 -44.53 2.79 35.10
N THR C 362 -43.94 3.91 34.70
CA THR C 362 -43.26 4.81 35.67
C THR C 362 -43.92 6.17 35.88
N GLY C 363 -44.80 6.57 34.96
CA GLY C 363 -45.33 7.94 35.00
C GLY C 363 -44.48 9.01 34.31
N PHE C 364 -43.33 8.62 33.77
CA PHE C 364 -42.44 9.57 33.09
C PHE C 364 -41.92 8.99 31.79
N LEU C 365 -41.83 9.82 30.76
CA LEU C 365 -41.13 9.43 29.55
C LEU C 365 -39.64 9.29 29.89
N PRO C 366 -39.02 8.19 29.47
CA PRO C 366 -37.62 7.94 29.83
C PRO C 366 -36.59 8.86 29.11
N LYS C 367 -35.41 8.93 29.72
CA LYS C 367 -34.29 9.72 29.22
C LYS C 367 -33.08 8.87 28.78
N TRP C 368 -32.65 7.96 29.64
CA TRP C 368 -31.52 7.06 29.36
C TRP C 368 -31.84 5.71 29.97
N LEU C 369 -32.24 4.77 29.14
CA LEU C 369 -32.65 3.46 29.63
C LEU C 369 -31.49 2.47 29.65
N ALA C 370 -31.20 1.89 30.81
CA ALA C 370 -30.16 0.86 30.91
C ALA C 370 -30.24 0.04 32.20
N PRO C 371 -31.23 -0.86 32.30
CA PRO C 371 -32.38 -1.03 31.42
C PRO C 371 -33.56 -0.13 31.84
N ASP C 372 -33.58 0.32 33.08
CA ASP C 372 -34.51 1.32 33.56
C ASP C 372 -33.84 2.70 33.55
N GLU C 373 -34.47 3.67 34.18
CA GLU C 373 -34.02 5.03 34.07
C GLU C 373 -32.66 5.24 34.73
N ARG C 374 -31.72 5.74 33.94
CA ARG C 374 -30.39 6.10 34.41
C ARG C 374 -30.09 7.58 34.27
N GLY C 375 -30.91 8.32 33.53
CA GLY C 375 -30.54 9.66 33.11
C GLY C 375 -30.33 10.58 34.30
N MET C 376 -29.21 11.29 34.30
CA MET C 376 -28.93 12.31 35.31
C MET C 376 -29.29 13.69 34.75
N MET C 377 -29.32 13.82 33.41
CA MET C 377 -29.69 15.08 32.79
C MET C 377 -31.15 15.44 33.09
N PRO C 378 -31.45 16.74 33.18
CA PRO C 378 -32.83 17.19 33.33
C PRO C 378 -33.63 17.09 32.02
N GLY C 379 -32.94 17.14 30.89
CA GLY C 379 -33.60 17.21 29.59
C GLY C 379 -34.26 15.91 29.16
N THR C 380 -35.37 16.04 28.42
CA THR C 380 -36.18 14.92 27.96
C THR C 380 -36.25 14.91 26.42
N LEU C 381 -35.17 14.43 25.80
CA LEU C 381 -35.00 14.56 24.36
C LEU C 381 -35.74 13.50 23.58
N LEU C 382 -36.36 12.56 24.28
CA LEU C 382 -37.37 11.70 23.63
C LEU C 382 -38.48 12.54 22.96
N ASP C 383 -38.71 13.75 23.48
CA ASP C 383 -39.69 14.69 22.86
C ASP C 383 -39.33 15.02 21.42
N GLY C 384 -38.02 15.03 21.12
CA GLY C 384 -37.53 15.22 19.76
C GLY C 384 -37.93 14.10 18.82
N ILE C 385 -38.02 12.89 19.36
CA ILE C 385 -38.49 11.77 18.56
C ILE C 385 -40.01 11.84 18.39
N ILE C 386 -40.69 12.24 19.46
CA ILE C 386 -42.16 12.35 19.43
C ILE C 386 -42.58 13.43 18.43
N ALA C 387 -41.99 14.61 18.52
CA ALA C 387 -42.27 15.68 17.56
C ALA C 387 -41.92 15.30 16.12
N ASP C 388 -40.82 14.57 15.94
CA ASP C 388 -40.42 14.19 14.59
C ASP C 388 -41.42 13.21 14.01
N SER C 389 -41.85 12.26 14.84
CA SER C 389 -42.89 11.30 14.41
C SER C 389 -44.17 12.03 13.95
N ALA C 390 -44.54 13.06 14.71
CA ALA C 390 -45.71 13.87 14.37
C ALA C 390 -45.54 14.51 13.00
N CYS C 391 -44.41 15.21 12.79
CA CYS C 391 -44.24 15.96 11.54
C CYS C 391 -44.12 15.06 10.32
N LYS C 392 -43.88 13.77 10.54
CA LYS C 392 -43.68 12.85 9.44
C LYS C 392 -44.74 11.78 9.42
N ASP C 393 -45.77 11.96 10.24
CA ASP C 393 -46.92 11.06 10.26
C ASP C 393 -46.53 9.60 10.41
N MET C 394 -45.62 9.33 11.33
CA MET C 394 -45.10 7.96 11.53
C MET C 394 -46.00 7.12 12.42
N THR C 395 -46.56 7.71 13.46
CA THR C 395 -47.34 6.94 14.45
C THR C 395 -48.66 7.67 14.82
N PRO C 396 -49.56 7.85 13.82
CA PRO C 396 -50.83 8.55 14.09
C PRO C 396 -51.65 7.90 15.22
N ASP C 397 -51.62 6.57 15.32
CA ASP C 397 -52.33 5.89 16.41
C ASP C 397 -51.83 6.24 17.81
N LEU C 398 -50.60 6.71 17.95
CA LEU C 398 -50.04 6.98 19.28
C LEU C 398 -50.01 8.43 19.59
N GLU C 399 -50.31 9.24 18.59
CA GLU C 399 -50.02 10.66 18.67
C GLU C 399 -50.61 11.32 19.91
N GLY C 400 -51.86 10.97 20.22
CA GLY C 400 -52.54 11.56 21.37
C GLY C 400 -51.92 11.20 22.69
N GLU C 401 -51.65 9.91 22.89
CA GLU C 401 -51.06 9.46 24.14
C GLU C 401 -49.64 10.01 24.33
N LEU C 402 -48.86 10.01 23.25
CA LEU C 402 -47.50 10.55 23.30
C LEU C 402 -47.54 12.00 23.73
N PHE C 403 -48.48 12.76 23.14
CA PHE C 403 -48.57 14.17 23.49
C PHE C 403 -48.89 14.34 24.97
N GLN C 404 -49.84 13.54 25.45
CA GLN C 404 -50.23 13.58 26.84
C GLN C 404 -49.05 13.20 27.75
N ALA C 405 -48.34 12.13 27.36
CA ALA C 405 -47.13 11.71 28.10
C ALA C 405 -46.08 12.83 28.17
N MET C 406 -45.87 13.54 27.05
CA MET C 406 -44.91 14.66 27.05
C MET C 406 -45.31 15.74 28.05
N LEU C 407 -46.59 16.07 28.02
CA LEU C 407 -47.13 17.14 28.84
C LEU C 407 -47.07 16.79 30.33
N GLU C 408 -47.47 15.57 30.66
CA GLU C 408 -47.32 15.04 32.01
C GLU C 408 -45.85 15.11 32.46
N THR C 409 -44.98 14.56 31.63
CA THR C 409 -43.55 14.46 31.95
C THR C 409 -42.98 15.87 32.15
N ALA C 410 -43.43 16.82 31.36
CA ALA C 410 -42.90 18.19 31.46
C ALA C 410 -43.36 18.95 32.69
N SER C 411 -44.44 18.52 33.32
CA SER C 411 -44.97 19.22 34.49
C SER C 411 -44.93 18.47 35.82
N LYS C 412 -44.80 17.14 35.80
CA LYS C 412 -44.95 16.31 37.02
C LYS C 412 -43.81 16.49 38.02
N ALA C 425 -39.11 24.38 37.73
CA ALA C 425 -39.83 25.38 38.55
C ALA C 425 -39.19 26.76 38.49
N GLN C 426 -37.89 26.80 38.80
CA GLN C 426 -37.06 27.97 38.46
C GLN C 426 -37.14 28.25 36.97
N TYR C 427 -37.20 27.18 36.17
CA TYR C 427 -37.31 27.32 34.73
C TYR C 427 -38.64 28.01 34.39
N GLN C 428 -39.73 27.50 34.96
CA GLN C 428 -41.07 28.09 34.80
C GLN C 428 -41.07 29.55 35.27
N GLU C 429 -40.50 29.83 36.45
CA GLU C 429 -40.41 31.20 36.97
C GLU C 429 -39.52 32.12 36.11
N LEU C 430 -38.25 31.75 35.90
CA LEU C 430 -37.26 32.67 35.29
C LEU C 430 -37.16 32.61 33.76
N GLY C 431 -37.63 31.51 33.16
CA GLY C 431 -37.39 31.26 31.73
C GLY C 431 -35.99 30.68 31.44
N TYR C 432 -35.31 30.22 32.48
CA TYR C 432 -34.00 29.58 32.33
C TYR C 432 -33.58 28.94 33.64
N LEU C 433 -32.71 27.94 33.57
CA LEU C 433 -32.07 27.41 34.77
C LEU C 433 -30.89 28.30 35.07
N SER C 434 -30.74 28.66 36.35
CA SER C 434 -29.68 29.53 36.78
C SER C 434 -28.49 28.68 37.19
N THR C 435 -27.42 29.34 37.60
CA THR C 435 -26.23 28.65 38.08
C THR C 435 -26.46 27.85 39.35
N ASP C 436 -27.65 27.91 39.94
CA ASP C 436 -28.00 26.98 41.01
C ASP C 436 -27.93 25.57 40.48
N HIS C 437 -28.10 25.41 39.17
CA HIS C 437 -28.02 24.10 38.54
C HIS C 437 -26.76 23.94 37.70
N HIS C 438 -26.19 22.73 37.76
CA HIS C 438 -25.01 22.38 37.02
C HIS C 438 -25.35 22.33 35.51
N GLU C 439 -24.46 22.89 34.70
CA GLU C 439 -24.61 22.85 33.24
C GLU C 439 -25.90 23.51 32.80
N SER C 440 -26.12 24.69 33.37
CA SER C 440 -27.40 25.39 33.23
C SER C 440 -27.67 25.87 31.81
N VAL C 441 -26.63 26.26 31.08
CA VAL C 441 -26.83 26.73 29.69
C VAL C 441 -27.27 25.57 28.82
N SER C 442 -26.53 24.48 28.87
CA SER C 442 -26.85 23.32 28.05
C SER C 442 -28.27 22.84 28.34
N HIS C 443 -28.63 22.81 29.62
CA HIS C 443 -29.95 22.26 29.99
C HIS C 443 -31.11 23.20 29.68
N THR C 444 -30.89 24.50 29.88
CA THR C 444 -31.86 25.49 29.45
C THR C 444 -32.16 25.36 27.97
N LEU C 445 -31.11 25.23 27.16
CA LEU C 445 -31.28 25.10 25.71
C LEU C 445 -31.99 23.81 25.35
N ASP C 446 -31.71 22.73 26.08
CA ASP C 446 -32.44 21.49 25.83
C ASP C 446 -33.93 21.64 26.16
N TYR C 447 -34.23 22.34 27.25
CA TYR C 447 -35.63 22.57 27.63
C TYR C 447 -36.36 23.39 26.56
N ALA C 448 -35.69 24.42 26.05
CA ALA C 448 -36.29 25.26 25.02
C ALA C 448 -36.66 24.43 23.80
N TYR C 449 -35.79 23.48 23.43
CA TYR C 449 -36.08 22.58 22.30
C TYR C 449 -37.24 21.64 22.62
N SER C 450 -37.23 21.11 23.83
CA SER C 450 -38.34 20.25 24.30
C SER C 450 -39.68 21.01 24.27
N ASP C 451 -39.67 22.26 24.73
CA ASP C 451 -40.85 23.12 24.67
C ASP C 451 -41.35 23.26 23.22
N PHE C 452 -40.44 23.44 22.27
CA PHE C 452 -40.83 23.47 20.87
C PHE C 452 -41.49 22.16 20.45
N CYS C 453 -40.97 21.04 20.92
CA CYS C 453 -41.53 19.73 20.56
C CYS C 453 -42.99 19.61 21.05
N ILE C 454 -43.21 20.04 22.27
CA ILE C 454 -44.55 20.00 22.86
C ILE C 454 -45.47 20.93 22.06
N ALA C 455 -45.00 22.15 21.82
CA ALA C 455 -45.75 23.12 21.03
C ALA C 455 -46.16 22.59 19.68
N SER C 456 -45.25 21.93 18.97
CA SER C 456 -45.57 21.40 17.63
C SER C 456 -46.60 20.30 17.69
N CYS C 457 -46.45 19.41 18.67
CA CYS C 457 -47.38 18.31 18.82
C CYS C 457 -48.76 18.84 19.25
N ALA C 458 -48.77 19.84 20.12
CA ALA C 458 -50.01 20.50 20.54
C ALA C 458 -50.72 21.06 19.32
N LYS C 459 -50.01 21.85 18.52
CA LYS C 459 -50.58 22.47 17.33
C LYS C 459 -51.17 21.43 16.40
N LYS C 460 -50.45 20.35 16.14
CA LYS C 460 -50.95 19.33 15.23
C LYS C 460 -52.23 18.65 15.77
N LEU C 461 -52.38 18.61 17.09
CA LEU C 461 -53.58 18.07 17.70
C LEU C 461 -54.65 19.13 17.96
N GLU C 462 -54.40 20.35 17.47
CA GLU C 462 -55.30 21.49 17.64
C GLU C 462 -55.59 21.83 19.09
N ASN C 463 -54.60 21.68 19.96
CA ASN C 463 -54.70 22.24 21.29
C ASN C 463 -53.98 23.59 21.32
N ILE C 464 -54.75 24.64 21.10
CA ILE C 464 -54.20 25.97 20.82
C ILE C 464 -53.57 26.63 22.04
N GLU C 465 -54.17 26.47 23.22
CA GLU C 465 -53.65 27.11 24.44
C GLU C 465 -52.26 26.58 24.81
N ILE C 466 -52.12 25.25 24.75
CA ILE C 466 -50.86 24.59 25.04
C ILE C 466 -49.81 24.95 23.98
N ALA C 467 -50.19 24.87 22.71
CA ALA C 467 -49.31 25.26 21.62
C ALA C 467 -48.75 26.66 21.81
N GLU C 468 -49.61 27.61 22.16
CA GLU C 468 -49.19 28.99 22.34
C GLU C 468 -48.26 29.16 23.51
N THR C 469 -48.58 28.53 24.64
CA THR C 469 -47.73 28.65 25.83
C THR C 469 -46.33 28.08 25.62
N TYR C 470 -46.25 26.91 24.99
CA TYR C 470 -44.98 26.23 24.82
C TYR C 470 -44.17 26.83 23.68
N LYS C 471 -44.84 27.30 22.64
CA LYS C 471 -44.17 28.02 21.57
C LYS C 471 -43.44 29.21 22.17
N ALA C 472 -44.11 29.94 23.04
CA ALA C 472 -43.49 31.10 23.67
C ALA C 472 -42.32 30.68 24.54
N ALA C 473 -42.47 29.57 25.27
CA ALA C 473 -41.41 29.09 26.15
C ALA C 473 -40.18 28.61 25.33
N SER C 474 -40.42 28.09 24.13
CA SER C 474 -39.35 27.62 23.27
C SER C 474 -38.41 28.73 22.86
N GLN C 475 -38.81 29.98 23.07
CA GLN C 475 -37.93 31.12 22.85
C GLN C 475 -36.98 31.41 24.01
N ASN C 476 -37.01 30.57 25.05
CA ASN C 476 -36.17 30.80 26.22
C ASN C 476 -34.65 30.73 25.99
N TYR C 477 -34.21 30.18 24.85
CA TYR C 477 -32.79 30.27 24.50
C TYR C 477 -32.31 31.72 24.51
N ARG C 478 -33.22 32.66 24.21
CA ARG C 478 -32.89 34.10 24.21
C ARG C 478 -32.49 34.61 25.58
N GLN C 479 -32.95 33.95 26.64
CA GLN C 479 -32.70 34.43 28.00
C GLN C 479 -31.22 34.41 28.39
N LEU C 480 -30.44 33.52 27.77
CA LEU C 480 -29.04 33.34 28.18
C LEU C 480 -28.03 33.94 27.21
N PHE C 481 -28.51 34.59 26.16
CA PHE C 481 -27.60 35.15 25.18
C PHE C 481 -27.01 36.46 25.67
N ASP C 482 -25.68 36.53 25.69
CA ASP C 482 -24.98 37.75 26.05
C ASP C 482 -24.53 38.44 24.79
N ALA C 483 -25.25 39.50 24.41
CA ALA C 483 -24.94 40.24 23.19
C ALA C 483 -23.60 40.98 23.24
N GLU C 484 -23.06 41.26 24.43
CA GLU C 484 -21.73 41.88 24.52
C GLU C 484 -20.64 40.94 23.96
N THR C 485 -20.62 39.68 24.42
CA THR C 485 -19.62 38.71 23.95
C THR C 485 -20.09 37.94 22.72
N GLY C 486 -21.40 37.80 22.55
CA GLY C 486 -21.96 37.05 21.42
C GLY C 486 -22.14 35.55 21.68
N TYR C 487 -22.11 35.15 22.95
CA TYR C 487 -22.25 33.74 23.34
C TYR C 487 -23.36 33.54 24.36
N MET C 488 -23.89 32.33 24.43
CA MET C 488 -24.73 31.93 25.54
C MET C 488 -23.90 31.81 26.80
N ARG C 489 -24.37 32.43 27.88
CA ARG C 489 -23.68 32.33 29.15
C ARG C 489 -24.68 32.12 30.27
N ALA C 490 -24.19 31.59 31.38
CA ALA C 490 -25.03 31.27 32.52
C ALA C 490 -25.40 32.53 33.31
N ARG C 491 -26.56 32.49 33.98
CA ARG C 491 -26.98 33.55 34.89
C ARG C 491 -27.20 33.00 36.28
N ASP C 492 -26.90 33.80 37.31
CA ASP C 492 -27.32 33.50 38.68
C ASP C 492 -28.83 33.78 38.88
N ASN C 493 -29.34 33.53 40.09
CA ASN C 493 -30.74 33.84 40.47
C ASN C 493 -31.18 35.26 40.20
N GLN C 494 -30.31 36.21 40.54
CA GLN C 494 -30.57 37.63 40.31
C GLN C 494 -30.50 38.00 38.80
N GLY C 495 -30.11 37.05 37.93
CA GLY C 495 -30.08 37.28 36.49
C GLY C 495 -28.77 37.84 35.94
N ASN C 496 -27.70 37.79 36.71
CA ASN C 496 -26.41 38.30 36.29
C ASN C 496 -25.49 37.22 35.71
N PHE C 497 -24.75 37.59 34.67
CA PHE C 497 -23.65 36.77 34.15
C PHE C 497 -22.46 36.80 35.10
N HIS C 498 -21.69 35.71 35.16
CA HIS C 498 -20.44 35.68 35.95
C HIS C 498 -19.37 36.53 35.24
N PRO C 499 -18.60 37.35 35.99
CA PRO C 499 -17.74 38.36 35.33
C PRO C 499 -16.56 37.82 34.52
N ASP C 500 -15.95 36.74 34.98
CA ASP C 500 -14.79 36.16 34.30
C ASP C 500 -15.23 35.13 33.27
N PHE C 501 -15.17 35.52 32.00
CA PHE C 501 -15.65 34.64 30.92
C PHE C 501 -14.56 34.35 29.90
N SER C 502 -14.47 33.08 29.48
CA SER C 502 -13.69 32.72 28.31
C SER C 502 -14.51 31.79 27.46
N PRO C 503 -14.60 32.08 26.15
CA PRO C 503 -15.36 31.17 25.28
C PRO C 503 -14.76 29.75 25.15
N TYR C 504 -13.49 29.58 25.50
CA TYR C 504 -12.80 28.30 25.39
C TYR C 504 -12.93 27.46 26.65
N SER C 505 -13.61 28.00 27.65
CA SER C 505 -13.77 27.31 28.91
C SER C 505 -14.83 26.21 28.81
N TRP C 506 -14.45 25.02 29.26
CA TRP C 506 -15.32 23.83 29.20
C TRP C 506 -15.95 23.47 30.54
N GLY C 507 -17.11 22.81 30.50
CA GLY C 507 -17.80 22.38 31.75
C GLY C 507 -18.40 23.51 32.58
N ARG C 508 -18.84 23.15 33.80
CA ARG C 508 -19.59 24.03 34.72
C ARG C 508 -20.95 24.43 34.12
N ASP C 509 -20.96 25.39 33.20
CA ASP C 509 -22.20 25.84 32.56
C ASP C 509 -22.54 25.08 31.30
N TYR C 510 -21.56 24.37 30.74
CA TYR C 510 -21.73 23.71 29.44
C TYR C 510 -21.35 22.22 29.54
N ALA C 511 -22.21 21.36 29.01
CA ALA C 511 -21.99 19.91 29.10
C ALA C 511 -21.04 19.43 28.01
N GLU C 512 -19.82 19.07 28.40
CA GLU C 512 -18.82 18.49 27.51
C GLU C 512 -18.57 19.34 26.26
N CYS C 513 -18.51 20.65 26.45
CA CYS C 513 -18.16 21.58 25.37
C CYS C 513 -17.92 22.94 25.97
N SER C 514 -17.67 23.92 25.10
CA SER C 514 -17.53 25.30 25.52
C SER C 514 -18.74 26.08 25.01
N ALA C 515 -18.75 27.36 25.36
CA ALA C 515 -19.73 28.32 24.84
C ALA C 515 -19.75 28.35 23.33
N ILE C 516 -18.61 28.07 22.70
CA ILE C 516 -18.52 28.16 21.25
C ILE C 516 -19.48 27.19 20.60
N GLN C 517 -19.49 25.94 21.05
CA GLN C 517 -20.45 24.93 20.53
C GLN C 517 -21.83 25.14 21.12
N ALA C 518 -21.90 25.37 22.43
CA ALA C 518 -23.18 25.39 23.14
C ALA C 518 -24.10 26.49 22.61
N THR C 519 -23.52 27.63 22.23
CA THR C 519 -24.26 28.76 21.67
C THR C 519 -25.02 28.41 20.41
N LEU C 520 -24.58 27.39 19.68
CA LEU C 520 -25.28 26.96 18.46
C LEU C 520 -26.27 25.85 18.69
N GLY C 521 -26.56 25.53 19.96
CA GLY C 521 -27.55 24.49 20.28
C GLY C 521 -29.01 24.94 20.29
N VAL C 522 -29.50 25.44 19.16
CA VAL C 522 -30.87 25.87 19.01
C VAL C 522 -31.40 25.32 17.71
N LEU C 523 -31.66 24.02 17.71
CA LEU C 523 -32.08 23.36 16.49
C LEU C 523 -33.41 23.85 15.96
N HIS C 524 -34.29 24.20 16.89
CA HIS C 524 -35.70 24.43 16.58
C HIS C 524 -35.97 25.82 16.04
N ASP C 525 -35.00 26.72 16.19
CA ASP C 525 -35.21 28.09 15.73
C ASP C 525 -33.92 28.74 15.25
N ILE C 526 -33.40 28.18 14.16
CA ILE C 526 -32.13 28.69 13.61
C ILE C 526 -32.30 30.13 13.09
N PRO C 527 -33.38 30.41 12.34
CA PRO C 527 -33.67 31.78 11.94
C PRO C 527 -33.69 32.77 13.10
N GLY C 528 -34.32 32.41 14.20
CA GLY C 528 -34.31 33.25 15.39
C GLY C 528 -32.94 33.42 16.02
N LEU C 529 -32.17 32.32 16.07
CA LEU C 529 -30.81 32.41 16.57
C LEU C 529 -30.01 33.39 15.74
N ILE C 530 -30.20 33.35 14.42
CA ILE C 530 -29.50 34.27 13.54
C ILE C 530 -29.86 35.72 13.87
N GLN C 531 -31.15 36.01 13.99
CA GLN C 531 -31.60 37.35 14.32
C GLN C 531 -31.02 37.74 15.67
N LEU C 532 -31.13 36.86 16.65
CA LEU C 532 -30.56 37.07 17.97
C LEU C 532 -29.06 37.42 17.97
N MET C 533 -28.29 36.83 17.07
CA MET C 533 -26.85 37.09 17.03
C MET C 533 -26.53 38.40 16.33
N GLY C 534 -27.52 39.03 15.71
CA GLY C 534 -27.31 40.28 15.02
C GLY C 534 -27.44 40.17 13.52
N GLY C 535 -27.97 39.07 13.03
CA GLY C 535 -28.25 38.93 11.61
C GLY C 535 -27.29 38.00 10.88
N LYS C 536 -27.62 37.75 9.62
CA LYS C 536 -27.00 36.73 8.81
C LYS C 536 -25.49 36.86 8.72
N GLU C 537 -25.01 38.09 8.60
CA GLU C 537 -23.59 38.34 8.44
C GLU C 537 -22.82 38.04 9.71
N THR C 538 -23.32 38.51 10.85
CA THR C 538 -22.67 38.26 12.14
C THR C 538 -22.66 36.76 12.47
N PHE C 539 -23.75 36.09 12.16
CA PHE C 539 -23.87 34.65 12.32
C PHE C 539 -22.83 33.95 11.45
N SER C 540 -22.73 34.38 10.20
CA SER C 540 -21.79 33.82 9.25
C SER C 540 -20.37 33.91 9.81
N ASN C 541 -20.02 35.08 10.33
CA ASN C 541 -18.71 35.27 10.92
C ASN C 541 -18.49 34.41 12.16
N TYR C 542 -19.53 34.20 12.94
CA TYR C 542 -19.44 33.34 14.11
C TYR C 542 -19.06 31.92 13.67
N LEU C 543 -19.71 31.43 12.63
CA LEU C 543 -19.43 30.10 12.12
C LEU C 543 -17.98 30.00 11.61
N LEU C 544 -17.57 30.99 10.82
CA LEU C 544 -16.22 31.00 10.26
C LEU C 544 -15.17 30.99 11.34
N LYS C 545 -15.38 31.79 12.37
CA LYS C 545 -14.42 31.87 13.44
C LYS C 545 -14.33 30.53 14.19
N ALA C 546 -15.46 29.86 14.38
CA ALA C 546 -15.44 28.53 14.99
C ALA C 546 -14.63 27.53 14.16
N CYS C 547 -14.79 27.58 12.83
CA CYS C 547 -14.04 26.72 11.93
C CYS C 547 -12.56 27.06 11.83
N GLN C 548 -12.23 28.34 11.99
CA GLN C 548 -10.86 28.82 11.79
C GLN C 548 -10.03 28.81 13.07
N ASP C 549 -10.67 28.85 14.24
CA ASP C 549 -9.94 28.81 15.50
C ASP C 549 -9.12 27.52 15.65
N ALA C 550 -8.04 27.60 16.40
CA ALA C 550 -7.38 26.43 16.92
C ALA C 550 -8.32 25.74 17.90
N PRO C 551 -8.20 24.42 18.06
CA PRO C 551 -9.03 23.69 19.01
C PRO C 551 -8.58 23.88 20.47
N LEU C 552 -8.48 25.12 20.90
CA LEU C 552 -8.12 25.43 22.26
C LEU C 552 -9.28 25.06 23.18
N PHE C 553 -8.95 24.64 24.40
CA PHE C 553 -9.93 24.33 25.44
C PHE C 553 -9.33 24.69 26.78
N GLU C 554 -10.16 25.01 27.76
CA GLU C 554 -9.68 25.24 29.13
C GLU C 554 -10.41 24.31 30.06
N THR C 555 -9.68 23.72 31.00
CA THR C 555 -10.23 22.69 31.87
C THR C 555 -10.94 23.24 33.12
N THR C 556 -11.15 24.56 33.14
CA THR C 556 -11.68 25.29 34.30
C THR C 556 -12.90 24.62 34.94
N GLY C 557 -13.89 24.28 34.13
CA GLY C 557 -15.11 23.69 34.64
C GLY C 557 -14.99 22.29 35.23
N TYR C 558 -13.87 21.62 34.99
CA TYR C 558 -13.67 20.24 35.45
C TYR C 558 -12.50 20.15 36.43
N GLY C 559 -11.44 20.92 36.18
CA GLY C 559 -10.15 20.73 36.87
C GLY C 559 -9.22 19.65 36.29
N TYR C 560 -9.60 19.07 35.16
CA TYR C 560 -8.78 18.04 34.49
C TYR C 560 -9.26 17.90 33.06
N GLU C 561 -8.51 17.19 32.24
CA GLU C 561 -8.89 17.02 30.85
C GLU C 561 -9.74 15.77 30.70
N ILE C 562 -10.80 15.87 29.90
CA ILE C 562 -11.64 14.73 29.58
C ILE C 562 -11.51 14.38 28.11
N HIS C 563 -11.92 13.19 27.76
CA HIS C 563 -11.65 12.68 26.43
C HIS C 563 -12.21 13.55 25.31
N GLU C 564 -13.39 14.14 25.52
CA GLU C 564 -14.00 14.97 24.51
C GLU C 564 -13.15 16.18 24.18
N MET C 565 -12.46 16.73 25.18
CA MET C 565 -11.52 17.81 24.93
C MET C 565 -10.36 17.28 24.06
N SER C 566 -9.81 16.13 24.47
CA SER C 566 -8.64 15.55 23.81
C SER C 566 -8.92 15.23 22.36
N GLU C 567 -10.13 14.75 22.09
CA GLU C 567 -10.52 14.36 20.74
C GLU C 567 -10.59 15.58 19.82
N MET C 568 -11.13 16.68 20.34
CA MET C 568 -11.19 17.91 19.55
C MET C 568 -9.78 18.43 19.33
N ALA C 569 -9.00 18.46 20.39
CA ALA C 569 -7.72 19.13 20.39
C ALA C 569 -6.69 18.44 19.50
N THR C 570 -6.79 17.11 19.39
CA THR C 570 -5.89 16.34 18.55
C THR C 570 -6.31 16.31 17.10
N ALA C 571 -7.45 16.90 16.77
CA ALA C 571 -8.00 16.81 15.44
C ALA C 571 -7.82 18.15 14.73
N PRO C 572 -7.86 18.14 13.39
CA PRO C 572 -7.59 19.35 12.61
C PRO C 572 -8.87 20.01 12.08
N PHE C 573 -9.84 20.23 12.97
CA PHE C 573 -11.16 20.72 12.54
C PHE C 573 -11.61 21.93 13.34
N GLY C 574 -10.66 22.69 13.88
CA GLY C 574 -10.97 23.85 14.71
C GLY C 574 -11.91 23.48 15.86
N GLN C 575 -12.95 24.28 16.06
CA GLN C 575 -13.87 24.06 17.17
C GLN C 575 -15.05 23.20 16.75
N ILE C 576 -14.98 22.63 15.56
CA ILE C 576 -16.00 21.72 15.12
C ILE C 576 -15.68 20.34 15.73
N ALA C 577 -16.19 20.13 16.93
CA ALA C 577 -15.87 18.92 17.69
C ALA C 577 -16.77 17.76 17.31
N ILE C 578 -16.56 17.26 16.10
CA ILE C 578 -17.32 16.16 15.52
C ILE C 578 -17.32 14.89 16.40
N SER C 579 -16.35 14.79 17.31
CA SER C 579 -16.29 13.73 18.32
C SER C 579 -17.49 13.68 19.26
N ASN C 580 -18.30 14.75 19.27
CA ASN C 580 -19.43 14.81 20.20
C ASN C 580 -20.66 15.50 19.61
N GLN C 581 -21.83 15.09 20.12
CA GLN C 581 -23.12 15.47 19.56
C GLN C 581 -23.34 16.99 19.36
N PRO C 582 -22.85 17.83 20.27
CA PRO C 582 -23.12 19.25 20.12
C PRO C 582 -22.64 19.89 18.82
N SER C 583 -21.67 19.29 18.14
CA SER C 583 -21.15 19.83 16.88
C SER C 583 -21.71 19.18 15.64
N PHE C 584 -22.51 18.12 15.79
CA PHE C 584 -22.99 17.34 14.64
C PHE C 584 -23.62 18.20 13.56
N HIS C 585 -24.42 19.17 13.97
CA HIS C 585 -25.23 19.95 13.04
C HIS C 585 -24.53 21.23 12.58
N ILE C 586 -23.39 21.56 13.18
CA ILE C 586 -22.77 22.85 12.94
C ILE C 586 -22.36 23.10 11.47
N PRO C 587 -21.83 22.09 10.78
CA PRO C 587 -21.52 22.31 9.36
C PRO C 587 -22.72 22.71 8.54
N TYR C 588 -23.88 22.16 8.90
CA TYR C 588 -25.10 22.40 8.14
C TYR C 588 -25.67 23.81 8.40
N LEU C 589 -25.23 24.46 9.46
CA LEU C 589 -25.62 25.83 9.72
C LEU C 589 -25.15 26.82 8.65
N PHE C 590 -24.09 26.49 7.92
CA PHE C 590 -23.67 27.32 6.80
C PHE C 590 -24.76 27.43 5.74
N ARG C 591 -25.65 26.46 5.70
CA ARG C 591 -26.79 26.50 4.78
C ARG C 591 -27.73 27.69 5.04
N TYR C 592 -27.62 28.32 6.21
CA TYR C 592 -28.45 29.44 6.61
C TYR C 592 -27.62 30.73 6.60
N SER C 593 -26.37 30.65 6.12
CA SER C 593 -25.41 31.72 6.25
C SER C 593 -25.19 32.40 4.91
N ASP C 594 -24.29 33.37 4.88
CA ASP C 594 -23.85 33.97 3.61
C ASP C 594 -23.05 33.01 2.72
N TYR C 595 -22.68 31.83 3.23
CA TYR C 595 -21.80 30.91 2.50
C TYR C 595 -22.37 29.49 2.52
N PRO C 596 -23.48 29.28 1.83
CA PRO C 596 -24.12 27.98 1.87
C PRO C 596 -23.30 26.85 1.23
N ASP C 597 -22.32 27.20 0.41
CA ASP C 597 -21.46 26.17 -0.20
C ASP C 597 -20.42 25.59 0.77
N TYR C 598 -20.18 26.23 1.90
CA TYR C 598 -19.18 25.76 2.82
C TYR C 598 -19.57 24.44 3.52
N THR C 599 -20.86 24.16 3.66
CA THR C 599 -21.34 22.93 4.26
C THR C 599 -20.71 21.72 3.57
N ALA C 600 -20.80 21.69 2.25
CA ALA C 600 -20.31 20.57 1.49
C ALA C 600 -18.81 20.28 1.73
N LEU C 601 -18.01 21.34 1.76
CA LEU C 601 -16.56 21.16 1.96
C LEU C 601 -16.26 20.64 3.35
N LEU C 602 -16.96 21.19 4.34
CA LEU C 602 -16.78 20.74 5.70
C LEU C 602 -17.14 19.26 5.82
N ILE C 603 -18.25 18.85 5.24
CA ILE C 603 -18.72 17.48 5.36
C ILE C 603 -17.79 16.51 4.63
N LYS C 604 -17.45 16.84 3.40
CA LYS C 604 -16.61 15.96 2.58
C LYS C 604 -15.27 15.72 3.29
N THR C 605 -14.69 16.78 3.83
CA THR C 605 -13.41 16.69 4.48
C THR C 605 -13.48 16.02 5.87
N LEU C 606 -14.47 16.37 6.68
CA LEU C 606 -14.73 15.64 7.92
C LEU C 606 -14.84 14.15 7.65
N ARG C 607 -15.65 13.79 6.67
CA ARG C 607 -15.91 12.41 6.41
C ARG C 607 -14.63 11.64 6.02
N GLN C 608 -13.79 12.30 5.23
CA GLN C 608 -12.56 11.71 4.77
C GLN C 608 -11.51 11.66 5.88
N LYS C 609 -11.42 12.69 6.71
CA LYS C 609 -10.37 12.77 7.70
C LYS C 609 -10.69 12.18 9.07
N ALA C 610 -11.96 12.24 9.50
CA ALA C 610 -12.33 11.89 10.86
C ALA C 610 -12.72 10.45 11.10
N PHE C 611 -12.97 9.70 10.03
CA PHE C 611 -13.45 8.33 10.12
C PHE C 611 -12.52 7.44 9.32
N HIS C 612 -12.18 6.27 9.87
CA HIS C 612 -11.22 5.34 9.26
C HIS C 612 -11.72 3.91 9.31
N PRO C 613 -11.59 3.18 8.19
CA PRO C 613 -12.05 1.80 8.19
C PRO C 613 -11.04 0.89 8.91
N SER C 614 -10.95 1.02 10.22
CA SER C 614 -10.00 0.27 11.02
C SER C 614 -10.53 0.22 12.46
N TRP C 615 -9.79 -0.43 13.33
CA TRP C 615 -10.24 -0.59 14.70
C TRP C 615 -10.27 0.75 15.39
N GLU C 616 -9.39 1.65 14.97
CA GLU C 616 -9.39 3.01 15.48
C GLU C 616 -10.34 3.86 14.57
N ALA C 617 -11.63 3.61 14.67
CA ALA C 617 -12.58 3.97 13.61
C ALA C 617 -13.15 5.38 13.68
N TYR C 618 -13.58 5.80 14.86
CA TYR C 618 -14.42 6.99 14.97
C TYR C 618 -13.66 8.12 15.63
N PRO C 619 -14.12 9.36 15.42
CA PRO C 619 -13.51 10.51 16.09
C PRO C 619 -13.82 10.64 17.55
N GLY C 620 -14.81 9.88 18.01
CA GLY C 620 -15.34 10.03 19.37
C GLY C 620 -16.36 8.94 19.61
N ASP C 621 -17.06 9.04 20.73
CA ASP C 621 -18.10 8.03 21.10
C ASP C 621 -19.19 7.87 20.04
N GLU C 622 -19.42 6.63 19.63
CA GLU C 622 -20.39 6.30 18.62
C GLU C 622 -21.83 6.46 19.17
N ASP C 623 -21.99 6.20 20.46
CA ASP C 623 -23.21 6.54 21.21
C ASP C 623 -24.46 5.90 20.60
N ASN C 624 -24.42 4.56 20.52
CA ASN C 624 -25.60 3.76 20.24
C ASN C 624 -26.32 4.13 18.96
N GLY C 625 -25.55 4.30 17.89
CA GLY C 625 -26.09 4.55 16.57
C GLY C 625 -26.07 6.02 16.18
N SER C 626 -25.79 6.89 17.14
CA SER C 626 -25.86 8.32 16.93
C SER C 626 -24.84 8.83 15.91
N LEU C 627 -23.55 8.49 16.10
CA LEU C 627 -22.50 8.92 15.19
C LEU C 627 -22.52 8.14 13.88
N SER C 628 -22.83 6.86 13.91
CA SER C 628 -22.95 6.11 12.66
C SER C 628 -24.06 6.65 11.78
N ALA C 629 -25.17 7.03 12.41
CA ALA C 629 -26.27 7.62 11.66
C ALA C 629 -25.84 8.97 11.08
N TRP C 630 -25.10 9.77 11.84
CA TRP C 630 -24.51 10.98 11.29
C TRP C 630 -23.76 10.70 9.97
N TYR C 631 -22.94 9.66 9.98
CA TYR C 631 -22.11 9.35 8.84
C TYR C 631 -22.96 8.91 7.67
N ILE C 632 -23.97 8.09 7.97
CA ILE C 632 -24.86 7.59 6.92
C ILE C 632 -25.63 8.74 6.25
N TRP C 633 -26.16 9.65 7.05
CA TRP C 633 -26.84 10.83 6.50
C TRP C 633 -25.88 11.59 5.60
N SER C 634 -24.61 11.70 6.03
CA SER C 634 -23.63 12.43 5.22
C SER C 634 -23.56 11.77 3.87
N ALA C 635 -23.58 10.44 3.84
CA ALA C 635 -23.46 9.70 2.60
C ALA C 635 -24.67 9.86 1.69
N LEU C 636 -25.86 10.02 2.28
CA LEU C 636 -27.10 10.20 1.50
C LEU C 636 -27.18 11.59 0.89
N GLY C 637 -26.55 12.55 1.55
CA GLY C 637 -26.43 13.90 1.02
C GLY C 637 -27.33 14.90 1.71
N PHE C 638 -28.11 14.44 2.69
CA PHE C 638 -29.01 15.34 3.40
C PHE C 638 -29.13 14.94 4.86
N TYR C 639 -29.66 15.85 5.67
CA TYR C 639 -29.57 15.74 7.10
C TYR C 639 -30.78 16.33 7.84
N PRO C 640 -31.32 15.62 8.83
CA PRO C 640 -32.48 16.10 9.61
C PRO C 640 -32.06 17.09 10.67
N THR C 641 -31.62 18.25 10.24
CA THR C 641 -31.07 19.26 11.16
C THR C 641 -31.94 19.46 12.39
N CYS C 642 -33.25 19.63 12.18
CA CYS C 642 -34.17 19.82 13.30
C CYS C 642 -35.24 18.75 13.27
N PRO C 643 -35.03 17.68 14.01
CA PRO C 643 -36.12 16.72 14.17
C PRO C 643 -37.36 17.45 14.74
N GLY C 644 -38.51 17.16 14.16
CA GLY C 644 -39.75 17.86 14.53
C GLY C 644 -40.18 18.89 13.47
N LYS C 645 -39.23 19.32 12.62
CA LYS C 645 -39.54 20.01 11.37
C LYS C 645 -39.34 19.05 10.22
N PRO C 646 -40.33 18.93 9.32
CA PRO C 646 -40.35 17.93 8.25
C PRO C 646 -39.46 18.33 7.06
N SER C 647 -38.19 18.53 7.36
CA SER C 647 -37.27 19.19 6.46
C SER C 647 -35.82 18.67 6.65
N TYR C 648 -35.06 18.65 5.56
CA TYR C 648 -33.66 18.19 5.58
C TYR C 648 -32.73 19.19 4.90
N ASP C 649 -31.63 19.54 5.56
CA ASP C 649 -30.59 20.38 4.92
C ASP C 649 -29.71 19.52 4.01
N LEU C 650 -29.11 20.16 3.02
CA LEU C 650 -28.25 19.47 2.05
C LEU C 650 -26.80 19.49 2.48
N GLY C 651 -26.12 18.36 2.25
CA GLY C 651 -24.66 18.28 2.48
C GLY C 651 -23.99 17.95 1.18
N ILE C 652 -23.41 16.75 1.12
CA ILE C 652 -22.78 16.27 -0.09
C ILE C 652 -22.61 14.75 -0.01
N PRO C 653 -23.18 14.01 -0.96
CA PRO C 653 -23.17 12.57 -0.85
C PRO C 653 -21.81 11.97 -1.17
N LEU C 654 -21.71 10.65 -0.97
CA LEU C 654 -20.45 9.96 -0.99
C LEU C 654 -20.28 9.14 -2.26
N PHE C 655 -21.28 8.37 -2.63
CA PHE C 655 -21.14 7.40 -3.73
C PHE C 655 -21.68 7.92 -5.05
N ASP C 656 -21.20 7.35 -6.15
CA ASP C 656 -21.74 7.68 -7.46
C ASP C 656 -23.22 7.41 -7.55
N HIS C 657 -23.62 6.24 -7.05
CA HIS C 657 -25.01 5.81 -7.15
C HIS C 657 -25.36 4.89 -5.97
N LEU C 658 -26.29 5.37 -5.14
CA LEU C 658 -26.75 4.66 -3.97
C LEU C 658 -28.26 4.70 -3.98
N ARG C 659 -28.89 3.56 -3.67
CA ARG C 659 -30.36 3.52 -3.49
C ARG C 659 -30.70 3.36 -2.02
N VAL C 660 -31.76 4.02 -1.58
CA VAL C 660 -32.27 3.87 -0.24
C VAL C 660 -33.77 3.61 -0.31
N TYR C 661 -34.20 2.61 0.45
CA TYR C 661 -35.58 2.18 0.43
C TYR C 661 -36.42 3.06 1.34
N LEU C 662 -37.27 3.88 0.73
CA LEU C 662 -38.21 4.71 1.48
C LEU C 662 -39.42 3.83 1.81
N ALA C 663 -39.35 3.18 2.97
CA ALA C 663 -40.24 2.06 3.27
C ALA C 663 -41.71 2.48 3.36
N LYS C 664 -41.94 3.70 3.83
CA LYS C 664 -43.29 4.21 3.93
C LYS C 664 -44.03 4.23 2.57
N GLU C 665 -43.30 4.44 1.49
CA GLU C 665 -43.84 4.45 0.13
C GLU C 665 -43.57 3.15 -0.59
N ASP C 666 -42.97 2.19 0.09
CA ASP C 666 -42.56 0.96 -0.55
C ASP C 666 -41.87 1.20 -1.90
N LYS C 667 -40.91 2.11 -1.94
CA LYS C 667 -40.11 2.30 -3.16
C LYS C 667 -38.69 2.77 -2.87
N TRP C 668 -37.85 2.58 -3.86
CA TRP C 668 -36.47 3.03 -3.81
C TRP C 668 -36.26 4.48 -4.24
N LEU C 669 -35.45 5.21 -3.49
CA LEU C 669 -34.93 6.50 -3.96
C LEU C 669 -33.53 6.27 -4.55
N ASP C 670 -33.33 6.66 -5.79
CA ASP C 670 -31.99 6.63 -6.40
C ASP C 670 -31.26 7.95 -6.19
N ILE C 671 -30.13 7.89 -5.47
CA ILE C 671 -29.29 9.04 -5.21
C ILE C 671 -28.04 8.96 -6.10
N HIS C 672 -27.88 9.96 -6.96
CA HIS C 672 -26.78 10.01 -7.93
C HIS C 672 -25.88 11.18 -7.62
N THR C 673 -24.58 10.94 -7.73
CA THR C 673 -23.59 12.00 -7.59
C THR C 673 -22.80 12.09 -8.89
N LYS C 674 -22.94 13.23 -9.55
CA LYS C 674 -22.24 13.48 -10.81
C LYS C 674 -21.02 14.32 -10.58
N GLN C 675 -20.01 14.04 -11.41
CA GLN C 675 -18.70 14.65 -11.26
C GLN C 675 -18.17 14.41 -9.85
N ASN C 676 -18.25 13.15 -9.43
CA ASN C 676 -17.94 12.77 -8.05
C ASN C 676 -16.44 12.57 -7.81
N HIS C 677 -15.68 13.65 -7.99
CA HIS C 677 -14.24 13.61 -7.86
C HIS C 677 -13.87 13.97 -6.44
N ASN C 678 -12.78 13.39 -5.95
CA ASN C 678 -12.36 13.64 -4.59
C ASN C 678 -11.93 15.05 -4.32
N HIS C 679 -11.45 15.73 -5.35
CA HIS C 679 -11.03 17.13 -5.23
C HIS C 679 -12.18 18.11 -5.52
N PHE C 680 -13.39 17.61 -5.75
CA PHE C 680 -14.57 18.48 -5.91
C PHE C 680 -15.31 18.50 -4.58
N ASN C 681 -15.21 19.61 -3.84
CA ASN C 681 -15.76 19.71 -2.52
C ASN C 681 -17.09 20.45 -2.42
N PHE C 682 -17.71 20.77 -3.55
CA PHE C 682 -18.90 21.61 -3.56
C PHE C 682 -19.97 20.99 -4.41
N VAL C 683 -21.19 21.40 -4.12
CA VAL C 683 -22.35 20.96 -4.86
C VAL C 683 -22.73 22.10 -5.78
N LYS C 684 -22.68 21.85 -7.09
CA LYS C 684 -23.06 22.84 -8.07
C LYS C 684 -24.58 22.96 -8.07
N GLU C 685 -25.25 21.81 -8.15
CA GLU C 685 -26.69 21.79 -8.03
C GLU C 685 -27.22 20.45 -7.53
N CYS C 686 -28.44 20.51 -6.99
CA CYS C 686 -29.14 19.33 -6.49
C CYS C 686 -30.57 19.34 -6.99
N ARG C 687 -30.96 18.26 -7.64
CA ARG C 687 -32.28 18.11 -8.16
C ARG C 687 -33.02 16.96 -7.52
N LEU C 688 -34.21 17.26 -6.98
CA LEU C 688 -35.14 16.23 -6.53
C LEU C 688 -36.11 15.95 -7.68
N ASP C 689 -36.03 14.76 -8.26
CA ASP C 689 -36.52 14.51 -9.62
C ASP C 689 -36.02 15.64 -10.55
N LYS C 690 -36.91 16.46 -11.11
CA LYS C 690 -36.52 17.53 -12.04
C LYS C 690 -36.30 18.85 -11.32
N THR C 691 -36.66 18.95 -10.05
CA THR C 691 -36.68 20.25 -9.37
C THR C 691 -35.39 20.58 -8.62
N LEU C 692 -34.85 21.75 -8.93
CA LEU C 692 -33.72 22.30 -8.24
C LEU C 692 -34.08 22.63 -6.82
N VAL C 693 -33.30 22.14 -5.85
CA VAL C 693 -33.58 22.36 -4.43
C VAL C 693 -32.36 22.82 -3.67
N SER C 694 -32.56 23.63 -2.66
CA SER C 694 -31.51 23.91 -1.70
C SER C 694 -31.82 23.34 -0.30
N THR C 695 -33.07 22.90 -0.08
CA THR C 695 -33.51 22.23 1.15
C THR C 695 -34.55 21.21 0.69
N ILE C 696 -34.68 20.10 1.39
CA ILE C 696 -35.63 19.06 0.99
C ILE C 696 -36.75 18.93 2.01
N GLN C 697 -38.00 18.98 1.53
CA GLN C 697 -39.16 18.77 2.39
C GLN C 697 -39.50 17.30 2.36
N HIS C 698 -39.84 16.78 3.54
CA HIS C 698 -40.12 15.36 3.70
C HIS C 698 -41.17 14.82 2.72
N GLN C 699 -42.28 15.56 2.58
CA GLN C 699 -43.33 15.18 1.62
C GLN C 699 -42.82 15.04 0.22
N ASP C 700 -42.00 16.01 -0.20
CA ASP C 700 -41.40 15.98 -1.53
C ASP C 700 -40.46 14.79 -1.65
N LEU C 701 -39.64 14.59 -0.61
CA LEU C 701 -38.74 13.44 -0.59
C LEU C 701 -39.48 12.15 -0.86
N LEU C 702 -40.60 11.95 -0.16
CA LEU C 702 -41.37 10.71 -0.31
C LEU C 702 -42.04 10.56 -1.66
N LYS C 703 -42.35 11.68 -2.32
CA LYS C 703 -42.90 11.61 -3.68
C LYS C 703 -41.85 11.40 -4.75
N ALA C 704 -40.56 11.58 -4.41
CA ALA C 704 -39.50 11.57 -5.44
C ALA C 704 -39.02 10.18 -5.86
N GLU C 705 -38.46 10.09 -7.07
CA GLU C 705 -37.81 8.87 -7.59
C GLU C 705 -36.28 8.98 -7.55
N GLN C 706 -35.76 10.19 -7.79
CA GLN C 706 -34.34 10.42 -8.01
C GLN C 706 -33.91 11.63 -7.20
N LEU C 707 -32.68 11.58 -6.70
CA LEU C 707 -32.05 12.74 -6.07
C LEU C 707 -30.66 12.83 -6.69
N THR C 708 -30.39 13.94 -7.39
CA THR C 708 -29.19 14.04 -8.20
C THR C 708 -28.38 15.25 -7.77
N PHE C 709 -27.19 14.98 -7.25
CA PHE C 709 -26.23 16.03 -6.93
C PHE C 709 -25.19 16.11 -8.05
N THR C 710 -24.85 17.33 -8.46
CA THR C 710 -23.74 17.54 -9.37
C THR C 710 -22.71 18.36 -8.63
N LEU C 711 -21.49 17.85 -8.61
CA LEU C 711 -20.43 18.45 -7.82
C LEU C 711 -19.66 19.47 -8.64
N SER C 712 -18.94 20.35 -7.98
CA SER C 712 -18.02 21.23 -8.68
C SER C 712 -16.71 21.44 -7.90
N TRP C 713 -15.72 21.91 -8.66
CA TRP C 713 -14.39 22.20 -8.16
C TRP C 713 -14.37 23.42 -7.25
N LEU C 714 -15.19 24.41 -7.61
CA LEU C 714 -15.27 25.65 -6.85
C LEU C 714 -16.73 25.93 -6.48
N PRO C 715 -16.95 26.77 -5.46
CA PRO C 715 -18.31 27.19 -5.15
C PRO C 715 -19.00 27.89 -6.32
N SER C 716 -20.30 27.72 -6.41
CA SER C 716 -21.09 28.31 -7.46
C SER C 716 -21.59 29.67 -7.07
N LYS D 25 -21.31 -7.64 -4.95
CA LYS D 25 -20.90 -7.64 -6.40
C LYS D 25 -20.60 -9.04 -6.92
N PRO D 26 -21.32 -9.51 -7.95
CA PRO D 26 -21.08 -10.88 -8.41
C PRO D 26 -19.68 -11.07 -9.01
N LEU D 27 -19.18 -12.29 -8.91
CA LEU D 27 -17.85 -12.62 -9.39
C LEU D 27 -17.60 -12.09 -10.80
N LEU D 28 -18.57 -12.31 -11.69
CA LEU D 28 -18.37 -12.00 -13.10
C LEU D 28 -18.03 -10.52 -13.32
N GLU D 29 -18.62 -9.64 -12.52
CA GLU D 29 -18.35 -8.23 -12.63
C GLU D 29 -16.99 -7.81 -12.06
N THR D 30 -16.35 -8.67 -11.27
CA THR D 30 -15.03 -8.36 -10.72
C THR D 30 -13.93 -8.82 -11.64
N ILE D 31 -14.25 -9.56 -12.70
CA ILE D 31 -13.23 -10.02 -13.62
C ILE D 31 -12.92 -8.93 -14.65
N ASP D 32 -11.64 -8.60 -14.80
CA ASP D 32 -11.19 -7.56 -15.73
C ASP D 32 -10.53 -8.25 -16.89
N THR D 33 -11.09 -8.10 -18.09
CA THR D 33 -10.62 -8.84 -19.26
C THR D 33 -9.29 -8.32 -19.77
N ARG D 34 -8.81 -7.21 -19.20
CA ARG D 34 -7.51 -6.66 -19.58
C ARG D 34 -6.30 -7.37 -18.99
N PHE D 35 -6.48 -8.28 -18.04
CA PHE D 35 -5.33 -9.00 -17.51
C PHE D 35 -4.65 -9.70 -18.67
N GLY D 36 -3.35 -9.50 -18.81
CA GLY D 36 -2.55 -10.17 -19.83
C GLY D 36 -2.45 -9.41 -21.15
N THR D 37 -3.11 -8.25 -21.23
CA THR D 37 -3.24 -7.54 -22.51
C THR D 37 -2.18 -6.48 -22.80
N THR D 38 -1.19 -6.29 -21.92
CA THR D 38 -0.05 -5.38 -22.18
C THR D 38 1.08 -6.21 -22.76
N ASN D 39 1.34 -6.04 -24.04
CA ASN D 39 2.36 -6.85 -24.70
C ASN D 39 3.03 -6.09 -25.81
N LYS D 40 4.19 -6.57 -26.21
CA LYS D 40 4.75 -6.23 -27.50
C LYS D 40 5.35 -7.49 -28.09
N HIS D 41 5.64 -7.43 -29.39
CA HIS D 41 6.23 -8.54 -30.11
C HIS D 41 7.42 -9.12 -29.33
N ALA D 42 8.22 -8.26 -28.71
CA ALA D 42 9.44 -8.69 -28.03
C ALA D 42 9.24 -9.18 -26.62
N PHE D 43 8.07 -8.99 -26.04
CA PHE D 43 7.86 -9.33 -24.62
C PHE D 43 6.40 -9.50 -24.27
N SER D 44 6.08 -10.68 -23.75
CA SER D 44 4.69 -11.05 -23.48
C SER D 44 4.40 -11.03 -22.00
N ARG D 45 3.26 -10.46 -21.63
CA ARG D 45 2.68 -10.64 -20.31
C ARG D 45 1.38 -11.44 -20.41
N GLY D 46 1.28 -12.30 -21.40
CA GLY D 46 0.08 -13.13 -21.63
C GLY D 46 -0.32 -13.18 -23.10
N ASN D 47 -0.07 -12.09 -23.82
CA ASN D 47 -0.51 -11.94 -25.20
C ASN D 47 -1.98 -12.32 -25.34
N THR D 48 -2.78 -11.81 -24.41
CA THR D 48 -4.21 -12.03 -24.43
C THR D 48 -4.87 -10.78 -24.99
N LEU D 49 -6.18 -10.84 -25.22
CA LEU D 49 -6.96 -9.70 -25.61
C LEU D 49 -8.06 -9.60 -24.61
N PRO D 50 -8.69 -8.42 -24.47
CA PRO D 50 -9.80 -8.27 -23.57
C PRO D 50 -11.11 -8.76 -24.18
N TYR D 51 -11.19 -10.07 -24.36
CA TYR D 51 -12.31 -10.66 -25.09
C TYR D 51 -13.60 -10.51 -24.32
N THR D 52 -14.56 -9.82 -24.92
CA THR D 52 -15.95 -9.88 -24.46
C THR D 52 -16.70 -10.89 -25.35
N GLY D 53 -17.39 -11.84 -24.72
CA GLY D 53 -18.00 -12.97 -25.42
C GLY D 53 -18.70 -13.89 -24.43
N VAL D 54 -19.50 -14.82 -24.95
CA VAL D 54 -20.01 -15.91 -24.15
C VAL D 54 -18.97 -17.02 -24.23
N PRO D 55 -19.00 -17.95 -23.27
CA PRO D 55 -17.98 -18.98 -23.31
C PRO D 55 -18.00 -19.71 -24.65
N PHE D 56 -16.81 -19.94 -25.20
CA PHE D 56 -16.64 -20.62 -26.48
C PHE D 56 -17.45 -19.99 -27.63
N GLY D 57 -17.76 -18.70 -27.51
CA GLY D 57 -18.53 -18.00 -28.52
C GLY D 57 -17.87 -18.04 -29.90
N MET D 58 -18.67 -17.80 -30.95
CA MET D 58 -18.17 -17.85 -32.32
C MET D 58 -17.42 -16.56 -32.68
N ASN D 59 -17.88 -15.44 -32.16
CA ASN D 59 -17.19 -14.17 -32.26
C ASN D 59 -16.88 -13.62 -30.86
N TYR D 60 -15.77 -12.90 -30.74
CA TYR D 60 -15.49 -12.10 -29.55
C TYR D 60 -15.39 -10.64 -29.94
N PHE D 61 -15.44 -9.79 -28.94
CA PHE D 61 -15.48 -8.34 -29.13
C PHE D 61 -14.45 -7.65 -28.24
N VAL D 62 -13.63 -6.80 -28.86
CA VAL D 62 -12.56 -6.07 -28.19
C VAL D 62 -12.42 -4.68 -28.78
N PRO D 63 -12.10 -3.66 -27.95
CA PRO D 63 -11.78 -2.37 -28.52
C PRO D 63 -10.50 -2.42 -29.31
N GLN D 64 -10.42 -1.59 -30.35
CA GLN D 64 -9.20 -1.48 -31.12
C GLN D 64 -8.52 -0.17 -30.77
N THR D 65 -7.25 -0.27 -30.37
CA THR D 65 -6.47 0.91 -30.03
C THR D 65 -5.76 1.47 -31.27
N SER D 66 -5.25 0.59 -32.11
CA SER D 66 -4.44 1.01 -33.24
C SER D 66 -4.53 -0.02 -34.37
N ASP D 67 -4.38 0.42 -35.63
CA ASP D 67 -4.17 -0.55 -36.71
C ASP D 67 -2.79 -0.46 -37.36
N GLN D 68 -1.86 0.16 -36.66
CA GLN D 68 -0.51 0.30 -37.17
C GLN D 68 0.47 -0.66 -36.50
N ASP D 69 -0.02 -1.51 -35.59
CA ASP D 69 0.89 -2.36 -34.83
C ASP D 69 0.68 -3.84 -35.11
N GLY D 70 0.24 -4.15 -36.33
CA GLY D 70 -0.06 -5.54 -36.70
C GLY D 70 -1.07 -6.18 -35.75
N SER D 71 -0.75 -7.38 -35.29
CA SER D 71 -1.62 -8.11 -34.37
C SER D 71 -1.76 -7.50 -32.97
N TRP D 72 -0.85 -6.59 -32.60
CA TRP D 72 -0.86 -6.01 -31.25
C TRP D 72 -1.70 -4.76 -31.28
N PHE D 73 -3.00 -4.94 -31.52
CA PHE D 73 -3.89 -3.81 -31.82
C PHE D 73 -4.61 -3.22 -30.63
N PHE D 74 -4.38 -3.79 -29.45
CA PHE D 74 -4.99 -3.28 -28.24
C PHE D 74 -3.94 -2.99 -27.18
N ASP D 75 -4.09 -1.85 -26.50
CA ASP D 75 -3.22 -1.44 -25.39
C ASP D 75 -4.11 -0.88 -24.29
N PRO D 76 -4.15 -1.57 -23.14
CA PRO D 76 -5.05 -1.13 -22.09
C PRO D 76 -4.67 0.19 -21.41
N HIS D 77 -3.40 0.58 -21.53
CA HIS D 77 -2.91 1.83 -20.93
C HIS D 77 -3.23 3.08 -21.76
N LEU D 78 -3.51 2.94 -23.04
CA LEU D 78 -3.66 4.12 -23.91
C LEU D 78 -5.14 4.48 -24.02
N PRO D 79 -5.52 5.68 -23.58
CA PRO D 79 -6.93 6.01 -23.58
C PRO D 79 -7.44 6.48 -24.94
N ILE D 80 -7.20 5.67 -25.96
CA ILE D 80 -7.57 5.96 -27.32
C ILE D 80 -8.28 4.73 -27.87
N PHE D 81 -9.36 4.93 -28.61
CA PHE D 81 -9.87 3.80 -29.37
C PHE D 81 -10.49 4.17 -30.70
N GLN D 82 -10.44 3.20 -31.59
CA GLN D 82 -10.78 3.38 -32.99
C GLN D 82 -12.12 2.72 -33.36
N GLY D 83 -12.75 2.09 -32.36
CA GLY D 83 -14.00 1.35 -32.55
C GLY D 83 -13.95 0.02 -31.83
N ILE D 84 -15.05 -0.75 -31.93
CA ILE D 84 -15.11 -2.09 -31.42
C ILE D 84 -14.86 -3.08 -32.53
N ARG D 85 -13.93 -3.98 -32.29
CA ARG D 85 -13.58 -4.98 -33.28
C ARG D 85 -14.20 -6.33 -32.93
N LEU D 86 -15.05 -6.81 -33.84
CA LEU D 86 -15.50 -8.17 -33.82
C LEU D 86 -14.34 -8.98 -34.32
N THR D 87 -13.81 -9.87 -33.48
CA THR D 87 -12.53 -10.51 -33.77
C THR D 87 -12.63 -12.02 -33.73
N HIS D 88 -11.69 -12.69 -34.38
CA HIS D 88 -11.46 -14.12 -34.21
C HIS D 88 -10.00 -14.42 -33.94
N GLN D 89 -9.28 -13.41 -33.46
CA GLN D 89 -7.87 -13.54 -33.21
C GLN D 89 -7.67 -14.33 -31.93
N PRO D 90 -6.96 -15.46 -31.99
CA PRO D 90 -6.66 -16.28 -30.81
C PRO D 90 -5.27 -16.05 -30.20
N SER D 91 -4.42 -15.33 -30.92
CA SER D 91 -3.08 -15.02 -30.51
C SER D 91 -2.51 -14.06 -31.56
N PRO D 92 -1.51 -13.24 -31.18
CA PRO D 92 -0.96 -12.32 -32.15
C PRO D 92 -0.08 -13.01 -33.19
N TRP D 93 0.37 -14.23 -32.89
CA TRP D 93 1.18 -15.01 -33.84
C TRP D 93 0.31 -15.55 -34.98
N ILE D 94 -0.91 -15.92 -34.65
CA ILE D 94 -1.86 -16.39 -35.62
C ILE D 94 -2.51 -15.20 -36.34
N GLY D 95 -2.81 -14.13 -35.61
CA GLY D 95 -3.47 -12.99 -36.20
C GLY D 95 -4.97 -13.17 -36.24
N ASP D 96 -5.64 -12.28 -36.97
CA ASP D 96 -7.09 -12.21 -36.98
C ASP D 96 -7.63 -12.63 -38.36
N TYR D 97 -8.93 -12.90 -38.42
CA TYR D 97 -9.63 -13.23 -39.68
C TYR D 97 -11.11 -13.00 -39.51
N SER D 98 -11.77 -12.70 -40.62
CA SER D 98 -13.21 -12.46 -40.64
C SER D 98 -13.57 -11.45 -39.56
N TRP D 99 -12.79 -10.38 -39.49
CA TRP D 99 -13.00 -9.39 -38.45
C TRP D 99 -13.61 -8.12 -39.02
N LEU D 100 -14.29 -7.39 -38.14
CA LEU D 100 -15.04 -6.24 -38.53
C LEU D 100 -14.96 -5.19 -37.44
N LEU D 101 -14.58 -3.97 -37.83
CA LEU D 101 -14.48 -2.85 -36.90
C LEU D 101 -15.71 -1.95 -37.04
N LEU D 102 -16.37 -1.70 -35.92
CA LEU D 102 -17.53 -0.84 -35.87
C LEU D 102 -17.23 0.40 -35.06
N THR D 103 -17.43 1.58 -35.63
CA THR D 103 -17.00 2.81 -35.02
C THR D 103 -18.14 3.83 -34.94
N PRO D 104 -18.69 4.06 -33.76
CA PRO D 104 -19.71 5.08 -33.61
C PRO D 104 -19.11 6.48 -33.61
N VAL D 105 -19.71 7.39 -34.36
CA VAL D 105 -19.28 8.79 -34.40
C VAL D 105 -20.50 9.67 -34.43
N THR D 106 -20.32 10.96 -34.21
CA THR D 106 -21.38 11.94 -34.47
C THR D 106 -21.44 12.13 -35.98
N SER D 107 -22.65 12.27 -36.50
CA SER D 107 -22.82 12.52 -37.94
C SER D 107 -22.12 13.82 -38.37
N GLN D 108 -22.22 14.87 -37.54
CA GLN D 108 -21.44 16.08 -37.75
C GLN D 108 -19.95 15.85 -37.42
N LEU D 109 -19.10 16.72 -37.93
CA LEU D 109 -17.65 16.62 -37.72
C LEU D 109 -17.13 15.22 -38.09
N GLY D 110 -16.30 14.61 -37.24
CA GLY D 110 -15.65 13.35 -37.60
C GLY D 110 -14.33 13.59 -38.33
N GLY D 111 -13.98 12.67 -39.21
CA GLY D 111 -12.69 12.74 -39.90
C GLY D 111 -12.64 11.81 -41.08
N ASP D 112 -11.52 11.84 -41.80
CA ASP D 112 -11.45 11.30 -43.15
C ASP D 112 -10.80 9.91 -43.26
N SER D 113 -10.48 9.31 -42.13
CA SER D 113 -9.99 7.95 -42.11
C SER D 113 -10.27 7.37 -40.75
N LEU D 114 -10.12 6.06 -40.67
CA LEU D 114 -10.27 5.29 -39.44
C LEU D 114 -9.34 5.89 -38.35
N PHE D 115 -8.09 6.15 -38.73
CA PHE D 115 -7.12 6.79 -37.85
C PHE D 115 -7.56 8.18 -37.41
N HIS D 116 -8.03 8.99 -38.35
CA HIS D 116 -8.47 10.35 -38.03
C HIS D 116 -9.82 10.41 -37.40
N ARG D 117 -10.48 9.26 -37.25
CA ARG D 117 -11.71 9.19 -36.45
C ARG D 117 -11.47 8.65 -35.03
N GLN D 118 -10.24 8.28 -34.69
CA GLN D 118 -9.97 7.75 -33.34
C GLN D 118 -10.27 8.77 -32.26
N SER D 119 -10.72 8.27 -31.11
CA SER D 119 -11.21 9.12 -30.02
C SER D 119 -10.55 8.74 -28.71
N SER D 120 -10.35 9.71 -27.83
CA SER D 120 -9.97 9.39 -26.47
C SER D 120 -11.19 8.78 -25.78
N TYR D 121 -10.93 7.99 -24.74
CA TYR D 121 -11.99 7.46 -23.89
C TYR D 121 -11.55 7.47 -22.45
N ASP D 122 -12.53 7.32 -21.58
CA ASP D 122 -12.36 7.43 -20.14
C ASP D 122 -12.07 6.05 -19.55
N ILE D 123 -10.79 5.75 -19.38
CA ILE D 123 -10.38 4.42 -18.98
C ILE D 123 -10.96 4.03 -17.63
N ASP D 124 -11.02 4.98 -16.70
CA ASP D 124 -11.47 4.65 -15.38
C ASP D 124 -12.94 4.27 -15.36
N LYS D 125 -13.75 4.86 -16.23
CA LYS D 125 -15.17 4.58 -16.25
C LYS D 125 -15.55 3.49 -17.23
N ALA D 126 -14.59 3.02 -18.01
CA ALA D 126 -14.85 1.92 -18.94
C ALA D 126 -15.13 0.64 -18.17
N CYS D 127 -15.93 -0.28 -18.75
CA CYS D 127 -16.10 -1.60 -18.19
C CYS D 127 -15.54 -2.59 -19.15
N PHE D 128 -14.68 -3.45 -18.63
CA PHE D 128 -14.08 -4.54 -19.38
C PHE D 128 -14.42 -5.86 -18.68
N GLN D 129 -15.66 -6.32 -18.86
CA GLN D 129 -16.12 -7.58 -18.26
C GLN D 129 -16.37 -8.62 -19.33
N PRO D 130 -16.33 -9.91 -18.96
CA PRO D 130 -16.47 -10.95 -19.98
C PRO D 130 -17.78 -10.83 -20.77
N HIS D 131 -18.82 -10.36 -20.10
CA HIS D 131 -20.15 -10.31 -20.66
C HIS D 131 -20.62 -8.90 -20.94
N TYR D 132 -19.74 -7.91 -20.79
CA TYR D 132 -20.17 -6.51 -20.82
C TYR D 132 -18.99 -5.58 -21.06
N LEU D 133 -19.08 -4.82 -22.14
CA LEU D 133 -18.05 -3.88 -22.56
C LEU D 133 -18.72 -2.51 -22.64
N LYS D 134 -18.19 -1.54 -21.88
CA LYS D 134 -18.68 -0.18 -21.95
C LYS D 134 -17.51 0.80 -22.10
N LEU D 135 -17.62 1.70 -23.06
CA LEU D 135 -16.62 2.75 -23.32
C LEU D 135 -17.34 4.04 -23.63
N PHE D 136 -16.76 5.14 -23.16
CA PHE D 136 -17.28 6.45 -23.47
C PHE D 136 -16.27 7.20 -24.35
N SER D 137 -16.68 7.46 -25.59
CA SER D 137 -15.87 8.23 -26.50
C SER D 137 -16.00 9.72 -26.18
N LEU D 138 -14.89 10.33 -25.74
CA LEU D 138 -14.92 11.72 -25.29
C LEU D 138 -15.01 12.71 -26.46
N ARG D 139 -14.43 12.34 -27.60
CA ARG D 139 -14.51 13.18 -28.79
C ARG D 139 -15.93 13.32 -29.30
N TYR D 140 -16.67 12.21 -29.32
CA TYR D 140 -18.01 12.18 -29.90
C TYR D 140 -19.09 12.25 -28.83
N GLN D 141 -18.69 12.20 -27.56
CA GLN D 141 -19.62 12.09 -26.44
C GLN D 141 -20.64 10.96 -26.65
N ILE D 142 -20.14 9.82 -27.10
CA ILE D 142 -20.96 8.63 -27.32
C ILE D 142 -20.60 7.53 -26.31
N GLU D 143 -21.61 7.07 -25.59
CA GLU D 143 -21.49 5.89 -24.76
C GLU D 143 -21.88 4.65 -25.59
N THR D 144 -20.91 3.75 -25.74
CA THR D 144 -21.11 2.47 -26.36
C THR D 144 -21.15 1.34 -25.31
N GLN D 145 -22.21 0.51 -25.37
CA GLN D 145 -22.32 -0.71 -24.55
C GLN D 145 -22.53 -1.91 -25.46
N LEU D 146 -21.86 -3.01 -25.15
CA LEU D 146 -22.00 -4.24 -25.90
C LEU D 146 -22.12 -5.42 -24.95
N THR D 147 -23.03 -6.34 -25.26
CA THR D 147 -23.13 -7.61 -24.56
C THR D 147 -23.25 -8.70 -25.61
N PRO D 148 -22.51 -9.80 -25.44
CA PRO D 148 -22.43 -10.82 -26.48
C PRO D 148 -23.48 -11.93 -26.41
N THR D 149 -23.71 -12.58 -27.56
CA THR D 149 -24.35 -13.90 -27.62
C THR D 149 -23.36 -14.76 -28.35
N CYS D 150 -23.67 -16.05 -28.50
CA CYS D 150 -22.74 -16.95 -29.17
C CYS D 150 -22.42 -16.45 -30.58
N TYR D 151 -23.48 -16.12 -31.32
CA TYR D 151 -23.35 -15.81 -32.76
C TYR D 151 -23.41 -14.31 -33.06
N GLY D 152 -23.74 -13.50 -32.06
CA GLY D 152 -23.88 -12.08 -32.27
C GLY D 152 -23.66 -11.24 -31.02
N ALA D 153 -24.39 -10.13 -30.93
CA ALA D 153 -24.26 -9.20 -29.83
C ALA D 153 -25.40 -8.22 -29.85
N SER D 154 -25.67 -7.63 -28.70
CA SER D 154 -26.58 -6.51 -28.56
C SER D 154 -25.73 -5.30 -28.19
N ILE D 155 -25.99 -4.17 -28.86
CA ILE D 155 -25.19 -2.94 -28.72
C ILE D 155 -26.10 -1.74 -28.48
N ARG D 156 -25.77 -0.94 -27.47
CA ARG D 156 -26.47 0.32 -27.26
C ARG D 156 -25.50 1.47 -27.49
N LEU D 157 -25.92 2.44 -28.29
CA LEU D 157 -25.15 3.64 -28.58
C LEU D 157 -25.96 4.84 -28.12
N ASN D 158 -25.30 5.79 -27.48
CA ASN D 158 -25.99 6.96 -27.01
C ASN D 158 -25.10 8.19 -27.07
N GLN D 159 -25.44 9.11 -27.98
CA GLN D 159 -24.80 10.40 -28.06
C GLN D 159 -25.47 11.28 -27.00
N LYS D 160 -24.71 11.63 -25.97
CA LYS D 160 -25.28 12.25 -24.78
C LYS D 160 -25.75 13.68 -24.93
N GLN D 161 -25.43 14.32 -26.05
CA GLN D 161 -25.90 15.68 -26.30
C GLN D 161 -27.09 15.69 -27.27
N GLY D 162 -27.56 14.52 -27.68
CA GLY D 162 -28.68 14.43 -28.59
C GLY D 162 -28.32 14.70 -30.04
N LYS D 163 -27.05 14.59 -30.40
CA LYS D 163 -26.66 14.75 -31.81
C LYS D 163 -26.76 13.42 -32.55
N ALA D 164 -27.02 13.49 -33.85
CA ALA D 164 -27.33 12.29 -34.61
C ALA D 164 -26.10 11.41 -34.70
N LEU D 165 -26.34 10.11 -34.70
CA LEU D 165 -25.29 9.11 -34.81
C LEU D 165 -25.02 8.72 -36.24
N SER D 166 -23.77 8.40 -36.52
CA SER D 166 -23.41 7.60 -37.68
C SER D 166 -22.51 6.47 -37.21
N LEU D 167 -22.35 5.47 -38.07
CA LEU D 167 -21.60 4.28 -37.73
C LEU D 167 -20.71 3.90 -38.89
N TYR D 168 -19.42 3.76 -38.63
CA TYR D 168 -18.49 3.35 -39.66
C TYR D 168 -18.20 1.87 -39.57
N LEU D 169 -17.94 1.26 -40.70
CA LEU D 169 -17.62 -0.15 -40.78
C LEU D 169 -16.36 -0.34 -41.59
N HIS D 170 -15.43 -1.13 -41.07
CA HIS D 170 -14.15 -1.37 -41.74
C HIS D 170 -13.74 -2.82 -41.55
N ALA D 171 -13.07 -3.37 -42.56
CA ALA D 171 -12.50 -4.72 -42.48
C ALA D 171 -11.28 -4.80 -43.37
N ALA D 172 -10.37 -5.72 -43.07
CA ALA D 172 -9.28 -6.04 -43.99
C ALA D 172 -9.82 -6.87 -45.16
N ASP D 173 -10.82 -7.71 -44.90
CA ASP D 173 -11.55 -8.42 -45.94
C ASP D 173 -12.24 -7.42 -46.85
N GLU D 174 -12.53 -7.84 -48.09
CA GLU D 174 -13.35 -7.05 -49.01
C GLU D 174 -14.78 -7.03 -48.46
N LEU D 175 -15.30 -5.85 -48.16
CA LEU D 175 -16.54 -5.69 -47.43
C LEU D 175 -17.63 -5.02 -48.25
N THR D 176 -18.78 -5.68 -48.33
CA THR D 176 -19.93 -5.20 -49.10
C THR D 176 -21.12 -5.00 -48.18
N VAL D 177 -21.90 -3.96 -48.42
CA VAL D 177 -23.06 -3.64 -47.59
C VAL D 177 -24.30 -3.40 -48.43
N GLU D 178 -25.40 -4.06 -48.09
CA GLU D 178 -26.69 -3.83 -48.73
C GLU D 178 -27.71 -3.46 -47.68
N GLN D 179 -28.53 -2.46 -47.98
CA GLN D 179 -29.61 -2.10 -47.08
C GLN D 179 -30.83 -2.92 -47.44
N VAL D 180 -31.32 -3.70 -46.49
CA VAL D 180 -32.44 -4.60 -46.73
C VAL D 180 -33.77 -3.90 -46.48
N ASP D 181 -33.85 -3.05 -45.44
CA ASP D 181 -35.04 -2.25 -45.21
C ASP D 181 -34.67 -1.00 -44.43
N LYS D 182 -35.65 -0.29 -43.87
CA LYS D 182 -35.37 0.96 -43.16
C LYS D 182 -34.34 0.79 -42.04
N ARG D 183 -34.29 -0.41 -41.46
CA ARG D 183 -33.53 -0.62 -40.24
C ARG D 183 -32.63 -1.85 -40.27
N THR D 184 -32.28 -2.32 -41.46
CA THR D 184 -31.57 -3.59 -41.56
C THR D 184 -30.53 -3.56 -42.65
N LEU D 185 -29.33 -4.00 -42.30
CA LEU D 185 -28.24 -4.17 -43.25
C LEU D 185 -27.83 -5.61 -43.36
N ALA D 186 -27.36 -5.98 -44.54
CA ALA D 186 -26.76 -7.28 -44.77
C ALA D 186 -25.35 -7.05 -45.30
N LEU D 187 -24.37 -7.62 -44.61
CA LEU D 187 -22.97 -7.40 -44.92
C LEU D 187 -22.40 -8.69 -45.43
N ARG D 188 -21.45 -8.56 -46.32
CA ARG D 188 -20.70 -9.70 -46.80
C ARG D 188 -19.24 -9.31 -46.82
N GLN D 189 -18.37 -10.18 -46.35
CA GLN D 189 -16.95 -9.91 -46.42
C GLN D 189 -16.17 -11.15 -46.75
N GLU D 190 -15.12 -10.99 -47.54
CA GLU D 190 -14.39 -12.13 -48.05
C GLU D 190 -12.88 -11.97 -47.92
N GLY D 191 -12.22 -13.06 -47.59
CA GLY D 191 -10.77 -13.13 -47.60
C GLY D 191 -10.38 -14.56 -47.86
N LYS D 192 -9.13 -14.90 -47.56
CA LYS D 192 -8.62 -16.26 -47.73
C LYS D 192 -7.94 -16.72 -46.43
N THR D 193 -7.96 -18.02 -46.16
CA THR D 193 -7.28 -18.54 -44.97
C THR D 193 -5.79 -18.47 -45.21
N GLU D 194 -5.04 -18.39 -44.12
CA GLU D 194 -3.68 -17.94 -44.16
C GLU D 194 -2.76 -18.97 -44.80
N THR D 195 -2.96 -20.24 -44.49
CA THR D 195 -2.05 -21.28 -44.96
C THR D 195 -2.62 -22.04 -46.16
N ASN D 196 -3.85 -22.52 -46.03
CA ASN D 196 -4.52 -23.21 -47.14
C ASN D 196 -5.00 -22.28 -48.27
N LYS D 197 -5.14 -20.99 -47.96
CA LYS D 197 -5.68 -20.03 -48.94
C LYS D 197 -7.09 -20.42 -49.40
N ASN D 198 -7.86 -21.08 -48.56
CA ASN D 198 -9.25 -21.34 -48.87
C ASN D 198 -10.03 -20.05 -48.75
N SER D 199 -11.03 -19.91 -49.59
CA SER D 199 -11.89 -18.75 -49.57
C SER D 199 -12.67 -18.74 -48.28
N LEU D 200 -12.78 -17.57 -47.67
CA LEU D 200 -13.41 -17.45 -46.37
C LEU D 200 -14.35 -16.26 -46.35
N THR D 201 -15.65 -16.54 -46.24
CA THR D 201 -16.65 -15.52 -46.32
C THR D 201 -17.51 -15.49 -45.07
N MET D 202 -17.69 -14.29 -44.52
CA MET D 202 -18.55 -14.14 -43.36
C MET D 202 -19.63 -13.14 -43.68
N PHE D 203 -20.85 -13.49 -43.30
CA PHE D 203 -22.01 -12.64 -43.49
C PHE D 203 -22.40 -12.07 -42.17
N THR D 204 -22.88 -10.83 -42.18
CA THR D 204 -23.26 -10.18 -40.94
C THR D 204 -24.58 -9.46 -41.15
N ALA D 205 -25.46 -9.57 -40.16
CA ALA D 205 -26.73 -8.89 -40.20
C ALA D 205 -26.72 -7.86 -39.09
N LEU D 206 -27.17 -6.64 -39.40
CA LEU D 206 -27.32 -5.60 -38.39
C LEU D 206 -28.69 -5.04 -38.47
N GLN D 207 -29.31 -4.87 -37.31
CA GLN D 207 -30.67 -4.37 -37.22
C GLN D 207 -30.72 -3.33 -36.11
N MET D 208 -31.28 -2.17 -36.40
CA MET D 208 -31.32 -1.02 -35.48
C MET D 208 -32.75 -0.71 -35.12
N ASN D 209 -32.96 -0.03 -34.00
CA ASN D 209 -34.26 0.48 -33.68
C ASN D 209 -34.42 1.96 -34.02
N THR D 210 -33.67 2.43 -35.01
CA THR D 210 -33.83 3.77 -35.59
C THR D 210 -33.56 3.63 -37.07
N ASP D 211 -34.13 4.53 -37.87
CA ASP D 211 -33.99 4.42 -39.32
C ASP D 211 -32.57 4.71 -39.78
N ILE D 212 -32.17 3.98 -40.81
CA ILE D 212 -30.93 4.22 -41.50
C ILE D 212 -31.21 5.24 -42.61
N LEU D 213 -30.69 6.46 -42.46
CA LEU D 213 -30.89 7.53 -43.43
C LEU D 213 -30.07 7.39 -44.69
N ALA D 214 -28.87 6.82 -44.59
CA ALA D 214 -28.01 6.64 -45.77
C ALA D 214 -26.89 5.65 -45.49
N ILE D 215 -26.42 5.01 -46.56
CA ILE D 215 -25.16 4.27 -46.51
C ILE D 215 -24.31 4.78 -47.66
N SER D 216 -22.98 4.77 -47.47
CA SER D 216 -22.05 5.15 -48.53
C SER D 216 -20.66 4.62 -48.23
N GLN D 217 -19.81 4.62 -49.25
CA GLN D 217 -18.40 4.26 -49.07
C GLN D 217 -17.51 5.49 -48.99
N GLU D 218 -16.53 5.46 -48.08
CA GLU D 218 -15.52 6.51 -47.99
C GLU D 218 -14.17 5.85 -47.87
N ALA D 219 -13.35 6.00 -48.91
CA ALA D 219 -11.99 5.50 -48.92
C ALA D 219 -11.94 4.07 -48.44
N GLY D 220 -12.83 3.23 -48.98
CA GLY D 220 -12.82 1.81 -48.68
C GLY D 220 -13.70 1.35 -47.52
N ASP D 221 -14.14 2.27 -46.67
CA ASP D 221 -14.99 1.93 -45.54
C ASP D 221 -16.41 2.33 -45.81
N TRP D 222 -17.33 1.89 -44.96
CA TRP D 222 -18.74 2.22 -45.09
C TRP D 222 -19.18 3.13 -43.96
N ARG D 223 -20.02 4.10 -44.29
CA ARG D 223 -20.58 5.04 -43.33
C ARG D 223 -22.08 4.88 -43.35
N ILE D 224 -22.66 4.57 -42.20
CA ILE D 224 -24.10 4.40 -42.05
C ILE D 224 -24.62 5.57 -41.24
N ASP D 225 -25.51 6.37 -41.81
CA ASP D 225 -26.08 7.49 -41.07
C ASP D 225 -27.39 7.07 -40.46
N LEU D 226 -27.59 7.43 -39.20
CA LEU D 226 -28.80 7.05 -38.45
C LEU D 226 -29.65 8.24 -38.08
N ALA D 227 -30.93 7.98 -37.85
CA ALA D 227 -31.91 9.03 -37.64
C ALA D 227 -31.84 9.61 -36.26
N SER D 228 -31.36 8.83 -35.31
CA SER D 228 -31.45 9.21 -33.92
C SER D 228 -30.08 9.43 -33.27
N SER D 229 -30.08 10.07 -32.08
CA SER D 229 -28.90 10.17 -31.25
C SER D 229 -28.67 8.95 -30.36
N GLN D 230 -29.58 7.97 -30.39
CA GLN D 230 -29.34 6.71 -29.70
C GLN D 230 -30.07 5.59 -30.36
N THR D 231 -29.51 4.42 -30.18
CA THR D 231 -30.10 3.25 -30.76
C THR D 231 -29.65 1.99 -30.03
N GLU D 232 -30.50 0.98 -30.06
CA GLU D 232 -30.12 -0.36 -29.69
C GLU D 232 -30.08 -1.16 -30.96
N MET D 233 -29.03 -1.95 -31.13
CA MET D 233 -28.77 -2.61 -32.37
C MET D 233 -28.45 -4.07 -32.11
N GLN D 234 -28.93 -4.95 -32.98
CA GLN D 234 -28.65 -6.38 -32.87
C GLN D 234 -27.72 -6.70 -33.99
N LEU D 235 -26.76 -7.57 -33.71
CA LEU D 235 -25.75 -7.95 -34.68
C LEU D 235 -25.62 -9.45 -34.63
N ALA D 236 -25.33 -10.09 -35.75
CA ALA D 236 -24.97 -11.50 -35.74
C ALA D 236 -24.22 -11.84 -37.00
N THR D 237 -23.37 -12.85 -36.91
CA THR D 237 -22.62 -13.31 -38.08
C THR D 237 -22.98 -14.75 -38.45
N SER D 238 -22.57 -15.14 -39.66
CA SER D 238 -22.67 -16.52 -40.10
C SER D 238 -21.56 -16.82 -41.10
N PHE D 239 -21.06 -18.04 -41.05
CA PHE D 239 -20.21 -18.57 -42.11
C PHE D 239 -21.02 -19.51 -43.04
N ILE D 240 -22.35 -19.50 -42.89
CA ILE D 240 -23.23 -20.31 -43.71
C ILE D 240 -23.86 -19.47 -44.80
N SER D 241 -24.67 -18.47 -44.44
CA SER D 241 -25.39 -17.70 -45.43
C SER D 241 -25.95 -16.43 -44.84
N PRO D 242 -26.35 -15.48 -45.69
CA PRO D 242 -27.01 -14.25 -45.23
C PRO D 242 -28.26 -14.50 -44.44
N SER D 243 -29.07 -15.48 -44.85
CA SER D 243 -30.31 -15.76 -44.14
C SER D 243 -30.00 -16.42 -42.80
N GLN D 244 -28.97 -17.25 -42.73
CA GLN D 244 -28.55 -17.84 -41.45
C GLN D 244 -28.08 -16.74 -40.48
N ALA D 245 -27.37 -15.74 -41.00
CA ALA D 245 -26.97 -14.60 -40.18
C ALA D 245 -28.17 -13.90 -39.55
N LEU D 246 -29.23 -13.68 -40.34
CA LEU D 246 -30.46 -13.09 -39.81
C LEU D 246 -31.08 -13.97 -38.74
N ILE D 247 -31.09 -15.27 -39.00
CA ILE D 247 -31.61 -16.22 -38.04
C ILE D 247 -30.81 -16.16 -36.74
N ASN D 248 -29.49 -15.97 -36.85
CA ASN D 248 -28.61 -15.89 -35.69
C ASN D 248 -28.80 -14.62 -34.85
N LEU D 249 -29.58 -13.66 -35.30
CA LEU D 249 -29.74 -12.42 -34.53
C LEU D 249 -30.29 -12.65 -33.13
N PRO D 250 -29.79 -11.88 -32.15
CA PRO D 250 -30.43 -11.86 -30.86
C PRO D 250 -31.90 -11.49 -30.98
N GLN D 251 -32.73 -12.16 -30.21
CA GLN D 251 -34.17 -11.96 -30.30
C GLN D 251 -34.67 -11.12 -29.14
N GLU D 252 -33.79 -10.71 -28.25
CA GLU D 252 -34.20 -10.09 -26.99
C GLU D 252 -33.50 -8.76 -26.81
N ASP D 253 -33.97 -7.98 -25.84
CA ASP D 253 -33.36 -6.69 -25.59
C ASP D 253 -32.00 -6.83 -24.85
N PHE D 254 -31.32 -5.69 -24.70
CA PHE D 254 -29.94 -5.65 -24.19
C PHE D 254 -29.83 -6.33 -22.82
N ASP D 255 -30.67 -5.90 -21.88
CA ASP D 255 -30.65 -6.46 -20.53
C ASP D 255 -30.84 -7.96 -20.54
N SER D 256 -31.74 -8.43 -21.39
CA SER D 256 -32.03 -9.84 -21.43
C SER D 256 -30.82 -10.61 -21.97
N CYS D 257 -30.18 -10.04 -23.01
CA CYS D 257 -28.99 -10.70 -23.59
C CYS D 257 -27.85 -10.72 -22.57
N LYS D 258 -27.72 -9.63 -21.83
CA LYS D 258 -26.71 -9.51 -20.81
C LYS D 258 -26.91 -10.53 -19.68
N SER D 259 -28.15 -10.69 -19.21
CA SER D 259 -28.46 -11.71 -18.21
C SER D 259 -28.15 -13.10 -18.71
N SER D 260 -28.47 -13.37 -19.97
CA SER D 260 -28.22 -14.70 -20.52
C SER D 260 -26.73 -14.99 -20.60
N ALA D 261 -25.95 -13.98 -20.99
CA ALA D 261 -24.51 -14.11 -21.04
C ALA D 261 -23.92 -14.33 -19.64
N GLN D 262 -24.46 -13.59 -18.67
CA GLN D 262 -24.05 -13.78 -17.30
C GLN D 262 -24.31 -15.22 -16.82
N VAL D 263 -25.52 -15.72 -17.11
CA VAL D 263 -25.87 -17.08 -16.73
C VAL D 263 -24.95 -18.09 -17.43
N ASP D 264 -24.65 -17.85 -18.71
CA ASP D 264 -23.77 -18.77 -19.44
C ASP D 264 -22.41 -18.84 -18.78
N TRP D 265 -21.89 -17.69 -18.36
CA TRP D 265 -20.60 -17.63 -17.68
C TRP D 265 -20.70 -18.29 -16.30
N GLU D 266 -21.71 -17.92 -15.53
CA GLU D 266 -21.86 -18.43 -14.17
C GLU D 266 -21.98 -19.94 -14.09
N ASN D 267 -22.67 -20.52 -15.08
N ASN D 267 -22.64 -20.57 -15.04
CA ASN D 267 -22.83 -21.96 -15.13
CA ASN D 267 -22.81 -22.01 -14.95
C ASN D 267 -21.49 -22.69 -15.15
C ASN D 267 -21.53 -22.78 -15.28
N LEU D 268 -20.51 -22.10 -15.81
CA LEU D 268 -19.18 -22.69 -15.90
C LEU D 268 -18.26 -22.27 -14.74
N LEU D 269 -18.30 -21.01 -14.37
CA LEU D 269 -17.44 -20.49 -13.31
C LEU D 269 -17.78 -21.17 -11.97
N HIS D 270 -19.06 -21.42 -11.74
CA HIS D 270 -19.50 -22.05 -10.50
C HIS D 270 -19.14 -23.54 -10.41
N ARG D 271 -18.36 -24.08 -11.34
CA ARG D 271 -17.83 -25.42 -11.15
C ARG D 271 -16.66 -25.39 -10.17
N PHE D 272 -16.23 -24.19 -9.81
CA PHE D 272 -15.28 -23.99 -8.74
C PHE D 272 -15.96 -23.13 -7.71
N ASP D 273 -15.75 -23.46 -6.45
CA ASP D 273 -16.34 -22.68 -5.36
C ASP D 273 -15.33 -22.55 -4.22
N ILE D 274 -14.81 -21.34 -4.07
CA ILE D 274 -13.85 -21.01 -3.01
C ILE D 274 -14.62 -20.76 -1.74
N ILE D 275 -14.46 -21.65 -0.78
CA ILE D 275 -15.16 -21.51 0.50
C ILE D 275 -14.34 -20.59 1.43
N GLU D 276 -13.02 -20.83 1.52
CA GLU D 276 -12.13 -19.98 2.31
C GLU D 276 -10.86 -19.80 1.57
N THR D 277 -10.51 -18.53 1.32
CA THR D 277 -9.26 -18.24 0.63
C THR D 277 -8.05 -18.46 1.54
N GLY D 278 -8.22 -18.16 2.83
CA GLY D 278 -7.07 -18.01 3.73
C GLY D 278 -6.26 -16.79 3.31
N GLU D 279 -4.95 -16.87 3.50
CA GLU D 279 -4.00 -15.77 3.16
C GLU D 279 -4.03 -15.43 1.65
N ALA D 280 -4.32 -16.40 0.79
CA ALA D 280 -4.28 -16.22 -0.66
C ALA D 280 -5.22 -15.15 -1.25
N ASP D 281 -4.74 -14.46 -2.27
CA ASP D 281 -5.54 -13.54 -3.06
C ASP D 281 -6.17 -14.35 -4.21
N ARG D 282 -7.49 -14.30 -4.31
CA ARG D 282 -8.24 -15.10 -5.28
C ARG D 282 -8.32 -14.47 -6.68
N THR D 283 -7.88 -13.22 -6.82
CA THR D 283 -8.11 -12.44 -8.02
C THR D 283 -7.55 -13.11 -9.28
N PHE D 284 -6.34 -13.62 -9.21
CA PHE D 284 -5.74 -14.21 -10.38
C PHE D 284 -6.47 -15.50 -10.80
N PHE D 285 -6.74 -16.35 -9.82
CA PHE D 285 -7.48 -17.57 -10.03
C PHE D 285 -8.80 -17.27 -10.74
N ASP D 286 -9.56 -16.32 -10.23
CA ASP D 286 -10.81 -15.95 -10.85
C ASP D 286 -10.61 -15.55 -12.30
N HIS D 287 -9.58 -14.78 -12.59
CA HIS D 287 -9.32 -14.39 -13.97
C HIS D 287 -9.02 -15.62 -14.84
N CYS D 288 -8.23 -16.54 -14.31
CA CYS D 288 -7.92 -17.76 -15.00
C CYS D 288 -9.17 -18.58 -15.37
N LEU D 289 -10.21 -18.53 -14.54
CA LEU D 289 -11.44 -19.23 -14.84
C LEU D 289 -12.09 -18.65 -16.10
N TYR D 290 -12.11 -17.33 -16.19
CA TYR D 290 -12.58 -16.66 -17.42
C TYR D 290 -11.78 -17.14 -18.62
N ARG D 291 -10.46 -17.15 -18.52
CA ARG D 291 -9.62 -17.58 -19.64
C ARG D 291 -9.83 -19.05 -20.03
N LEU D 292 -10.21 -19.88 -19.04
CA LEU D 292 -10.40 -21.30 -19.26
C LEU D 292 -11.51 -21.63 -20.28
N PHE D 293 -12.56 -20.81 -20.30
CA PHE D 293 -13.76 -21.10 -21.06
C PHE D 293 -13.93 -20.26 -22.35
N LEU D 294 -12.82 -19.80 -22.91
CA LEU D 294 -12.87 -19.00 -24.13
C LEU D 294 -12.56 -19.81 -25.39
N PHE D 295 -11.69 -20.80 -25.26
CA PHE D 295 -11.25 -21.58 -26.39
C PHE D 295 -11.42 -23.09 -26.12
N PRO D 296 -11.72 -23.87 -27.17
CA PRO D 296 -11.87 -23.43 -28.58
C PRO D 296 -13.15 -22.70 -28.86
N GLN D 297 -13.17 -21.94 -29.95
CA GLN D 297 -14.36 -21.15 -30.29
C GLN D 297 -15.31 -21.95 -31.17
N THR D 298 -16.59 -21.74 -30.95
CA THR D 298 -17.63 -22.35 -31.75
C THR D 298 -17.43 -21.98 -33.21
N PHE D 299 -17.44 -22.98 -34.10
CA PHE D 299 -17.39 -22.71 -35.53
C PHE D 299 -18.44 -23.57 -36.29
N TYR D 300 -19.64 -23.59 -35.73
CA TYR D 300 -20.77 -24.28 -36.31
C TYR D 300 -22.01 -23.53 -35.88
N GLU D 301 -23.06 -23.68 -36.66
CA GLU D 301 -24.32 -23.00 -36.42
C GLU D 301 -25.48 -24.00 -36.40
N ILE D 302 -26.66 -23.50 -36.06
CA ILE D 302 -27.85 -24.32 -35.87
C ILE D 302 -28.89 -23.93 -36.93
N ASN D 303 -29.30 -24.86 -37.79
CA ASN D 303 -30.32 -24.55 -38.81
C ASN D 303 -31.74 -24.48 -38.24
N GLU D 304 -32.71 -24.12 -39.09
CA GLU D 304 -34.10 -23.96 -38.67
C GLU D 304 -34.65 -25.21 -38.01
N SER D 305 -34.20 -26.38 -38.45
CA SER D 305 -34.66 -27.64 -37.85
C SER D 305 -33.87 -28.06 -36.60
N GLY D 306 -32.96 -27.20 -36.12
CA GLY D 306 -32.24 -27.48 -34.88
C GLY D 306 -31.00 -28.33 -35.05
N GLN D 307 -30.52 -28.50 -36.28
CA GLN D 307 -29.32 -29.31 -36.48
C GLN D 307 -28.06 -28.46 -36.64
N ALA D 308 -26.96 -29.04 -36.15
CA ALA D 308 -25.65 -28.43 -36.22
C ALA D 308 -25.11 -28.56 -37.62
N ILE D 309 -24.68 -27.44 -38.19
CA ILE D 309 -24.07 -27.41 -39.51
C ILE D 309 -22.80 -26.56 -39.48
N HIS D 310 -21.86 -26.89 -40.34
CA HIS D 310 -20.67 -26.08 -40.48
C HIS D 310 -20.24 -25.93 -41.93
N MET D 311 -19.54 -24.83 -42.22
CA MET D 311 -18.88 -24.63 -43.48
C MET D 311 -17.62 -25.48 -43.57
N ASP D 312 -17.52 -26.26 -44.63
CA ASP D 312 -16.30 -27.00 -44.96
C ASP D 312 -15.51 -26.11 -45.90
N LEU D 313 -14.43 -25.52 -45.41
CA LEU D 313 -13.74 -24.48 -46.17
C LEU D 313 -12.94 -25.06 -47.31
N ALA D 314 -12.61 -26.35 -47.24
CA ALA D 314 -11.91 -27.01 -48.35
C ALA D 314 -12.82 -27.12 -49.60
N THR D 315 -14.12 -27.25 -49.41
CA THR D 315 -15.06 -27.37 -50.53
C THR D 315 -15.95 -26.17 -50.70
N GLY D 316 -16.10 -25.34 -49.68
CA GLY D 316 -17.03 -24.24 -49.73
C GLY D 316 -18.46 -24.66 -49.56
N THR D 317 -18.68 -25.91 -49.15
CA THR D 317 -20.04 -26.40 -48.94
C THR D 317 -20.35 -26.72 -47.49
N VAL D 318 -21.65 -26.66 -47.17
CA VAL D 318 -22.13 -26.90 -45.82
C VAL D 318 -22.16 -28.41 -45.53
N LYS D 319 -21.70 -28.79 -44.35
CA LYS D 319 -21.66 -30.18 -43.91
C LYS D 319 -22.34 -30.26 -42.56
N PRO D 320 -22.88 -31.44 -42.22
CA PRO D 320 -23.54 -31.53 -40.91
C PRO D 320 -22.51 -31.66 -39.80
N GLY D 321 -22.90 -31.27 -38.60
CA GLY D 321 -22.11 -31.55 -37.41
C GLY D 321 -21.38 -30.36 -36.81
N VAL D 322 -21.10 -30.47 -35.53
CA VAL D 322 -20.33 -29.47 -34.80
C VAL D 322 -18.90 -29.35 -35.34
N LEU D 323 -18.33 -28.18 -35.11
CA LEU D 323 -17.00 -27.87 -35.58
C LEU D 323 -16.51 -26.68 -34.74
N PHE D 324 -15.20 -26.66 -34.48
CA PHE D 324 -14.61 -25.64 -33.63
C PHE D 324 -13.37 -25.05 -34.27
N SER D 325 -13.02 -23.83 -33.86
CA SER D 325 -11.79 -23.17 -34.31
C SER D 325 -10.95 -22.65 -33.12
N ASN D 326 -9.79 -22.12 -33.46
CA ASN D 326 -8.93 -21.41 -32.53
C ASN D 326 -8.45 -22.29 -31.39
N ASN D 327 -7.56 -23.22 -31.75
CA ASN D 327 -6.90 -24.03 -30.78
C ASN D 327 -5.67 -24.66 -31.38
N GLY D 328 -4.56 -24.58 -30.66
CA GLY D 328 -3.35 -25.32 -30.99
C GLY D 328 -3.15 -26.40 -29.93
N PHE D 329 -3.34 -27.66 -30.32
CA PHE D 329 -3.45 -28.75 -29.37
C PHE D 329 -2.14 -29.02 -28.64
N TRP D 330 -1.02 -28.64 -29.25
CA TRP D 330 0.27 -28.68 -28.59
C TRP D 330 0.26 -27.85 -27.27
N ASP D 331 -0.54 -26.80 -27.23
CA ASP D 331 -0.72 -26.00 -26.03
C ASP D 331 -1.73 -26.63 -25.08
N THR D 332 -2.88 -27.00 -25.62
CA THR D 332 -4.06 -27.29 -24.81
C THR D 332 -4.19 -28.75 -24.34
N PHE D 333 -3.48 -29.70 -24.97
CA PHE D 333 -3.60 -31.08 -24.54
C PHE D 333 -3.04 -31.29 -23.13
N ARG D 334 -2.03 -30.50 -22.76
CA ARG D 334 -1.24 -30.80 -21.58
C ARG D 334 -1.85 -30.34 -20.26
N THR D 335 -2.80 -29.41 -20.35
CA THR D 335 -3.39 -28.82 -19.18
C THR D 335 -4.88 -28.57 -19.36
N THR D 336 -5.24 -27.84 -20.40
CA THR D 336 -6.60 -27.36 -20.53
C THR D 336 -7.64 -28.49 -20.71
N PHE D 337 -7.37 -29.41 -21.63
CA PHE D 337 -8.35 -30.45 -21.92
C PHE D 337 -8.54 -31.42 -20.76
N PRO D 338 -7.44 -31.89 -20.16
CA PRO D 338 -7.59 -32.68 -18.93
C PRO D 338 -8.48 -31.99 -17.87
N LEU D 339 -8.41 -30.68 -17.77
CA LEU D 339 -9.24 -29.98 -16.81
C LEU D 339 -10.69 -29.96 -17.27
N PHE D 340 -10.90 -29.72 -18.56
CA PHE D 340 -12.24 -29.82 -19.15
C PHE D 340 -12.87 -31.19 -18.83
N ALA D 341 -12.05 -32.24 -18.92
CA ALA D 341 -12.52 -33.60 -18.67
C ALA D 341 -13.16 -33.76 -17.28
N LEU D 342 -12.63 -33.06 -16.28
CA LEU D 342 -13.18 -33.13 -14.93
C LEU D 342 -14.45 -32.33 -14.77
N ILE D 343 -14.53 -31.16 -15.36
CA ILE D 343 -15.60 -30.23 -15.01
C ILE D 343 -16.66 -30.00 -16.06
N ILE D 344 -16.33 -30.21 -17.34
CA ILE D 344 -17.32 -29.99 -18.41
C ILE D 344 -17.30 -31.12 -19.46
N PRO D 345 -17.69 -32.33 -19.03
CA PRO D 345 -17.62 -33.53 -19.87
C PRO D 345 -18.49 -33.46 -21.14
N GLU D 346 -19.67 -32.85 -21.08
CA GLU D 346 -20.48 -32.72 -22.30
C GLU D 346 -19.77 -31.83 -23.33
N HIS D 347 -19.24 -30.69 -22.86
CA HIS D 347 -18.48 -29.81 -23.73
C HIS D 347 -17.29 -30.57 -24.26
N TYR D 348 -16.65 -31.35 -23.39
CA TYR D 348 -15.44 -32.10 -23.78
C TYR D 348 -15.73 -33.02 -24.98
N GLN D 349 -16.85 -33.73 -24.88
CA GLN D 349 -17.25 -34.66 -25.93
C GLN D 349 -17.60 -33.90 -27.22
N ARG D 350 -18.34 -32.81 -27.09
CA ARG D 350 -18.70 -31.98 -28.23
C ARG D 350 -17.45 -31.48 -28.95
N PHE D 351 -16.44 -31.03 -28.22
CA PHE D 351 -15.20 -30.59 -28.84
C PHE D 351 -14.55 -31.71 -29.64
N LEU D 352 -14.48 -32.89 -29.04
CA LEU D 352 -13.85 -34.03 -29.72
C LEU D 352 -14.64 -34.43 -30.99
N GLU D 353 -15.97 -34.31 -30.93
CA GLU D 353 -16.83 -34.56 -32.08
C GLU D 353 -16.48 -33.55 -33.19
N GLY D 354 -16.27 -32.30 -32.80
CA GLY D 354 -15.87 -31.25 -33.75
C GLY D 354 -14.54 -31.55 -34.39
N PHE D 355 -13.59 -32.02 -33.61
CA PHE D 355 -12.27 -32.33 -34.15
C PHE D 355 -12.32 -33.52 -35.07
N LEU D 356 -13.21 -34.46 -34.78
CA LEU D 356 -13.44 -35.61 -35.64
C LEU D 356 -14.08 -35.14 -36.96
N ASN D 357 -15.01 -34.20 -36.86
CA ASN D 357 -15.57 -33.57 -38.05
C ASN D 357 -14.55 -32.85 -38.93
N SER D 358 -13.52 -32.27 -38.32
CA SER D 358 -12.41 -31.69 -39.09
C SER D 358 -11.69 -32.77 -39.89
N TYR D 359 -11.47 -33.91 -39.23
CA TYR D 359 -10.87 -35.09 -39.87
C TYR D 359 -11.72 -35.59 -41.04
N ARG D 360 -13.03 -35.65 -40.83
CA ARG D 360 -13.94 -36.07 -41.87
C ARG D 360 -13.88 -35.11 -43.08
N ASP D 361 -13.68 -33.82 -42.85
CA ASP D 361 -13.60 -32.85 -43.94
C ASP D 361 -12.26 -32.86 -44.67
N THR D 362 -11.17 -33.12 -43.96
CA THR D 362 -9.83 -32.97 -44.55
C THR D 362 -9.05 -34.26 -44.73
N GLY D 363 -9.43 -35.33 -44.03
CA GLY D 363 -8.61 -36.55 -44.00
C GLY D 363 -7.51 -36.58 -42.96
N PHE D 364 -7.36 -35.49 -42.18
CA PHE D 364 -6.32 -35.42 -41.16
C PHE D 364 -6.87 -34.84 -39.87
N LEU D 365 -6.44 -35.38 -38.74
CA LEU D 365 -6.72 -34.75 -37.46
C LEU D 365 -5.96 -33.42 -37.40
N PRO D 366 -6.65 -32.34 -37.02
CA PRO D 366 -6.04 -31.02 -37.05
C PRO D 366 -4.96 -30.78 -35.95
N LYS D 367 -4.13 -29.78 -36.20
CA LYS D 367 -3.02 -29.41 -35.31
C LYS D 367 -3.19 -28.02 -34.71
N TRP D 368 -3.50 -27.04 -35.55
CA TRP D 368 -3.72 -25.65 -35.11
C TRP D 368 -4.81 -25.03 -35.96
N LEU D 369 -6.00 -24.89 -35.41
CA LEU D 369 -7.13 -24.43 -36.19
C LEU D 369 -7.32 -22.96 -36.04
N ALA D 370 -7.32 -22.23 -37.16
CA ALA D 370 -7.58 -20.78 -37.12
C ALA D 370 -7.91 -20.18 -38.49
N PRO D 371 -9.13 -20.45 -39.01
CA PRO D 371 -10.12 -21.40 -38.51
C PRO D 371 -9.88 -22.80 -39.07
N ASP D 372 -9.16 -22.89 -40.19
CA ASP D 372 -8.73 -24.15 -40.76
C ASP D 372 -7.27 -24.41 -40.38
N GLU D 373 -6.65 -25.41 -40.99
CA GLU D 373 -5.35 -25.84 -40.57
C GLU D 373 -4.27 -24.77 -40.79
N ARG D 374 -3.59 -24.41 -39.69
CA ARG D 374 -2.47 -23.47 -39.72
C ARG D 374 -1.17 -24.08 -39.27
N GLY D 375 -1.22 -25.29 -38.72
CA GLY D 375 -0.06 -25.83 -38.02
C GLY D 375 1.10 -26.01 -38.95
N MET D 376 2.26 -25.50 -38.55
CA MET D 376 3.51 -25.71 -39.30
C MET D 376 4.24 -26.91 -38.70
N MET D 377 3.97 -27.22 -37.43
CA MET D 377 4.59 -28.35 -36.76
C MET D 377 4.19 -29.68 -37.39
N PRO D 378 5.12 -30.65 -37.39
CA PRO D 378 4.78 -31.99 -37.85
C PRO D 378 3.97 -32.78 -36.81
N GLY D 379 4.09 -32.41 -35.54
CA GLY D 379 3.46 -33.15 -34.44
C GLY D 379 1.96 -32.98 -34.36
N THR D 380 1.29 -34.05 -33.92
CA THR D 380 -0.17 -34.13 -33.86
C THR D 380 -0.60 -34.37 -32.42
N LEU D 381 -0.60 -33.32 -31.62
CA LEU D 381 -0.79 -33.43 -30.18
C LEU D 381 -2.26 -33.55 -29.79
N LEU D 382 -3.16 -33.42 -30.76
CA LEU D 382 -4.54 -33.82 -30.52
C LEU D 382 -4.63 -35.32 -30.07
N ASP D 383 -3.64 -36.14 -30.45
CA ASP D 383 -3.55 -37.51 -29.97
C ASP D 383 -3.46 -37.62 -28.44
N GLY D 384 -2.84 -36.62 -27.82
CA GLY D 384 -2.81 -36.50 -26.37
C GLY D 384 -4.18 -36.29 -25.74
N ILE D 385 -5.05 -35.58 -26.45
CA ILE D 385 -6.42 -35.43 -25.96
C ILE D 385 -7.19 -36.73 -26.20
N ILE D 386 -6.93 -37.38 -27.33
CA ILE D 386 -7.63 -38.62 -27.65
C ILE D 386 -7.27 -39.69 -26.63
N ALA D 387 -5.98 -39.89 -26.40
CA ALA D 387 -5.52 -40.90 -25.45
C ALA D 387 -6.01 -40.58 -24.02
N ASP D 388 -6.06 -39.30 -23.66
CA ASP D 388 -6.53 -38.94 -22.33
C ASP D 388 -8.01 -39.26 -22.19
N SER D 389 -8.80 -38.95 -23.22
CA SER D 389 -10.22 -39.30 -23.24
C SER D 389 -10.44 -40.81 -23.05
N ALA D 390 -9.62 -41.61 -23.71
CA ALA D 390 -9.64 -43.05 -23.58
C ALA D 390 -9.39 -43.49 -22.12
N CYS D 391 -8.29 -43.01 -21.52
CA CYS D 391 -7.91 -43.45 -20.19
C CYS D 391 -8.89 -42.99 -19.11
N LYS D 392 -9.75 -42.02 -19.42
CA LYS D 392 -10.70 -41.51 -18.46
C LYS D 392 -12.12 -41.75 -18.88
N ASP D 393 -12.30 -42.58 -19.92
CA ASP D 393 -13.65 -42.99 -20.38
C ASP D 393 -14.57 -41.82 -20.61
N MET D 394 -14.05 -40.80 -21.29
CA MET D 394 -14.83 -39.60 -21.55
C MET D 394 -15.77 -39.74 -22.75
N THR D 395 -15.31 -40.39 -23.82
CA THR D 395 -16.07 -40.44 -25.09
C THR D 395 -16.09 -41.85 -25.69
N PRO D 396 -16.69 -42.82 -24.96
CA PRO D 396 -16.73 -44.19 -25.45
C PRO D 396 -17.38 -44.32 -26.85
N ASP D 397 -18.40 -43.52 -27.13
CA ASP D 397 -19.04 -43.55 -28.46
C ASP D 397 -18.11 -43.15 -29.61
N LEU D 398 -17.04 -42.40 -29.34
CA LEU D 398 -16.16 -41.93 -30.42
C LEU D 398 -14.87 -42.70 -30.47
N GLU D 399 -14.65 -43.55 -29.49
CA GLU D 399 -13.35 -44.11 -29.27
C GLU D 399 -12.81 -44.80 -30.53
N GLY D 400 -13.67 -45.57 -31.20
CA GLY D 400 -13.25 -46.33 -32.39
C GLY D 400 -12.85 -45.45 -33.56
N GLU D 401 -13.68 -44.47 -33.85
CA GLU D 401 -13.39 -43.55 -34.95
C GLU D 401 -12.14 -42.71 -34.67
N LEU D 402 -12.02 -42.20 -33.43
CA LEU D 402 -10.87 -41.40 -33.05
C LEU D 402 -9.60 -42.21 -33.23
N PHE D 403 -9.64 -43.47 -32.81
CA PHE D 403 -8.46 -44.32 -32.96
C PHE D 403 -8.12 -44.46 -34.45
N GLN D 404 -9.13 -44.69 -35.27
CA GLN D 404 -8.91 -44.85 -36.71
C GLN D 404 -8.35 -43.56 -37.31
N ALA D 405 -8.93 -42.43 -36.91
CA ALA D 405 -8.42 -41.12 -37.36
C ALA D 405 -6.97 -40.89 -36.98
N MET D 406 -6.58 -41.28 -35.77
CA MET D 406 -5.18 -41.17 -35.35
C MET D 406 -4.26 -41.98 -36.25
N LEU D 407 -4.68 -43.21 -36.49
CA LEU D 407 -3.88 -44.17 -37.27
C LEU D 407 -3.72 -43.70 -38.74
N GLU D 408 -4.82 -43.27 -39.33
CA GLU D 408 -4.80 -42.65 -40.65
C GLU D 408 -3.85 -41.45 -40.70
N THR D 409 -4.06 -40.53 -39.75
CA THR D 409 -3.31 -39.28 -39.68
C THR D 409 -1.83 -39.60 -39.51
N ALA D 410 -1.53 -40.65 -38.76
CA ALA D 410 -0.15 -41.08 -38.59
C ALA D 410 0.24 -41.84 -39.85
N GLY D 423 9.11 -36.13 -43.40
CA GLY D 423 9.16 -36.60 -42.04
C GLY D 423 8.95 -38.11 -41.90
N LEU D 424 7.75 -38.54 -42.24
CA LEU D 424 7.27 -39.86 -41.84
C LEU D 424 8.19 -40.96 -42.30
N ALA D 425 8.55 -40.91 -43.57
CA ALA D 425 9.43 -41.91 -44.15
C ALA D 425 10.69 -42.05 -43.31
N GLN D 426 11.39 -40.94 -43.13
CA GLN D 426 12.65 -40.94 -42.37
C GLN D 426 12.44 -41.37 -40.91
N TYR D 427 11.34 -40.92 -40.32
CA TYR D 427 11.02 -41.30 -38.94
C TYR D 427 10.80 -42.80 -38.86
N GLN D 428 9.97 -43.32 -39.77
CA GLN D 428 9.73 -44.76 -39.90
C GLN D 428 11.03 -45.50 -40.12
N GLU D 429 11.86 -45.02 -41.04
CA GLU D 429 13.13 -45.68 -41.34
C GLU D 429 14.11 -45.62 -40.16
N LEU D 430 14.42 -44.41 -39.68
CA LEU D 430 15.51 -44.23 -38.71
C LEU D 430 15.11 -44.32 -37.23
N GLY D 431 13.83 -44.15 -36.93
CA GLY D 431 13.36 -43.99 -35.55
C GLY D 431 13.54 -42.57 -34.99
N TYR D 432 13.80 -41.61 -35.87
CA TYR D 432 13.95 -40.21 -35.50
C TYR D 432 13.99 -39.32 -36.73
N LEU D 433 13.61 -38.06 -36.59
CA LEU D 433 13.82 -37.07 -37.62
C LEU D 433 15.26 -36.57 -37.49
N SER D 434 15.95 -36.49 -38.62
CA SER D 434 17.35 -36.06 -38.64
C SER D 434 17.38 -34.56 -38.85
N THR D 435 18.58 -34.01 -38.87
CA THR D 435 18.76 -32.58 -39.12
C THR D 435 18.33 -32.13 -40.51
N ASP D 436 17.90 -33.07 -41.37
CA ASP D 436 17.23 -32.69 -42.61
C ASP D 436 15.99 -31.89 -42.27
N HIS D 437 15.45 -32.10 -41.08
CA HIS D 437 14.24 -31.40 -40.65
C HIS D 437 14.54 -30.40 -39.55
N HIS D 438 13.85 -29.27 -39.63
CA HIS D 438 14.01 -28.19 -38.67
C HIS D 438 13.40 -28.64 -37.33
N GLU D 439 14.10 -28.34 -36.24
CA GLU D 439 13.61 -28.64 -34.89
C GLU D 439 13.37 -30.13 -34.69
N SER D 440 14.36 -30.90 -35.14
CA SER D 440 14.23 -32.34 -35.24
C SER D 440 14.10 -33.04 -33.89
N VAL D 441 14.78 -32.52 -32.86
CA VAL D 441 14.70 -33.11 -31.53
C VAL D 441 13.29 -32.93 -30.97
N SER D 442 12.81 -31.70 -30.99
CA SER D 442 11.48 -31.42 -30.46
C SER D 442 10.45 -32.27 -31.15
N HIS D 443 10.56 -32.39 -32.47
CA HIS D 443 9.52 -33.07 -33.23
C HIS D 443 9.60 -34.59 -33.11
N THR D 444 10.81 -35.13 -33.05
CA THR D 444 11.00 -36.53 -32.76
C THR D 444 10.36 -36.90 -31.43
N LEU D 445 10.60 -36.09 -30.40
CA LEU D 445 10.02 -36.35 -29.08
C LEU D 445 8.50 -36.24 -29.11
N ASP D 446 7.97 -35.28 -29.87
CA ASP D 446 6.52 -35.18 -30.00
C ASP D 446 5.95 -36.44 -30.69
N TYR D 447 6.64 -36.94 -31.71
CA TYR D 447 6.19 -38.16 -32.39
C TYR D 447 6.18 -39.37 -31.44
N ALA D 448 7.23 -39.49 -30.64
CA ALA D 448 7.33 -40.59 -29.70
C ALA D 448 6.14 -40.57 -28.73
N TYR D 449 5.74 -39.38 -28.29
CA TYR D 449 4.57 -39.24 -27.42
C TYR D 449 3.29 -39.61 -28.16
N SER D 450 3.18 -39.16 -29.40
CA SER D 450 2.03 -39.49 -30.24
C SER D 450 1.92 -41.00 -30.42
N ASP D 451 3.06 -41.64 -30.67
CA ASP D 451 3.11 -43.09 -30.78
C ASP D 451 2.58 -43.78 -29.53
N PHE D 452 2.96 -43.26 -28.35
CA PHE D 452 2.39 -43.77 -27.09
C PHE D 452 0.87 -43.60 -27.05
N CYS D 453 0.37 -42.48 -27.54
CA CYS D 453 -1.08 -42.23 -27.51
C CYS D 453 -1.80 -43.28 -28.37
N ILE D 454 -1.24 -43.56 -29.55
CA ILE D 454 -1.83 -44.52 -30.45
C ILE D 454 -1.78 -45.91 -29.79
N ALA D 455 -0.61 -46.27 -29.28
CA ALA D 455 -0.42 -47.55 -28.59
C ALA D 455 -1.44 -47.75 -27.47
N SER D 456 -1.68 -46.73 -26.65
CA SER D 456 -2.62 -46.85 -25.54
C SER D 456 -4.04 -47.04 -26.04
N CYS D 457 -4.42 -46.27 -27.06
CA CYS D 457 -5.76 -46.39 -27.59
C CYS D 457 -5.94 -47.75 -28.29
N ALA D 458 -4.90 -48.21 -28.97
CA ALA D 458 -4.93 -49.53 -29.60
C ALA D 458 -5.19 -50.58 -28.52
N LYS D 459 -4.37 -50.58 -27.47
CA LYS D 459 -4.51 -51.53 -26.39
C LYS D 459 -5.91 -51.53 -25.80
N LYS D 460 -6.47 -50.37 -25.54
CA LYS D 460 -7.80 -50.31 -24.94
C LYS D 460 -8.87 -50.86 -25.89
N LEU D 461 -8.62 -50.79 -27.20
CA LEU D 461 -9.53 -51.39 -28.18
C LEU D 461 -9.16 -52.83 -28.55
N GLU D 462 -8.18 -53.39 -27.84
CA GLU D 462 -7.69 -54.75 -28.04
C GLU D 462 -7.18 -55.00 -29.45
N ASN D 463 -6.53 -54.01 -30.05
CA ASN D 463 -5.78 -54.25 -31.25
C ASN D 463 -4.30 -54.43 -30.89
N ILE D 464 -3.91 -55.69 -30.70
CA ILE D 464 -2.64 -56.05 -30.10
C ILE D 464 -1.44 -55.77 -31.00
N GLU D 465 -1.57 -56.02 -32.31
CA GLU D 465 -0.45 -55.80 -33.24
C GLU D 465 -0.07 -54.30 -33.33
N ILE D 466 -1.09 -53.44 -33.46
CA ILE D 466 -0.88 -51.99 -33.51
C ILE D 466 -0.30 -51.49 -32.17
N ALA D 467 -0.92 -51.91 -31.07
CA ALA D 467 -0.43 -51.55 -29.74
C ALA D 467 1.04 -51.88 -29.57
N GLU D 468 1.44 -53.07 -29.98
CA GLU D 468 2.81 -53.51 -29.86
C GLU D 468 3.78 -52.70 -30.73
N THR D 469 3.40 -52.46 -31.99
CA THR D 469 4.26 -51.70 -32.91
C THR D 469 4.47 -50.25 -32.44
N TYR D 470 3.40 -49.59 -31.99
CA TYR D 470 3.48 -48.20 -31.57
C TYR D 470 4.09 -48.02 -30.18
N LYS D 471 3.83 -48.97 -29.29
CA LYS D 471 4.50 -48.99 -28.00
C LYS D 471 6.01 -49.01 -28.20
N ALA D 472 6.48 -49.87 -29.09
CA ALA D 472 7.90 -49.94 -29.38
C ALA D 472 8.40 -48.63 -29.98
N ALA D 473 7.62 -48.03 -30.87
CA ALA D 473 8.02 -46.78 -31.50
C ALA D 473 8.07 -45.62 -30.49
N SER D 474 7.21 -45.68 -29.47
CA SER D 474 7.17 -44.64 -28.45
C SER D 474 8.45 -44.56 -27.65
N GLN D 475 9.31 -45.57 -27.76
CA GLN D 475 10.64 -45.53 -27.18
C GLN D 475 11.66 -44.77 -28.01
N ASN D 476 11.24 -44.17 -29.13
CA ASN D 476 12.19 -43.48 -30.01
C ASN D 476 12.87 -42.23 -29.41
N TYR D 477 12.36 -41.72 -28.29
CA TYR D 477 13.08 -40.66 -27.58
C TYR D 477 14.50 -41.09 -27.27
N ARG D 478 14.71 -42.39 -27.10
CA ARG D 478 16.05 -42.93 -26.82
C ARG D 478 17.05 -42.70 -27.95
N GLN D 479 16.54 -42.59 -29.18
CA GLN D 479 17.41 -42.48 -30.34
C GLN D 479 18.28 -41.21 -30.33
N LEU D 480 17.80 -40.15 -29.67
CA LEU D 480 18.49 -38.86 -29.71
C LEU D 480 19.25 -38.51 -28.45
N PHE D 481 19.25 -39.40 -27.47
CA PHE D 481 19.93 -39.11 -26.23
C PHE D 481 21.43 -39.31 -26.37
N ASP D 482 22.20 -38.29 -26.02
CA ASP D 482 23.64 -38.36 -26.03
C ASP D 482 24.11 -38.55 -24.59
N ALA D 483 24.51 -39.77 -24.27
CA ALA D 483 24.95 -40.09 -22.92
C ALA D 483 26.25 -39.40 -22.53
N GLU D 484 27.07 -38.97 -23.48
CA GLU D 484 28.30 -38.23 -23.16
C GLU D 484 27.96 -36.89 -22.47
N THR D 485 27.06 -36.12 -23.07
CA THR D 485 26.67 -34.82 -22.49
C THR D 485 25.47 -34.92 -21.55
N GLY D 486 24.62 -35.92 -21.74
CA GLY D 486 23.44 -36.10 -20.92
C GLY D 486 22.20 -35.37 -21.44
N TYR D 487 22.23 -34.96 -22.69
CA TYR D 487 21.10 -34.21 -23.29
C TYR D 487 20.63 -34.88 -24.58
N MET D 488 19.38 -34.61 -24.94
CA MET D 488 18.91 -34.92 -26.28
C MET D 488 19.59 -34.00 -27.29
N ARG D 489 20.13 -34.58 -28.36
CA ARG D 489 20.75 -33.79 -29.42
C ARG D 489 20.36 -34.34 -30.78
N ALA D 490 20.46 -33.49 -31.79
CA ALA D 490 20.06 -33.85 -33.15
C ALA D 490 21.10 -34.75 -33.82
N ARG D 491 20.63 -35.56 -34.76
CA ARG D 491 21.52 -36.40 -35.57
C ARG D 491 21.32 -36.08 -37.05
N ASP D 492 22.40 -36.15 -37.82
CA ASP D 492 22.29 -36.14 -39.31
C ASP D 492 21.78 -37.51 -39.84
N ASN D 493 21.63 -37.61 -41.16
CA ASN D 493 21.23 -38.87 -41.83
C ASN D 493 22.08 -40.07 -41.49
N GLN D 494 23.40 -39.85 -41.45
CA GLN D 494 24.37 -40.88 -41.09
C GLN D 494 24.33 -41.23 -39.58
N GLY D 495 23.54 -40.50 -38.79
CA GLY D 495 23.34 -40.81 -37.38
C GLY D 495 24.33 -40.13 -36.43
N ASN D 496 25.04 -39.12 -36.91
CA ASN D 496 26.04 -38.42 -36.10
C ASN D 496 25.50 -37.16 -35.48
N PHE D 497 25.91 -36.91 -34.24
CA PHE D 497 25.66 -35.63 -33.57
C PHE D 497 26.56 -34.57 -34.17
N HIS D 498 26.10 -33.32 -34.20
CA HIS D 498 26.94 -32.19 -34.63
C HIS D 498 28.00 -31.91 -33.55
N PRO D 499 29.27 -31.69 -33.94
CA PRO D 499 30.37 -31.64 -32.95
C PRO D 499 30.34 -30.48 -31.95
N ASP D 500 29.90 -29.30 -32.39
CA ASP D 500 29.87 -28.12 -31.53
C ASP D 500 28.53 -28.02 -30.79
N PHE D 501 28.52 -28.35 -29.50
CA PHE D 501 27.27 -28.37 -28.73
C PHE D 501 27.32 -27.47 -27.52
N SER D 502 26.23 -26.74 -27.28
CA SER D 502 26.03 -26.03 -26.01
C SER D 502 24.62 -26.28 -25.53
N PRO D 503 24.46 -26.69 -24.27
CA PRO D 503 23.12 -26.90 -23.76
C PRO D 503 22.25 -25.64 -23.70
N TYR D 504 22.87 -24.45 -23.72
CA TYR D 504 22.15 -23.17 -23.62
C TYR D 504 21.72 -22.65 -24.97
N SER D 505 22.06 -23.38 -26.01
CA SER D 505 21.74 -22.95 -27.38
C SER D 505 20.27 -23.21 -27.72
N TRP D 506 19.60 -22.15 -28.19
CA TRP D 506 18.16 -22.19 -28.51
C TRP D 506 17.88 -22.30 -30.02
N GLY D 507 16.72 -22.86 -30.38
CA GLY D 507 16.35 -23.03 -31.78
C GLY D 507 17.15 -24.04 -32.59
N ARG D 508 16.94 -24.04 -33.91
CA ARG D 508 17.52 -25.01 -34.85
C ARG D 508 17.00 -26.44 -34.57
N ASP D 509 17.55 -27.12 -33.57
CA ASP D 509 17.12 -28.47 -33.21
C ASP D 509 15.99 -28.49 -32.19
N TYR D 510 15.76 -27.38 -31.49
CA TYR D 510 14.78 -27.30 -30.40
C TYR D 510 13.82 -26.15 -30.62
N ALA D 511 12.53 -26.41 -30.49
CA ALA D 511 11.51 -25.38 -30.70
C ALA D 511 11.34 -24.49 -29.43
N GLU D 512 11.77 -23.24 -29.56
CA GLU D 512 11.58 -22.21 -28.52
C GLU D 512 12.08 -22.66 -27.14
N CYS D 513 13.23 -23.34 -27.12
CA CYS D 513 13.88 -23.71 -25.90
C CYS D 513 15.26 -24.25 -26.24
N SER D 514 15.98 -24.70 -25.22
CA SER D 514 17.26 -25.32 -25.38
C SER D 514 17.14 -26.79 -25.11
N ALA D 515 18.25 -27.48 -25.28
CA ALA D 515 18.39 -28.88 -24.88
C ALA D 515 18.00 -29.12 -23.41
N ILE D 516 18.24 -28.13 -22.55
CA ILE D 516 17.99 -28.28 -21.11
C ILE D 516 16.51 -28.59 -20.86
N GLN D 517 15.61 -27.81 -21.45
CA GLN D 517 14.18 -28.09 -21.36
C GLN D 517 13.76 -29.29 -22.25
N ALA D 518 14.26 -29.31 -23.50
CA ALA D 518 13.78 -30.26 -24.50
C ALA D 518 14.03 -31.70 -24.07
N THR D 519 15.18 -31.93 -23.42
CA THR D 519 15.56 -33.24 -22.94
C THR D 519 14.52 -33.84 -21.98
N LEU D 520 13.74 -32.99 -21.30
CA LEU D 520 12.72 -33.48 -20.36
C LEU D 520 11.35 -33.64 -20.99
N GLY D 521 11.28 -33.52 -22.33
CA GLY D 521 10.00 -33.66 -23.03
C GLY D 521 9.63 -35.11 -23.36
N VAL D 522 9.48 -35.94 -22.34
CA VAL D 522 9.08 -37.34 -22.49
C VAL D 522 7.99 -37.62 -21.46
N LEU D 523 6.80 -37.08 -21.68
CA LEU D 523 5.73 -37.19 -20.72
C LEU D 523 5.29 -38.63 -20.50
N HIS D 524 5.35 -39.43 -21.56
CA HIS D 524 4.73 -40.74 -21.59
C HIS D 524 5.59 -41.82 -20.96
N ASP D 525 6.86 -41.54 -20.73
CA ASP D 525 7.74 -42.55 -20.15
C ASP D 525 8.82 -41.91 -19.25
N ILE D 526 8.38 -41.30 -18.16
CA ILE D 526 9.29 -40.64 -17.24
C ILE D 526 10.23 -41.67 -16.59
N PRO D 527 9.69 -42.83 -16.16
CA PRO D 527 10.57 -43.87 -15.60
C PRO D 527 11.67 -44.28 -16.58
N GLY D 528 11.34 -44.47 -17.84
CA GLY D 528 12.33 -44.79 -18.85
C GLY D 528 13.33 -43.67 -19.08
N LEU D 529 12.85 -42.44 -19.08
CA LEU D 529 13.76 -41.29 -19.20
C LEU D 529 14.76 -41.31 -18.06
N ILE D 530 14.27 -41.64 -16.86
CA ILE D 530 15.15 -41.71 -15.70
C ILE D 530 16.25 -42.77 -15.90
N GLN D 531 15.84 -43.97 -16.32
CA GLN D 531 16.77 -45.07 -16.58
C GLN D 531 17.74 -44.63 -17.66
N LEU D 532 17.21 -44.09 -18.75
CA LEU D 532 18.04 -43.54 -19.83
C LEU D 532 19.09 -42.51 -19.40
N MET D 533 18.78 -41.68 -18.40
CA MET D 533 19.74 -40.67 -17.96
C MET D 533 20.79 -41.26 -17.02
N GLY D 534 20.60 -42.50 -16.59
CA GLY D 534 21.55 -43.15 -15.71
C GLY D 534 21.01 -43.42 -14.33
N GLY D 535 19.70 -43.28 -14.15
CA GLY D 535 19.08 -43.61 -12.88
C GLY D 535 18.63 -42.41 -12.08
N LYS D 536 17.93 -42.71 -10.99
CA LYS D 536 17.22 -41.73 -10.19
C LYS D 536 18.09 -40.59 -9.68
N GLU D 537 19.31 -40.92 -9.26
CA GLU D 537 20.23 -39.93 -8.72
C GLU D 537 20.73 -38.95 -9.78
N THR D 538 21.16 -39.46 -10.93
CA THR D 538 21.60 -38.62 -12.03
C THR D 538 20.47 -37.72 -12.55
N PHE D 539 19.27 -38.27 -12.65
CA PHE D 539 18.08 -37.53 -13.05
C PHE D 539 17.82 -36.40 -12.05
N SER D 540 17.91 -36.74 -10.77
CA SER D 540 17.71 -35.77 -9.70
C SER D 540 18.68 -34.60 -9.85
N ASN D 541 19.95 -34.91 -10.08
CA ASN D 541 20.95 -33.88 -10.29
C ASN D 541 20.72 -33.05 -11.53
N TYR D 542 20.20 -33.69 -12.58
CA TYR D 542 19.83 -32.96 -13.79
C TYR D 542 18.79 -31.88 -13.44
N LEU D 543 17.77 -32.28 -12.69
CA LEU D 543 16.70 -31.35 -12.34
C LEU D 543 17.21 -30.18 -11.49
N LEU D 544 18.02 -30.51 -10.50
CA LEU D 544 18.59 -29.51 -9.63
C LEU D 544 19.41 -28.50 -10.41
N LYS D 545 20.22 -28.99 -11.34
CA LYS D 545 21.09 -28.12 -12.12
C LYS D 545 20.26 -27.18 -13.00
N ALA D 546 19.16 -27.68 -13.56
CA ALA D 546 18.26 -26.83 -14.30
C ALA D 546 17.68 -25.71 -13.43
N CYS D 547 17.29 -26.04 -12.21
CA CYS D 547 16.74 -25.04 -11.27
C CYS D 547 17.77 -24.07 -10.75
N GLN D 548 19.01 -24.52 -10.63
CA GLN D 548 20.09 -23.72 -10.05
C GLN D 548 20.83 -22.86 -11.06
N ASP D 549 20.82 -23.25 -12.33
CA ASP D 549 21.51 -22.46 -13.38
C ASP D 549 20.94 -21.05 -13.52
N ALA D 550 21.79 -20.14 -13.95
CA ALA D 550 21.33 -18.85 -14.43
C ALA D 550 20.53 -19.07 -15.69
N PRO D 551 19.58 -18.18 -15.98
CA PRO D 551 18.78 -18.32 -17.18
C PRO D 551 19.52 -17.86 -18.44
N LEU D 552 20.69 -18.44 -18.67
CA LEU D 552 21.49 -18.13 -19.85
C LEU D 552 20.81 -18.74 -21.06
N PHE D 553 20.93 -18.06 -22.20
CA PHE D 553 20.44 -18.56 -23.49
C PHE D 553 21.40 -18.11 -24.57
N GLU D 554 21.48 -18.84 -25.67
CA GLU D 554 22.26 -18.41 -26.84
C GLU D 554 21.35 -18.37 -28.05
N THR D 555 21.46 -17.31 -28.86
CA THR D 555 20.56 -17.05 -29.98
C THR D 555 20.95 -17.79 -31.26
N THR D 556 21.92 -18.69 -31.15
CA THR D 556 22.54 -19.39 -32.27
C THR D 556 21.53 -19.92 -33.28
N GLY D 557 20.53 -20.65 -32.80
CA GLY D 557 19.53 -21.23 -33.69
C GLY D 557 18.60 -20.27 -34.40
N TYR D 558 18.57 -19.02 -33.99
CA TYR D 558 17.68 -18.00 -34.57
C TYR D 558 18.45 -16.84 -35.21
N GLY D 559 19.58 -16.45 -34.61
CA GLY D 559 20.28 -15.23 -35.00
C GLY D 559 19.74 -13.94 -34.40
N TYR D 560 18.78 -14.05 -33.48
CA TYR D 560 18.21 -12.89 -32.77
C TYR D 560 17.49 -13.38 -31.54
N GLU D 561 17.09 -12.47 -30.67
CA GLU D 561 16.43 -12.84 -29.44
C GLU D 561 14.93 -12.84 -29.68
N ILE D 562 14.26 -13.86 -29.15
CA ILE D 562 12.83 -13.94 -29.19
C ILE D 562 12.25 -13.82 -27.80
N HIS D 563 10.96 -13.46 -27.71
CA HIS D 563 10.39 -13.12 -26.44
C HIS D 563 10.49 -14.25 -25.40
N GLU D 564 10.40 -15.51 -25.83
CA GLU D 564 10.49 -16.61 -24.90
C GLU D 564 11.83 -16.65 -24.22
N MET D 565 12.88 -16.27 -24.93
CA MET D 565 14.19 -16.18 -24.29
C MET D 565 14.15 -15.07 -23.26
N SER D 566 13.63 -13.91 -23.66
CA SER D 566 13.63 -12.71 -22.82
C SER D 566 12.85 -12.95 -21.52
N GLU D 567 11.76 -13.68 -21.63
CA GLU D 567 10.89 -13.96 -20.47
C GLU D 567 11.60 -14.87 -19.48
N MET D 568 12.32 -15.86 -19.95
CA MET D 568 13.09 -16.70 -19.07
C MET D 568 14.21 -15.90 -18.43
N ALA D 569 14.92 -15.13 -19.25
CA ALA D 569 16.13 -14.48 -18.83
C ALA D 569 15.89 -13.37 -17.81
N THR D 570 14.73 -12.71 -17.90
CA THR D 570 14.39 -11.64 -16.98
C THR D 570 13.76 -12.15 -15.70
N ALA D 571 13.51 -13.46 -15.61
CA ALA D 571 12.80 -14.04 -14.49
C ALA D 571 13.79 -14.75 -13.58
N PRO D 572 13.40 -14.94 -12.32
CA PRO D 572 14.29 -15.55 -11.33
C PRO D 572 13.98 -17.00 -11.08
N PHE D 573 13.89 -17.79 -12.14
CA PHE D 573 13.51 -19.20 -12.01
C PHE D 573 14.48 -20.15 -12.72
N GLY D 574 15.74 -19.74 -12.87
CA GLY D 574 16.74 -20.56 -13.57
C GLY D 574 16.27 -20.95 -14.98
N GLN D 575 16.43 -22.23 -15.33
CA GLN D 575 16.04 -22.70 -16.65
C GLN D 575 14.63 -23.22 -16.65
N ILE D 576 13.89 -22.98 -15.57
CA ILE D 576 12.48 -23.36 -15.53
C ILE D 576 11.69 -22.27 -16.20
N ALA D 577 11.55 -22.41 -17.51
CA ALA D 577 10.96 -21.35 -18.32
C ALA D 577 9.45 -21.45 -18.34
N ILE D 578 8.86 -21.15 -17.19
CA ILE D 578 7.39 -21.19 -17.00
C ILE D 578 6.59 -20.35 -17.98
N SER D 579 7.26 -19.38 -18.61
CA SER D 579 6.70 -18.58 -19.71
C SER D 579 6.27 -19.41 -20.93
N ASN D 580 6.73 -20.65 -21.02
CA ASN D 580 6.42 -21.49 -22.20
C ASN D 580 6.16 -22.97 -21.84
N GLN D 581 5.36 -23.63 -22.67
CA GLN D 581 4.85 -24.99 -22.41
C GLN D 581 5.88 -26.01 -22.09
N PRO D 582 7.06 -25.96 -22.71
CA PRO D 582 8.03 -27.04 -22.45
C PRO D 582 8.47 -27.20 -20.99
N SER D 583 8.31 -26.16 -20.18
CA SER D 583 8.71 -26.22 -18.76
C SER D 583 7.56 -26.47 -17.79
N PHE D 584 6.32 -26.45 -18.27
CA PHE D 584 5.15 -26.58 -17.43
C PHE D 584 5.22 -27.77 -16.45
N HIS D 585 5.70 -28.90 -16.92
CA HIS D 585 5.66 -30.13 -16.12
C HIS D 585 6.94 -30.36 -15.33
N ILE D 586 7.96 -29.53 -15.56
CA ILE D 586 9.26 -29.80 -14.99
C ILE D 586 9.27 -29.83 -13.45
N PRO D 587 8.56 -28.92 -12.79
CA PRO D 587 8.54 -28.96 -11.32
C PRO D 587 8.01 -30.28 -10.77
N TYR D 588 7.06 -30.86 -11.51
CA TYR D 588 6.43 -32.11 -11.08
C TYR D 588 7.35 -33.32 -11.26
N LEU D 589 8.40 -33.17 -12.05
CA LEU D 589 9.36 -34.27 -12.22
C LEU D 589 10.12 -34.60 -10.95
N PHE D 590 10.22 -33.66 -10.03
CA PHE D 590 10.84 -33.93 -8.74
C PHE D 590 10.08 -35.01 -7.99
N ARG D 591 8.79 -35.18 -8.32
CA ARG D 591 8.00 -36.27 -7.74
C ARG D 591 8.54 -37.68 -8.07
N TYR D 592 9.41 -37.77 -9.08
CA TYR D 592 10.00 -39.02 -9.51
C TYR D 592 11.47 -39.09 -9.11
N SER D 593 11.93 -38.11 -8.34
CA SER D 593 13.34 -37.94 -8.05
C SER D 593 13.65 -38.34 -6.62
N ASP D 594 14.90 -38.18 -6.21
CA ASP D 594 15.27 -38.33 -4.81
C ASP D 594 14.68 -37.27 -3.88
N TYR D 595 14.06 -36.23 -4.45
CA TYR D 595 13.58 -35.09 -3.67
C TYR D 595 12.16 -34.72 -4.04
N PRO D 596 11.22 -35.59 -3.71
CA PRO D 596 9.82 -35.35 -4.06
C PRO D 596 9.18 -34.14 -3.38
N ASP D 597 9.76 -33.65 -2.30
CA ASP D 597 9.23 -32.45 -1.64
C ASP D 597 9.54 -31.15 -2.39
N TYR D 598 10.48 -31.17 -3.32
CA TYR D 598 10.86 -29.95 -4.02
C TYR D 598 9.80 -29.41 -4.96
N THR D 599 8.92 -30.28 -5.44
CA THR D 599 7.82 -29.88 -6.32
C THR D 599 7.00 -28.77 -5.68
N ALA D 600 6.59 -29.00 -4.45
CA ALA D 600 5.73 -28.05 -3.74
C ALA D 600 6.36 -26.65 -3.63
N LEU D 601 7.63 -26.59 -3.31
CA LEU D 601 8.31 -25.30 -3.14
C LEU D 601 8.40 -24.57 -4.48
N LEU D 602 8.73 -25.32 -5.53
CA LEU D 602 8.81 -24.74 -6.86
C LEU D 602 7.47 -24.19 -7.29
N ILE D 603 6.41 -24.94 -7.05
CA ILE D 603 5.08 -24.49 -7.47
C ILE D 603 4.59 -23.30 -6.67
N LYS D 604 4.71 -23.39 -5.35
CA LYS D 604 4.22 -22.31 -4.49
C LYS D 604 4.92 -20.99 -4.86
N THR D 605 6.24 -21.04 -5.06
CA THR D 605 6.98 -19.84 -5.37
C THR D 605 6.77 -19.34 -6.81
N LEU D 606 6.73 -20.25 -7.79
CA LEU D 606 6.33 -19.87 -9.15
C LEU D 606 4.99 -19.14 -9.15
N ARG D 607 4.02 -19.72 -8.46
CA ARG D 607 2.68 -19.18 -8.45
C ARG D 607 2.62 -17.79 -7.84
N GLN D 608 3.39 -17.59 -6.79
CA GLN D 608 3.46 -16.31 -6.10
C GLN D 608 4.25 -15.27 -6.90
N LYS D 609 5.38 -15.64 -7.52
CA LYS D 609 6.26 -14.69 -8.15
C LYS D 609 5.99 -14.42 -9.63
N ALA D 610 5.48 -15.43 -10.36
CA ALA D 610 5.35 -15.34 -11.82
C ALA D 610 4.02 -14.77 -12.33
N PHE D 611 3.00 -14.70 -11.47
CA PHE D 611 1.65 -14.31 -11.89
C PHE D 611 1.21 -13.16 -11.03
N HIS D 612 0.56 -12.16 -11.61
CA HIS D 612 0.18 -10.95 -10.89
C HIS D 612 -1.24 -10.55 -11.28
N PRO D 613 -2.05 -10.14 -10.28
CA PRO D 613 -3.41 -9.72 -10.61
C PRO D 613 -3.42 -8.30 -11.15
N SER D 614 -2.93 -8.14 -12.36
CA SER D 614 -2.84 -6.82 -12.99
C SER D 614 -2.81 -7.02 -14.50
N TRP D 615 -2.71 -5.92 -15.24
CA TRP D 615 -2.67 -6.01 -16.68
C TRP D 615 -1.42 -6.71 -17.16
N GLU D 616 -0.35 -6.59 -16.38
CA GLU D 616 0.91 -7.29 -16.66
C GLU D 616 0.85 -8.65 -15.93
N ALA D 617 0.00 -9.55 -16.40
CA ALA D 617 -0.49 -10.67 -15.60
C ALA D 617 0.36 -11.92 -15.62
N TYR D 618 0.79 -12.35 -16.80
CA TYR D 618 1.37 -13.68 -16.96
C TYR D 618 2.85 -13.62 -17.21
N PRO D 619 3.56 -14.72 -16.96
CA PRO D 619 4.97 -14.79 -17.28
C PRO D 619 5.31 -14.91 -18.76
N GLY D 620 4.30 -15.21 -19.57
CA GLY D 620 4.48 -15.55 -20.97
C GLY D 620 3.12 -15.72 -21.62
N ASP D 621 3.13 -16.20 -22.87
CA ASP D 621 1.86 -16.41 -23.62
C ASP D 621 0.88 -17.34 -22.89
N GLU D 622 -0.35 -16.86 -22.74
CA GLU D 622 -1.39 -17.62 -22.09
C GLU D 622 -1.85 -18.81 -22.97
N ASP D 623 -1.81 -18.63 -24.30
CA ASP D 623 -1.99 -19.70 -25.27
C ASP D 623 -3.32 -20.43 -25.10
N ASN D 624 -4.41 -19.67 -25.20
CA ASN D 624 -5.74 -20.20 -25.34
C ASN D 624 -6.16 -21.17 -24.24
N GLY D 625 -5.91 -20.76 -22.99
CA GLY D 625 -6.33 -21.52 -21.84
C GLY D 625 -5.22 -22.39 -21.28
N SER D 626 -4.13 -22.54 -22.02
CA SER D 626 -3.05 -23.45 -21.64
C SER D 626 -2.38 -23.06 -20.30
N LEU D 627 -1.94 -21.79 -20.19
CA LEU D 627 -1.27 -21.31 -18.99
C LEU D 627 -2.24 -21.05 -17.84
N SER D 628 -3.43 -20.54 -18.13
CA SER D 628 -4.42 -20.39 -17.09
C SER D 628 -4.77 -21.76 -16.46
N ALA D 629 -4.88 -22.79 -17.29
CA ALA D 629 -5.20 -24.11 -16.79
C ALA D 629 -4.05 -24.60 -15.94
N TRP D 630 -2.80 -24.34 -16.36
CA TRP D 630 -1.65 -24.66 -15.52
C TRP D 630 -1.82 -24.07 -14.10
N TYR D 631 -2.24 -22.81 -14.05
CA TYR D 631 -2.38 -22.12 -12.77
C TYR D 631 -3.48 -22.76 -11.95
N ILE D 632 -4.60 -23.07 -12.61
CA ILE D 632 -5.75 -23.64 -11.91
C ILE D 632 -5.44 -25.01 -11.31
N TRP D 633 -4.78 -25.86 -12.09
CA TRP D 633 -4.29 -27.12 -11.57
C TRP D 633 -3.38 -26.90 -10.36
N SER D 634 -2.53 -25.87 -10.42
CA SER D 634 -1.63 -25.59 -9.30
C SER D 634 -2.48 -25.33 -8.04
N ALA D 635 -3.57 -24.60 -8.21
CA ALA D 635 -4.45 -24.27 -7.13
C ALA D 635 -5.19 -25.46 -6.53
N LEU D 636 -5.53 -26.44 -7.37
CA LEU D 636 -6.22 -27.64 -6.92
C LEU D 636 -5.29 -28.56 -6.15
N GLY D 637 -4.01 -28.52 -6.48
CA GLY D 637 -3.00 -29.28 -5.79
C GLY D 637 -2.50 -30.49 -6.52
N PHE D 638 -3.04 -30.75 -7.72
CA PHE D 638 -2.59 -31.90 -8.53
C PHE D 638 -2.63 -31.59 -10.02
N TYR D 639 -1.96 -32.43 -10.80
CA TYR D 639 -1.60 -32.07 -12.16
C TYR D 639 -1.55 -33.29 -13.10
N PRO D 640 -2.14 -33.18 -14.30
CA PRO D 640 -2.14 -34.27 -15.28
C PRO D 640 -0.83 -34.34 -16.04
N THR D 641 0.24 -34.72 -15.34
CA THR D 641 1.57 -34.74 -15.93
C THR D 641 1.61 -35.41 -17.31
N CYS D 642 1.01 -36.60 -17.43
CA CYS D 642 0.95 -37.29 -18.71
C CYS D 642 -0.48 -37.55 -19.12
N PRO D 643 -1.05 -36.64 -19.92
CA PRO D 643 -2.36 -36.97 -20.48
C PRO D 643 -2.27 -38.30 -21.24
N GLY D 644 -3.26 -39.15 -21.04
CA GLY D 644 -3.23 -40.51 -21.59
C GLY D 644 -2.90 -41.57 -20.56
N LYS D 645 -2.27 -41.18 -19.44
CA LYS D 645 -2.22 -41.99 -18.23
C LYS D 645 -3.21 -41.44 -17.20
N PRO D 646 -4.07 -42.32 -16.61
CA PRO D 646 -5.17 -41.88 -15.73
C PRO D 646 -4.70 -41.55 -14.30
N SER D 647 -3.79 -40.58 -14.22
CA SER D 647 -3.00 -40.35 -13.04
C SER D 647 -2.59 -38.87 -12.92
N TYR D 648 -2.49 -38.37 -11.69
CA TYR D 648 -2.12 -36.98 -11.42
C TYR D 648 -1.00 -36.88 -10.39
N ASP D 649 0.02 -36.08 -10.67
CA ASP D 649 1.07 -35.84 -9.69
C ASP D 649 0.61 -34.76 -8.71
N LEU D 650 1.19 -34.77 -7.53
CA LEU D 650 0.81 -33.80 -6.47
C LEU D 650 1.70 -32.57 -6.53
N GLY D 651 1.09 -31.42 -6.32
CA GLY D 651 1.84 -30.17 -6.14
C GLY D 651 1.56 -29.63 -4.75
N ILE D 652 0.87 -28.48 -4.70
CA ILE D 652 0.52 -27.84 -3.45
C ILE D 652 -0.59 -26.82 -3.70
N PRO D 653 -1.73 -26.99 -3.05
CA PRO D 653 -2.86 -26.12 -3.35
C PRO D 653 -2.70 -24.72 -2.79
N LEU D 654 -3.64 -23.86 -3.15
CA LEU D 654 -3.56 -22.44 -2.89
C LEU D 654 -4.45 -22.02 -1.73
N PHE D 655 -5.71 -22.44 -1.75
CA PHE D 655 -6.71 -21.91 -0.81
C PHE D 655 -6.90 -22.82 0.40
N ASP D 656 -7.38 -22.25 1.51
CA ASP D 656 -7.73 -23.06 2.67
C ASP D 656 -8.78 -24.11 2.33
N HIS D 657 -9.82 -23.69 1.61
CA HIS D 657 -10.90 -24.58 1.26
C HIS D 657 -11.51 -24.19 -0.09
N LEU D 658 -11.39 -25.09 -1.06
CA LEU D 658 -11.91 -24.91 -2.41
C LEU D 658 -12.69 -26.17 -2.79
N ARG D 659 -13.87 -26.00 -3.39
CA ARG D 659 -14.63 -27.13 -3.96
C ARG D 659 -14.56 -27.11 -5.49
N VAL D 660 -14.47 -28.30 -6.07
CA VAL D 660 -14.50 -28.44 -7.51
C VAL D 660 -15.53 -29.52 -7.89
N TYR D 661 -16.35 -29.20 -8.88
CA TYR D 661 -17.45 -30.07 -9.29
C TYR D 661 -16.94 -31.14 -10.25
N LEU D 662 -16.87 -32.38 -9.76
CA LEU D 662 -16.49 -33.51 -10.59
C LEU D 662 -17.74 -33.95 -11.36
N ALA D 663 -17.92 -33.39 -12.55
CA ALA D 663 -19.21 -33.42 -13.23
C ALA D 663 -19.62 -34.84 -13.64
N LYS D 664 -18.64 -35.66 -13.97
CA LYS D 664 -18.90 -37.03 -14.32
C LYS D 664 -19.63 -37.81 -13.21
N GLU D 665 -19.35 -37.48 -11.95
CA GLU D 665 -19.99 -38.13 -10.80
C GLU D 665 -21.08 -37.25 -10.22
N ASP D 666 -21.36 -36.13 -10.86
CA ASP D 666 -22.32 -35.19 -10.32
C ASP D 666 -22.12 -34.95 -8.81
N LYS D 667 -20.89 -34.69 -8.39
CA LYS D 667 -20.64 -34.32 -6.99
C LYS D 667 -19.45 -33.40 -6.82
N TRP D 668 -19.40 -32.73 -5.67
CA TRP D 668 -18.31 -31.84 -5.29
C TRP D 668 -17.15 -32.55 -4.61
N LEU D 669 -15.93 -32.21 -5.02
CA LEU D 669 -14.73 -32.62 -4.28
C LEU D 669 -14.31 -31.44 -3.40
N ASP D 670 -14.19 -31.66 -2.10
CA ASP D 670 -13.71 -30.62 -1.17
C ASP D 670 -12.22 -30.75 -0.98
N ILE D 671 -11.51 -29.70 -1.39
CA ILE D 671 -10.06 -29.65 -1.27
C ILE D 671 -9.68 -28.72 -0.11
N HIS D 672 -9.00 -29.27 0.89
CA HIS D 672 -8.63 -28.51 2.11
C HIS D 672 -7.14 -28.41 2.19
N THR D 673 -6.68 -27.24 2.63
CA THR D 673 -5.27 -27.04 2.91
C THR D 673 -5.12 -26.62 4.37
N LYS D 674 -4.44 -27.48 5.14
CA LYS D 674 -4.20 -27.21 6.55
C LYS D 674 -2.80 -26.66 6.76
N GLN D 675 -2.69 -25.79 7.76
CA GLN D 675 -1.47 -25.06 8.05
C GLN D 675 -1.01 -24.30 6.80
N ASN D 676 -1.95 -23.58 6.21
CA ASN D 676 -1.76 -22.93 4.93
C ASN D 676 -1.06 -21.58 5.06
N HIS D 677 0.17 -21.60 5.58
CA HIS D 677 0.95 -20.40 5.84
C HIS D 677 1.79 -20.11 4.61
N ASN D 678 2.02 -18.83 4.33
CA ASN D 678 2.77 -18.44 3.17
C ASN D 678 4.22 -18.84 3.21
N HIS D 679 4.77 -19.04 4.41
CA HIS D 679 6.16 -19.49 4.59
C HIS D 679 6.27 -21.01 4.71
N PHE D 680 5.15 -21.73 4.58
CA PHE D 680 5.20 -23.19 4.51
C PHE D 680 5.16 -23.61 3.04
N ASN D 681 6.30 -24.08 2.54
CA ASN D 681 6.42 -24.42 1.13
C ASN D 681 6.37 -25.91 0.81
N PHE D 682 6.05 -26.74 1.80
CA PHE D 682 6.06 -28.18 1.61
C PHE D 682 4.76 -28.82 2.07
N VAL D 683 4.51 -30.01 1.52
CA VAL D 683 3.35 -30.81 1.88
C VAL D 683 3.82 -31.90 2.83
N LYS D 684 3.29 -31.88 4.05
CA LYS D 684 3.62 -32.89 5.04
C LYS D 684 2.90 -34.17 4.67
N GLU D 685 1.61 -34.05 4.39
CA GLU D 685 0.86 -35.20 3.93
C GLU D 685 -0.36 -34.81 3.13
N CYS D 686 -0.82 -35.77 2.32
CA CYS D 686 -1.98 -35.61 1.49
C CYS D 686 -2.86 -36.83 1.60
N ARG D 687 -4.13 -36.60 1.93
CA ARG D 687 -5.09 -37.67 2.09
C ARG D 687 -6.24 -37.53 1.13
N LEU D 688 -6.49 -38.59 0.38
CA LEU D 688 -7.68 -38.69 -0.45
C LEU D 688 -8.71 -39.48 0.36
N ASP D 689 -9.79 -38.81 0.74
CA ASP D 689 -10.60 -39.24 1.87
C ASP D 689 -9.70 -39.59 3.06
N LYS D 690 -9.65 -40.84 3.48
CA LYS D 690 -8.83 -41.25 4.61
C LYS D 690 -7.45 -41.75 4.19
N THR D 691 -7.23 -41.94 2.91
CA THR D 691 -6.02 -42.59 2.43
C THR D 691 -4.87 -41.64 2.10
N LEU D 692 -3.71 -41.93 2.69
CA LEU D 692 -2.48 -41.25 2.41
C LEU D 692 -2.06 -41.55 0.97
N VAL D 693 -1.79 -40.50 0.18
CA VAL D 693 -1.37 -40.66 -1.22
C VAL D 693 -0.17 -39.82 -1.56
N SER D 694 0.65 -40.33 -2.49
CA SER D 694 1.68 -39.50 -3.10
C SER D 694 1.45 -39.24 -4.61
N THR D 695 0.51 -39.98 -5.19
CA THR D 695 0.04 -39.80 -6.58
C THR D 695 -1.43 -40.13 -6.56
N ILE D 696 -2.23 -39.49 -7.41
CA ILE D 696 -3.67 -39.71 -7.41
C ILE D 696 -4.11 -40.39 -8.69
N GLN D 697 -4.82 -41.51 -8.56
CA GLN D 697 -5.40 -42.23 -9.71
C GLN D 697 -6.76 -41.67 -9.98
N HIS D 698 -7.06 -41.45 -11.26
CA HIS D 698 -8.31 -40.83 -11.69
C HIS D 698 -9.55 -41.52 -11.11
N GLN D 699 -9.55 -42.84 -11.16
CA GLN D 699 -10.65 -43.63 -10.58
C GLN D 699 -10.88 -43.32 -9.09
N ASP D 700 -9.78 -43.25 -8.34
CA ASP D 700 -9.84 -42.94 -6.90
C ASP D 700 -10.30 -41.53 -6.70
N LEU D 701 -9.79 -40.61 -7.51
CA LEU D 701 -10.25 -39.22 -7.47
C LEU D 701 -11.75 -39.13 -7.58
N LEU D 702 -12.31 -39.82 -8.57
CA LEU D 702 -13.76 -39.74 -8.83
C LEU D 702 -14.60 -40.39 -7.72
N LYS D 703 -14.04 -41.36 -7.02
CA LYS D 703 -14.73 -41.96 -5.88
C LYS D 703 -14.62 -41.13 -4.60
N ALA D 704 -13.72 -40.14 -4.56
CA ALA D 704 -13.45 -39.41 -3.31
C ALA D 704 -14.44 -38.28 -2.99
N GLU D 705 -14.53 -37.94 -1.71
CA GLU D 705 -15.29 -36.78 -1.21
C GLU D 705 -14.40 -35.59 -0.83
N GLN D 706 -13.21 -35.90 -0.32
CA GLN D 706 -12.34 -34.91 0.29
C GLN D 706 -10.92 -35.14 -0.18
N LEU D 707 -10.18 -34.05 -0.34
CA LEU D 707 -8.74 -34.11 -0.59
C LEU D 707 -8.13 -33.13 0.38
N THR D 708 -7.27 -33.62 1.26
CA THR D 708 -6.74 -32.81 2.34
C THR D 708 -5.23 -32.80 2.32
N PHE D 709 -4.67 -31.62 2.09
CA PHE D 709 -3.25 -31.40 2.18
C PHE D 709 -2.93 -30.75 3.53
N THR D 710 -1.88 -31.22 4.16
CA THR D 710 -1.33 -30.55 5.35
C THR D 710 0.07 -30.08 5.01
N LEU D 711 0.31 -28.79 5.23
CA LEU D 711 1.57 -28.17 4.84
C LEU D 711 2.57 -28.22 5.97
N SER D 712 3.84 -28.04 5.63
CA SER D 712 4.87 -27.93 6.65
C SER D 712 5.93 -26.90 6.27
N TRP D 713 6.65 -26.47 7.31
CA TRP D 713 7.72 -25.50 7.21
C TRP D 713 8.97 -26.06 6.53
N LEU D 714 9.28 -27.30 6.85
CA LEU D 714 10.41 -27.98 6.25
C LEU D 714 9.97 -29.28 5.58
N PRO D 715 10.80 -29.81 4.66
CA PRO D 715 10.47 -31.10 4.06
C PRO D 715 10.39 -32.22 5.10
N SER D 716 9.52 -33.19 4.86
CA SER D 716 9.28 -34.28 5.81
C SER D 716 9.52 -35.66 5.18
N HIS D 717 9.99 -35.69 3.94
CA HIS D 717 10.20 -36.95 3.19
C HIS D 717 11.62 -37.03 2.69
#